data_5AMA
#
_entry.id   5AMA
#
_cell.length_a   73.340
_cell.length_b   101.730
_cell.length_c   114.140
_cell.angle_alpha   85.09
_cell.angle_beta   85.62
_cell.angle_gamma   81.30
#
_symmetry.space_group_name_H-M   'P 1'
#
loop_
_entity.id
_entity.type
_entity.pdbx_description
1 polymer 'ANGIOTENSIN-CONVERTING ENZYME'
2 branched 2-acetamido-2-deoxy-beta-D-glucopyranose-(1-4)-2-acetamido-2-deoxy-beta-D-glucopyranose
3 branched alpha-L-fucopyranose-(1-6)-2-acetamido-2-deoxy-beta-D-glucopyranose
4 branched beta-D-mannopyranose-(1-4)-2-acetamido-2-deoxy-beta-D-glucopyranose-(1-4)-2-acetamido-2-deoxy-beta-D-glucopyranose
5 branched beta-D-mannopyranose-(1-4)-2-acetamido-2-deoxy-beta-D-glucopyranose-(1-4)-[beta-L-fucopyranose-(1-6)]2-acetamido-2-deoxy-beta-D-glucopyranose
6 branched alpha-D-mannopyranose-(1-4)-2-acetamido-2-deoxy-beta-D-glucopyranose-(1-4)-[alpha-L-fucopyranose-(1-6)]2-acetamido-2-deoxy-beta-D-glucopyranose
7 non-polymer 'ASPARTIC ACID'
8 non-polymer SERINE
9 non-polymer 'ZINC ION'
10 non-polymer 'CHLORIDE ION'
11 non-polymer 2-acetamido-2-deoxy-beta-D-glucopyranose
12 non-polymer DI(HYDROXYETHYL)ETHER
13 non-polymer 'HEXAETHYLENE GLYCOL'
14 water water
#
_entity_poly.entity_id   1
_entity_poly.type   'polypeptide(L)'
_entity_poly.pdbx_seq_one_letter_code
;LDPGLQPGQFSADEAGAQLFAQSYQSSAEQVLFQSVAASWAHDTNITAENARRQEEAALLSQEFAEAWGQKAKELYEPIW
QQFTDPQLRRIIGAVRTLGSANLPLAKRQQYNALLSQMSRIYSTAKVCLPQKTATCWSLDPDLTNILASSRSYAMLLFAW
EGWHNAAGIPLKPLYEDFTALSNEAYKQDGFTDTGAYWRSWYNSPTFEDDLEHLYQQLEPLYLNLHAFVRRALHRRYGDR
YINLRGPIPAHLLGDMWAQSWENIYDMVVPFPDKPNLDVTSTMLQQGWQATHMFRVAEEFFTSLELSPMPPEFWEGSMLE
KPADGREVVCHASAWDFYNRKDFRIKQCTRVTMDQLSTVHHEMGHIQYYLQYKDLPVSLRRGANPGFHEAIGDVLALSVS
TPEHLHKIGLLDRVTNDTESDINYLLKMALEKIAFLPFGYLVDQWRWGVFSGRTPPSRYNFDWWYLRTKYQGICPPVTRN
ETHFDAGAKFHVPNVTPYIRYFVSFVLQFQFHEALCKEAGYEGPLHQCDIYRSTKAGAKLRKVLRAGSSRPWQEVLKDMV
GLDALDAQPLLKYFQLVTQWLQEQNQQNGEVLGWPEYQWHPPLPDNYPEGIDLVTDEAEASKFVEEYDL
;
_entity_poly.pdbx_strand_id   A,B,C,D
#
loop_
_chem_comp.id
_chem_comp.type
_chem_comp.name
_chem_comp.formula
BMA D-saccharide, beta linking beta-D-mannopyranose 'C6 H12 O6'
CL non-polymer 'CHLORIDE ION' 'Cl -1'
FUC L-saccharide, alpha linking alpha-L-fucopyranose 'C6 H12 O5'
FUL L-saccharide, beta linking beta-L-fucopyranose 'C6 H12 O5'
MAN D-saccharide, alpha linking alpha-D-mannopyranose 'C6 H12 O6'
NAG D-saccharide, beta linking 2-acetamido-2-deoxy-beta-D-glucopyranose 'C8 H15 N O6'
P6G non-polymer 'HEXAETHYLENE GLYCOL' 'C12 H26 O7'
PEG non-polymer DI(HYDROXYETHYL)ETHER 'C4 H10 O3'
ZN non-polymer 'ZINC ION' 'Zn 2'
#
# COMPACT_ATOMS: atom_id res chain seq x y z
N LEU A 1 -7.98 -5.03 -18.20
CA LEU A 1 -8.62 -5.49 -16.93
C LEU A 1 -7.80 -6.60 -16.28
N ASP A 2 -7.40 -6.38 -15.03
CA ASP A 2 -6.63 -7.38 -14.28
C ASP A 2 -7.36 -8.72 -14.31
N PRO A 3 -6.64 -9.84 -14.59
CA PRO A 3 -7.24 -11.18 -14.58
C PRO A 3 -8.03 -11.54 -13.32
N GLY A 4 -7.60 -11.03 -12.16
CA GLY A 4 -8.33 -11.22 -10.89
C GLY A 4 -9.72 -10.61 -10.84
N LEU A 5 -10.02 -9.68 -11.73
CA LEU A 5 -11.34 -9.04 -11.87
C LEU A 5 -12.17 -9.56 -13.05
N GLN A 6 -11.61 -10.46 -13.85
CA GLN A 6 -12.30 -11.09 -14.99
C GLN A 6 -13.20 -12.21 -14.48
N PRO A 7 -14.39 -12.38 -15.09
CA PRO A 7 -15.23 -13.50 -14.71
C PRO A 7 -14.68 -14.84 -15.18
N GLY A 8 -14.74 -15.87 -14.32
CA GLY A 8 -14.34 -17.23 -14.69
C GLY A 8 -15.48 -18.01 -15.32
N GLN A 9 -15.52 -19.32 -15.07
CA GLN A 9 -16.54 -20.19 -15.68
C GLN A 9 -17.64 -20.49 -14.68
N PHE A 10 -18.88 -20.43 -15.16
CA PHE A 10 -20.04 -20.72 -14.34
C PHE A 10 -21.01 -21.46 -15.23
N SER A 11 -21.80 -22.35 -14.63
CA SER A 11 -22.79 -23.10 -15.37
C SER A 11 -23.98 -22.19 -15.76
N ALA A 12 -24.60 -22.49 -16.89
CA ALA A 12 -25.74 -21.75 -17.45
C ALA A 12 -27.07 -22.24 -16.87
N ASP A 13 -27.20 -22.17 -15.55
CA ASP A 13 -28.41 -22.61 -14.85
C ASP A 13 -28.56 -21.70 -13.62
N GLU A 14 -29.68 -21.79 -12.90
CA GLU A 14 -29.94 -20.88 -11.81
C GLU A 14 -28.88 -21.06 -10.71
N ALA A 15 -28.41 -22.29 -10.50
CA ALA A 15 -27.39 -22.56 -9.48
C ALA A 15 -26.10 -21.82 -9.80
N GLY A 16 -25.64 -22.01 -11.04
CA GLY A 16 -24.48 -21.31 -11.59
C GLY A 16 -24.58 -19.80 -11.47
N ALA A 17 -25.76 -19.26 -11.75
CA ALA A 17 -26.00 -17.82 -11.68
C ALA A 17 -25.83 -17.27 -10.28
N GLN A 18 -26.24 -18.04 -9.26
CA GLN A 18 -25.95 -17.65 -7.85
C GLN A 18 -24.45 -17.51 -7.62
N LEU A 19 -23.67 -18.46 -8.16
CA LEU A 19 -22.23 -18.42 -8.00
C LEU A 19 -21.61 -17.26 -8.79
N PHE A 20 -22.14 -17.03 -9.99
CA PHE A 20 -21.77 -15.89 -10.82
C PHE A 20 -21.97 -14.59 -10.04
N ALA A 21 -23.15 -14.45 -9.46
CA ALA A 21 -23.52 -13.27 -8.68
C ALA A 21 -22.59 -13.03 -7.50
N GLN A 22 -22.26 -14.10 -6.77
CA GLN A 22 -21.31 -14.00 -5.64
C GLN A 22 -19.92 -13.61 -6.11
N SER A 23 -19.50 -14.16 -7.24
CA SER A 23 -18.20 -13.83 -7.79
C SER A 23 -18.15 -12.37 -8.29
N TYR A 24 -19.21 -11.93 -8.97
CA TYR A 24 -19.35 -10.52 -9.36
C TYR A 24 -19.19 -9.58 -8.17
N GLN A 25 -20.01 -9.80 -7.14
CA GLN A 25 -19.96 -9.04 -5.87
C GLN A 25 -18.56 -8.95 -5.30
N SER A 26 -17.86 -10.08 -5.34
CA SER A 26 -16.51 -10.22 -4.82
C SER A 26 -15.49 -9.29 -5.48
N SER A 27 -15.64 -9.00 -6.76
CA SER A 27 -14.78 -8.03 -7.46
C SER A 27 -15.42 -6.65 -7.63
N ALA A 28 -16.76 -6.57 -7.62
CA ALA A 28 -17.47 -5.32 -7.87
C ALA A 28 -17.19 -4.26 -6.81
N GLU A 29 -17.07 -4.68 -5.55
CA GLU A 29 -16.83 -3.72 -4.45
C GLU A 29 -15.54 -2.91 -4.65
N GLN A 30 -14.47 -3.57 -5.13
CA GLN A 30 -13.19 -2.91 -5.39
C GLN A 30 -13.27 -1.87 -6.51
N VAL A 31 -13.94 -2.25 -7.59
CA VAL A 31 -14.04 -1.42 -8.79
C VAL A 31 -14.92 -0.19 -8.52
N LEU A 32 -16.05 -0.42 -7.87
CA LEU A 32 -16.95 0.64 -7.45
C LEU A 32 -16.27 1.58 -6.46
N PHE A 33 -15.56 1.03 -5.48
CA PHE A 33 -14.88 1.87 -4.50
C PHE A 33 -13.85 2.81 -5.18
N GLN A 34 -13.02 2.28 -6.08
CA GLN A 34 -12.02 3.13 -6.73
C GLN A 34 -12.67 4.25 -7.57
N SER A 35 -13.79 3.94 -8.21
CA SER A 35 -14.57 4.95 -8.90
C SER A 35 -15.17 6.01 -7.95
N VAL A 36 -15.81 5.59 -6.87
CA VAL A 36 -16.39 6.55 -5.92
C VAL A 36 -15.28 7.42 -5.30
N ALA A 37 -14.18 6.80 -4.90
CA ALA A 37 -13.06 7.55 -4.32
C ALA A 37 -12.50 8.63 -5.26
N ALA A 38 -12.34 8.28 -6.54
CA ALA A 38 -11.87 9.23 -7.56
C ALA A 38 -12.87 10.39 -7.76
N SER A 39 -14.16 10.07 -7.76
CA SER A 39 -15.23 11.07 -7.91
C SER A 39 -15.23 11.99 -6.71
N TRP A 40 -15.04 11.44 -5.52
CA TRP A 40 -14.95 12.25 -4.29
C TRP A 40 -13.79 13.22 -4.35
N ALA A 41 -12.61 12.69 -4.65
CA ALA A 41 -11.39 13.45 -4.82
C ALA A 41 -11.55 14.59 -5.80
N HIS A 42 -12.28 14.36 -6.89
CA HIS A 42 -12.63 15.44 -7.83
C HIS A 42 -13.64 16.44 -7.28
N ASP A 43 -14.77 15.95 -6.77
CA ASP A 43 -15.87 16.83 -6.36
C ASP A 43 -15.56 17.70 -5.15
N THR A 44 -14.62 17.27 -4.32
CA THR A 44 -14.14 18.08 -3.20
C THR A 44 -12.88 18.89 -3.54
N ASN A 45 -12.49 18.92 -4.80
CA ASN A 45 -11.22 19.56 -5.20
C ASN A 45 -11.15 19.51 -6.74
N ILE A 46 -11.88 20.41 -7.39
CA ILE A 46 -12.03 20.34 -8.86
C ILE A 46 -10.71 20.83 -9.50
N THR A 47 -10.02 19.93 -10.19
CA THR A 47 -8.80 20.25 -10.93
C THR A 47 -8.74 19.40 -12.17
N ALA A 48 -7.93 19.81 -13.15
CA ALA A 48 -7.77 19.02 -14.37
C ALA A 48 -7.22 17.62 -14.04
N GLU A 49 -6.28 17.55 -13.10
CA GLU A 49 -5.69 16.28 -12.70
C GLU A 49 -6.71 15.33 -12.02
N ASN A 50 -7.51 15.88 -11.10
CA ASN A 50 -8.53 15.04 -10.46
C ASN A 50 -9.62 14.58 -11.44
N ALA A 51 -9.93 15.41 -12.44
CA ALA A 51 -10.82 14.98 -13.51
C ALA A 51 -10.18 13.86 -14.32
N ARG A 52 -8.90 13.99 -14.65
CA ARG A 52 -8.18 12.90 -15.34
C ARG A 52 -8.22 11.59 -14.57
N ARG A 53 -7.95 11.67 -13.27
CA ARG A 53 -7.97 10.48 -12.42
C ARG A 53 -9.37 9.86 -12.31
N GLN A 54 -10.39 10.70 -12.23
CA GLN A 54 -11.75 10.23 -12.18
C GLN A 54 -12.15 9.55 -13.51
N GLU A 55 -11.72 10.12 -14.62
CA GLU A 55 -11.99 9.52 -15.93
C GLU A 55 -11.28 8.16 -16.13
N GLU A 56 -10.06 8.06 -15.62
CA GLU A 56 -9.31 6.80 -15.66
C GLU A 56 -10.05 5.71 -14.85
N ALA A 57 -10.51 6.08 -13.66
CA ALA A 57 -11.32 5.19 -12.83
C ALA A 57 -12.63 4.80 -13.51
N ALA A 58 -13.28 5.76 -14.17
CA ALA A 58 -14.52 5.47 -14.92
C ALA A 58 -14.28 4.48 -16.03
N LEU A 59 -13.14 4.61 -16.73
CA LEU A 59 -12.79 3.65 -17.79
C LEU A 59 -12.62 2.22 -17.29
N LEU A 60 -12.00 2.08 -16.12
CA LEU A 60 -11.83 0.78 -15.51
C LEU A 60 -13.20 0.17 -15.15
N SER A 61 -14.11 1.00 -14.63
CA SER A 61 -15.47 0.57 -14.33
C SER A 61 -16.23 0.10 -15.55
N GLN A 62 -16.07 0.80 -16.67
CA GLN A 62 -16.66 0.39 -17.93
C GLN A 62 -16.08 -0.94 -18.47
N GLU A 63 -14.77 -1.10 -18.35
CA GLU A 63 -14.13 -2.37 -18.73
C GLU A 63 -14.68 -3.54 -17.91
N PHE A 64 -14.79 -3.34 -16.59
CA PHE A 64 -15.38 -4.33 -15.68
C PHE A 64 -16.83 -4.65 -16.06
N ALA A 65 -17.63 -3.61 -16.26
CA ALA A 65 -19.05 -3.77 -16.57
C ALA A 65 -19.24 -4.50 -17.89
N GLU A 66 -18.39 -4.18 -18.87
CA GLU A 66 -18.41 -4.92 -20.14
C GLU A 66 -18.09 -6.42 -19.97
N ALA A 67 -17.03 -6.74 -19.23
CA ALA A 67 -16.60 -8.15 -19.08
C ALA A 67 -17.70 -8.99 -18.41
N TRP A 68 -18.21 -8.49 -17.27
CA TRP A 68 -19.25 -9.20 -16.52
C TRP A 68 -20.62 -9.14 -17.20
N GLY A 69 -20.95 -8.02 -17.85
CA GLY A 69 -22.21 -7.87 -18.54
C GLY A 69 -22.33 -8.78 -19.74
N GLN A 70 -21.27 -8.83 -20.55
CA GLN A 70 -21.20 -9.77 -21.68
C GLN A 70 -21.28 -11.22 -21.20
N LYS A 71 -20.60 -11.54 -20.10
CA LYS A 71 -20.61 -12.92 -19.57
C LYS A 71 -22.02 -13.31 -19.10
N ALA A 72 -22.68 -12.40 -18.37
CA ALA A 72 -24.08 -12.57 -17.93
C ALA A 72 -25.06 -12.90 -19.07
N LYS A 73 -24.91 -12.23 -20.21
CA LYS A 73 -25.79 -12.46 -21.36
C LYS A 73 -25.46 -13.77 -22.04
N GLU A 74 -24.18 -14.00 -22.29
CA GLU A 74 -23.67 -15.25 -22.83
C GLU A 74 -24.17 -16.47 -22.03
N LEU A 75 -24.15 -16.38 -20.69
CA LEU A 75 -24.58 -17.51 -19.85
C LEU A 75 -26.11 -17.57 -19.61
N TYR A 76 -26.75 -16.42 -19.38
CA TYR A 76 -28.10 -16.36 -18.77
C TYR A 76 -29.20 -15.62 -19.53
N GLU A 77 -28.93 -15.14 -20.75
CA GLU A 77 -29.93 -14.32 -21.47
C GLU A 77 -31.25 -15.05 -21.81
N PRO A 78 -31.18 -16.29 -22.32
CA PRO A 78 -32.45 -17.02 -22.53
C PRO A 78 -33.22 -17.51 -21.27
N ILE A 79 -32.66 -17.37 -20.06
CA ILE A 79 -33.21 -18.02 -18.86
C ILE A 79 -33.35 -17.17 -17.58
N TRP A 80 -32.62 -16.06 -17.44
CA TRP A 80 -32.58 -15.32 -16.16
C TRP A 80 -33.94 -14.82 -15.70
N GLN A 81 -34.80 -14.46 -16.65
CA GLN A 81 -36.16 -13.97 -16.29
C GLN A 81 -37.04 -15.07 -15.70
N GLN A 82 -36.75 -16.33 -16.01
CA GLN A 82 -37.45 -17.48 -15.43
C GLN A 82 -36.91 -17.94 -14.05
N PHE A 83 -35.86 -17.31 -13.52
CA PHE A 83 -35.31 -17.72 -12.20
C PHE A 83 -36.32 -17.54 -11.06
N THR A 84 -36.33 -18.49 -10.12
CA THR A 84 -37.23 -18.48 -8.93
C THR A 84 -36.81 -17.53 -7.83
N ASP A 85 -35.55 -17.09 -7.83
CA ASP A 85 -35.06 -16.22 -6.78
C ASP A 85 -35.19 -14.81 -7.33
N PRO A 86 -36.12 -14.01 -6.79
CA PRO A 86 -36.32 -12.66 -7.34
C PRO A 86 -35.13 -11.69 -7.11
N GLN A 87 -34.35 -11.89 -6.05
CA GLN A 87 -33.14 -11.12 -5.83
C GLN A 87 -32.08 -11.42 -6.87
N LEU A 88 -31.92 -12.69 -7.19
CA LEU A 88 -30.98 -13.11 -8.21
C LEU A 88 -31.41 -12.55 -9.57
N ARG A 89 -32.71 -12.57 -9.86
CA ARG A 89 -33.23 -11.97 -11.10
C ARG A 89 -32.81 -10.50 -11.18
N ARG A 90 -32.95 -9.78 -10.07
CA ARG A 90 -32.56 -8.37 -10.00
C ARG A 90 -31.05 -8.12 -10.13
N ILE A 91 -30.23 -9.02 -9.60
CA ILE A 91 -28.76 -8.87 -9.72
C ILE A 91 -28.33 -9.12 -11.15
N ILE A 92 -28.80 -10.23 -11.73
CA ILE A 92 -28.47 -10.55 -13.12
C ILE A 92 -28.98 -9.47 -14.05
N GLY A 93 -30.24 -9.06 -13.86
CA GLY A 93 -30.84 -7.91 -14.56
C GLY A 93 -29.96 -6.66 -14.58
N ALA A 94 -29.46 -6.26 -13.42
CA ALA A 94 -28.56 -5.11 -13.33
C ALA A 94 -27.22 -5.35 -14.07
N VAL A 95 -26.63 -6.55 -13.91
CA VAL A 95 -25.31 -6.84 -14.52
C VAL A 95 -25.33 -6.89 -16.05
N ARG A 96 -26.43 -7.36 -16.64
CA ARG A 96 -26.56 -7.42 -18.11
C ARG A 96 -26.77 -6.04 -18.77
N THR A 97 -27.08 -5.01 -17.99
CA THR A 97 -27.20 -3.62 -18.47
C THR A 97 -25.83 -2.94 -18.45
N LEU A 98 -25.23 -2.76 -19.63
CA LEU A 98 -23.86 -2.22 -19.72
C LEU A 98 -23.76 -0.68 -19.64
N GLY A 99 -24.82 0.03 -20.03
CA GLY A 99 -24.81 1.50 -20.05
C GLY A 99 -23.67 1.99 -20.95
N SER A 100 -22.92 2.98 -20.47
CA SER A 100 -21.82 3.57 -21.25
C SER A 100 -20.74 2.56 -21.67
N ALA A 101 -20.64 1.41 -20.99
CA ALA A 101 -19.72 0.33 -21.40
C ALA A 101 -20.03 -0.32 -22.76
N ASN A 102 -21.24 -0.09 -23.30
CA ASN A 102 -21.54 -0.43 -24.71
C ASN A 102 -20.80 0.41 -25.75
N LEU A 103 -20.34 1.59 -25.36
CA LEU A 103 -19.66 2.47 -26.26
C LEU A 103 -18.27 1.94 -26.60
N PRO A 104 -17.84 2.13 -27.85
CA PRO A 104 -16.44 1.83 -28.17
C PRO A 104 -15.49 2.74 -27.38
N LEU A 105 -14.25 2.32 -27.25
CA LEU A 105 -13.29 2.98 -26.34
C LEU A 105 -13.22 4.52 -26.49
N ALA A 106 -13.14 5.00 -27.73
CA ALA A 106 -12.99 6.44 -27.99
C ALA A 106 -14.21 7.24 -27.52
N LYS A 107 -15.40 6.66 -27.71
CA LYS A 107 -16.64 7.27 -27.23
C LYS A 107 -16.81 7.19 -25.72
N ARG A 108 -16.29 6.14 -25.08
CA ARG A 108 -16.27 6.06 -23.61
C ARG A 108 -15.45 7.20 -23.05
N GLN A 109 -14.27 7.42 -23.64
CA GLN A 109 -13.41 8.52 -23.23
C GLN A 109 -14.09 9.86 -23.47
N GLN A 110 -14.75 9.99 -24.61
CA GLN A 110 -15.49 11.22 -24.91
C GLN A 110 -16.58 11.49 -23.85
N TYR A 111 -17.38 10.46 -23.58
CA TYR A 111 -18.45 10.50 -22.59
C TYR A 111 -17.95 10.86 -21.19
N ASN A 112 -16.90 10.20 -20.74
CA ASN A 112 -16.35 10.46 -19.41
C ASN A 112 -15.84 11.89 -19.29
N ALA A 113 -15.20 12.39 -20.33
CA ALA A 113 -14.70 13.74 -20.36
C ALA A 113 -15.82 14.77 -20.36
N LEU A 114 -16.91 14.48 -21.06
CA LEU A 114 -18.07 15.39 -21.07
C LEU A 114 -18.67 15.54 -19.68
N LEU A 115 -18.79 14.43 -18.95
CA LEU A 115 -19.29 14.46 -17.58
C LEU A 115 -18.40 15.36 -16.71
N SER A 116 -17.07 15.21 -16.83
CA SER A 116 -16.13 16.06 -16.03
C SER A 116 -16.28 17.49 -16.38
N GLN A 117 -16.32 17.80 -17.67
CA GLN A 117 -16.35 19.19 -18.12
C GLN A 117 -17.69 19.88 -17.82
N MET A 118 -18.81 19.15 -17.95
CA MET A 118 -20.09 19.75 -17.56
C MET A 118 -20.11 20.00 -16.05
N SER A 119 -19.56 19.08 -15.26
CA SER A 119 -19.48 19.28 -13.82
C SER A 119 -18.66 20.51 -13.47
N ARG A 120 -17.49 20.64 -14.11
CA ARG A 120 -16.63 21.80 -13.89
C ARG A 120 -17.36 23.10 -14.17
N ILE A 121 -17.95 23.19 -15.35
CA ILE A 121 -18.62 24.40 -15.80
C ILE A 121 -19.69 24.84 -14.83
N TYR A 122 -20.57 23.92 -14.43
CA TYR A 122 -21.64 24.28 -13.49
C TYR A 122 -21.07 24.75 -12.15
N SER A 123 -20.15 23.98 -11.56
CA SER A 123 -19.72 24.22 -10.17
C SER A 123 -18.66 25.31 -10.02
N THR A 124 -18.08 25.78 -11.12
CA THR A 124 -17.11 26.89 -11.10
C THR A 124 -17.61 28.17 -11.76
N ALA A 125 -18.84 28.17 -12.27
CA ALA A 125 -19.43 29.35 -12.90
C ALA A 125 -19.63 30.45 -11.87
N LYS A 126 -19.37 31.70 -12.26
CA LYS A 126 -19.54 32.86 -11.39
C LYS A 126 -20.23 34.02 -12.10
N VAL A 127 -20.78 34.94 -11.31
CA VAL A 127 -21.33 36.20 -11.81
C VAL A 127 -20.42 37.32 -11.33
N CYS A 128 -19.78 38.01 -12.27
CA CYS A 128 -18.87 39.11 -11.95
C CYS A 128 -19.62 40.44 -12.09
N LEU A 129 -19.34 41.38 -11.18
CA LEU A 129 -20.14 42.61 -11.02
C LEU A 129 -19.54 43.75 -11.82
N THR A 135 -14.26 39.18 -6.11
CA THR A 135 -15.20 40.15 -6.67
C THR A 135 -16.21 39.51 -7.67
N CYS A 136 -16.24 38.19 -7.73
CA CYS A 136 -17.27 37.48 -8.48
C CYS A 136 -18.05 36.64 -7.49
N TRP A 137 -19.35 36.50 -7.76
CA TRP A 137 -20.25 35.77 -6.91
C TRP A 137 -20.39 34.32 -7.35
N SER A 138 -20.21 33.41 -6.40
CA SER A 138 -20.49 32.01 -6.61
C SER A 138 -22.00 31.77 -6.42
N LEU A 139 -22.49 30.65 -6.92
CA LEU A 139 -23.88 30.26 -6.67
C LEU A 139 -24.14 30.10 -5.15
N ASP A 140 -23.29 29.33 -4.51
CA ASP A 140 -23.41 29.01 -3.09
C ASP A 140 -22.13 29.49 -2.39
N PRO A 141 -22.18 30.48 -1.49
CA PRO A 141 -23.40 31.04 -0.87
C PRO A 141 -24.02 32.30 -1.50
N ASP A 142 -23.30 32.98 -2.39
CA ASP A 142 -23.56 34.38 -2.69
C ASP A 142 -24.90 34.61 -3.41
N LEU A 143 -25.10 33.93 -4.54
CA LEU A 143 -26.33 34.13 -5.32
C LEU A 143 -27.53 33.52 -4.60
N THR A 144 -27.32 32.38 -3.95
CA THR A 144 -28.35 31.76 -3.11
C THR A 144 -28.86 32.76 -2.04
N ASN A 145 -27.94 33.42 -1.34
CA ASN A 145 -28.32 34.43 -0.33
C ASN A 145 -29.07 35.64 -0.94
N ILE A 146 -28.61 36.13 -2.09
CA ILE A 146 -29.30 37.23 -2.76
C ILE A 146 -30.74 36.85 -3.16
N LEU A 147 -30.91 35.71 -3.82
CA LEU A 147 -32.23 35.24 -4.22
C LEU A 147 -33.16 35.05 -3.02
N ALA A 148 -32.61 34.55 -1.92
CA ALA A 148 -33.36 34.31 -0.69
C ALA A 148 -33.76 35.58 0.06
N SER A 149 -32.90 36.59 0.09
CA SER A 149 -33.06 37.71 1.03
C SER A 149 -33.29 39.07 0.39
N SER A 150 -32.71 39.32 -0.79
CA SER A 150 -32.94 40.59 -1.44
C SER A 150 -34.38 40.76 -1.89
N ARG A 151 -34.92 41.96 -1.64
CA ARG A 151 -36.24 42.35 -2.13
C ARG A 151 -36.10 43.52 -3.11
N SER A 152 -34.93 43.63 -3.74
CA SER A 152 -34.65 44.62 -4.77
C SER A 152 -34.85 43.93 -6.10
N TYR A 153 -35.87 44.36 -6.84
CA TYR A 153 -36.21 43.75 -8.13
C TYR A 153 -34.96 43.64 -9.01
N ALA A 154 -34.24 44.76 -9.13
CA ALA A 154 -33.06 44.86 -9.99
C ALA A 154 -31.89 43.99 -9.57
N MET A 155 -31.62 43.91 -8.26
CA MET A 155 -30.57 43.05 -7.73
C MET A 155 -30.89 41.58 -8.01
N LEU A 156 -32.10 41.19 -7.66
CA LEU A 156 -32.61 39.84 -7.96
C LEU A 156 -32.44 39.50 -9.46
N LEU A 157 -32.76 40.46 -10.32
CA LEU A 157 -32.68 40.27 -11.77
C LEU A 157 -31.25 40.07 -12.24
N PHE A 158 -30.35 40.88 -11.70
CA PHE A 158 -28.94 40.80 -12.00
C PHE A 158 -28.41 39.41 -11.64
N ALA A 159 -28.75 38.93 -10.44
CA ALA A 159 -28.34 37.62 -9.98
C ALA A 159 -28.92 36.48 -10.84
N TRP A 160 -30.23 36.53 -11.07
CA TRP A 160 -30.95 35.51 -11.87
C TRP A 160 -30.39 35.44 -13.30
N GLU A 161 -30.29 36.59 -13.94
CA GLU A 161 -29.78 36.65 -15.32
C GLU A 161 -28.32 36.24 -15.40
N GLY A 162 -27.53 36.74 -14.44
CA GLY A 162 -26.11 36.46 -14.41
C GLY A 162 -25.85 34.97 -14.30
N TRP A 163 -26.56 34.31 -13.36
CA TRP A 163 -26.38 32.90 -13.14
C TRP A 163 -26.76 32.10 -14.40
N HIS A 164 -27.94 32.35 -14.91
CA HIS A 164 -28.45 31.58 -16.05
C HIS A 164 -27.55 31.71 -17.27
N ASN A 165 -27.06 32.92 -17.50
CA ASN A 165 -26.10 33.19 -18.60
C ASN A 165 -24.74 32.49 -18.36
N ALA A 166 -24.20 32.63 -17.15
CA ALA A 166 -22.91 32.07 -16.79
C ALA A 166 -22.85 30.54 -16.84
N ALA A 167 -23.85 29.88 -16.26
CA ALA A 167 -23.83 28.43 -16.19
C ALA A 167 -24.36 27.83 -17.50
N GLY A 168 -25.46 28.36 -18.00
CA GLY A 168 -26.18 27.75 -19.12
C GLY A 168 -25.50 27.82 -20.48
N ILE A 169 -25.11 29.01 -20.90
CA ILE A 169 -24.58 29.20 -22.24
C ILE A 169 -23.42 28.25 -22.59
N PRO A 170 -22.38 28.19 -21.74
CA PRO A 170 -21.28 27.30 -22.13
C PRO A 170 -21.60 25.80 -22.09
N LEU A 171 -22.63 25.38 -21.35
CA LEU A 171 -22.98 23.97 -21.27
C LEU A 171 -23.66 23.42 -22.51
N LYS A 172 -24.31 24.26 -23.30
CA LYS A 172 -25.18 23.75 -24.37
C LYS A 172 -24.50 22.78 -25.38
N PRO A 173 -23.33 23.15 -25.95
CA PRO A 173 -22.73 22.21 -26.90
C PRO A 173 -22.29 20.88 -26.26
N LEU A 174 -21.88 20.91 -25.00
CA LEU A 174 -21.48 19.68 -24.31
C LEU A 174 -22.70 18.80 -24.07
N TYR A 175 -23.81 19.44 -23.67
CA TYR A 175 -25.02 18.72 -23.35
C TYR A 175 -25.58 17.99 -24.59
N GLU A 176 -25.48 18.62 -25.75
CA GLU A 176 -25.92 17.98 -27.00
C GLU A 176 -25.12 16.72 -27.29
N ASP A 177 -23.80 16.81 -27.13
CA ASP A 177 -22.89 15.68 -27.28
C ASP A 177 -23.13 14.57 -26.26
N PHE A 178 -23.31 14.95 -24.99
CA PHE A 178 -23.66 13.99 -23.95
C PHE A 178 -24.94 13.22 -24.32
N THR A 179 -25.98 13.93 -24.73
CA THR A 179 -27.26 13.30 -25.01
C THR A 179 -27.12 12.22 -26.08
N ALA A 180 -26.38 12.52 -27.15
CA ALA A 180 -26.19 11.59 -28.27
C ALA A 180 -25.44 10.32 -27.83
N LEU A 181 -24.36 10.48 -27.08
CA LEU A 181 -23.58 9.35 -26.56
C LEU A 181 -24.36 8.48 -25.57
N SER A 182 -25.08 9.14 -24.68
CA SER A 182 -25.90 8.46 -23.68
C SER A 182 -26.94 7.61 -24.39
N ASN A 183 -27.64 8.18 -25.34
CA ASN A 183 -28.62 7.43 -26.13
C ASN A 183 -28.00 6.27 -26.91
N GLU A 184 -26.85 6.51 -27.54
CA GLU A 184 -26.13 5.42 -28.24
C GLU A 184 -25.83 4.26 -27.27
N ALA A 185 -25.40 4.59 -26.06
CA ALA A 185 -25.07 3.58 -25.06
C ALA A 185 -26.27 2.73 -24.65
N TYR A 186 -27.37 3.39 -24.28
CA TYR A 186 -28.55 2.68 -23.78
C TYR A 186 -29.37 1.97 -24.85
N LYS A 187 -29.29 2.40 -26.11
CA LYS A 187 -29.95 1.66 -27.20
C LYS A 187 -29.41 0.22 -27.31
N GLN A 188 -28.13 0.04 -27.03
CA GLN A 188 -27.50 -1.28 -27.01
C GLN A 188 -27.96 -2.19 -25.89
N ASP A 189 -28.51 -1.62 -24.83
CA ASP A 189 -29.19 -2.37 -23.78
C ASP A 189 -30.68 -2.65 -24.09
N GLY A 190 -31.14 -2.22 -25.27
CA GLY A 190 -32.51 -2.46 -25.72
C GLY A 190 -33.50 -1.37 -25.39
N PHE A 191 -33.03 -0.22 -24.91
CA PHE A 191 -33.93 0.89 -24.56
C PHE A 191 -34.07 1.85 -25.73
N THR A 192 -35.27 2.41 -25.94
CA THR A 192 -35.48 3.37 -27.05
C THR A 192 -34.62 4.64 -26.93
N ASP A 193 -34.42 5.09 -25.69
CA ASP A 193 -33.49 6.17 -25.39
C ASP A 193 -33.19 6.15 -23.88
N THR A 194 -32.30 7.02 -23.45
CA THR A 194 -31.91 7.08 -22.05
C THR A 194 -33.06 7.35 -21.06
N GLY A 195 -34.02 8.17 -21.47
CA GLY A 195 -35.18 8.46 -20.66
C GLY A 195 -36.00 7.21 -20.40
N ALA A 196 -36.15 6.35 -21.41
CA ALA A 196 -36.80 5.04 -21.23
C ALA A 196 -36.07 4.20 -20.17
N TYR A 197 -34.74 4.23 -20.18
CA TYR A 197 -33.95 3.53 -19.18
C TYR A 197 -34.20 4.10 -17.79
N TRP A 198 -34.12 5.42 -17.66
CA TRP A 198 -34.42 6.06 -16.35
C TRP A 198 -35.81 5.71 -15.82
N ARG A 199 -36.83 5.80 -16.68
CA ARG A 199 -38.21 5.44 -16.30
C ARG A 199 -38.36 3.96 -15.86
N SER A 200 -37.57 3.06 -16.44
CA SER A 200 -37.65 1.62 -16.14
C SER A 200 -37.35 1.25 -14.69
N TRP A 201 -36.61 2.10 -13.97
CA TRP A 201 -36.38 1.94 -12.54
C TRP A 201 -37.65 1.89 -11.68
N TYR A 202 -38.75 2.44 -12.17
CA TYR A 202 -40.00 2.40 -11.43
C TYR A 202 -40.84 1.15 -11.72
N ASN A 203 -40.40 0.32 -12.67
CA ASN A 203 -41.08 -0.93 -13.02
C ASN A 203 -42.60 -0.83 -12.99
N SER A 204 -43.11 0.10 -13.81
CA SER A 204 -44.55 0.33 -13.99
C SER A 204 -44.82 0.65 -15.45
N PRO A 205 -45.60 -0.21 -16.14
CA PRO A 205 -45.91 0.12 -17.54
C PRO A 205 -46.87 1.32 -17.69
N THR A 206 -47.38 1.84 -16.57
CA THR A 206 -48.26 3.01 -16.58
C THR A 206 -47.65 4.24 -15.85
N PHE A 207 -46.34 4.24 -15.65
CA PHE A 207 -45.64 5.28 -14.85
C PHE A 207 -46.05 6.70 -15.23
N GLU A 208 -45.95 7.07 -16.50
CA GLU A 208 -46.26 8.43 -16.94
C GLU A 208 -47.74 8.83 -16.75
N ASP A 209 -48.66 7.91 -17.01
CA ASP A 209 -50.08 8.16 -16.70
C ASP A 209 -50.31 8.32 -15.21
N ASP A 210 -49.66 7.46 -14.42
CA ASP A 210 -49.78 7.49 -12.95
C ASP A 210 -49.32 8.85 -12.41
N LEU A 211 -48.19 9.35 -12.91
CA LEU A 211 -47.70 10.70 -12.55
C LEU A 211 -48.66 11.80 -12.98
N GLU A 212 -49.24 11.67 -14.17
CA GLU A 212 -50.16 12.69 -14.64
C GLU A 212 -51.42 12.74 -13.77
N HIS A 213 -51.92 11.57 -13.36
CA HIS A 213 -53.09 11.51 -12.48
C HIS A 213 -52.81 12.11 -11.12
N LEU A 214 -51.65 11.82 -10.54
CA LEU A 214 -51.20 12.48 -9.30
C LEU A 214 -51.17 14.00 -9.47
N TYR A 215 -50.52 14.48 -10.53
CA TYR A 215 -50.44 15.95 -10.74
C TYR A 215 -51.83 16.62 -10.90
N GLN A 216 -52.77 15.96 -11.57
CA GLN A 216 -54.13 16.51 -11.67
C GLN A 216 -54.79 16.76 -10.31
N GLN A 217 -54.55 15.87 -9.36
CA GLN A 217 -55.06 16.04 -7.99
C GLN A 217 -54.37 17.16 -7.22
N LEU A 218 -53.08 17.36 -7.50
CA LEU A 218 -52.26 18.32 -6.77
C LEU A 218 -52.38 19.72 -7.34
N GLU A 219 -52.63 19.84 -8.66
CA GLU A 219 -52.62 21.14 -9.34
C GLU A 219 -53.46 22.25 -8.70
N PRO A 220 -54.71 21.95 -8.28
CA PRO A 220 -55.50 23.06 -7.68
C PRO A 220 -54.85 23.64 -6.42
N LEU A 221 -54.17 22.81 -5.65
CA LEU A 221 -53.43 23.32 -4.47
C LEU A 221 -52.35 24.30 -4.92
N TYR A 222 -51.60 23.93 -5.96
CA TYR A 222 -50.60 24.81 -6.52
C TYR A 222 -51.18 26.12 -7.05
N LEU A 223 -52.26 26.03 -7.82
CA LEU A 223 -52.88 27.20 -8.41
C LEU A 223 -53.32 28.21 -7.35
N ASN A 224 -53.82 27.70 -6.23
CA ASN A 224 -54.26 28.56 -5.12
C ASN A 224 -53.08 29.19 -4.38
N LEU A 225 -52.04 28.40 -4.10
CA LEU A 225 -50.81 28.94 -3.52
C LEU A 225 -50.25 30.01 -4.43
N HIS A 226 -50.19 29.70 -5.73
CA HIS A 226 -49.61 30.59 -6.74
C HIS A 226 -50.32 31.95 -6.76
N ALA A 227 -51.63 31.90 -6.84
CA ALA A 227 -52.45 33.13 -6.89
C ALA A 227 -52.28 34.00 -5.65
N PHE A 228 -52.29 33.36 -4.47
CA PHE A 228 -52.08 34.04 -3.18
C PHE A 228 -50.72 34.75 -3.09
N VAL A 229 -49.68 34.05 -3.54
CA VAL A 229 -48.32 34.60 -3.54
C VAL A 229 -48.18 35.73 -4.55
N ARG A 230 -48.75 35.54 -5.74
CA ARG A 230 -48.75 36.57 -6.78
C ARG A 230 -49.39 37.86 -6.28
N ARG A 231 -50.50 37.75 -5.56
CA ARG A 231 -51.14 38.92 -4.91
C ARG A 231 -50.18 39.69 -3.99
N ALA A 232 -49.48 38.99 -3.11
CA ALA A 232 -48.47 39.60 -2.23
C ALA A 232 -47.36 40.27 -3.02
N LEU A 233 -46.89 39.60 -4.07
CA LEU A 233 -45.82 40.17 -4.90
C LEU A 233 -46.31 41.43 -5.58
N HIS A 234 -47.56 41.43 -6.01
CA HIS A 234 -48.16 42.59 -6.64
C HIS A 234 -48.20 43.79 -5.69
N ARG A 235 -48.59 43.54 -4.44
CA ARG A 235 -48.51 44.54 -3.38
C ARG A 235 -47.09 45.08 -3.13
N ARG A 236 -46.09 44.19 -3.16
CA ARG A 236 -44.71 44.58 -2.94
C ARG A 236 -44.09 45.32 -4.12
N TYR A 237 -44.29 44.82 -5.34
CA TYR A 237 -43.57 45.32 -6.51
C TYR A 237 -44.39 46.15 -7.47
N GLY A 238 -45.72 46.12 -7.35
CA GLY A 238 -46.61 46.97 -8.17
C GLY A 238 -47.04 46.36 -9.49
N ASP A 239 -47.97 47.04 -10.12
CA ASP A 239 -48.65 46.57 -11.33
C ASP A 239 -47.74 46.53 -12.57
N ARG A 240 -46.66 47.29 -12.54
CA ARG A 240 -45.68 47.31 -13.61
C ARG A 240 -44.96 45.94 -13.76
N TYR A 241 -44.59 45.35 -12.62
CA TYR A 241 -43.79 44.14 -12.59
C TYR A 241 -44.56 42.85 -12.29
N ILE A 242 -45.82 42.96 -11.84
CA ILE A 242 -46.65 41.80 -11.55
C ILE A 242 -47.99 41.92 -12.25
N ASN A 243 -48.35 40.86 -12.97
CA ASN A 243 -49.58 40.77 -13.71
C ASN A 243 -50.45 39.78 -12.96
N LEU A 244 -51.55 40.26 -12.41
CA LEU A 244 -52.45 39.43 -11.59
C LEU A 244 -53.18 38.34 -12.37
N ARG A 245 -53.07 38.34 -13.70
CA ARG A 245 -53.58 37.27 -14.56
C ARG A 245 -52.49 36.65 -15.45
N GLY A 246 -51.22 36.87 -15.10
CA GLY A 246 -50.12 36.36 -15.87
C GLY A 246 -49.12 35.57 -15.03
N PRO A 247 -48.09 34.99 -15.67
CA PRO A 247 -47.09 34.24 -14.91
C PRO A 247 -46.29 35.17 -14.00
N ILE A 248 -45.71 34.60 -12.94
CA ILE A 248 -44.88 35.37 -12.00
C ILE A 248 -43.46 35.46 -12.54
N PRO A 249 -42.83 36.65 -12.48
CA PRO A 249 -41.41 36.70 -12.87
C PRO A 249 -40.53 35.72 -12.07
N ALA A 250 -39.69 34.95 -12.77
CA ALA A 250 -39.04 33.74 -12.19
C ALA A 250 -38.02 33.97 -11.08
N HIS A 251 -37.71 35.24 -10.82
CA HIS A 251 -36.64 35.64 -9.89
C HIS A 251 -37.16 36.17 -8.56
N LEU A 252 -38.49 36.17 -8.36
CA LEU A 252 -39.10 36.82 -7.18
C LEU A 252 -39.56 35.89 -6.05
N LEU A 253 -39.26 34.59 -6.15
CA LEU A 253 -39.86 33.60 -5.27
C LEU A 253 -38.88 32.98 -4.28
N GLY A 254 -37.72 33.61 -4.11
CA GLY A 254 -36.80 33.25 -3.03
C GLY A 254 -35.71 32.26 -3.35
N ASP A 255 -35.72 31.77 -4.58
CA ASP A 255 -34.93 30.62 -4.99
C ASP A 255 -34.54 30.84 -6.46
N MET A 256 -33.30 30.48 -6.81
CA MET A 256 -32.80 30.65 -8.17
C MET A 256 -33.67 29.98 -9.24
N TRP A 257 -34.29 28.84 -8.89
CA TRP A 257 -35.15 28.07 -9.81
C TRP A 257 -36.64 28.19 -9.55
N ALA A 258 -37.01 29.11 -8.65
CA ALA A 258 -38.38 29.24 -8.16
C ALA A 258 -39.00 27.92 -7.71
N GLN A 259 -38.17 27.01 -7.22
CA GLN A 259 -38.56 25.64 -6.98
C GLN A 259 -39.18 25.43 -5.61
N SER A 260 -38.81 26.27 -4.67
CA SER A 260 -39.50 26.28 -3.40
C SER A 260 -39.49 27.72 -2.90
N TRP A 261 -40.54 28.08 -2.19
CA TRP A 261 -40.87 29.47 -1.96
C TRP A 261 -40.73 29.89 -0.50
N GLU A 262 -40.10 29.06 0.33
CA GLU A 262 -40.04 29.34 1.77
C GLU A 262 -39.31 30.64 2.13
N ASN A 263 -38.37 31.07 1.28
CA ASN A 263 -37.64 32.30 1.57
C ASN A 263 -38.44 33.61 1.47
N ILE A 264 -39.65 33.57 0.87
CA ILE A 264 -40.57 34.71 0.85
C ILE A 264 -41.73 34.57 1.84
N TYR A 265 -41.62 33.64 2.77
CA TYR A 265 -42.60 33.49 3.84
C TYR A 265 -42.85 34.83 4.59
N ASP A 266 -41.78 35.57 4.91
CA ASP A 266 -41.93 36.87 5.58
C ASP A 266 -42.76 37.92 4.81
N MET A 267 -42.83 37.80 3.48
CA MET A 267 -43.71 38.67 2.67
C MET A 267 -45.17 38.24 2.61
N VAL A 268 -45.44 36.96 2.83
CA VAL A 268 -46.80 36.42 2.65
C VAL A 268 -47.44 35.88 3.92
N VAL A 269 -46.70 35.79 5.02
CA VAL A 269 -47.25 35.36 6.30
C VAL A 269 -48.51 36.18 6.67
N PRO A 270 -49.68 35.50 6.79
CA PRO A 270 -50.94 36.27 7.03
C PRO A 270 -51.04 36.93 8.43
N PHE A 271 -50.46 36.28 9.43
CA PHE A 271 -50.56 36.70 10.81
C PHE A 271 -49.15 36.94 11.42
N PRO A 272 -48.45 38.01 10.96
CA PRO A 272 -47.05 38.25 11.38
C PRO A 272 -46.82 38.57 12.88
N ASP A 273 -47.89 38.95 13.59
CA ASP A 273 -47.87 39.08 15.06
C ASP A 273 -47.55 37.78 15.81
N LYS A 274 -47.89 36.64 15.21
CA LYS A 274 -47.63 35.31 15.78
C LYS A 274 -46.13 35.00 15.85
N PRO A 275 -45.75 33.93 16.59
CA PRO A 275 -44.34 33.53 16.60
C PRO A 275 -43.77 33.25 15.21
N ASN A 276 -42.56 33.77 14.98
CA ASN A 276 -41.83 33.63 13.72
C ASN A 276 -41.35 32.18 13.53
N LEU A 277 -41.99 31.48 12.60
CA LEU A 277 -41.66 30.08 12.33
C LEU A 277 -40.35 29.85 11.57
N ASP A 278 -39.73 30.93 11.06
CA ASP A 278 -38.37 30.87 10.55
C ASP A 278 -37.40 31.03 11.72
N VAL A 279 -36.80 29.93 12.13
CA VAL A 279 -35.93 29.88 13.31
C VAL A 279 -34.45 30.18 13.03
N THR A 280 -34.13 30.65 11.82
CA THR A 280 -32.74 30.91 11.41
C THR A 280 -32.02 31.87 12.35
N SER A 281 -32.66 32.99 12.67
CA SER A 281 -32.02 34.02 13.52
C SER A 281 -31.69 33.47 14.91
N THR A 282 -32.55 32.59 15.43
CA THR A 282 -32.28 31.90 16.69
C THR A 282 -31.12 30.90 16.60
N MET A 283 -31.04 30.18 15.48
CA MET A 283 -29.90 29.30 15.23
C MET A 283 -28.60 30.10 15.24
N LEU A 284 -28.58 31.25 14.55
CA LEU A 284 -27.38 32.10 14.53
C LEU A 284 -27.00 32.64 15.91
N GLN A 285 -27.99 33.11 16.67
CA GLN A 285 -27.75 33.63 18.02
C GLN A 285 -27.21 32.56 18.98
N GLN A 286 -27.69 31.32 18.87
CA GLN A 286 -27.21 30.23 19.72
C GLN A 286 -25.87 29.62 19.28
N GLY A 287 -25.28 30.13 18.20
CA GLY A 287 -23.99 29.65 17.73
C GLY A 287 -24.01 28.28 17.07
N TRP A 288 -25.14 27.92 16.44
CA TRP A 288 -25.19 26.66 15.68
C TRP A 288 -24.16 26.72 14.55
N GLN A 289 -23.50 25.60 14.31
CA GLN A 289 -22.60 25.46 13.19
C GLN A 289 -23.01 24.23 12.43
N ALA A 290 -22.34 23.97 11.32
CA ALA A 290 -22.64 22.85 10.47
C ALA A 290 -22.65 21.52 11.26
N THR A 291 -21.64 21.29 12.09
CA THR A 291 -21.54 20.01 12.80
C THR A 291 -22.69 19.79 13.78
N HIS A 292 -23.13 20.87 14.43
CA HIS A 292 -24.28 20.81 15.35
C HIS A 292 -25.57 20.44 14.62
N MET A 293 -25.72 20.95 13.39
CA MET A 293 -26.88 20.61 12.57
C MET A 293 -26.87 19.12 12.24
N PHE A 294 -25.70 18.61 11.83
CA PHE A 294 -25.54 17.16 11.58
C PHE A 294 -25.75 16.28 12.83
N ARG A 295 -25.28 16.76 13.98
CA ARG A 295 -25.45 16.02 15.25
C ARG A 295 -26.90 16.00 15.71
N VAL A 296 -27.60 17.11 15.55
CA VAL A 296 -29.02 17.17 15.86
C VAL A 296 -29.84 16.24 14.94
N ALA A 297 -29.51 16.23 13.64
CA ALA A 297 -30.12 15.27 12.70
C ALA A 297 -29.84 13.82 13.10
N GLU A 298 -28.57 13.50 13.37
CA GLU A 298 -28.18 12.16 13.80
C GLU A 298 -29.00 11.70 15.00
N GLU A 299 -29.20 12.59 15.97
CA GLU A 299 -29.88 12.19 17.20
C GLU A 299 -31.36 11.83 16.95
N PHE A 300 -32.00 12.45 15.96
CA PHE A 300 -33.37 12.07 15.58
C PHE A 300 -33.35 10.63 15.08
N PHE A 301 -32.37 10.30 14.24
CA PHE A 301 -32.22 8.93 13.73
C PHE A 301 -32.04 7.93 14.87
N THR A 302 -31.15 8.22 15.81
CA THR A 302 -30.91 7.31 16.95
C THR A 302 -32.12 7.21 17.89
N SER A 303 -32.92 8.28 18.02
CA SER A 303 -34.17 8.26 18.80
C SER A 303 -35.15 7.22 18.25
N LEU A 304 -35.12 7.00 16.94
CA LEU A 304 -35.91 5.95 16.32
C LEU A 304 -35.25 4.56 16.39
N GLU A 305 -34.11 4.43 17.08
CA GLU A 305 -33.31 3.20 17.07
C GLU A 305 -32.78 2.82 15.68
N LEU A 306 -32.50 3.84 14.86
CA LEU A 306 -31.75 3.65 13.63
C LEU A 306 -30.30 3.98 13.98
N SER A 307 -29.40 3.82 13.02
CA SER A 307 -27.97 3.88 13.28
C SER A 307 -27.41 5.29 13.41
N PRO A 308 -26.49 5.50 14.35
CA PRO A 308 -25.71 6.73 14.36
C PRO A 308 -24.74 6.75 13.17
N MET A 309 -24.17 7.90 12.86
CA MET A 309 -23.15 8.02 11.81
C MET A 309 -21.84 7.40 12.34
N PRO A 310 -21.18 6.53 11.55
CA PRO A 310 -19.91 5.97 12.02
C PRO A 310 -18.74 6.99 12.00
N PRO A 311 -17.63 6.72 12.72
CA PRO A 311 -16.47 7.63 12.73
C PRO A 311 -15.96 8.05 11.35
N GLU A 312 -16.00 7.10 10.41
CA GLU A 312 -15.58 7.35 9.03
C GLU A 312 -16.40 8.46 8.35
N PHE A 313 -17.66 8.59 8.71
CA PHE A 313 -18.51 9.68 8.21
C PHE A 313 -18.01 11.02 8.70
N TRP A 314 -17.75 11.11 10.00
CA TRP A 314 -17.34 12.39 10.60
C TRP A 314 -15.94 12.81 10.17
N GLU A 315 -15.01 11.85 10.06
CA GLU A 315 -13.66 12.17 9.63
C GLU A 315 -13.53 12.39 8.13
N GLY A 316 -14.38 11.75 7.32
CA GLY A 316 -14.29 11.83 5.86
C GLY A 316 -15.15 12.88 5.18
N SER A 317 -16.24 13.31 5.81
CA SER A 317 -17.22 14.16 5.13
C SER A 317 -16.72 15.58 4.95
N MET A 318 -17.33 16.29 3.99
CA MET A 318 -17.10 17.72 3.81
C MET A 318 -18.41 18.41 4.17
N LEU A 319 -18.46 18.98 5.38
CA LEU A 319 -19.68 19.56 5.93
C LEU A 319 -19.75 21.08 5.82
N GLU A 320 -18.67 21.70 5.34
CA GLU A 320 -18.63 23.13 5.13
C GLU A 320 -17.84 23.41 3.85
N LYS A 321 -18.13 24.55 3.21
CA LYS A 321 -17.35 24.99 2.05
C LYS A 321 -15.90 25.25 2.46
N PRO A 322 -14.91 24.64 1.78
CA PRO A 322 -13.52 24.88 2.18
C PRO A 322 -13.14 26.36 2.07
N ALA A 323 -12.50 26.89 3.10
CA ALA A 323 -12.07 28.29 3.14
C ALA A 323 -10.65 28.50 2.59
N ASP A 324 -9.99 27.43 2.11
CA ASP A 324 -8.66 27.53 1.49
C ASP A 324 -8.78 28.19 0.10
N GLY A 325 -8.25 27.61 -0.97
CA GLY A 325 -8.58 28.07 -2.31
C GLY A 325 -9.73 27.30 -2.94
N ARG A 326 -9.69 25.98 -2.77
CA ARG A 326 -10.14 25.07 -3.81
C ARG A 326 -11.62 25.19 -4.25
N GLU A 327 -11.83 24.88 -5.52
CA GLU A 327 -13.15 24.81 -6.12
C GLU A 327 -13.74 23.45 -5.74
N VAL A 328 -15.00 23.46 -5.32
CA VAL A 328 -15.74 22.22 -5.02
C VAL A 328 -17.13 22.25 -5.68
N VAL A 329 -17.72 21.06 -5.82
CA VAL A 329 -19.16 20.94 -6.13
C VAL A 329 -19.89 21.20 -4.81
N CYS A 330 -20.54 22.36 -4.71
CA CYS A 330 -21.22 22.70 -3.45
C CYS A 330 -22.57 22.03 -3.28
N HIS A 331 -23.20 21.59 -4.37
CA HIS A 331 -24.54 21.03 -4.29
C HIS A 331 -24.55 19.83 -3.35
N ALA A 332 -25.47 19.81 -2.39
CA ALA A 332 -25.46 18.78 -1.34
C ALA A 332 -25.63 17.37 -1.90
N SER A 333 -24.83 16.43 -1.41
CA SER A 333 -24.94 15.04 -1.84
C SER A 333 -24.43 14.08 -0.77
N ALA A 334 -24.91 12.85 -0.89
CA ALA A 334 -24.64 11.75 0.02
C ALA A 334 -24.00 10.62 -0.73
N TRP A 335 -23.01 10.01 -0.12
CA TRP A 335 -22.09 9.12 -0.82
C TRP A 335 -21.95 7.77 -0.15
N ASP A 336 -22.12 6.71 -0.94
CA ASP A 336 -21.83 5.32 -0.56
C ASP A 336 -20.60 4.88 -1.34
N PHE A 337 -19.56 4.45 -0.63
CA PHE A 337 -18.33 4.01 -1.28
C PHE A 337 -18.33 2.52 -1.62
N TYR A 338 -19.40 1.80 -1.29
CA TYR A 338 -19.55 0.36 -1.61
C TYR A 338 -18.53 -0.59 -0.95
N ASN A 339 -17.87 -0.14 0.11
CA ASN A 339 -16.97 -1.01 0.90
C ASN A 339 -17.53 -1.31 2.29
N ARG A 340 -18.81 -1.00 2.51
CA ARG A 340 -19.52 -1.17 3.82
C ARG A 340 -18.95 -0.39 5.02
N LYS A 341 -18.08 0.59 4.78
CA LYS A 341 -17.35 1.32 5.84
C LYS A 341 -17.35 2.83 5.67
N ASP A 342 -17.07 3.29 4.46
CA ASP A 342 -17.05 4.72 4.17
C ASP A 342 -18.37 5.23 3.61
N PHE A 343 -18.92 6.24 4.28
CA PHE A 343 -20.19 6.86 3.91
C PHE A 343 -20.00 8.33 4.21
N ARG A 344 -20.35 9.21 3.27
CA ARG A 344 -20.07 10.64 3.44
C ARG A 344 -21.12 11.56 2.87
N ILE A 345 -21.22 12.73 3.49
CA ILE A 345 -21.95 13.84 2.93
C ILE A 345 -20.95 14.91 2.47
N LYS A 346 -21.28 15.55 1.35
CA LYS A 346 -20.55 16.69 0.80
C LYS A 346 -21.58 17.78 0.66
N GLN A 347 -21.56 18.73 1.60
CA GLN A 347 -22.52 19.82 1.62
C GLN A 347 -21.79 21.08 2.06
N CYS A 348 -22.00 22.18 1.33
CA CYS A 348 -21.50 23.49 1.71
C CYS A 348 -22.49 24.11 2.66
N THR A 349 -22.58 23.53 3.86
CA THR A 349 -23.67 23.84 4.77
C THR A 349 -23.66 25.29 5.24
N ARG A 350 -24.83 25.92 5.21
CA ARG A 350 -25.05 27.23 5.79
C ARG A 350 -26.01 27.10 6.96
N VAL A 351 -25.88 28.01 7.92
CA VAL A 351 -26.68 27.95 9.13
C VAL A 351 -28.00 28.66 8.90
N THR A 352 -28.97 27.90 8.38
CA THR A 352 -30.36 28.32 8.17
C THR A 352 -31.32 27.17 8.43
N MET A 353 -32.59 27.49 8.64
CA MET A 353 -33.63 26.48 8.85
C MET A 353 -33.79 25.57 7.65
N ASP A 354 -33.84 26.12 6.44
CA ASP A 354 -33.96 25.26 5.25
C ASP A 354 -32.74 24.33 5.08
N GLN A 355 -31.55 24.80 5.45
CA GLN A 355 -30.37 23.95 5.44
C GLN A 355 -30.43 22.82 6.46
N LEU A 356 -31.09 23.07 7.58
CA LEU A 356 -31.31 22.01 8.57
C LEU A 356 -32.15 20.90 7.97
N SER A 357 -33.17 21.26 7.18
CA SER A 357 -33.94 20.24 6.45
C SER A 357 -33.08 19.51 5.42
N THR A 358 -32.23 20.25 4.71
CA THR A 358 -31.32 19.62 3.77
C THR A 358 -30.38 18.64 4.48
N VAL A 359 -29.89 19.00 5.66
CA VAL A 359 -29.04 18.09 6.43
C VAL A 359 -29.78 16.78 6.70
N HIS A 360 -31.04 16.89 7.11
CA HIS A 360 -31.89 15.70 7.33
C HIS A 360 -32.05 14.87 6.07
N HIS A 361 -32.32 15.56 4.96
CA HIS A 361 -32.46 14.93 3.64
C HIS A 361 -31.24 14.09 3.32
N GLU A 362 -30.05 14.69 3.42
CA GLU A 362 -28.83 13.99 3.08
C GLU A 362 -28.54 12.84 4.05
N MET A 363 -28.75 13.06 5.34
CA MET A 363 -28.55 12.00 6.31
C MET A 363 -29.52 10.83 6.12
N GLY A 364 -30.71 11.08 5.58
CA GLY A 364 -31.61 10.01 5.16
C GLY A 364 -30.98 9.05 4.16
N HIS A 365 -30.25 9.59 3.17
CA HIS A 365 -29.53 8.74 2.23
C HIS A 365 -28.50 7.91 2.95
N ILE A 366 -27.75 8.55 3.85
CA ILE A 366 -26.71 7.84 4.55
C ILE A 366 -27.34 6.70 5.35
N GLN A 367 -28.42 6.98 6.07
CA GLN A 367 -29.08 5.96 6.86
C GLN A 367 -29.50 4.74 6.01
N TYR A 368 -30.03 5.00 4.81
CA TYR A 368 -30.37 3.94 3.88
C TYR A 368 -29.14 3.10 3.57
N TYR A 369 -28.01 3.76 3.30
CA TYR A 369 -26.76 3.07 3.01
C TYR A 369 -26.32 2.19 4.17
N LEU A 370 -26.42 2.72 5.39
CA LEU A 370 -26.01 1.98 6.59
C LEU A 370 -26.86 0.72 6.80
N GLN A 371 -28.15 0.84 6.53
CA GLN A 371 -29.09 -0.25 6.72
C GLN A 371 -29.01 -1.35 5.66
N TYR A 372 -28.63 -1.02 4.42
CA TYR A 372 -28.54 -2.04 3.36
C TYR A 372 -27.13 -2.42 2.95
N LYS A 373 -26.13 -2.04 3.74
CA LYS A 373 -24.72 -2.28 3.40
C LYS A 373 -24.32 -3.76 3.27
N ASP A 374 -25.07 -4.65 3.90
CA ASP A 374 -24.76 -6.08 3.78
C ASP A 374 -25.47 -6.81 2.64
N LEU A 375 -26.31 -6.12 1.87
CA LEU A 375 -26.88 -6.70 0.65
C LEU A 375 -25.81 -6.78 -0.44
N PRO A 376 -26.03 -7.67 -1.44
CA PRO A 376 -25.17 -7.62 -2.64
C PRO A 376 -25.21 -6.21 -3.26
N VAL A 377 -24.06 -5.73 -3.75
CA VAL A 377 -23.93 -4.35 -4.22
C VAL A 377 -25.02 -3.92 -5.18
N SER A 378 -25.44 -4.83 -6.07
CA SER A 378 -26.50 -4.54 -7.04
C SER A 378 -27.83 -4.13 -6.39
N LEU A 379 -28.07 -4.61 -5.18
CA LEU A 379 -29.29 -4.31 -4.44
C LEU A 379 -29.15 -3.13 -3.46
N ARG A 380 -27.98 -2.49 -3.41
CA ARG A 380 -27.75 -1.32 -2.56
C ARG A 380 -28.28 -0.06 -3.27
N ARG A 381 -29.60 0.01 -3.37
CA ARG A 381 -30.32 1.13 -3.94
C ARG A 381 -31.64 1.22 -3.17
N GLY A 382 -32.40 2.29 -3.41
CA GLY A 382 -33.70 2.43 -2.76
C GLY A 382 -34.68 1.47 -3.43
N ALA A 383 -35.83 1.23 -2.82
CA ALA A 383 -36.82 0.37 -3.47
C ALA A 383 -37.16 0.94 -4.86
N ASN A 384 -37.24 2.27 -4.92
CA ASN A 384 -37.06 3.02 -6.17
C ASN A 384 -36.37 4.36 -5.80
N PRO A 385 -35.92 5.14 -6.80
CA PRO A 385 -35.14 6.29 -6.39
C PRO A 385 -35.91 7.34 -5.58
N GLY A 386 -37.22 7.43 -5.74
CA GLY A 386 -38.06 8.29 -4.88
C GLY A 386 -38.06 7.89 -3.40
N PHE A 387 -37.95 6.59 -3.11
CA PHE A 387 -37.79 6.13 -1.72
C PHE A 387 -36.54 6.78 -1.10
N HIS A 388 -35.43 6.76 -1.84
CA HIS A 388 -34.15 7.27 -1.31
C HIS A 388 -34.30 8.76 -0.98
N GLU A 389 -34.97 9.50 -1.86
CA GLU A 389 -35.21 10.93 -1.62
C GLU A 389 -36.20 11.28 -0.51
N ALA A 390 -37.09 10.35 -0.18
CA ALA A 390 -38.13 10.57 0.83
C ALA A 390 -37.69 10.43 2.29
N ILE A 391 -36.65 9.63 2.56
CA ILE A 391 -36.34 9.16 3.93
C ILE A 391 -36.08 10.34 4.88
N GLY A 392 -35.10 11.15 4.56
CA GLY A 392 -34.73 12.27 5.39
C GLY A 392 -35.82 13.32 5.51
N ASP A 393 -36.54 13.56 4.40
CA ASP A 393 -37.68 14.49 4.34
C ASP A 393 -38.80 14.10 5.31
N VAL A 394 -39.05 12.79 5.44
CA VAL A 394 -40.02 12.30 6.43
C VAL A 394 -39.64 12.76 7.85
N LEU A 395 -38.41 12.51 8.28
CA LEU A 395 -37.94 13.02 9.58
C LEU A 395 -38.06 14.55 9.68
N ALA A 396 -37.69 15.25 8.62
CA ALA A 396 -37.78 16.72 8.59
C ALA A 396 -39.20 17.25 8.78
N LEU A 397 -40.22 16.53 8.33
CA LEU A 397 -41.61 16.92 8.60
C LEU A 397 -41.92 16.95 10.12
N SER A 398 -41.46 15.95 10.85
CA SER A 398 -41.55 15.95 12.33
C SER A 398 -40.74 17.11 12.95
N VAL A 399 -39.52 17.32 12.47
CA VAL A 399 -38.62 18.36 12.99
C VAL A 399 -39.19 19.77 12.84
N SER A 400 -39.81 20.06 11.70
CA SER A 400 -40.32 21.40 11.40
C SER A 400 -41.55 21.83 12.23
N THR A 401 -42.30 20.89 12.81
CA THR A 401 -43.44 21.24 13.66
C THR A 401 -43.04 22.18 14.83
N PRO A 402 -43.86 23.22 15.11
CA PRO A 402 -43.57 24.10 16.24
C PRO A 402 -43.32 23.38 17.56
N GLU A 403 -44.02 22.27 17.81
CA GLU A 403 -43.77 21.52 19.06
C GLU A 403 -42.37 20.90 19.09
N HIS A 404 -41.91 20.34 17.98
CA HIS A 404 -40.57 19.77 17.97
C HIS A 404 -39.50 20.85 18.05
N LEU A 405 -39.67 21.91 17.29
CA LEU A 405 -38.77 23.05 17.33
C LEU A 405 -38.64 23.59 18.77
N HIS A 406 -39.75 23.57 19.51
CA HIS A 406 -39.75 23.91 20.93
C HIS A 406 -38.95 22.92 21.77
N LYS A 407 -39.12 21.62 21.54
CA LYS A 407 -38.32 20.59 22.24
C LYS A 407 -36.82 20.82 22.07
N ILE A 408 -36.39 21.24 20.88
CA ILE A 408 -34.97 21.42 20.59
C ILE A 408 -34.47 22.88 20.75
N GLY A 409 -35.25 23.72 21.44
CA GLY A 409 -34.76 25.03 21.87
C GLY A 409 -34.77 26.13 20.84
N LEU A 410 -35.45 25.92 19.72
CA LEU A 410 -35.46 26.87 18.61
C LEU A 410 -36.73 27.71 18.51
N LEU A 411 -37.72 27.45 19.37
CA LEU A 411 -38.98 28.19 19.33
C LEU A 411 -39.70 28.16 20.69
N ASP A 412 -40.02 29.34 21.23
CA ASP A 412 -40.89 29.42 22.43
C ASP A 412 -42.32 28.97 22.12
N ARG A 413 -42.91 28.23 23.07
CA ARG A 413 -44.17 27.50 22.86
C ARG A 413 -45.21 28.36 22.16
N VAL A 414 -45.74 27.84 21.05
CA VAL A 414 -46.77 28.55 20.27
C VAL A 414 -48.13 28.21 20.86
N THR A 415 -49.08 29.14 20.71
CA THR A 415 -50.47 28.84 21.06
C THR A 415 -50.97 27.89 20.00
N ASN A 416 -51.70 26.87 20.42
CA ASN A 416 -52.25 25.90 19.50
C ASN A 416 -53.64 26.37 19.05
N ASP A 417 -53.65 27.35 18.15
CA ASP A 417 -54.88 27.97 17.63
C ASP A 417 -54.86 27.99 16.11
N THR A 418 -56.02 28.23 15.52
CA THR A 418 -56.20 28.07 14.08
C THR A 418 -55.32 29.01 13.23
N GLU A 419 -54.96 30.17 13.78
CA GLU A 419 -54.11 31.14 13.07
C GLU A 419 -52.65 30.69 12.98
N SER A 420 -52.13 30.11 14.07
CA SER A 420 -50.79 29.53 14.06
C SER A 420 -50.70 28.29 13.17
N ASP A 421 -51.76 27.48 13.15
CA ASP A 421 -51.89 26.37 12.20
C ASP A 421 -51.82 26.81 10.74
N ILE A 422 -52.51 27.90 10.40
CA ILE A 422 -52.51 28.44 9.04
C ILE A 422 -51.11 28.95 8.71
N ASN A 423 -50.47 29.68 9.64
CA ASN A 423 -49.10 30.14 9.45
C ASN A 423 -48.12 28.99 9.10
N TYR A 424 -48.19 27.91 9.87
CA TYR A 424 -47.29 26.78 9.73
C TYR A 424 -47.57 26.00 8.43
N LEU A 425 -48.83 25.70 8.17
CA LEU A 425 -49.19 24.99 6.94
C LEU A 425 -48.86 25.79 5.66
N LEU A 426 -48.96 27.11 5.72
CA LEU A 426 -48.56 27.96 4.61
C LEU A 426 -47.04 27.89 4.39
N LYS A 427 -46.28 27.93 5.48
CA LYS A 427 -44.84 27.84 5.39
C LYS A 427 -44.47 26.48 4.77
N MET A 428 -45.13 25.41 5.23
CA MET A 428 -44.90 24.09 4.64
C MET A 428 -45.36 24.00 3.18
N ALA A 429 -46.44 24.68 2.83
CA ALA A 429 -46.93 24.71 1.44
C ALA A 429 -45.92 25.40 0.54
N LEU A 430 -45.30 26.46 1.04
CA LEU A 430 -44.28 27.17 0.26
C LEU A 430 -43.08 26.25 -0.07
N GLU A 431 -42.77 25.32 0.84
CA GLU A 431 -41.68 24.37 0.68
C GLU A 431 -42.06 23.15 -0.16
N LYS A 432 -43.27 22.60 0.06
CA LYS A 432 -43.66 21.32 -0.50
C LYS A 432 -44.56 21.43 -1.74
N ILE A 433 -45.60 22.27 -1.66
CA ILE A 433 -46.56 22.41 -2.76
C ILE A 433 -45.97 23.20 -3.93
N ALA A 434 -45.24 24.28 -3.63
CA ALA A 434 -44.56 25.05 -4.66
C ALA A 434 -43.60 24.22 -5.53
N PHE A 435 -42.98 23.19 -4.94
CA PHE A 435 -42.03 22.32 -5.62
C PHE A 435 -42.66 21.42 -6.65
N LEU A 436 -43.89 20.98 -6.38
CA LEU A 436 -44.54 19.94 -7.20
C LEU A 436 -44.45 20.17 -8.71
N PRO A 437 -44.87 21.35 -9.22
CA PRO A 437 -44.74 21.52 -10.68
C PRO A 437 -43.29 21.39 -11.20
N PHE A 438 -42.32 21.89 -10.44
CA PHE A 438 -40.92 21.86 -10.87
C PHE A 438 -40.39 20.44 -10.84
N GLY A 439 -40.69 19.73 -9.76
CA GLY A 439 -40.34 18.30 -9.65
C GLY A 439 -40.86 17.46 -10.79
N TYR A 440 -42.04 17.82 -11.27
CA TYR A 440 -42.67 17.13 -12.35
C TYR A 440 -42.12 17.54 -13.72
N LEU A 441 -41.81 18.83 -13.93
CA LEU A 441 -41.46 19.29 -15.28
C LEU A 441 -40.03 18.97 -15.75
N VAL A 442 -39.07 18.92 -14.83
CA VAL A 442 -37.66 18.80 -15.21
C VAL A 442 -37.40 17.55 -16.07
N ASP A 443 -37.83 16.38 -15.61
CA ASP A 443 -37.68 15.20 -16.47
C ASP A 443 -38.64 15.16 -17.65
N GLN A 444 -39.77 15.88 -17.63
CA GLN A 444 -40.54 16.00 -18.88
C GLN A 444 -39.69 16.66 -19.97
N TRP A 445 -38.96 17.72 -19.60
CA TRP A 445 -38.01 18.35 -20.50
C TRP A 445 -36.94 17.36 -20.98
N ARG A 446 -36.27 16.71 -20.03
CA ARG A 446 -35.16 15.83 -20.35
C ARG A 446 -35.58 14.58 -21.14
N TRP A 447 -36.77 14.06 -20.84
CA TRP A 447 -37.31 12.91 -21.57
C TRP A 447 -37.56 13.29 -23.02
N GLY A 448 -38.06 14.49 -23.26
CA GLY A 448 -38.22 15.03 -24.61
C GLY A 448 -36.89 15.25 -25.33
N VAL A 449 -35.86 15.67 -24.59
CA VAL A 449 -34.54 15.81 -25.17
C VAL A 449 -33.99 14.42 -25.52
N PHE A 450 -34.07 13.46 -24.60
CA PHE A 450 -33.57 12.11 -24.91
C PHE A 450 -34.34 11.44 -26.07
N SER A 451 -35.65 11.64 -26.18
CA SER A 451 -36.44 11.03 -27.27
C SER A 451 -36.21 11.70 -28.62
N GLY A 452 -35.52 12.83 -28.66
CA GLY A 452 -35.40 13.62 -29.88
C GLY A 452 -36.58 14.55 -30.17
N ARG A 453 -37.66 14.48 -29.39
CA ARG A 453 -38.78 15.43 -29.55
C ARG A 453 -38.33 16.88 -29.39
N THR A 454 -37.36 17.11 -28.51
CA THR A 454 -36.75 18.41 -28.31
C THR A 454 -35.28 18.45 -28.75
N PRO A 455 -35.02 18.87 -30.01
CA PRO A 455 -33.64 19.02 -30.45
C PRO A 455 -33.01 20.27 -29.87
N PRO A 456 -31.67 20.42 -30.02
CA PRO A 456 -30.96 21.60 -29.50
C PRO A 456 -31.56 22.92 -29.92
N SER A 457 -32.13 22.98 -31.14
CA SER A 457 -32.77 24.21 -31.61
C SER A 457 -34.02 24.63 -30.80
N ARG A 458 -34.58 23.75 -29.97
CA ARG A 458 -35.70 24.09 -29.08
C ARG A 458 -35.45 23.80 -27.59
N TYR A 459 -34.20 23.61 -27.17
CA TYR A 459 -33.90 23.41 -25.73
C TYR A 459 -34.56 24.45 -24.83
N ASN A 460 -34.39 25.73 -25.17
CA ASN A 460 -34.92 26.82 -24.32
C ASN A 460 -36.41 27.07 -24.51
N PHE A 461 -36.85 27.04 -25.76
CA PHE A 461 -38.27 27.13 -26.14
C PHE A 461 -39.11 26.11 -25.35
N ASP A 462 -38.68 24.85 -25.36
CA ASP A 462 -39.42 23.80 -24.69
C ASP A 462 -39.25 23.85 -23.16
N TRP A 463 -38.10 24.32 -22.67
CA TRP A 463 -37.92 24.52 -21.22
C TRP A 463 -38.93 25.56 -20.72
N TRP A 464 -38.98 26.71 -21.38
CA TRP A 464 -39.89 27.76 -20.91
C TRP A 464 -41.34 27.42 -21.12
N TYR A 465 -41.66 26.68 -22.20
CA TYR A 465 -43.01 26.18 -22.39
C TYR A 465 -43.45 25.45 -21.11
N LEU A 466 -42.63 24.50 -20.66
CA LEU A 466 -42.93 23.67 -19.48
C LEU A 466 -42.92 24.45 -18.18
N ARG A 467 -41.96 25.36 -18.04
CA ARG A 467 -41.85 26.21 -16.86
C ARG A 467 -43.13 27.06 -16.72
N THR A 468 -43.58 27.64 -17.82
CA THR A 468 -44.84 28.39 -17.84
C THR A 468 -46.05 27.48 -17.65
N LYS A 469 -46.11 26.38 -18.40
CA LYS A 469 -47.25 25.45 -18.32
C LYS A 469 -47.52 24.99 -16.89
N TYR A 470 -46.47 24.56 -16.19
CA TYR A 470 -46.58 23.98 -14.83
C TYR A 470 -46.39 24.96 -13.66
N GLN A 471 -45.31 25.74 -13.67
CA GLN A 471 -45.07 26.66 -12.57
C GLN A 471 -45.78 28.01 -12.72
N GLY A 472 -46.24 28.38 -13.91
CA GLY A 472 -46.81 29.71 -14.10
C GLY A 472 -45.83 30.82 -13.80
N ILE A 473 -44.62 30.65 -14.29
CA ILE A 473 -43.58 31.67 -14.20
C ILE A 473 -43.08 32.02 -15.60
N CYS A 474 -42.40 33.16 -15.69
CA CYS A 474 -41.89 33.65 -16.95
C CYS A 474 -40.51 34.24 -16.67
N PRO A 475 -39.59 34.15 -17.64
CA PRO A 475 -38.27 34.69 -17.42
C PRO A 475 -38.38 36.22 -17.34
N PRO A 476 -37.60 36.86 -16.46
CA PRO A 476 -37.76 38.32 -16.29
C PRO A 476 -36.98 39.19 -17.29
N VAL A 477 -36.13 38.58 -18.12
CA VAL A 477 -35.49 39.22 -19.25
C VAL A 477 -35.70 38.27 -20.41
N THR A 478 -35.65 38.79 -21.64
CA THR A 478 -35.88 37.98 -22.82
C THR A 478 -34.81 36.89 -22.93
N ARG A 479 -35.24 35.69 -23.32
CA ARG A 479 -34.34 34.59 -23.62
C ARG A 479 -34.55 34.16 -25.07
N ASN A 480 -33.58 33.45 -25.62
CA ASN A 480 -33.57 32.91 -26.97
C ASN A 480 -32.74 31.63 -26.93
N GLU A 481 -32.52 30.98 -28.06
CA GLU A 481 -31.83 29.67 -28.07
C GLU A 481 -30.32 29.70 -27.92
N THR A 482 -29.72 30.87 -27.81
CA THR A 482 -28.35 30.95 -27.32
C THR A 482 -28.30 30.58 -25.84
N HIS A 483 -29.34 30.95 -25.11
CA HIS A 483 -29.43 30.60 -23.70
C HIS A 483 -29.80 29.13 -23.53
N PHE A 484 -29.38 28.55 -22.41
CA PHE A 484 -29.68 27.15 -22.12
C PHE A 484 -30.01 27.09 -20.65
N ASP A 485 -31.21 27.56 -20.35
CA ASP A 485 -31.62 27.76 -18.97
C ASP A 485 -31.79 26.48 -18.16
N ALA A 486 -32.11 25.38 -18.82
CA ALA A 486 -32.13 24.05 -18.18
C ALA A 486 -30.75 23.70 -17.62
N GLY A 487 -29.71 24.12 -18.33
CA GLY A 487 -28.36 23.82 -17.93
C GLY A 487 -27.92 24.56 -16.70
N ALA A 488 -28.61 25.62 -16.32
CA ALA A 488 -28.33 26.35 -15.07
C ALA A 488 -28.90 25.73 -13.78
N LYS A 489 -29.48 24.52 -13.90
CA LYS A 489 -29.97 23.75 -12.76
C LYS A 489 -29.06 22.54 -12.58
N PHE A 490 -28.52 22.36 -11.38
CA PHE A 490 -27.49 21.33 -11.08
C PHE A 490 -27.66 19.99 -11.79
N HIS A 491 -28.86 19.45 -11.68
CA HIS A 491 -29.13 18.06 -12.05
C HIS A 491 -28.97 17.79 -13.54
N VAL A 492 -29.12 18.81 -14.35
CA VAL A 492 -28.97 18.67 -15.81
C VAL A 492 -27.50 18.38 -16.23
N PRO A 493 -26.55 19.32 -16.04
CA PRO A 493 -25.13 19.00 -16.37
C PRO A 493 -24.50 17.90 -15.51
N ASN A 494 -25.05 17.66 -14.31
CA ASN A 494 -24.55 16.58 -13.46
C ASN A 494 -25.28 15.23 -13.66
N VAL A 495 -26.14 15.16 -14.70
CA VAL A 495 -26.81 13.93 -15.09
C VAL A 495 -27.41 13.16 -13.93
N THR A 496 -28.21 13.87 -13.12
CA THR A 496 -28.94 13.28 -12.00
C THR A 496 -30.41 13.37 -12.33
N PRO A 497 -31.08 12.20 -12.44
CA PRO A 497 -32.52 12.22 -12.73
C PRO A 497 -33.31 12.98 -11.67
N TYR A 498 -34.45 13.53 -12.08
CA TYR A 498 -35.25 14.44 -11.27
C TYR A 498 -36.62 13.93 -10.83
N ILE A 499 -37.24 12.99 -11.57
CA ILE A 499 -38.61 12.57 -11.26
C ILE A 499 -38.72 11.97 -9.85
N ARG A 500 -37.64 11.34 -9.41
CA ARG A 500 -37.41 10.95 -8.01
C ARG A 500 -37.91 11.96 -6.96
N TYR A 501 -37.73 13.25 -7.22
CA TYR A 501 -38.14 14.26 -6.23
C TYR A 501 -39.64 14.49 -6.24
N PHE A 502 -40.25 14.45 -7.41
CA PHE A 502 -41.70 14.53 -7.49
C PHE A 502 -42.30 13.34 -6.75
N VAL A 503 -41.80 12.15 -7.07
CA VAL A 503 -42.25 10.92 -6.43
C VAL A 503 -42.07 11.01 -4.90
N SER A 504 -40.85 11.39 -4.50
CA SER A 504 -40.53 11.65 -3.09
C SER A 504 -41.50 12.59 -2.37
N PHE A 505 -41.90 13.68 -3.02
CA PHE A 505 -42.72 14.69 -2.34
C PHE A 505 -44.13 14.17 -2.09
N VAL A 506 -44.61 13.24 -2.91
CA VAL A 506 -45.89 12.56 -2.67
C VAL A 506 -45.70 11.49 -1.60
N LEU A 507 -44.73 10.62 -1.86
CA LEU A 507 -44.40 9.48 -1.02
C LEU A 507 -44.12 9.86 0.43
N GLN A 508 -43.44 10.99 0.66
CA GLN A 508 -43.08 11.34 2.04
C GLN A 508 -44.29 11.57 2.98
N PHE A 509 -45.40 12.04 2.43
CA PHE A 509 -46.63 12.16 3.23
C PHE A 509 -47.32 10.83 3.47
N GLN A 510 -47.19 9.89 2.53
CA GLN A 510 -47.65 8.53 2.77
C GLN A 510 -46.87 7.90 3.91
N PHE A 511 -45.53 8.02 3.86
CA PHE A 511 -44.67 7.52 4.93
C PHE A 511 -45.02 8.18 6.27
N HIS A 512 -45.17 9.50 6.26
CA HIS A 512 -45.46 10.26 7.48
C HIS A 512 -46.74 9.74 8.15
N GLU A 513 -47.81 9.61 7.35
CA GLU A 513 -49.09 9.10 7.82
C GLU A 513 -48.99 7.71 8.43
N ALA A 514 -48.32 6.79 7.74
CA ALA A 514 -48.16 5.44 8.27
C ALA A 514 -47.30 5.41 9.54
N LEU A 515 -46.25 6.23 9.58
CA LEU A 515 -45.34 6.25 10.74
C LEU A 515 -45.98 6.93 11.97
N CYS A 516 -46.73 7.98 11.73
CA CYS A 516 -47.51 8.63 12.79
C CYS A 516 -48.57 7.71 13.40
N LYS A 517 -49.29 7.00 12.55
CA LYS A 517 -50.21 5.95 12.99
C LYS A 517 -49.50 4.85 13.78
N GLU A 518 -48.34 4.38 13.29
CA GLU A 518 -47.57 3.34 13.98
C GLU A 518 -47.00 3.82 15.32
N ALA A 519 -46.72 5.11 15.42
CA ALA A 519 -46.28 5.72 16.68
C ALA A 519 -47.42 5.88 17.71
N GLY A 520 -48.66 5.60 17.31
CA GLY A 520 -49.83 5.74 18.17
C GLY A 520 -50.26 7.18 18.34
N TYR A 521 -49.84 8.07 17.44
CA TYR A 521 -50.24 9.47 17.50
C TYR A 521 -51.65 9.54 16.90
N GLU A 522 -52.51 10.38 17.48
CA GLU A 522 -53.93 10.48 17.05
C GLU A 522 -54.45 11.90 16.75
N GLY A 523 -53.62 12.92 16.94
CA GLY A 523 -53.99 14.28 16.59
C GLY A 523 -53.96 14.55 15.08
N PRO A 524 -54.03 15.84 14.69
CA PRO A 524 -53.97 16.21 13.28
C PRO A 524 -52.61 15.86 12.67
N LEU A 525 -52.65 15.29 11.47
CA LEU A 525 -51.46 14.74 10.81
C LEU A 525 -50.28 15.71 10.79
N HIS A 526 -50.58 16.99 10.54
CA HIS A 526 -49.56 18.04 10.46
C HIS A 526 -48.94 18.51 11.78
N GLN A 527 -49.42 18.01 12.92
CA GLN A 527 -48.80 18.26 14.23
C GLN A 527 -48.15 16.99 14.81
N CYS A 528 -48.12 15.91 14.03
CA CYS A 528 -47.42 14.70 14.43
C CYS A 528 -45.92 14.94 14.54
N ASP A 529 -45.33 14.32 15.56
CA ASP A 529 -43.89 14.25 15.71
C ASP A 529 -43.57 12.80 16.07
N ILE A 530 -42.87 12.08 15.18
CA ILE A 530 -42.46 10.70 15.45
C ILE A 530 -41.16 10.55 16.27
N TYR A 531 -40.58 11.66 16.70
CA TYR A 531 -39.37 11.64 17.53
C TYR A 531 -39.52 10.66 18.69
N ARG A 532 -38.52 9.80 18.85
CA ARG A 532 -38.47 8.79 19.90
C ARG A 532 -39.45 7.62 19.78
N SER A 533 -40.21 7.53 18.68
CA SER A 533 -41.06 6.37 18.47
C SER A 533 -40.20 5.22 17.94
N THR A 534 -39.94 4.23 18.79
CA THR A 534 -39.15 3.07 18.43
C THR A 534 -39.96 2.13 17.52
N LYS A 535 -41.30 2.15 17.64
CA LYS A 535 -42.17 1.42 16.70
C LYS A 535 -42.15 2.05 15.30
N ALA A 536 -42.22 3.37 15.21
CA ALA A 536 -42.08 4.06 13.92
C ALA A 536 -40.74 3.72 13.28
N GLY A 537 -39.70 3.77 14.10
CA GLY A 537 -38.36 3.40 13.69
C GLY A 537 -38.24 2.00 13.12
N ALA A 538 -38.89 1.04 13.76
CA ALA A 538 -38.86 -0.34 13.31
C ALA A 538 -39.57 -0.51 11.97
N LYS A 539 -40.68 0.20 11.76
CA LYS A 539 -41.37 0.20 10.47
C LYS A 539 -40.50 0.79 9.34
N LEU A 540 -39.89 1.94 9.59
CA LEU A 540 -38.96 2.56 8.65
C LEU A 540 -37.73 1.67 8.38
N ARG A 541 -37.19 1.06 9.43
CA ARG A 541 -36.02 0.18 9.30
C ARG A 541 -36.25 -0.98 8.35
N LYS A 542 -37.46 -1.57 8.38
CA LYS A 542 -37.85 -2.61 7.43
C LYS A 542 -37.73 -2.14 5.96
N VAL A 543 -38.17 -0.92 5.69
CA VAL A 543 -38.04 -0.33 4.34
C VAL A 543 -36.56 -0.21 4.00
N LEU A 544 -35.77 0.37 4.90
CA LEU A 544 -34.36 0.67 4.62
C LEU A 544 -33.51 -0.57 4.40
N ARG A 545 -33.73 -1.59 5.23
CA ARG A 545 -32.98 -2.85 5.09
C ARG A 545 -33.32 -3.65 3.82
N ALA A 546 -34.46 -3.39 3.18
CA ALA A 546 -34.83 -4.12 1.97
C ALA A 546 -34.02 -3.71 0.73
N GLY A 547 -33.48 -2.50 0.72
CA GLY A 547 -32.75 -1.97 -0.43
C GLY A 547 -33.63 -2.05 -1.67
N SER A 548 -33.08 -2.63 -2.74
CA SER A 548 -33.88 -2.91 -3.95
C SER A 548 -34.10 -4.42 -4.17
N SER A 549 -34.06 -5.18 -3.07
CA SER A 549 -34.22 -6.63 -3.13
C SER A 549 -35.64 -7.05 -3.54
N ARG A 550 -36.63 -6.19 -3.27
CA ARG A 550 -38.05 -6.48 -3.49
C ARG A 550 -38.74 -5.36 -4.30
N PRO A 551 -39.81 -5.70 -5.03
CA PRO A 551 -40.62 -4.70 -5.73
C PRO A 551 -41.07 -3.56 -4.84
N TRP A 552 -40.91 -2.31 -5.27
CA TRP A 552 -41.26 -1.17 -4.41
C TRP A 552 -42.73 -1.14 -3.98
N GLN A 553 -43.62 -1.64 -4.86
CA GLN A 553 -45.07 -1.66 -4.60
C GLN A 553 -45.38 -2.55 -3.38
N GLU A 554 -44.70 -3.69 -3.32
CA GLU A 554 -44.82 -4.60 -2.16
C GLU A 554 -44.23 -4.02 -0.88
N VAL A 555 -43.07 -3.33 -0.99
CA VAL A 555 -42.43 -2.69 0.17
C VAL A 555 -43.31 -1.55 0.69
N LEU A 556 -43.89 -0.78 -0.23
CA LEU A 556 -44.83 0.26 0.14
C LEU A 556 -46.09 -0.34 0.80
N LYS A 557 -46.59 -1.45 0.25
CA LYS A 557 -47.81 -2.09 0.78
C LYS A 557 -47.61 -2.52 2.25
N ASP A 558 -46.48 -3.17 2.52
CA ASP A 558 -46.11 -3.53 3.91
C ASP A 558 -45.98 -2.33 4.83
N MET A 559 -45.47 -1.22 4.29
CA MET A 559 -45.31 -0.01 5.09
C MET A 559 -46.60 0.79 5.34
N VAL A 560 -47.36 1.08 4.29
CA VAL A 560 -48.48 2.02 4.39
C VAL A 560 -49.87 1.45 4.11
N GLY A 561 -49.95 0.20 3.68
CA GLY A 561 -51.22 -0.48 3.42
C GLY A 561 -51.76 -0.32 2.02
N LEU A 562 -50.99 0.33 1.15
CA LEU A 562 -51.34 0.57 -0.24
C LEU A 562 -50.11 0.25 -1.11
N ASP A 563 -50.33 -0.30 -2.30
CA ASP A 563 -49.22 -0.68 -3.20
C ASP A 563 -48.93 0.37 -4.29
N ALA A 564 -49.29 1.61 -4.03
CA ALA A 564 -49.27 2.66 -5.05
C ALA A 564 -49.02 4.01 -4.44
N LEU A 565 -48.49 4.91 -5.28
CA LEU A 565 -48.35 6.31 -4.95
C LEU A 565 -49.74 6.88 -4.80
N ASP A 566 -49.93 7.72 -3.79
CA ASP A 566 -51.26 8.24 -3.51
C ASP A 566 -51.13 9.63 -2.93
N ALA A 567 -51.86 10.56 -3.51
CA ALA A 567 -51.83 11.95 -3.09
C ALA A 567 -52.66 12.26 -1.84
N GLN A 568 -53.54 11.36 -1.43
CA GLN A 568 -54.51 11.71 -0.37
C GLN A 568 -53.82 12.09 0.95
N PRO A 569 -52.74 11.39 1.34
CA PRO A 569 -52.02 11.79 2.57
C PRO A 569 -51.50 13.22 2.55
N LEU A 570 -51.00 13.66 1.39
CA LEU A 570 -50.58 15.04 1.21
C LEU A 570 -51.75 16.02 1.33
N LEU A 571 -52.87 15.68 0.70
CA LEU A 571 -54.05 16.56 0.73
C LEU A 571 -54.58 16.67 2.14
N LYS A 572 -54.61 15.52 2.82
CA LYS A 572 -55.02 15.46 4.22
C LYS A 572 -54.12 16.34 5.12
N TYR A 573 -52.81 16.23 4.94
CA TYR A 573 -51.87 17.06 5.68
C TYR A 573 -52.16 18.54 5.50
N PHE A 574 -52.41 18.93 4.24
CA PHE A 574 -52.60 20.36 3.92
C PHE A 574 -54.04 20.91 4.00
N GLN A 575 -55.03 20.06 4.31
CA GLN A 575 -56.49 20.42 4.27
C GLN A 575 -56.83 21.86 4.67
N LEU A 576 -56.36 22.28 5.84
CA LEU A 576 -56.80 23.55 6.42
C LEU A 576 -56.31 24.77 5.61
N VAL A 577 -55.04 24.75 5.18
CA VAL A 577 -54.48 25.85 4.40
C VAL A 577 -55.00 25.81 2.96
N THR A 578 -55.28 24.62 2.44
CA THR A 578 -55.96 24.47 1.17
C THR A 578 -57.30 25.22 1.18
N GLN A 579 -58.11 24.95 2.19
CA GLN A 579 -59.41 25.59 2.35
C GLN A 579 -59.24 27.11 2.51
N TRP A 580 -58.33 27.49 3.39
CA TRP A 580 -58.06 28.91 3.69
C TRP A 580 -57.58 29.71 2.47
N LEU A 581 -56.62 29.17 1.72
CA LEU A 581 -56.08 29.85 0.52
C LEU A 581 -57.20 30.05 -0.51
N GLN A 582 -57.96 29.00 -0.71
CA GLN A 582 -59.11 29.01 -1.60
C GLN A 582 -60.09 30.13 -1.26
N GLU A 583 -60.38 30.29 0.04
CA GLU A 583 -61.27 31.34 0.53
C GLU A 583 -60.66 32.73 0.37
N GLN A 584 -59.38 32.89 0.69
CA GLN A 584 -58.68 34.17 0.49
C GLN A 584 -58.67 34.62 -0.97
N ASN A 585 -58.41 33.67 -1.88
CA ASN A 585 -58.40 33.95 -3.32
C ASN A 585 -59.78 34.35 -3.86
N GLN A 586 -60.83 33.62 -3.47
CA GLN A 586 -62.21 34.02 -3.80
C GLN A 586 -62.59 35.40 -3.22
N GLN A 587 -62.30 35.63 -1.95
CA GLN A 587 -62.51 36.95 -1.33
C GLN A 587 -61.79 38.06 -2.07
N ASN A 588 -60.57 37.81 -2.54
CA ASN A 588 -59.83 38.78 -3.33
C ASN A 588 -60.16 38.81 -4.84
N GLY A 589 -61.09 37.96 -5.29
CA GLY A 589 -61.45 37.90 -6.69
C GLY A 589 -60.30 37.54 -7.60
N GLU A 590 -59.46 36.59 -7.16
CA GLU A 590 -58.30 36.16 -7.97
C GLU A 590 -58.73 35.32 -9.17
N VAL A 591 -57.99 35.47 -10.26
CA VAL A 591 -58.03 34.53 -11.37
C VAL A 591 -57.03 33.43 -10.98
N LEU A 592 -57.49 32.18 -10.96
CA LEU A 592 -56.62 31.03 -10.73
C LEU A 592 -55.98 30.61 -12.05
N GLY A 593 -54.67 30.68 -12.12
CA GLY A 593 -53.93 30.40 -13.35
C GLY A 593 -53.34 31.68 -13.90
N TRP A 594 -52.91 31.62 -15.16
CA TRP A 594 -52.16 32.69 -15.82
C TRP A 594 -52.56 32.75 -17.30
N PRO A 595 -53.84 33.08 -17.56
CA PRO A 595 -54.37 33.09 -18.92
C PRO A 595 -53.67 34.10 -19.84
N GLU A 596 -53.02 35.12 -19.28
CA GLU A 596 -52.13 35.99 -20.07
C GLU A 596 -50.74 35.36 -20.18
N TYR A 597 -50.71 34.21 -20.85
CA TYR A 597 -49.55 33.33 -20.93
C TYR A 597 -48.38 33.96 -21.69
N GLN A 598 -48.63 35.00 -22.46
CA GLN A 598 -47.60 35.69 -23.24
C GLN A 598 -46.85 36.78 -22.43
N TRP A 599 -47.35 37.13 -21.25
CA TRP A 599 -46.86 38.30 -20.54
C TRP A 599 -45.46 38.11 -19.98
N HIS A 600 -44.64 39.15 -20.11
CA HIS A 600 -43.32 39.22 -19.47
C HIS A 600 -43.18 40.60 -18.82
N PRO A 601 -42.46 40.70 -17.68
CA PRO A 601 -42.31 42.03 -17.07
C PRO A 601 -41.40 42.90 -17.90
N PRO A 602 -41.53 44.24 -17.79
CA PRO A 602 -40.56 45.09 -18.46
C PRO A 602 -39.24 45.12 -17.70
N LEU A 603 -38.18 45.62 -18.32
CA LEU A 603 -36.92 45.82 -17.60
C LEU A 603 -37.05 46.95 -16.58
N PRO A 604 -36.30 46.88 -15.47
CA PRO A 604 -36.18 48.09 -14.62
C PRO A 604 -35.47 49.21 -15.37
N ASP A 605 -35.77 50.45 -15.01
CA ASP A 605 -35.25 51.63 -15.72
C ASP A 605 -33.73 51.67 -15.55
N ASN A 606 -33.03 51.88 -16.65
CA ASN A 606 -31.55 51.88 -16.70
C ASN A 606 -30.87 50.57 -16.22
N TYR A 607 -31.49 49.43 -16.52
CA TYR A 607 -30.91 48.13 -16.18
C TYR A 607 -29.86 47.79 -17.26
N PRO A 608 -28.63 47.38 -16.91
CA PRO A 608 -28.17 47.11 -15.51
C PRO A 608 -27.88 48.34 -14.63
N LEU B 1 64.91 -32.66 -12.37
CA LEU B 1 64.31 -33.19 -11.10
C LEU B 1 65.25 -34.22 -10.47
N ASP B 2 65.59 -34.04 -9.20
CA ASP B 2 66.48 -34.98 -8.51
C ASP B 2 65.94 -36.40 -8.67
N PRO B 3 66.80 -37.35 -9.10
CA PRO B 3 66.32 -38.74 -9.31
C PRO B 3 65.68 -39.37 -8.08
N GLY B 4 66.15 -38.99 -6.88
CA GLY B 4 65.52 -39.41 -5.62
C GLY B 4 64.06 -39.01 -5.47
N LEU B 5 63.63 -37.98 -6.21
CA LEU B 5 62.22 -37.57 -6.23
C LEU B 5 61.44 -38.16 -7.42
N GLN B 6 62.07 -39.00 -8.24
CA GLN B 6 61.39 -39.60 -9.41
C GLN B 6 60.81 -40.96 -9.02
N PRO B 7 59.72 -41.39 -9.67
CA PRO B 7 59.12 -42.66 -9.31
C PRO B 7 59.97 -43.86 -9.73
N GLY B 8 60.02 -44.87 -8.88
CA GLY B 8 60.61 -46.16 -9.21
C GLY B 8 59.64 -47.08 -9.93
N GLN B 9 59.74 -48.37 -9.59
CA GLN B 9 59.00 -49.45 -10.22
C GLN B 9 57.82 -49.88 -9.34
N PHE B 10 56.61 -49.87 -9.89
CA PHE B 10 55.41 -50.30 -9.16
C PHE B 10 54.57 -51.16 -10.07
N SER B 11 53.90 -52.18 -9.49
CA SER B 11 53.02 -53.06 -10.27
C SER B 11 51.70 -52.35 -10.65
N ALA B 12 51.16 -52.73 -11.81
CA ALA B 12 49.89 -52.17 -12.33
C ALA B 12 48.67 -52.86 -11.70
N ASP B 13 48.50 -52.65 -10.40
CA ASP B 13 47.38 -53.23 -9.64
C ASP B 13 47.28 -52.48 -8.32
N GLU B 14 46.23 -52.76 -7.56
CA GLU B 14 46.01 -52.07 -6.28
C GLU B 14 47.17 -52.20 -5.30
N ALA B 15 47.76 -53.39 -5.23
CA ALA B 15 48.98 -53.64 -4.41
C ALA B 15 50.08 -52.63 -4.74
N GLY B 16 50.34 -52.48 -6.03
CA GLY B 16 51.33 -51.51 -6.51
C GLY B 16 50.95 -50.06 -6.20
N ALA B 17 49.67 -49.74 -6.46
CA ALA B 17 49.14 -48.40 -6.25
C ALA B 17 49.27 -47.94 -4.78
N GLN B 18 49.09 -48.85 -3.83
CA GLN B 18 49.31 -48.48 -2.41
C GLN B 18 50.78 -48.08 -2.19
N LEU B 19 51.69 -48.86 -2.77
CA LEU B 19 53.13 -48.57 -2.68
C LEU B 19 53.49 -47.28 -3.40
N PHE B 20 52.90 -47.10 -4.59
CA PHE B 20 53.06 -45.88 -5.36
C PHE B 20 52.64 -44.65 -4.53
N ALA B 21 51.45 -44.74 -3.91
CA ALA B 21 50.91 -43.60 -3.18
C ALA B 21 51.82 -43.28 -1.99
N GLN B 22 52.40 -44.30 -1.37
CA GLN B 22 53.27 -44.09 -0.21
C GLN B 22 54.58 -43.43 -0.61
N SER B 23 55.13 -43.89 -1.71
CA SER B 23 56.35 -43.32 -2.27
C SER B 23 56.13 -41.90 -2.78
N TYR B 24 55.02 -41.68 -3.47
CA TYR B 24 54.61 -40.34 -3.88
C TYR B 24 54.56 -39.37 -2.69
N GLN B 25 53.89 -39.75 -1.61
CA GLN B 25 53.75 -38.83 -0.49
C GLN B 25 55.11 -38.50 0.11
N SER B 26 55.99 -39.50 0.19
CA SER B 26 57.31 -39.28 0.74
C SER B 26 58.03 -38.15 -0.03
N SER B 27 58.04 -38.24 -1.36
CA SER B 27 58.65 -37.22 -2.22
C SER B 27 57.82 -35.91 -2.33
N ALA B 28 56.51 -36.05 -2.47
CA ALA B 28 55.57 -34.90 -2.53
C ALA B 28 55.68 -33.95 -1.33
N GLU B 29 55.82 -34.48 -0.13
CA GLU B 29 55.98 -33.63 1.04
C GLU B 29 57.23 -32.74 0.96
N GLN B 30 58.29 -33.24 0.34
CA GLN B 30 59.51 -32.45 0.19
C GLN B 30 59.35 -31.38 -0.89
N VAL B 31 58.71 -31.75 -2.00
CA VAL B 31 58.47 -30.85 -3.14
C VAL B 31 57.42 -29.77 -2.80
N LEU B 32 56.35 -30.17 -2.12
CA LEU B 32 55.36 -29.20 -1.59
C LEU B 32 55.97 -28.26 -0.56
N PHE B 33 56.76 -28.81 0.38
CA PHE B 33 57.42 -27.99 1.37
C PHE B 33 58.31 -26.90 0.74
N GLN B 34 59.16 -27.29 -0.20
CA GLN B 34 60.05 -26.32 -0.85
C GLN B 34 59.24 -25.26 -1.63
N SER B 35 58.16 -25.66 -2.30
CA SER B 35 57.27 -24.70 -2.99
C SER B 35 56.66 -23.72 -2.01
N VAL B 36 56.04 -24.26 -0.96
CA VAL B 36 55.36 -23.41 0.02
C VAL B 36 56.35 -22.50 0.72
N ALA B 37 57.54 -23.04 1.08
CA ALA B 37 58.57 -22.24 1.73
C ALA B 37 59.02 -21.07 0.87
N ALA B 38 59.19 -21.33 -0.42
CA ALA B 38 59.60 -20.27 -1.37
C ALA B 38 58.49 -19.24 -1.56
N SER B 39 57.25 -19.69 -1.65
CA SER B 39 56.10 -18.75 -1.69
C SER B 39 56.03 -17.88 -0.45
N TRP B 40 56.27 -18.49 0.71
CA TRP B 40 56.28 -17.75 1.97
C TRP B 40 57.38 -16.69 1.94
N ALA B 41 58.57 -17.09 1.52
CA ALA B 41 59.72 -16.18 1.52
C ALA B 41 59.47 -14.98 0.63
N HIS B 42 58.78 -15.21 -0.49
CA HIS B 42 58.37 -14.14 -1.41
C HIS B 42 57.24 -13.29 -0.86
N ASP B 43 56.16 -13.95 -0.42
CA ASP B 43 54.97 -13.23 0.06
C ASP B 43 55.20 -12.39 1.33
N THR B 44 56.19 -12.74 2.15
CA THR B 44 56.55 -11.91 3.30
C THR B 44 57.74 -10.99 3.05
N ASN B 45 58.17 -10.89 1.78
CA ASN B 45 59.38 -10.16 1.43
C ASN B 45 59.49 -10.14 -0.10
N ILE B 46 58.67 -9.29 -0.72
CA ILE B 46 58.56 -9.27 -2.16
C ILE B 46 59.80 -8.62 -2.76
N THR B 47 60.58 -9.41 -3.49
CA THR B 47 61.78 -8.91 -4.19
C THR B 47 61.92 -9.71 -5.46
N ALA B 48 62.68 -9.17 -6.42
CA ALA B 48 62.96 -9.88 -7.65
C ALA B 48 63.66 -11.22 -7.39
N GLU B 49 64.59 -11.25 -6.44
CA GLU B 49 65.31 -12.49 -6.13
C GLU B 49 64.39 -13.57 -5.51
N ASN B 50 63.50 -13.17 -4.60
CA ASN B 50 62.53 -14.13 -4.02
C ASN B 50 61.52 -14.64 -5.02
N ALA B 51 61.14 -13.79 -5.98
CA ALA B 51 60.32 -14.22 -7.10
C ALA B 51 61.05 -15.26 -7.95
N ARG B 52 62.32 -14.99 -8.27
CA ARG B 52 63.13 -15.97 -9.00
C ARG B 52 63.22 -17.33 -8.28
N ARG B 53 63.47 -17.31 -6.97
CA ARG B 53 63.52 -18.54 -6.15
C ARG B 53 62.19 -19.30 -6.15
N GLN B 54 61.10 -18.55 -6.04
CA GLN B 54 59.77 -19.17 -6.06
C GLN B 54 59.46 -19.77 -7.44
N GLU B 55 59.86 -19.08 -8.51
CA GLU B 55 59.66 -19.62 -9.84
C GLU B 55 60.49 -20.88 -10.10
N GLU B 56 61.71 -20.92 -9.56
CA GLU B 56 62.54 -22.16 -9.60
C GLU B 56 61.82 -23.33 -8.90
N ALA B 57 61.25 -23.05 -7.74
CA ALA B 57 60.51 -24.04 -6.97
C ALA B 57 59.28 -24.54 -7.71
N ALA B 58 58.56 -23.62 -8.35
CA ALA B 58 57.41 -23.96 -9.17
C ALA B 58 57.77 -24.84 -10.35
N LEU B 59 58.91 -24.56 -10.99
CA LEU B 59 59.37 -25.38 -12.11
C LEU B 59 59.69 -26.81 -11.65
N LEU B 60 60.29 -26.92 -10.47
CA LEU B 60 60.60 -28.21 -9.87
C LEU B 60 59.31 -29.00 -9.57
N SER B 61 58.31 -28.30 -9.07
CA SER B 61 57.02 -28.93 -8.79
C SER B 61 56.33 -29.39 -10.06
N GLN B 62 56.43 -28.62 -11.14
CA GLN B 62 55.88 -29.04 -12.43
C GLN B 62 56.59 -30.28 -12.98
N GLU B 63 57.92 -30.35 -12.83
CA GLU B 63 58.69 -31.54 -13.25
C GLU B 63 58.25 -32.76 -12.42
N PHE B 64 58.05 -32.53 -11.12
CA PHE B 64 57.54 -33.56 -10.20
C PHE B 64 56.17 -34.06 -10.62
N ALA B 65 55.25 -33.11 -10.86
CA ALA B 65 53.89 -33.43 -11.25
C ALA B 65 53.82 -34.19 -12.58
N GLU B 66 54.65 -33.82 -13.57
CA GLU B 66 54.67 -34.57 -14.84
C GLU B 66 55.23 -35.98 -14.63
N ALA B 67 56.31 -36.11 -13.87
CA ALA B 67 56.92 -37.43 -13.64
C ALA B 67 55.92 -38.39 -12.95
N TRP B 68 55.37 -37.98 -11.82
CA TRP B 68 54.49 -38.88 -11.05
C TRP B 68 53.15 -39.00 -11.71
N GLY B 69 52.71 -37.91 -12.35
CA GLY B 69 51.45 -37.87 -13.07
C GLY B 69 51.42 -38.80 -14.28
N GLN B 70 52.45 -38.74 -15.11
CA GLN B 70 52.54 -39.64 -16.26
C GLN B 70 52.77 -41.09 -15.83
N LYS B 71 53.50 -41.32 -14.73
CA LYS B 71 53.66 -42.67 -14.20
C LYS B 71 52.31 -43.22 -13.71
N ALA B 72 51.59 -42.42 -12.92
CA ALA B 72 50.23 -42.79 -12.45
C ALA B 72 49.31 -43.18 -13.63
N LYS B 73 49.37 -42.44 -14.72
CA LYS B 73 48.58 -42.79 -15.91
C LYS B 73 49.03 -44.09 -16.54
N GLU B 74 50.34 -44.21 -16.73
CA GLU B 74 50.91 -45.39 -17.40
C GLU B 74 50.53 -46.70 -16.69
N LEU B 75 50.58 -46.69 -15.36
CA LEU B 75 50.33 -47.88 -14.57
C LEU B 75 48.85 -48.12 -14.26
N TYR B 76 48.10 -47.03 -14.05
CA TYR B 76 46.77 -47.13 -13.42
C TYR B 76 45.59 -46.55 -14.20
N GLU B 77 45.81 -45.97 -15.38
CA GLU B 77 44.71 -45.29 -16.11
C GLU B 77 43.45 -46.14 -16.25
N PRO B 78 43.59 -47.41 -16.70
CA PRO B 78 42.39 -48.22 -16.90
C PRO B 78 41.74 -48.80 -15.63
N ILE B 79 42.42 -48.74 -14.48
CA ILE B 79 41.99 -49.47 -13.26
C ILE B 79 41.77 -48.66 -11.96
N TRP B 80 42.32 -47.44 -11.86
CA TRP B 80 42.26 -46.67 -10.59
C TRP B 80 40.83 -46.43 -10.04
N GLN B 81 39.87 -46.26 -10.95
CA GLN B 81 38.46 -46.00 -10.59
C GLN B 81 37.75 -47.21 -9.99
N GLN B 82 38.31 -48.42 -10.15
CA GLN B 82 37.76 -49.65 -9.52
C GLN B 82 38.50 -50.13 -8.26
N PHE B 83 39.54 -49.40 -7.80
CA PHE B 83 40.24 -49.77 -6.57
C PHE B 83 39.27 -49.77 -5.38
N THR B 84 39.49 -50.70 -4.47
CA THR B 84 38.64 -50.93 -3.28
C THR B 84 38.81 -49.86 -2.18
N ASP B 85 39.99 -49.21 -2.14
CA ASP B 85 40.31 -48.22 -1.11
C ASP B 85 39.87 -46.87 -1.69
N PRO B 86 38.84 -46.23 -1.09
CA PRO B 86 38.36 -44.92 -1.60
C PRO B 86 39.37 -43.76 -1.52
N GLN B 87 40.24 -43.76 -0.49
CA GLN B 87 41.34 -42.79 -0.38
C GLN B 87 42.34 -42.96 -1.51
N LEU B 88 42.71 -44.21 -1.76
CA LEU B 88 43.66 -44.52 -2.83
C LEU B 88 43.12 -44.07 -4.19
N ARG B 89 41.81 -44.27 -4.42
CA ARG B 89 41.17 -43.80 -5.64
C ARG B 89 41.36 -42.29 -5.82
N ARG B 90 41.14 -41.55 -4.74
CA ARG B 90 41.21 -40.10 -4.77
C ARG B 90 42.66 -39.60 -4.85
N ILE B 91 43.58 -40.31 -4.21
CA ILE B 91 45.01 -40.00 -4.34
C ILE B 91 45.45 -40.13 -5.79
N ILE B 92 45.15 -41.26 -6.43
CA ILE B 92 45.52 -41.42 -7.84
C ILE B 92 44.82 -40.42 -8.75
N GLY B 93 43.54 -40.15 -8.50
CA GLY B 93 42.80 -39.11 -9.23
C GLY B 93 43.47 -37.73 -9.20
N ALA B 94 43.97 -37.34 -8.03
CA ALA B 94 44.72 -36.08 -7.84
C ALA B 94 46.06 -36.11 -8.60
N VAL B 95 46.82 -37.19 -8.44
CA VAL B 95 48.14 -37.31 -9.05
C VAL B 95 48.09 -37.31 -10.58
N ARG B 96 47.05 -37.89 -11.20
CA ARG B 96 46.98 -37.91 -12.67
C ARG B 96 46.63 -36.55 -13.32
N THR B 97 46.22 -35.59 -12.50
CA THR B 97 45.94 -34.22 -12.94
C THR B 97 47.22 -33.39 -12.93
N LEU B 98 47.69 -33.03 -14.11
CA LEU B 98 49.01 -32.36 -14.27
C LEU B 98 48.94 -30.84 -14.17
N GLY B 99 47.81 -30.24 -14.54
CA GLY B 99 47.66 -28.77 -14.56
C GLY B 99 48.70 -28.10 -15.44
N SER B 100 49.38 -27.10 -14.89
CA SER B 100 50.42 -26.34 -15.58
C SER B 100 51.63 -27.19 -16.01
N ALA B 101 51.80 -28.36 -15.39
CA ALA B 101 52.84 -29.31 -15.81
C ALA B 101 52.62 -29.89 -17.20
N ASN B 102 51.42 -29.74 -17.78
CA ASN B 102 51.20 -30.08 -19.20
C ASN B 102 51.85 -29.13 -20.19
N LEU B 103 52.20 -27.93 -19.73
CA LEU B 103 52.85 -26.96 -20.60
C LEU B 103 54.29 -27.41 -20.87
N PRO B 104 54.81 -27.12 -22.09
CA PRO B 104 56.24 -27.25 -22.32
C PRO B 104 57.02 -26.17 -21.57
N LEU B 105 58.32 -26.43 -21.38
CA LEU B 105 59.20 -25.58 -20.58
C LEU B 105 59.01 -24.05 -20.76
N ALA B 106 59.05 -23.57 -22.00
CA ALA B 106 58.96 -22.09 -22.24
C ALA B 106 57.67 -21.52 -21.67
N LYS B 107 56.57 -22.24 -21.88
CA LYS B 107 55.27 -21.82 -21.36
C LYS B 107 55.12 -22.01 -19.85
N ARG B 108 55.80 -23.00 -19.27
CA ARG B 108 55.87 -23.10 -17.81
C ARG B 108 56.57 -21.89 -17.23
N GLN B 109 57.72 -21.56 -17.78
CA GLN B 109 58.47 -20.39 -17.36
C GLN B 109 57.65 -19.10 -17.46
N GLN B 110 56.93 -18.95 -18.58
CA GLN B 110 56.10 -17.79 -18.82
C GLN B 110 54.94 -17.74 -17.80
N TYR B 111 54.30 -18.89 -17.59
CA TYR B 111 53.19 -19.02 -16.65
C TYR B 111 53.63 -18.65 -15.23
N ASN B 112 54.73 -19.24 -14.79
CA ASN B 112 55.24 -18.95 -13.44
C ASN B 112 55.65 -17.48 -13.28
N ALA B 113 56.26 -16.89 -14.31
CA ALA B 113 56.63 -15.47 -14.24
C ALA B 113 55.40 -14.55 -14.16
N LEU B 114 54.37 -14.87 -14.93
CA LEU B 114 53.08 -14.16 -14.87
C LEU B 114 52.48 -14.14 -13.47
N LEU B 115 52.44 -15.30 -12.82
CA LEU B 115 51.96 -15.39 -11.45
C LEU B 115 52.77 -14.47 -10.52
N SER B 116 54.10 -14.47 -10.67
CA SER B 116 54.95 -13.61 -9.83
C SER B 116 54.69 -12.15 -10.09
N GLN B 117 54.64 -11.78 -11.38
CA GLN B 117 54.48 -10.39 -11.78
C GLN B 117 53.09 -9.85 -11.43
N MET B 118 52.06 -10.65 -11.62
CA MET B 118 50.71 -10.23 -11.19
C MET B 118 50.64 -10.04 -9.68
N SER B 119 51.25 -10.94 -8.91
CA SER B 119 51.28 -10.81 -7.46
C SER B 119 51.99 -9.52 -7.04
N ARG B 120 53.14 -9.24 -7.64
CA ARG B 120 53.90 -8.05 -7.30
C ARG B 120 53.12 -6.78 -7.60
N ILE B 121 52.50 -6.71 -8.78
CA ILE B 121 51.78 -5.51 -9.15
C ILE B 121 50.66 -5.24 -8.15
N TYR B 122 49.87 -6.27 -7.84
CA TYR B 122 48.75 -6.10 -6.93
C TYR B 122 49.23 -5.64 -5.56
N SER B 123 50.21 -6.35 -5.00
CA SER B 123 50.62 -6.14 -3.61
C SER B 123 51.61 -4.99 -3.41
N THR B 124 52.16 -4.41 -4.48
CA THR B 124 53.01 -3.23 -4.34
C THR B 124 52.41 -1.95 -4.94
N ALA B 125 51.19 -2.01 -5.48
CA ALA B 125 50.59 -0.84 -6.08
C ALA B 125 50.30 0.22 -5.00
N LYS B 126 50.47 1.49 -5.35
CA LYS B 126 50.28 2.60 -4.40
C LYS B 126 49.45 3.67 -5.07
N VAL B 127 48.80 4.50 -4.27
CA VAL B 127 48.10 5.68 -4.76
C VAL B 127 48.86 6.88 -4.21
N CYS B 128 49.41 7.70 -5.11
CA CYS B 128 50.21 8.87 -4.69
C CYS B 128 49.39 10.17 -4.74
N LEU B 129 49.64 11.05 -3.77
CA LEU B 129 48.73 12.15 -3.42
C LEU B 129 48.86 13.37 -4.35
N THR B 133 52.83 15.83 -3.81
CA THR B 133 53.54 14.58 -4.04
C THR B 133 54.49 14.26 -2.87
N ALA B 134 53.94 13.62 -1.83
CA ALA B 134 54.69 13.15 -0.65
C ALA B 134 54.71 11.61 -0.59
N THR B 135 54.35 10.98 0.54
CA THR B 135 54.34 9.51 0.64
C THR B 135 53.08 8.95 -0.04
N CYS B 136 53.18 7.74 -0.56
CA CYS B 136 52.07 7.12 -1.26
C CYS B 136 51.31 6.17 -0.34
N TRP B 137 50.03 6.03 -0.60
CA TRP B 137 49.14 5.23 0.21
C TRP B 137 49.10 3.78 -0.30
N SER B 138 49.29 2.83 0.61
CA SER B 138 49.13 1.41 0.30
C SER B 138 47.66 1.02 0.47
N LEU B 139 47.26 -0.09 -0.14
CA LEU B 139 45.90 -0.63 0.03
C LEU B 139 45.60 -0.90 1.50
N ASP B 140 46.55 -1.59 2.14
CA ASP B 140 46.42 -2.02 3.52
C ASP B 140 47.64 -1.50 4.27
N PRO B 141 47.52 -0.58 5.24
CA PRO B 141 46.26 -0.12 5.87
C PRO B 141 45.57 1.11 5.25
N ASP B 142 46.24 1.83 4.37
CA ASP B 142 45.88 3.25 4.15
C ASP B 142 44.55 3.43 3.44
N LEU B 143 44.42 2.84 2.26
CA LEU B 143 43.20 2.99 1.47
C LEU B 143 42.03 2.25 2.14
N THR B 144 42.31 1.10 2.74
CA THR B 144 41.33 0.35 3.56
C THR B 144 40.71 1.24 4.64
N ASN B 145 41.56 1.98 5.36
CA ASN B 145 41.08 2.86 6.43
C ASN B 145 40.24 4.03 5.89
N ILE B 146 40.68 4.60 4.78
CA ILE B 146 39.93 5.67 4.09
C ILE B 146 38.53 5.18 3.69
N LEU B 147 38.48 4.07 2.96
CA LEU B 147 37.20 3.49 2.55
C LEU B 147 36.28 3.16 3.74
N ALA B 148 36.85 2.68 4.85
CA ALA B 148 36.07 2.35 6.05
C ALA B 148 35.58 3.59 6.84
N SER B 149 36.41 4.63 6.91
CA SER B 149 36.24 5.76 7.87
C SER B 149 35.86 7.10 7.25
N SER B 150 36.38 7.43 6.09
CA SER B 150 36.09 8.73 5.50
C SER B 150 34.63 8.79 5.04
N ARG B 151 34.01 9.94 5.29
CA ARG B 151 32.68 10.23 4.80
C ARG B 151 32.72 11.47 3.91
N SER B 152 33.90 11.75 3.36
CA SER B 152 34.08 12.76 2.33
C SER B 152 33.96 12.09 0.95
N TYR B 153 32.97 12.51 0.16
CA TYR B 153 32.73 11.88 -1.15
C TYR B 153 33.98 11.95 -2.04
N ALA B 154 34.63 13.09 -2.07
CA ALA B 154 35.80 13.33 -2.89
C ALA B 154 37.01 12.50 -2.45
N MET B 155 37.16 12.32 -1.15
CA MET B 155 38.31 11.56 -0.63
C MET B 155 38.13 10.07 -0.95
N LEU B 156 36.92 9.58 -0.71
CA LEU B 156 36.56 8.20 -1.05
C LEU B 156 36.79 7.95 -2.53
N LEU B 157 36.36 8.88 -3.36
CA LEU B 157 36.52 8.77 -4.82
C LEU B 157 37.98 8.71 -5.24
N PHE B 158 38.79 9.60 -4.65
CA PHE B 158 40.23 9.62 -4.93
C PHE B 158 40.89 8.27 -4.60
N ALA B 159 40.53 7.71 -3.44
CA ALA B 159 41.01 6.39 -3.04
C ALA B 159 40.50 5.27 -3.99
N TRP B 160 39.21 5.29 -4.30
CA TRP B 160 38.60 4.24 -5.16
C TRP B 160 39.20 4.24 -6.55
N GLU B 161 39.21 5.41 -7.16
CA GLU B 161 39.72 5.57 -8.52
C GLU B 161 41.23 5.34 -8.55
N GLY B 162 41.95 5.94 -7.59
CA GLY B 162 43.37 5.72 -7.48
C GLY B 162 43.76 4.25 -7.47
N TRP B 163 43.13 3.49 -6.59
CA TRP B 163 43.43 2.06 -6.45
C TRP B 163 43.09 1.29 -7.72
N HIS B 164 41.87 1.48 -8.23
CA HIS B 164 41.44 0.70 -9.40
C HIS B 164 42.34 0.93 -10.60
N ASN B 165 42.75 2.20 -10.81
CA ASN B 165 43.67 2.52 -11.90
C ASN B 165 45.07 1.98 -11.64
N ALA B 166 45.56 2.09 -10.40
CA ALA B 166 46.93 1.67 -10.10
C ALA B 166 47.14 0.16 -10.21
N ALA B 167 46.20 -0.62 -9.67
CA ALA B 167 46.29 -2.08 -9.71
C ALA B 167 45.82 -2.65 -11.05
N GLY B 168 44.67 -2.17 -11.53
CA GLY B 168 43.98 -2.80 -12.67
C GLY B 168 44.65 -2.62 -14.02
N ILE B 169 45.01 -1.37 -14.33
CA ILE B 169 45.51 -1.03 -15.68
C ILE B 169 46.75 -1.85 -16.05
N PRO B 170 47.78 -1.88 -15.20
CA PRO B 170 48.95 -2.67 -15.61
C PRO B 170 48.75 -4.20 -15.58
N LEU B 171 47.75 -4.71 -14.89
CA LEU B 171 47.51 -6.17 -14.83
C LEU B 171 46.91 -6.74 -16.12
N LYS B 172 46.16 -5.95 -16.86
CA LYS B 172 45.35 -6.52 -17.95
C LYS B 172 46.17 -7.33 -18.96
N PRO B 173 47.28 -6.77 -19.49
CA PRO B 173 48.01 -7.58 -20.49
C PRO B 173 48.53 -8.93 -19.94
N LEU B 174 48.98 -8.92 -18.70
CA LEU B 174 49.44 -10.14 -18.01
C LEU B 174 48.32 -11.15 -17.85
N TYR B 175 47.17 -10.66 -17.39
CA TYR B 175 46.01 -11.52 -17.15
C TYR B 175 45.50 -12.20 -18.42
N GLU B 176 45.57 -11.50 -19.56
CA GLU B 176 45.19 -12.11 -20.85
C GLU B 176 46.11 -13.28 -21.16
N ASP B 177 47.40 -13.09 -20.92
CA ASP B 177 48.41 -14.12 -21.18
C ASP B 177 48.27 -15.29 -20.24
N PHE B 178 48.03 -14.99 -18.97
CA PHE B 178 47.76 -16.02 -17.97
C PHE B 178 46.57 -16.91 -18.37
N THR B 179 45.46 -16.27 -18.72
CA THR B 179 44.23 -16.98 -19.05
C THR B 179 44.45 -17.98 -20.17
N ALA B 180 45.10 -17.53 -21.25
CA ALA B 180 45.39 -18.41 -22.38
C ALA B 180 46.24 -19.62 -21.98
N LEU B 181 47.34 -19.39 -21.24
CA LEU B 181 48.21 -20.48 -20.79
C LEU B 181 47.53 -21.45 -19.82
N SER B 182 46.75 -20.91 -18.88
CA SER B 182 46.02 -21.74 -17.94
C SER B 182 45.05 -22.67 -18.72
N ASN B 183 44.29 -22.11 -19.65
CA ASN B 183 43.37 -22.91 -20.48
C ASN B 183 44.08 -23.99 -21.29
N GLU B 184 45.21 -23.64 -21.91
CA GLU B 184 46.01 -24.61 -22.66
C GLU B 184 46.51 -25.77 -21.76
N ALA B 185 46.87 -25.46 -20.53
CA ALA B 185 47.31 -26.47 -19.55
C ALA B 185 46.18 -27.44 -19.16
N TYR B 186 45.05 -26.88 -18.74
CA TYR B 186 43.96 -27.72 -18.26
C TYR B 186 43.19 -28.44 -19.37
N LYS B 187 43.28 -27.94 -20.60
CA LYS B 187 42.66 -28.60 -21.75
C LYS B 187 43.28 -30.00 -21.97
N GLN B 188 44.58 -30.12 -21.69
CA GLN B 188 45.26 -31.41 -21.79
C GLN B 188 44.97 -32.39 -20.63
N ASP B 189 44.32 -31.91 -19.57
CA ASP B 189 43.75 -32.80 -18.55
C ASP B 189 42.30 -33.18 -18.89
N GLY B 190 41.80 -32.80 -20.07
CA GLY B 190 40.43 -33.13 -20.50
C GLY B 190 39.33 -32.13 -20.16
N PHE B 191 39.68 -30.97 -19.62
CA PHE B 191 38.68 -29.95 -19.28
C PHE B 191 38.50 -28.96 -20.40
N THR B 192 37.27 -28.50 -20.61
CA THR B 192 37.00 -27.54 -21.67
C THR B 192 37.74 -26.19 -21.44
N ASP B 193 37.88 -25.79 -20.18
CA ASP B 193 38.67 -24.62 -19.81
C ASP B 193 38.96 -24.67 -18.32
N THR B 194 39.78 -23.75 -17.84
CA THR B 194 40.18 -23.76 -16.42
C THR B 194 38.97 -23.65 -15.47
N GLY B 195 37.95 -22.92 -15.89
CA GLY B 195 36.74 -22.76 -15.10
C GLY B 195 36.02 -24.08 -14.86
N ALA B 196 35.92 -24.91 -15.90
CA ALA B 196 35.39 -26.28 -15.74
C ALA B 196 36.19 -27.10 -14.72
N TYR B 197 37.51 -26.97 -14.73
CA TYR B 197 38.37 -27.65 -13.76
C TYR B 197 38.05 -27.15 -12.33
N TRP B 198 38.01 -25.82 -12.14
CA TRP B 198 37.72 -25.29 -10.82
C TRP B 198 36.34 -25.76 -10.32
N ARG B 199 35.35 -25.77 -11.20
CA ARG B 199 34.01 -26.24 -10.83
C ARG B 199 33.93 -27.74 -10.50
N SER B 200 34.76 -28.57 -11.17
CA SER B 200 34.85 -30.03 -10.93
C SER B 200 35.13 -30.40 -9.47
N TRP B 201 35.75 -29.50 -8.70
CA TRP B 201 36.02 -29.73 -7.29
C TRP B 201 34.79 -29.94 -6.43
N TYR B 202 33.63 -29.45 -6.88
CA TYR B 202 32.39 -29.61 -6.14
C TYR B 202 31.65 -30.89 -6.50
N ASN B 203 32.16 -31.67 -7.45
CA ASN B 203 31.66 -33.02 -7.69
C ASN B 203 30.12 -33.01 -7.84
N SER B 204 29.62 -32.15 -8.71
CA SER B 204 28.17 -31.95 -8.86
C SER B 204 27.82 -31.51 -10.30
N PRO B 205 27.11 -32.36 -11.06
CA PRO B 205 26.84 -32.02 -12.46
C PRO B 205 25.85 -30.86 -12.64
N THR B 206 25.17 -30.48 -11.56
CA THR B 206 24.21 -29.42 -11.56
C THR B 206 24.64 -28.19 -10.69
N PHE B 207 25.95 -28.07 -10.44
CA PHE B 207 26.53 -27.01 -9.56
C PHE B 207 26.02 -25.60 -9.89
N GLU B 208 26.12 -25.22 -11.15
CA GLU B 208 25.72 -23.87 -11.56
C GLU B 208 24.22 -23.62 -11.42
N ASP B 209 23.39 -24.58 -11.82
CA ASP B 209 21.95 -24.46 -11.58
C ASP B 209 21.61 -24.36 -10.11
N ASP B 210 22.28 -25.16 -9.29
CA ASP B 210 22.04 -25.17 -7.85
C ASP B 210 22.42 -23.82 -7.19
N LEU B 211 23.57 -23.25 -7.59
CA LEU B 211 23.95 -21.91 -7.13
C LEU B 211 22.93 -20.84 -7.53
N GLU B 212 22.42 -20.91 -8.77
CA GLU B 212 21.46 -19.92 -9.25
C GLU B 212 20.17 -20.01 -8.47
N HIS B 213 19.72 -21.22 -8.18
CA HIS B 213 18.52 -21.41 -7.33
C HIS B 213 18.72 -20.87 -5.92
N LEU B 214 19.93 -21.04 -5.36
CA LEU B 214 20.24 -20.47 -4.04
C LEU B 214 20.14 -18.96 -4.12
N TYR B 215 20.77 -18.37 -5.13
CA TYR B 215 20.76 -16.92 -5.22
C TYR B 215 19.34 -16.32 -5.38
N GLN B 216 18.46 -17.01 -6.12
CA GLN B 216 17.07 -16.58 -6.25
C GLN B 216 16.38 -16.45 -4.88
N GLN B 217 16.66 -17.36 -3.94
CA GLN B 217 16.06 -17.28 -2.60
C GLN B 217 16.64 -16.13 -1.77
N LEU B 218 17.90 -15.80 -2.02
CA LEU B 218 18.60 -14.77 -1.26
C LEU B 218 18.42 -13.36 -1.78
N GLU B 219 18.21 -13.24 -3.09
CA GLU B 219 18.12 -11.91 -3.74
C GLU B 219 17.16 -10.92 -3.07
N PRO B 220 15.93 -11.35 -2.70
CA PRO B 220 15.04 -10.38 -2.05
C PRO B 220 15.62 -9.78 -0.77
N LEU B 221 16.38 -10.58 -0.03
CA LEU B 221 17.03 -10.07 1.18
C LEU B 221 18.03 -9.00 0.83
N TYR B 222 18.82 -9.23 -0.22
CA TYR B 222 19.77 -8.21 -0.66
C TYR B 222 19.07 -6.95 -1.18
N LEU B 223 18.05 -7.12 -2.02
CA LEU B 223 17.35 -5.97 -2.60
C LEU B 223 16.82 -5.04 -1.51
N ASN B 224 16.27 -5.61 -0.44
CA ASN B 224 15.73 -4.81 0.66
C ASN B 224 16.83 -4.13 1.49
N LEU B 225 17.91 -4.86 1.78
CA LEU B 225 19.10 -4.26 2.43
C LEU B 225 19.63 -3.11 1.61
N HIS B 226 19.78 -3.35 0.31
CA HIS B 226 20.26 -2.35 -0.62
C HIS B 226 19.41 -1.06 -0.61
N ALA B 227 18.10 -1.20 -0.72
CA ALA B 227 17.19 -0.04 -0.75
C ALA B 227 17.27 0.78 0.55
N PHE B 228 17.33 0.10 1.68
CA PHE B 228 17.40 0.71 3.01
C PHE B 228 18.71 1.49 3.17
N VAL B 229 19.82 0.88 2.77
CA VAL B 229 21.13 1.51 2.84
C VAL B 229 21.27 2.70 1.89
N ARG B 230 20.75 2.53 0.67
CA ARG B 230 20.75 3.63 -0.33
C ARG B 230 20.01 4.86 0.21
N ARG B 231 18.92 4.64 0.93
CA ARG B 231 18.14 5.73 1.53
C ARG B 231 18.99 6.46 2.57
N ALA B 232 19.70 5.69 3.39
CA ALA B 232 20.62 6.25 4.39
C ALA B 232 21.75 7.05 3.74
N LEU B 233 22.32 6.53 2.66
CA LEU B 233 23.35 7.26 1.90
C LEU B 233 22.81 8.55 1.25
N HIS B 234 21.56 8.51 0.80
CA HIS B 234 20.91 9.68 0.27
C HIS B 234 20.77 10.83 1.33
N ARG B 235 20.44 10.49 2.57
CA ARG B 235 20.38 11.48 3.67
C ARG B 235 21.76 12.10 3.91
N ARG B 236 22.81 11.28 3.86
CA ARG B 236 24.17 11.76 4.05
C ARG B 236 24.74 12.55 2.85
N TYR B 237 24.72 11.96 1.67
CA TYR B 237 25.43 12.53 0.52
C TYR B 237 24.53 13.38 -0.37
N GLY B 238 23.22 13.21 -0.27
CA GLY B 238 22.27 14.05 -0.98
C GLY B 238 21.92 13.58 -2.37
N ASP B 239 20.92 14.24 -2.92
CA ASP B 239 20.31 13.90 -4.20
C ASP B 239 21.24 14.00 -5.41
N ARG B 240 22.25 14.84 -5.32
CA ARG B 240 23.26 14.94 -6.37
C ARG B 240 24.04 13.64 -6.58
N TYR B 241 24.37 12.96 -5.50
CA TYR B 241 25.27 11.81 -5.55
C TYR B 241 24.60 10.47 -5.37
N ILE B 242 23.35 10.46 -4.91
CA ILE B 242 22.61 9.24 -4.71
C ILE B 242 21.29 9.40 -5.44
N ASN B 243 21.03 8.41 -6.28
CA ASN B 243 19.80 8.29 -7.05
C ASN B 243 18.99 7.21 -6.40
N LEU B 244 17.85 7.57 -5.80
CA LEU B 244 17.00 6.62 -5.11
C LEU B 244 16.39 5.54 -6.01
N ARG B 245 16.52 5.65 -7.32
CA ARG B 245 16.07 4.62 -8.23
C ARG B 245 17.19 4.08 -9.13
N GLY B 246 18.44 4.32 -8.72
CA GLY B 246 19.60 3.92 -9.48
C GLY B 246 20.61 3.14 -8.66
N PRO B 247 21.68 2.66 -9.31
CA PRO B 247 22.71 1.94 -8.57
C PRO B 247 23.46 2.86 -7.59
N ILE B 248 23.97 2.28 -6.51
CA ILE B 248 24.74 3.02 -5.51
C ILE B 248 26.15 3.22 -6.06
N PRO B 249 26.73 4.44 -5.94
CA PRO B 249 28.14 4.57 -6.29
C PRO B 249 29.06 3.63 -5.49
N ALA B 250 30.00 2.96 -6.19
CA ALA B 250 30.67 1.78 -5.66
C ALA B 250 31.70 2.05 -4.55
N HIS B 251 31.93 3.32 -4.23
CA HIS B 251 32.95 3.73 -3.27
C HIS B 251 32.36 4.16 -1.92
N LEU B 252 31.04 4.08 -1.77
CA LEU B 252 30.38 4.64 -0.56
C LEU B 252 29.98 3.62 0.50
N LEU B 253 30.38 2.36 0.34
CA LEU B 253 29.82 1.29 1.16
C LEU B 253 30.77 0.71 2.20
N GLY B 254 31.89 1.37 2.41
CA GLY B 254 32.78 1.10 3.51
C GLY B 254 33.95 0.21 3.18
N ASP B 255 34.02 -0.22 1.92
CA ASP B 255 34.91 -1.28 1.49
C ASP B 255 35.31 -1.02 0.04
N MET B 256 36.56 -1.33 -0.32
CA MET B 256 37.08 -0.98 -1.65
C MET B 256 36.27 -1.67 -2.76
N TRP B 257 35.71 -2.83 -2.48
CA TRP B 257 34.97 -3.63 -3.45
C TRP B 257 33.47 -3.59 -3.20
N ALA B 258 33.04 -2.79 -2.22
CA ALA B 258 31.64 -2.77 -1.78
C ALA B 258 31.14 -4.17 -1.45
N GLN B 259 32.04 -5.03 -0.98
CA GLN B 259 31.72 -6.44 -0.79
C GLN B 259 31.11 -6.73 0.56
N SER B 260 31.42 -5.92 1.54
CA SER B 260 30.66 -5.96 2.76
C SER B 260 30.62 -4.58 3.36
N TRP B 261 29.50 -4.29 4.01
CA TRP B 261 29.13 -2.93 4.32
C TRP B 261 29.14 -2.60 5.82
N GLU B 262 29.73 -3.48 6.63
CA GLU B 262 29.77 -3.25 8.08
C GLU B 262 30.39 -1.91 8.51
N ASN B 263 31.32 -1.36 7.72
CA ASN B 263 31.93 -0.07 8.06
C ASN B 263 31.04 1.16 7.97
N ILE B 264 29.87 1.06 7.34
CA ILE B 264 28.87 2.14 7.37
C ILE B 264 27.72 1.86 8.33
N TYR B 265 27.92 0.92 9.27
CA TYR B 265 26.92 0.61 10.29
C TYR B 265 26.47 1.87 11.04
N ASP B 266 27.41 2.74 11.37
CA ASP B 266 27.08 3.97 12.12
C ASP B 266 26.13 4.93 11.37
N MET B 267 26.09 4.84 10.03
CA MET B 267 25.18 5.63 9.22
C MET B 267 23.78 5.04 9.06
N VAL B 268 23.66 3.72 9.18
CA VAL B 268 22.43 3.00 8.89
C VAL B 268 21.77 2.34 10.11
N VAL B 269 22.46 2.34 11.26
CA VAL B 269 21.97 1.69 12.48
C VAL B 269 20.50 2.07 12.76
N PRO B 270 19.60 1.08 12.77
CA PRO B 270 18.15 1.36 12.91
C PRO B 270 17.78 2.15 14.17
N PHE B 271 18.36 1.77 15.29
CA PHE B 271 18.09 2.39 16.58
C PHE B 271 19.39 2.92 17.19
N PRO B 272 19.80 4.15 16.78
CA PRO B 272 21.06 4.77 17.24
C PRO B 272 21.15 4.98 18.74
N ASP B 273 20.01 5.11 19.42
CA ASP B 273 19.97 5.34 20.88
C ASP B 273 20.52 4.16 21.70
N LYS B 274 20.43 2.94 21.15
CA LYS B 274 20.90 1.71 21.83
C LYS B 274 22.45 1.69 21.84
N PRO B 275 23.06 0.82 22.66
CA PRO B 275 24.54 0.86 22.73
C PRO B 275 25.22 0.23 21.50
N ASN B 276 26.42 0.73 21.24
CA ASN B 276 27.14 0.47 20.01
C ASN B 276 27.61 -0.98 19.89
N LEU B 277 27.08 -1.71 18.91
CA LEU B 277 27.45 -3.10 18.66
C LEU B 277 28.77 -3.31 17.95
N ASP B 278 29.36 -2.23 17.41
CA ASP B 278 30.70 -2.29 16.84
C ASP B 278 31.67 -1.96 17.95
N VAL B 279 32.45 -2.96 18.35
CA VAL B 279 33.33 -2.87 19.53
C VAL B 279 34.76 -2.41 19.21
N THR B 280 35.00 -1.93 17.99
CA THR B 280 36.34 -1.47 17.59
C THR B 280 36.91 -0.40 18.54
N SER B 281 36.11 0.61 18.86
CA SER B 281 36.57 1.69 19.75
C SER B 281 36.90 1.14 21.14
N THR B 282 36.16 0.14 21.61
CA THR B 282 36.49 -0.53 22.87
C THR B 282 37.80 -1.33 22.77
N MET B 283 38.01 -2.04 21.66
CA MET B 283 39.28 -2.77 21.46
C MET B 283 40.48 -1.82 21.50
N LEU B 284 40.35 -0.67 20.84
CA LEU B 284 41.40 0.35 20.83
C LEU B 284 41.59 0.95 22.23
N GLN B 285 40.50 1.28 22.90
CA GLN B 285 40.54 1.87 24.24
C GLN B 285 41.21 0.91 25.23
N GLN B 286 40.93 -0.39 25.10
CA GLN B 286 41.52 -1.40 25.97
C GLN B 286 42.94 -1.79 25.57
N GLY B 287 43.41 -1.35 24.41
CA GLY B 287 44.80 -1.59 23.98
C GLY B 287 45.02 -2.97 23.39
N TRP B 288 44.02 -3.55 22.74
CA TRP B 288 44.19 -4.85 22.08
C TRP B 288 45.23 -4.69 20.97
N GLN B 289 45.94 -5.78 20.68
CA GLN B 289 46.94 -5.84 19.62
C GLN B 289 46.74 -7.16 18.91
N ALA B 290 47.48 -7.39 17.81
CA ALA B 290 47.28 -8.61 17.02
C ALA B 290 47.40 -9.88 17.84
N THR B 291 48.44 -9.92 18.68
CA THR B 291 48.69 -11.10 19.52
C THR B 291 47.47 -11.46 20.42
N HIS B 292 46.85 -10.45 21.05
CA HIS B 292 45.63 -10.69 21.83
C HIS B 292 44.50 -11.27 20.99
N MET B 293 44.32 -10.71 19.80
CA MET B 293 43.27 -11.15 18.88
C MET B 293 43.47 -12.62 18.53
N PHE B 294 44.69 -13.01 18.21
CA PHE B 294 44.99 -14.40 17.90
C PHE B 294 44.83 -15.35 19.10
N ARG B 295 45.24 -14.91 20.29
CA ARG B 295 45.10 -15.74 21.49
C ARG B 295 43.65 -15.90 21.89
N VAL B 296 42.86 -14.84 21.75
CA VAL B 296 41.43 -14.90 22.04
C VAL B 296 40.72 -15.88 21.07
N ALA B 297 41.06 -15.79 19.79
CA ALA B 297 40.56 -16.75 18.78
C ALA B 297 40.92 -18.19 19.13
N GLU B 298 42.20 -18.43 19.41
CA GLU B 298 42.68 -19.75 19.82
C GLU B 298 41.89 -20.33 20.98
N GLU B 299 41.63 -19.49 21.98
CA GLU B 299 40.96 -19.94 23.20
C GLU B 299 39.53 -20.37 22.91
N PHE B 300 38.86 -19.74 21.93
CA PHE B 300 37.56 -20.25 21.46
C PHE B 300 37.73 -21.68 20.93
N PHE B 301 38.72 -21.92 20.09
CA PHE B 301 38.94 -23.27 19.54
C PHE B 301 39.21 -24.29 20.63
N THR B 302 40.10 -23.95 21.58
CA THR B 302 40.36 -24.87 22.70
C THR B 302 39.15 -25.04 23.63
N SER B 303 38.27 -24.04 23.72
CA SER B 303 37.03 -24.18 24.51
C SER B 303 36.16 -25.32 23.97
N LEU B 304 36.26 -25.56 22.66
CA LEU B 304 35.55 -26.65 22.02
C LEU B 304 36.33 -27.97 22.07
N GLU B 305 37.45 -28.00 22.80
CA GLU B 305 38.41 -29.10 22.73
C GLU B 305 38.95 -29.43 21.33
N LEU B 306 39.14 -28.38 20.54
CA LEU B 306 39.91 -28.48 19.31
C LEU B 306 41.33 -28.06 19.66
N SER B 307 42.23 -28.17 18.69
CA SER B 307 43.66 -28.02 18.95
C SER B 307 44.09 -26.58 19.15
N PRO B 308 45.01 -26.35 20.10
CA PRO B 308 45.62 -25.04 20.18
C PRO B 308 46.58 -24.87 19.00
N MET B 309 47.03 -23.65 18.76
CA MET B 309 48.02 -23.40 17.72
C MET B 309 49.37 -23.92 18.24
N PRO B 310 50.13 -24.66 17.40
CA PRO B 310 51.43 -25.16 17.85
C PRO B 310 52.52 -24.09 17.94
N PRO B 311 53.62 -24.37 18.69
CA PRO B 311 54.78 -23.47 18.74
C PRO B 311 55.26 -22.95 17.40
N GLU B 312 55.30 -23.82 16.40
CA GLU B 312 55.71 -23.47 15.03
C GLU B 312 54.82 -22.39 14.39
N PHE B 313 53.54 -22.38 14.73
CA PHE B 313 52.62 -21.33 14.33
C PHE B 313 53.01 -19.97 14.90
N TRP B 314 53.29 -19.93 16.20
CA TRP B 314 53.61 -18.65 16.86
C TRP B 314 54.97 -18.17 16.47
N GLU B 315 55.91 -19.09 16.26
CA GLU B 315 57.26 -18.70 15.89
C GLU B 315 57.36 -18.25 14.42
N GLY B 316 56.56 -18.85 13.55
CA GLY B 316 56.67 -18.62 12.10
C GLY B 316 55.75 -17.59 11.48
N SER B 317 54.61 -17.33 12.11
CA SER B 317 53.55 -16.55 11.47
C SER B 317 53.94 -15.08 11.36
N MET B 318 53.34 -14.38 10.39
CA MET B 318 53.47 -12.94 10.29
C MET B 318 52.13 -12.37 10.66
N LEU B 319 52.02 -11.79 11.86
CA LEU B 319 50.73 -11.31 12.38
C LEU B 319 50.53 -9.78 12.31
N GLU B 320 51.55 -9.06 11.87
CA GLU B 320 51.47 -7.62 11.66
C GLU B 320 52.23 -7.29 10.40
N LYS B 321 51.85 -6.20 9.75
CA LYS B 321 52.61 -5.68 8.62
C LYS B 321 54.02 -5.32 9.13
N PRO B 322 55.08 -5.81 8.47
CA PRO B 322 56.44 -5.44 8.89
C PRO B 322 56.67 -3.92 8.90
N ALA B 323 57.31 -3.43 9.95
CA ALA B 323 57.61 -2.01 10.13
C ALA B 323 58.92 -1.57 9.46
N ASP B 324 59.75 -2.53 9.01
CA ASP B 324 60.90 -2.23 8.14
C ASP B 324 60.44 -1.81 6.73
N GLY B 325 61.37 -1.68 5.78
CA GLY B 325 61.04 -1.19 4.43
C GLY B 325 60.56 -2.22 3.40
N ARG B 326 59.90 -3.27 3.87
CA ARG B 326 59.75 -4.51 3.12
C ARG B 326 58.36 -4.57 2.47
N GLU B 327 58.29 -4.95 1.20
CA GLU B 327 56.98 -5.15 0.55
C GLU B 327 56.48 -6.54 0.92
N VAL B 328 55.21 -6.65 1.31
CA VAL B 328 54.58 -7.93 1.59
C VAL B 328 53.24 -8.04 0.90
N VAL B 329 52.77 -9.27 0.72
CA VAL B 329 51.37 -9.51 0.33
C VAL B 329 50.56 -9.39 1.63
N CYS B 330 49.82 -8.30 1.77
CA CYS B 330 49.08 -8.08 2.99
C CYS B 330 47.80 -8.91 3.11
N HIS B 331 47.23 -9.36 2.00
CA HIS B 331 45.93 -10.06 2.02
C HIS B 331 46.01 -11.27 2.92
N ALA B 332 45.07 -11.40 3.85
CA ALA B 332 45.21 -12.43 4.90
C ALA B 332 45.13 -13.84 4.33
N SER B 333 45.97 -14.74 4.82
CA SER B 333 45.95 -16.12 4.33
C SER B 333 46.54 -17.11 5.35
N ALA B 334 46.15 -18.36 5.21
CA ALA B 334 46.57 -19.46 6.10
C ALA B 334 47.32 -20.50 5.30
N TRP B 335 48.40 -21.03 5.91
CA TRP B 335 49.42 -21.75 5.19
C TRP B 335 49.69 -23.10 5.82
N ASP B 336 49.58 -24.14 5.01
CA ASP B 336 50.00 -25.53 5.35
C ASP B 336 51.30 -25.83 4.56
N PHE B 337 52.39 -26.16 5.27
CA PHE B 337 53.66 -26.47 4.60
C PHE B 337 53.79 -27.94 4.18
N TYR B 338 52.78 -28.76 4.46
CA TYR B 338 52.74 -30.17 4.10
C TYR B 338 53.87 -31.01 4.69
N ASN B 339 54.44 -30.56 5.81
CA ASN B 339 55.40 -31.37 6.57
C ASN B 339 54.81 -31.82 7.91
N ARG B 340 53.50 -31.59 8.12
CA ARG B 340 52.80 -31.94 9.38
C ARG B 340 53.29 -31.20 10.62
N LYS B 341 54.08 -30.14 10.44
CA LYS B 341 54.66 -29.39 11.56
C LYS B 341 54.52 -27.88 11.44
N ASP B 342 54.81 -27.31 10.26
CA ASP B 342 54.70 -25.87 10.04
C ASP B 342 53.33 -25.48 9.45
N PHE B 343 52.67 -24.57 10.15
CA PHE B 343 51.38 -24.03 9.81
C PHE B 343 51.45 -22.57 10.24
N ARG B 344 51.03 -21.66 9.35
CA ARG B 344 51.20 -20.24 9.59
C ARG B 344 50.06 -19.40 9.05
N ILE B 345 49.86 -18.26 9.68
CA ILE B 345 49.01 -17.20 9.14
C ILE B 345 49.92 -16.02 8.77
N LYS B 346 49.59 -15.40 7.63
CA LYS B 346 50.21 -14.18 7.18
C LYS B 346 49.09 -13.16 7.06
N GLN B 347 49.04 -12.21 7.98
CA GLN B 347 47.98 -11.21 8.02
C GLN B 347 48.56 -9.90 8.56
N CYS B 348 48.27 -8.81 7.85
CA CYS B 348 48.63 -7.47 8.29
C CYS B 348 47.53 -6.94 9.21
N THR B 349 47.50 -7.51 10.40
CA THR B 349 46.37 -7.39 11.30
C THR B 349 46.23 -5.98 11.78
N ARG B 350 45.01 -5.44 11.67
CA ARG B 350 44.64 -4.18 12.26
C ARG B 350 43.67 -4.46 13.41
N VAL B 351 43.65 -3.54 14.37
CA VAL B 351 42.79 -3.69 15.54
C VAL B 351 41.38 -3.14 15.28
N THR B 352 40.53 -4.00 14.71
CA THR B 352 39.11 -3.70 14.48
C THR B 352 38.28 -4.95 14.76
N MET B 353 36.98 -4.75 14.94
CA MET B 353 36.07 -5.86 15.13
C MET B 353 36.05 -6.78 13.92
N ASP B 354 36.02 -6.20 12.72
CA ASP B 354 36.02 -7.02 11.52
C ASP B 354 37.35 -7.83 11.34
N GLN B 355 38.47 -7.23 11.72
CA GLN B 355 39.73 -7.96 11.73
C GLN B 355 39.73 -9.11 12.72
N LEU B 356 39.04 -8.93 13.85
CA LEU B 356 38.87 -10.03 14.81
C LEU B 356 38.16 -11.21 14.15
N SER B 357 37.12 -10.93 13.35
CA SER B 357 36.47 -11.99 12.56
C SER B 357 37.40 -12.63 11.56
N THR B 358 38.21 -11.83 10.87
CA THR B 358 39.18 -12.35 9.93
C THR B 358 40.23 -13.25 10.60
N VAL B 359 40.65 -12.90 11.81
CA VAL B 359 41.53 -13.77 12.58
C VAL B 359 40.89 -15.14 12.78
N HIS B 360 39.61 -15.14 13.16
CA HIS B 360 38.89 -16.41 13.34
C HIS B 360 38.80 -17.18 12.05
N HIS B 361 38.50 -16.46 10.96
CA HIS B 361 38.45 -17.05 9.60
C HIS B 361 39.74 -17.78 9.24
N GLU B 362 40.86 -17.08 9.40
CA GLU B 362 42.16 -17.68 9.07
C GLU B 362 42.51 -18.82 10.01
N MET B 363 42.22 -18.67 11.30
CA MET B 363 42.52 -19.75 12.24
C MET B 363 41.63 -20.98 12.02
N GLY B 364 40.44 -20.81 11.44
CA GLY B 364 39.65 -21.96 10.96
C GLY B 364 40.40 -22.82 9.93
N HIS B 365 41.06 -22.18 8.97
CA HIS B 365 41.91 -22.91 8.02
C HIS B 365 43.01 -23.70 8.74
N ILE B 366 43.70 -23.04 9.67
CA ILE B 366 44.78 -23.70 10.41
C ILE B 366 44.24 -24.90 11.18
N GLN B 367 43.10 -24.74 11.84
CA GLN B 367 42.50 -25.85 12.56
C GLN B 367 42.25 -27.04 11.65
N TYR B 368 41.70 -26.77 10.45
CA TYR B 368 41.51 -27.82 9.46
C TYR B 368 42.85 -28.53 9.20
N TYR B 369 43.92 -27.75 8.94
CA TYR B 369 45.26 -28.31 8.69
C TYR B 369 45.75 -29.22 9.83
N LEU B 370 45.51 -28.79 11.07
CA LEU B 370 45.98 -29.53 12.26
C LEU B 370 45.22 -30.85 12.37
N GLN B 371 43.93 -30.80 12.10
CA GLN B 371 43.08 -31.98 12.22
C GLN B 371 43.29 -33.01 11.12
N TYR B 372 43.64 -32.59 9.90
CA TYR B 372 43.85 -33.57 8.85
C TYR B 372 45.32 -33.88 8.49
N LYS B 373 46.26 -33.43 9.33
CA LYS B 373 47.68 -33.55 9.01
C LYS B 373 48.18 -34.97 8.78
N ASP B 374 47.50 -35.98 9.34
CA ASP B 374 47.96 -37.36 9.19
C ASP B 374 47.28 -38.12 8.06
N LEU B 375 46.48 -37.43 7.27
CA LEU B 375 45.97 -38.02 6.05
C LEU B 375 47.07 -38.02 4.98
N PRO B 376 46.92 -38.91 3.98
CA PRO B 376 47.72 -38.79 2.78
C PRO B 376 47.69 -37.36 2.23
N VAL B 377 48.85 -36.88 1.79
CA VAL B 377 49.02 -35.48 1.42
C VAL B 377 47.98 -34.98 0.42
N SER B 378 47.62 -35.82 -0.56
CA SER B 378 46.61 -35.48 -1.60
C SER B 378 45.22 -35.20 -1.04
N LEU B 379 44.93 -35.72 0.17
CA LEU B 379 43.65 -35.58 0.87
C LEU B 379 43.63 -34.47 1.94
N ARG B 380 44.74 -33.73 2.07
CA ARG B 380 44.82 -32.63 3.01
C ARG B 380 44.20 -31.39 2.38
N ARG B 381 42.86 -31.42 2.30
CA ARG B 381 42.04 -30.43 1.61
C ARG B 381 40.71 -30.46 2.29
N GLY B 382 39.88 -29.44 2.06
CA GLY B 382 38.53 -29.43 2.61
C GLY B 382 37.67 -30.43 1.86
N ALA B 383 36.56 -30.86 2.47
CA ALA B 383 35.60 -31.71 1.77
C ALA B 383 35.21 -31.09 0.42
N ASN B 384 35.00 -29.79 0.44
CA ASN B 384 35.17 -28.97 -0.75
C ASN B 384 35.73 -27.60 -0.32
N PRO B 385 36.12 -26.73 -1.29
CA PRO B 385 36.76 -25.47 -0.85
C PRO B 385 35.87 -24.57 0.03
N GLY B 386 34.55 -24.61 -0.20
CA GLY B 386 33.59 -23.91 0.63
C GLY B 386 33.62 -24.30 2.10
N PHE B 387 33.87 -25.58 2.39
CA PHE B 387 33.99 -26.07 3.77
C PHE B 387 35.16 -25.37 4.46
N HIS B 388 36.27 -25.26 3.75
CA HIS B 388 37.47 -24.67 4.32
C HIS B 388 37.20 -23.22 4.71
N GLU B 389 36.50 -22.50 3.84
CA GLU B 389 36.16 -21.10 4.11
C GLU B 389 35.14 -20.88 5.23
N ALA B 390 34.35 -21.91 5.54
CA ALA B 390 33.25 -21.76 6.50
C ALA B 390 33.67 -21.92 7.96
N ILE B 391 34.74 -22.69 8.22
CA ILE B 391 35.02 -23.16 9.59
C ILE B 391 35.19 -21.99 10.56
N GLY B 392 36.12 -21.10 10.28
CA GLY B 392 36.37 -19.97 11.15
C GLY B 392 35.17 -19.02 11.26
N ASP B 393 34.46 -18.85 10.14
CA ASP B 393 33.29 -17.96 10.10
C ASP B 393 32.18 -18.45 11.05
N VAL B 394 32.03 -19.78 11.17
CA VAL B 394 31.05 -20.38 12.08
C VAL B 394 31.38 -19.98 13.51
N LEU B 395 32.65 -20.09 13.92
CA LEU B 395 33.01 -19.64 15.28
C LEU B 395 32.76 -18.13 15.47
N ALA B 396 33.13 -17.32 14.47
CA ALA B 396 32.92 -15.87 14.53
C ALA B 396 31.45 -15.47 14.63
N LEU B 397 30.54 -16.30 14.13
CA LEU B 397 29.10 -16.06 14.34
C LEU B 397 28.76 -16.10 15.86
N SER B 398 29.34 -17.06 16.57
CA SER B 398 29.17 -17.12 18.03
C SER B 398 29.86 -15.95 18.73
N VAL B 399 31.07 -15.59 18.29
CA VAL B 399 31.84 -14.49 18.89
C VAL B 399 31.14 -13.11 18.80
N SER B 400 30.48 -12.86 17.68
CA SER B 400 29.87 -11.59 17.40
C SER B 400 28.60 -11.29 18.23
N THR B 401 28.03 -12.31 18.86
CA THR B 401 26.78 -12.12 19.62
C THR B 401 27.07 -11.18 20.79
N PRO B 402 26.15 -10.23 21.07
CA PRO B 402 26.33 -9.33 22.23
C PRO B 402 26.65 -10.06 23.53
N GLU B 403 26.00 -11.20 23.78
CA GLU B 403 26.29 -11.98 25.00
C GLU B 403 27.75 -12.45 25.03
N HIS B 404 28.27 -12.96 23.90
CA HIS B 404 29.67 -13.37 23.90
C HIS B 404 30.64 -12.20 24.04
N LEU B 405 30.34 -11.12 23.34
CA LEU B 405 31.14 -9.90 23.42
C LEU B 405 31.22 -9.39 24.86
N HIS B 406 30.09 -9.48 25.56
CA HIS B 406 30.08 -9.16 26.98
C HIS B 406 30.99 -10.09 27.79
N LYS B 407 30.97 -11.40 27.49
CA LYS B 407 31.82 -12.37 28.18
C LYS B 407 33.32 -12.07 28.05
N ILE B 408 33.75 -11.54 26.91
CA ILE B 408 35.17 -11.23 26.68
C ILE B 408 35.54 -9.75 26.91
N GLY B 409 34.68 -9.00 27.60
CA GLY B 409 35.00 -7.67 28.08
C GLY B 409 34.84 -6.55 27.09
N LEU B 410 34.20 -6.81 25.94
CA LEU B 410 34.12 -5.85 24.83
C LEU B 410 32.78 -5.11 24.72
N LEU B 411 31.80 -5.44 25.56
CA LEU B 411 30.46 -4.83 25.48
C LEU B 411 29.77 -4.93 26.83
N ASP B 412 29.12 -3.86 27.28
CA ASP B 412 28.27 -3.97 28.48
C ASP B 412 27.01 -4.76 28.15
N ARG B 413 26.51 -5.53 29.12
CA ARG B 413 25.34 -6.40 28.94
C ARG B 413 24.22 -5.65 28.19
N VAL B 414 23.74 -6.24 27.10
CA VAL B 414 22.75 -5.59 26.24
C VAL B 414 21.38 -6.04 26.71
N THR B 415 20.44 -5.09 26.79
CA THR B 415 19.07 -5.44 27.12
C THR B 415 18.49 -6.25 25.97
N ASN B 416 17.97 -7.43 26.28
CA ASN B 416 17.44 -8.33 25.28
C ASN B 416 16.05 -7.86 24.81
N ASP B 417 16.01 -6.83 23.99
CA ASP B 417 14.76 -6.28 23.46
C ASP B 417 14.74 -6.30 21.93
N THR B 418 13.57 -6.02 21.37
CA THR B 418 13.31 -6.07 19.92
C THR B 418 14.26 -5.18 19.13
N GLU B 419 14.44 -3.94 19.60
CA GLU B 419 15.31 -2.98 18.94
C GLU B 419 16.78 -3.39 18.91
N SER B 420 17.29 -3.93 20.02
CA SER B 420 18.67 -4.43 20.09
C SER B 420 18.89 -5.62 19.14
N ASP B 421 17.89 -6.47 19.04
CA ASP B 421 17.89 -7.62 18.14
C ASP B 421 17.94 -7.18 16.66
N ILE B 422 17.14 -6.17 16.32
CA ILE B 422 17.14 -5.62 14.95
C ILE B 422 18.48 -4.98 14.62
N ASN B 423 19.02 -4.19 15.55
CA ASN B 423 20.34 -3.60 15.38
C ASN B 423 21.43 -4.64 15.07
N TYR B 424 21.48 -5.70 15.89
CA TYR B 424 22.47 -6.78 15.70
C TYR B 424 22.26 -7.47 14.35
N LEU B 425 21.02 -7.85 14.03
CA LEU B 425 20.76 -8.54 12.77
C LEU B 425 21.06 -7.64 11.56
N LEU B 426 20.79 -6.35 11.69
CA LEU B 426 21.13 -5.44 10.61
C LEU B 426 22.65 -5.39 10.43
N LYS B 427 23.37 -5.25 11.55
CA LYS B 427 24.83 -5.21 11.48
C LYS B 427 25.37 -6.48 10.82
N MET B 428 24.83 -7.63 11.22
CA MET B 428 25.23 -8.90 10.62
C MET B 428 24.84 -9.00 9.14
N ALA B 429 23.70 -8.41 8.76
CA ALA B 429 23.30 -8.37 7.35
C ALA B 429 24.28 -7.57 6.48
N LEU B 430 24.79 -6.47 7.02
CA LEU B 430 25.78 -5.65 6.30
C LEU B 430 27.04 -6.48 6.00
N GLU B 431 27.36 -7.42 6.89
CA GLU B 431 28.52 -8.30 6.73
C GLU B 431 28.21 -9.47 5.81
N LYS B 432 27.05 -10.10 5.99
CA LYS B 432 26.80 -11.40 5.39
C LYS B 432 25.90 -11.27 4.15
N ILE B 433 24.80 -10.53 4.26
CA ILE B 433 23.85 -10.41 3.13
C ILE B 433 24.43 -9.57 1.99
N ALA B 434 25.03 -8.43 2.32
CA ALA B 434 25.67 -7.58 1.31
C ALA B 434 26.73 -8.29 0.47
N PHE B 435 27.45 -9.24 1.08
CA PHE B 435 28.47 -10.03 0.36
C PHE B 435 27.92 -10.95 -0.71
N LEU B 436 26.71 -11.48 -0.49
CA LEU B 436 26.19 -12.56 -1.35
C LEU B 436 26.27 -12.28 -2.85
N PRO B 437 25.75 -11.13 -3.33
CA PRO B 437 25.89 -10.87 -4.78
C PRO B 437 27.34 -10.84 -5.26
N PHE B 438 28.25 -10.28 -4.47
CA PHE B 438 29.66 -10.22 -4.88
C PHE B 438 30.32 -11.61 -4.89
N GLY B 439 30.09 -12.40 -3.85
CA GLY B 439 30.54 -13.78 -3.80
C GLY B 439 30.06 -14.62 -4.96
N TYR B 440 28.86 -14.33 -5.45
CA TYR B 440 28.28 -15.04 -6.56
C TYR B 440 28.85 -14.56 -7.90
N LEU B 441 29.02 -13.25 -8.09
CA LEU B 441 29.39 -12.70 -9.39
C LEU B 441 30.87 -12.85 -9.82
N VAL B 442 31.82 -12.86 -8.89
CA VAL B 442 33.25 -12.81 -9.27
C VAL B 442 33.59 -13.99 -10.20
N ASP B 443 33.23 -15.20 -9.80
CA ASP B 443 33.51 -16.37 -10.68
C ASP B 443 32.54 -16.52 -11.86
N GLN B 444 31.35 -15.93 -11.80
CA GLN B 444 30.61 -15.77 -13.04
C GLN B 444 31.44 -14.98 -14.04
N TRP B 445 32.10 -13.92 -13.60
CA TRP B 445 32.95 -13.16 -14.48
C TRP B 445 34.11 -14.03 -14.97
N ARG B 446 34.80 -14.68 -14.04
CA ARG B 446 36.01 -15.42 -14.40
C ARG B 446 35.72 -16.67 -15.25
N TRP B 447 34.62 -17.36 -14.96
CA TRP B 447 34.21 -18.50 -15.77
C TRP B 447 33.93 -18.04 -17.20
N GLY B 448 33.30 -16.87 -17.37
CA GLY B 448 33.13 -16.30 -18.72
C GLY B 448 34.44 -15.97 -19.43
N VAL B 449 35.41 -15.45 -18.69
CA VAL B 449 36.72 -15.18 -19.26
C VAL B 449 37.40 -16.49 -19.68
N PHE B 450 37.42 -17.48 -18.78
CA PHE B 450 38.05 -18.74 -19.11
C PHE B 450 37.37 -19.47 -20.29
N SER B 451 36.05 -19.34 -20.41
CA SER B 451 35.31 -20.00 -21.51
C SER B 451 35.47 -19.29 -22.86
N GLY B 452 35.94 -18.04 -22.85
CA GLY B 452 36.01 -17.22 -24.06
C GLY B 452 34.75 -16.40 -24.32
N ARG B 453 33.69 -16.59 -23.54
CA ARG B 453 32.48 -15.76 -23.66
C ARG B 453 32.79 -14.27 -23.43
N THR B 454 33.76 -13.99 -22.56
CA THR B 454 34.29 -12.67 -22.28
C THR B 454 35.75 -12.55 -22.72
N PRO B 455 36.00 -12.06 -23.96
CA PRO B 455 37.36 -11.81 -24.43
C PRO B 455 37.95 -10.56 -23.76
N PRO B 456 39.26 -10.33 -23.91
CA PRO B 456 39.87 -9.10 -23.38
C PRO B 456 39.11 -7.80 -23.71
N SER B 457 38.55 -7.74 -24.92
CA SER B 457 37.83 -6.55 -25.35
C SER B 457 36.54 -6.28 -24.56
N ARG B 458 36.07 -7.24 -23.75
CA ARG B 458 34.94 -7.02 -22.84
C ARG B 458 35.20 -7.34 -21.36
N TYR B 459 36.46 -7.43 -20.92
CA TYR B 459 36.75 -7.67 -19.48
C TYR B 459 36.00 -6.69 -18.57
N ASN B 460 36.07 -5.39 -18.88
CA ASN B 460 35.50 -4.38 -17.97
C ASN B 460 34.01 -4.18 -18.19
N PHE B 461 33.60 -4.23 -19.46
CA PHE B 461 32.17 -4.17 -19.83
C PHE B 461 31.37 -5.28 -19.13
N ASP B 462 31.90 -6.51 -19.13
CA ASP B 462 31.25 -7.62 -18.50
C ASP B 462 31.32 -7.62 -16.99
N TRP B 463 32.45 -7.16 -16.46
CA TRP B 463 32.61 -7.00 -15.02
C TRP B 463 31.55 -6.04 -14.48
N TRP B 464 31.43 -4.86 -15.09
CA TRP B 464 30.43 -3.87 -14.67
C TRP B 464 28.98 -4.26 -14.95
N TYR B 465 28.74 -5.02 -16.03
CA TYR B 465 27.44 -5.61 -16.24
C TYR B 465 27.05 -6.43 -15.00
N LEU B 466 27.95 -7.30 -14.56
CA LEU B 466 27.67 -8.19 -13.42
C LEU B 466 27.59 -7.43 -12.09
N ARG B 467 28.51 -6.49 -11.91
CA ARG B 467 28.50 -5.65 -10.73
C ARG B 467 27.16 -4.90 -10.56
N THR B 468 26.67 -4.30 -11.65
CA THR B 468 25.36 -3.64 -11.64
C THR B 468 24.19 -4.65 -11.52
N LYS B 469 24.21 -5.72 -12.33
CA LYS B 469 23.15 -6.75 -12.27
C LYS B 469 22.90 -7.29 -10.87
N TYR B 470 24.00 -7.63 -10.16
CA TYR B 470 23.93 -8.33 -8.86
C TYR B 470 24.02 -7.39 -7.65
N GLN B 471 25.04 -6.54 -7.60
CA GLN B 471 25.24 -5.65 -6.45
C GLN B 471 24.45 -4.34 -6.57
N GLY B 472 24.03 -3.96 -7.77
CA GLY B 472 23.34 -2.68 -7.94
C GLY B 472 24.21 -1.50 -7.55
N ILE B 473 25.45 -1.54 -8.04
CA ILE B 473 26.39 -0.47 -7.88
C ILE B 473 26.87 -0.01 -9.24
N CYS B 474 27.41 1.19 -9.29
CA CYS B 474 27.98 1.75 -10.50
C CYS B 474 29.31 2.38 -10.17
N PRO B 475 30.22 2.43 -11.15
CA PRO B 475 31.48 3.09 -10.90
C PRO B 475 31.28 4.61 -10.76
N PRO B 476 31.99 5.24 -9.81
CA PRO B 476 31.83 6.66 -9.57
C PRO B 476 32.53 7.59 -10.56
N VAL B 477 33.42 7.04 -11.40
CA VAL B 477 33.97 7.71 -12.56
C VAL B 477 33.79 6.79 -13.75
N THR B 478 33.87 7.37 -14.93
CA THR B 478 33.74 6.65 -16.18
C THR B 478 34.88 5.63 -16.32
N ARG B 479 34.56 4.45 -16.82
CA ARG B 479 35.55 3.40 -17.08
C ARG B 479 35.43 3.02 -18.55
N ASN B 480 36.48 2.43 -19.09
CA ASN B 480 36.59 1.94 -20.46
C ASN B 480 37.45 0.68 -20.42
N GLU B 481 37.74 0.08 -21.56
CA GLU B 481 38.45 -1.21 -21.57
C GLU B 481 39.95 -1.14 -21.30
N THR B 482 40.49 0.07 -21.12
CA THR B 482 41.84 0.23 -20.62
C THR B 482 41.88 -0.09 -19.15
N HIS B 483 40.79 0.22 -18.45
CA HIS B 483 40.61 -0.18 -17.06
C HIS B 483 40.30 -1.66 -16.97
N PHE B 484 40.81 -2.28 -15.90
CA PHE B 484 40.61 -3.71 -15.66
C PHE B 484 40.25 -3.83 -14.21
N ASP B 485 39.01 -3.46 -13.90
CA ASP B 485 38.61 -3.30 -12.50
C ASP B 485 38.52 -4.62 -11.73
N ALA B 486 38.23 -5.72 -12.41
CA ALA B 486 38.40 -7.07 -11.81
C ALA B 486 39.80 -7.31 -11.28
N GLY B 487 40.81 -6.76 -11.96
CA GLY B 487 42.19 -6.97 -11.55
C GLY B 487 42.52 -6.30 -10.24
N ALA B 488 41.71 -5.32 -9.85
CA ALA B 488 41.90 -4.60 -8.60
C ALA B 488 41.40 -5.35 -7.35
N LYS B 489 40.90 -6.59 -7.53
CA LYS B 489 40.47 -7.46 -6.45
C LYS B 489 41.51 -8.59 -6.28
N PHE B 490 42.07 -8.76 -5.06
CA PHE B 490 43.17 -9.72 -4.80
C PHE B 490 43.08 -11.04 -5.57
N HIS B 491 41.94 -11.69 -5.49
CA HIS B 491 41.79 -13.07 -5.93
C HIS B 491 41.99 -13.22 -7.44
N VAL B 492 41.80 -12.15 -8.19
CA VAL B 492 41.96 -12.21 -9.65
C VAL B 492 43.45 -12.32 -10.06
N PRO B 493 44.30 -11.29 -9.79
CA PRO B 493 45.73 -11.47 -10.11
C PRO B 493 46.42 -12.57 -9.31
N ASN B 494 45.91 -12.87 -8.12
CA ASN B 494 46.47 -13.97 -7.32
C ASN B 494 45.85 -15.35 -7.58
N VAL B 495 45.01 -15.45 -8.62
CA VAL B 495 44.48 -16.70 -9.12
C VAL B 495 43.90 -17.60 -8.03
N THR B 496 43.05 -17.02 -7.19
CA THR B 496 42.40 -17.75 -6.12
C THR B 496 40.92 -17.80 -6.48
N PRO B 497 40.36 -18.99 -6.65
CA PRO B 497 38.92 -19.12 -6.91
C PRO B 497 38.04 -18.46 -5.83
N TYR B 498 36.86 -18.01 -6.25
CA TYR B 498 35.98 -17.18 -5.40
C TYR B 498 34.65 -17.81 -4.98
N ILE B 499 34.11 -18.72 -5.77
CA ILE B 499 32.76 -19.25 -5.52
C ILE B 499 32.69 -19.97 -4.17
N ARG B 500 33.84 -20.49 -3.71
CA ARG B 500 34.04 -20.98 -2.34
C ARG B 500 33.45 -20.05 -1.27
N TYR B 501 33.57 -18.73 -1.47
CA TYR B 501 33.06 -17.78 -0.47
C TYR B 501 31.55 -17.68 -0.49
N PHE B 502 30.95 -17.71 -1.67
CA PHE B 502 29.47 -17.79 -1.74
C PHE B 502 28.96 -19.08 -1.09
N VAL B 503 29.59 -20.20 -1.45
CA VAL B 503 29.28 -21.48 -0.85
C VAL B 503 29.43 -21.41 0.66
N SER B 504 30.55 -20.84 1.12
CA SER B 504 30.79 -20.68 2.54
C SER B 504 29.72 -19.85 3.27
N PHE B 505 29.26 -18.77 2.65
CA PHE B 505 28.33 -17.86 3.33
C PHE B 505 26.96 -18.52 3.52
N VAL B 506 26.60 -19.46 2.65
CA VAL B 506 25.41 -20.28 2.85
C VAL B 506 25.71 -21.41 3.86
N LEU B 507 26.75 -22.16 3.57
CA LEU B 507 27.13 -23.29 4.40
C LEU B 507 27.36 -22.97 5.89
N GLN B 508 27.94 -21.81 6.18
CA GLN B 508 28.28 -21.50 7.57
C GLN B 508 27.01 -21.41 8.46
N PHE B 509 25.88 -20.97 7.90
CA PHE B 509 24.61 -20.96 8.66
C PHE B 509 24.03 -22.35 8.85
N GLN B 510 24.22 -23.25 7.88
CA GLN B 510 23.89 -24.68 8.06
C GLN B 510 24.75 -25.30 9.17
N PHE B 511 26.04 -25.02 9.14
CA PHE B 511 26.94 -25.47 10.21
C PHE B 511 26.53 -24.90 11.57
N HIS B 512 26.21 -23.61 11.58
CA HIS B 512 25.87 -22.92 12.84
C HIS B 512 24.62 -23.56 13.48
N GLU B 513 23.58 -23.75 12.68
CA GLU B 513 22.35 -24.44 13.13
C GLU B 513 22.62 -25.84 13.69
N ALA B 514 23.41 -26.64 13.00
CA ALA B 514 23.73 -28.00 13.43
C ALA B 514 24.54 -28.02 14.74
N LEU B 515 25.51 -27.14 14.86
CA LEU B 515 26.35 -27.07 16.06
C LEU B 515 25.58 -26.51 17.25
N CYS B 516 24.76 -25.51 17.00
CA CYS B 516 23.90 -24.97 18.04
C CYS B 516 22.91 -26.02 18.57
N LYS B 517 22.35 -26.82 17.67
CA LYS B 517 21.48 -27.94 18.09
C LYS B 517 22.28 -28.96 18.93
N GLU B 518 23.44 -29.35 18.43
CA GLU B 518 24.31 -30.30 19.13
C GLU B 518 24.73 -29.76 20.51
N ALA B 519 24.95 -28.45 20.61
CA ALA B 519 25.26 -27.81 21.89
C ALA B 519 24.09 -27.78 22.91
N GLY B 520 22.88 -28.13 22.49
CA GLY B 520 21.71 -28.07 23.36
C GLY B 520 21.13 -26.67 23.50
N TYR B 521 21.53 -25.74 22.64
CA TYR B 521 21.00 -24.40 22.66
C TYR B 521 19.56 -24.42 22.13
N GLU B 522 18.65 -23.71 22.81
CA GLU B 522 17.21 -23.76 22.50
C GLU B 522 16.56 -22.40 22.20
N GLY B 523 17.35 -21.31 22.21
CA GLY B 523 16.86 -19.97 21.88
C GLY B 523 16.88 -19.65 20.39
N PRO B 524 16.69 -18.36 20.03
CA PRO B 524 16.76 -17.92 18.63
C PRO B 524 18.14 -18.25 18.02
N LEU B 525 18.15 -18.73 16.78
CA LEU B 525 19.42 -19.12 16.13
C LEU B 525 20.50 -18.02 16.16
N HIS B 526 20.08 -16.77 15.98
CA HIS B 526 21.02 -15.65 15.93
C HIS B 526 21.58 -15.20 17.30
N GLN B 527 21.09 -15.77 18.40
CA GLN B 527 21.64 -15.52 19.74
C GLN B 527 22.45 -16.72 20.26
N CYS B 528 22.59 -17.77 19.46
CA CYS B 528 23.40 -18.92 19.85
C CYS B 528 24.89 -18.58 20.01
N ASP B 529 25.49 -19.10 21.08
CA ASP B 529 26.94 -19.08 21.27
C ASP B 529 27.39 -20.49 21.63
N ILE B 530 28.18 -21.11 20.74
CA ILE B 530 28.67 -22.47 21.00
C ILE B 530 29.92 -22.53 21.90
N TYR B 531 30.42 -21.38 22.34
CA TYR B 531 31.58 -21.30 23.24
C TYR B 531 31.49 -22.33 24.38
N ARG B 532 32.56 -23.08 24.58
CA ARG B 532 32.67 -24.13 25.59
C ARG B 532 31.78 -25.38 25.37
N SER B 533 31.19 -25.56 24.18
CA SER B 533 30.43 -26.79 23.91
C SER B 533 31.37 -27.82 23.32
N THR B 534 31.79 -28.76 24.17
CA THR B 534 32.66 -29.85 23.78
C THR B 534 31.93 -30.78 22.81
N LYS B 535 30.61 -30.87 22.93
CA LYS B 535 29.82 -31.68 21.99
C LYS B 535 29.83 -31.07 20.58
N ALA B 536 29.55 -29.77 20.48
CA ALA B 536 29.67 -29.08 19.18
C ALA B 536 31.09 -29.25 18.63
N GLY B 537 32.09 -29.14 19.51
CA GLY B 537 33.47 -29.36 19.11
C GLY B 537 33.73 -30.72 18.49
N ALA B 538 33.21 -31.79 19.10
CA ALA B 538 33.38 -33.15 18.55
C ALA B 538 32.70 -33.29 17.20
N LYS B 539 31.54 -32.64 17.02
CA LYS B 539 30.83 -32.68 15.74
C LYS B 539 31.65 -31.98 14.64
N LEU B 540 32.20 -30.81 14.94
CA LEU B 540 33.04 -30.10 13.95
C LEU B 540 34.33 -30.88 13.67
N ARG B 541 34.90 -31.48 14.70
CA ARG B 541 36.14 -32.25 14.56
C ARG B 541 36.01 -33.40 13.57
N LYS B 542 34.85 -34.06 13.59
CA LYS B 542 34.60 -35.18 12.69
C LYS B 542 34.67 -34.73 11.21
N VAL B 543 34.14 -33.54 10.93
CA VAL B 543 34.27 -32.93 9.59
C VAL B 543 35.74 -32.65 9.28
N LEU B 544 36.43 -32.00 10.20
CA LEU B 544 37.80 -31.53 9.93
C LEU B 544 38.78 -32.67 9.67
N ARG B 545 38.69 -33.73 10.48
CA ARG B 545 39.57 -34.89 10.35
CA ARG B 545 39.60 -34.86 10.36
C ARG B 545 39.38 -35.64 9.03
N ALA B 546 38.19 -35.52 8.43
CA ALA B 546 37.93 -36.19 7.14
C ALA B 546 38.75 -35.68 5.94
N GLY B 547 39.23 -34.43 5.98
CA GLY B 547 39.84 -33.83 4.79
C GLY B 547 38.94 -34.05 3.57
N SER B 548 39.55 -34.45 2.45
CA SER B 548 38.79 -34.77 1.24
C SER B 548 38.66 -36.29 1.02
N SER B 549 38.71 -37.08 2.09
CA SER B 549 38.64 -38.53 1.97
C SER B 549 37.25 -39.04 1.56
N ARG B 550 36.19 -38.28 1.88
CA ARG B 550 34.81 -38.65 1.54
C ARG B 550 34.10 -37.55 0.72
N PRO B 551 33.10 -37.92 -0.11
CA PRO B 551 32.30 -36.92 -0.85
C PRO B 551 31.71 -35.88 0.08
N TRP B 552 31.78 -34.59 -0.28
CA TRP B 552 31.31 -33.57 0.66
C TRP B 552 29.84 -33.72 1.02
N GLN B 553 29.04 -34.19 0.07
CA GLN B 553 27.60 -34.40 0.28
C GLN B 553 27.33 -35.35 1.47
N GLU B 554 28.15 -36.39 1.62
CA GLU B 554 28.02 -37.36 2.71
C GLU B 554 28.56 -36.79 4.02
N VAL B 555 29.62 -35.98 3.93
CA VAL B 555 30.17 -35.33 5.12
C VAL B 555 29.13 -34.33 5.65
N LEU B 556 28.51 -33.56 4.76
CA LEU B 556 27.48 -32.59 5.13
C LEU B 556 26.27 -33.27 5.76
N LYS B 557 25.84 -34.39 5.16
CA LYS B 557 24.73 -35.22 5.67
C LYS B 557 24.94 -35.66 7.12
N ASP B 558 26.11 -36.25 7.39
CA ASP B 558 26.48 -36.64 8.75
C ASP B 558 26.43 -35.45 9.71
N MET B 559 26.95 -34.30 9.30
CA MET B 559 27.02 -33.14 10.18
C MET B 559 25.67 -32.46 10.40
N VAL B 560 24.93 -32.14 9.33
CA VAL B 560 23.68 -31.34 9.46
C VAL B 560 22.40 -32.08 9.09
N GLY B 561 22.47 -33.31 8.61
CA GLY B 561 21.26 -34.09 8.28
C GLY B 561 20.71 -33.90 6.88
N LEU B 562 21.44 -33.17 6.04
CA LEU B 562 21.04 -32.89 4.67
C LEU B 562 22.28 -32.99 3.77
N ASP B 563 22.10 -33.49 2.55
CA ASP B 563 23.24 -33.75 1.64
C ASP B 563 23.47 -32.64 0.60
N ALA B 564 22.92 -31.46 0.84
CA ALA B 564 22.95 -30.38 -0.13
C ALA B 564 23.08 -29.00 0.55
N LEU B 565 23.63 -28.04 -0.20
CA LEU B 565 23.55 -26.64 0.20
C LEU B 565 22.11 -26.22 0.31
N ASP B 566 21.80 -25.40 1.30
CA ASP B 566 20.43 -25.04 1.61
C ASP B 566 20.42 -23.67 2.25
N ALA B 567 19.62 -22.76 1.71
CA ALA B 567 19.57 -21.39 2.21
C ALA B 567 18.72 -21.22 3.47
N GLN B 568 18.00 -22.25 3.89
CA GLN B 568 16.98 -22.08 4.93
C GLN B 568 17.57 -21.65 6.28
N PRO B 569 18.71 -22.22 6.69
CA PRO B 569 19.29 -21.77 7.98
C PRO B 569 19.67 -20.29 7.98
N LEU B 570 20.29 -19.82 6.88
CA LEU B 570 20.54 -18.40 6.71
C LEU B 570 19.24 -17.58 6.76
N LEU B 571 18.19 -18.00 6.04
CA LEU B 571 16.93 -17.25 6.08
C LEU B 571 16.34 -17.24 7.49
N LYS B 572 16.44 -18.38 8.17
CA LYS B 572 15.94 -18.50 9.54
C LYS B 572 16.70 -17.58 10.48
N TYR B 573 18.02 -17.49 10.31
CA TYR B 573 18.86 -16.59 11.10
C TYR B 573 18.45 -15.13 11.01
N PHE B 574 18.23 -14.65 9.78
CA PHE B 574 17.94 -13.25 9.51
C PHE B 574 16.44 -12.88 9.49
N GLN B 575 15.56 -13.86 9.62
CA GLN B 575 14.09 -13.69 9.48
C GLN B 575 13.53 -12.39 10.07
N LEU B 576 13.94 -12.05 11.30
CA LEU B 576 13.42 -10.86 11.99
C LEU B 576 13.78 -9.56 11.30
N VAL B 577 15.03 -9.42 10.87
CA VAL B 577 15.44 -8.22 10.13
C VAL B 577 14.98 -8.23 8.64
N THR B 578 14.81 -9.43 8.07
CA THR B 578 14.29 -9.56 6.71
C THR B 578 12.88 -8.94 6.65
N GLN B 579 12.04 -9.35 7.60
CA GLN B 579 10.67 -8.83 7.73
C GLN B 579 10.69 -7.33 8.01
N TRP B 580 11.55 -6.93 8.94
CA TRP B 580 11.65 -5.54 9.37
C TRP B 580 12.04 -4.63 8.20
N LEU B 581 13.10 -5.00 7.47
CA LEU B 581 13.54 -4.20 6.32
C LEU B 581 12.44 -4.07 5.24
N GLN B 582 11.76 -5.18 4.96
CA GLN B 582 10.64 -5.22 4.00
C GLN B 582 9.55 -4.20 4.41
N GLU B 583 9.20 -4.19 5.68
CA GLU B 583 8.23 -3.22 6.23
C GLU B 583 8.71 -1.79 6.16
N GLN B 584 9.97 -1.56 6.55
CA GLN B 584 10.53 -0.21 6.50
C GLN B 584 10.56 0.35 5.07
N ASN B 585 11.00 -0.47 4.12
CA ASN B 585 11.07 -0.02 2.73
C ASN B 585 9.66 0.30 2.17
N GLN B 586 8.69 -0.56 2.46
CA GLN B 586 7.27 -0.34 2.06
C GLN B 586 6.74 0.99 2.63
N GLN B 587 6.96 1.23 3.92
CA GLN B 587 6.54 2.48 4.56
C GLN B 587 7.20 3.75 4.03
N ASN B 588 8.45 3.65 3.58
CA ASN B 588 9.15 4.81 3.01
C ASN B 588 8.94 4.95 1.50
N GLY B 589 8.19 4.04 0.90
CA GLY B 589 7.86 4.09 -0.53
C GLY B 589 9.05 3.82 -1.42
N GLU B 590 9.94 2.90 -1.02
CA GLU B 590 11.19 2.69 -1.77
C GLU B 590 10.90 1.91 -3.02
N VAL B 591 11.70 2.16 -4.04
CA VAL B 591 11.72 1.29 -5.20
C VAL B 591 12.80 0.26 -4.87
N LEU B 592 12.45 -1.03 -4.91
CA LEU B 592 13.43 -2.10 -4.78
C LEU B 592 14.09 -2.32 -6.14
N GLY B 593 15.42 -2.33 -6.16
CA GLY B 593 16.15 -2.46 -7.41
C GLY B 593 16.62 -1.10 -7.86
N TRP B 594 17.09 -1.06 -9.10
CA TRP B 594 17.75 0.14 -9.64
C TRP B 594 17.36 0.28 -11.11
N PRO B 595 16.07 0.59 -11.37
CA PRO B 595 15.61 0.68 -12.77
C PRO B 595 16.31 1.76 -13.62
N GLU B 596 16.92 2.76 -13.00
CA GLU B 596 17.79 3.67 -13.73
C GLU B 596 19.20 3.13 -13.79
N TYR B 597 19.32 2.06 -14.58
CA TYR B 597 20.54 1.25 -14.65
C TYR B 597 21.70 1.94 -15.32
N GLN B 598 21.42 2.96 -16.13
CA GLN B 598 22.46 3.76 -16.81
C GLN B 598 23.07 4.85 -15.93
N TRP B 599 22.47 5.11 -14.77
CA TRP B 599 22.82 6.29 -14.00
C TRP B 599 24.21 6.14 -13.39
N HIS B 600 24.99 7.22 -13.47
CA HIS B 600 26.25 7.36 -12.76
C HIS B 600 26.23 8.72 -12.06
N PRO B 601 26.92 8.83 -10.93
CA PRO B 601 26.98 10.12 -10.26
C PRO B 601 27.88 11.12 -11.02
N PRO B 602 27.63 12.42 -10.83
CA PRO B 602 28.54 13.42 -11.38
C PRO B 602 29.85 13.46 -10.60
N LEU B 603 30.87 14.07 -11.19
CA LEU B 603 32.14 14.31 -10.51
C LEU B 603 32.00 15.39 -9.45
N PRO B 604 32.69 15.26 -8.32
CA PRO B 604 32.69 16.40 -7.38
C PRO B 604 33.26 17.69 -7.98
N ASP B 605 32.91 18.81 -7.35
CA ASP B 605 33.37 20.12 -7.80
C ASP B 605 34.87 20.21 -7.55
N ASN B 606 35.60 20.71 -8.56
CA ASN B 606 37.07 20.78 -8.53
C ASN B 606 37.77 19.41 -8.32
N TYR B 607 37.33 18.41 -9.08
CA TYR B 607 37.96 17.09 -9.04
C TYR B 607 38.90 16.89 -10.24
N PRO B 608 40.12 16.39 -10.05
CA PRO B 608 40.74 16.09 -8.75
C PRO B 608 41.25 17.34 -8.04
N LEU C 1 -46.70 -3.58 56.01
CA LEU C 1 -46.15 -3.95 54.69
C LEU C 1 -47.21 -4.62 53.84
N ASP C 2 -47.37 -4.16 52.61
CA ASP C 2 -48.32 -4.72 51.62
C ASP C 2 -48.19 -6.25 51.49
N PRO C 3 -49.32 -7.00 51.49
CA PRO C 3 -49.22 -8.47 51.38
C PRO C 3 -48.34 -8.97 50.23
N GLY C 4 -48.46 -8.35 49.06
CA GLY C 4 -47.67 -8.72 47.90
C GLY C 4 -46.17 -8.50 48.00
N LEU C 5 -45.74 -7.69 48.97
CA LEU C 5 -44.32 -7.45 49.25
C LEU C 5 -43.75 -8.30 50.39
N GLN C 6 -44.59 -9.11 51.03
CA GLN C 6 -44.15 -9.94 52.15
C GLN C 6 -43.50 -11.25 51.69
N PRO C 7 -42.50 -11.74 52.41
CA PRO C 7 -41.94 -13.04 52.07
C PRO C 7 -42.91 -14.17 52.43
N GLY C 8 -43.02 -15.16 51.54
CA GLY C 8 -43.78 -16.37 51.79
C GLY C 8 -42.91 -17.52 52.25
N GLN C 9 -43.19 -18.70 51.71
CA GLN C 9 -42.59 -19.93 52.13
C GLN C 9 -41.49 -20.36 51.16
N PHE C 10 -40.36 -20.78 51.69
CA PHE C 10 -39.28 -21.37 50.90
C PHE C 10 -38.60 -22.48 51.69
N SER C 11 -38.10 -23.51 50.99
CA SER C 11 -37.36 -24.58 51.66
C SER C 11 -36.04 -24.08 52.22
N ALA C 12 -35.59 -24.69 53.32
CA ALA C 12 -34.36 -24.32 54.01
C ALA C 12 -33.14 -25.04 53.43
N ASP C 13 -32.91 -24.85 52.14
CA ASP C 13 -31.77 -25.41 51.41
C ASP C 13 -31.38 -24.47 50.27
N GLU C 14 -30.32 -24.81 49.54
CA GLU C 14 -29.84 -23.96 48.45
C GLU C 14 -30.87 -23.73 47.35
N ALA C 15 -31.58 -24.76 46.92
CA ALA C 15 -32.63 -24.60 45.90
C ALA C 15 -33.71 -23.62 46.35
N GLY C 16 -34.10 -23.71 47.62
CA GLY C 16 -35.06 -22.76 48.20
C GLY C 16 -34.55 -21.33 48.24
N ALA C 17 -33.31 -21.16 48.69
CA ALA C 17 -32.63 -19.84 48.69
C ALA C 17 -32.60 -19.16 47.31
N GLN C 18 -32.43 -19.95 46.24
CA GLN C 18 -32.53 -19.42 44.88
C GLN C 18 -33.94 -18.88 44.58
N LEU C 19 -34.98 -19.60 45.01
CA LEU C 19 -36.36 -19.15 44.80
C LEU C 19 -36.67 -17.92 45.67
N PHE C 20 -36.17 -17.94 46.90
CA PHE C 20 -36.22 -16.79 47.82
C PHE C 20 -35.61 -15.53 47.20
N ALA C 21 -34.41 -15.68 46.62
CA ALA C 21 -33.71 -14.54 46.03
C ALA C 21 -34.50 -13.97 44.85
N GLN C 22 -35.02 -14.87 44.00
CA GLN C 22 -35.85 -14.45 42.87
C GLN C 22 -37.10 -13.70 43.35
N SER C 23 -37.75 -14.25 44.38
CA SER C 23 -38.93 -13.58 44.99
C SER C 23 -38.58 -12.21 45.63
N TYR C 24 -37.50 -12.17 46.38
CA TYR C 24 -37.01 -10.90 46.95
C TYR C 24 -36.84 -9.78 45.89
N GLN C 25 -36.11 -10.13 44.82
CA GLN C 25 -35.83 -9.25 43.68
C GLN C 25 -37.10 -8.62 43.14
N SER C 26 -38.12 -9.45 42.94
CA SER C 26 -39.37 -8.97 42.40
C SER C 26 -39.95 -7.81 43.25
N SER C 27 -40.10 -8.03 44.54
CA SER C 27 -40.64 -7.00 45.44
C SER C 27 -39.65 -5.87 45.77
N ALA C 28 -38.36 -6.18 45.88
CA ALA C 28 -37.35 -5.16 46.21
C ALA C 28 -37.26 -4.02 45.17
N GLU C 29 -37.46 -4.33 43.89
CA GLU C 29 -37.47 -3.29 42.85
C GLU C 29 -38.60 -2.27 43.05
N GLN C 30 -39.77 -2.75 43.48
CA GLN C 30 -40.89 -1.86 43.78
C GLN C 30 -40.60 -0.97 44.98
N VAL C 31 -40.05 -1.57 46.02
CA VAL C 31 -39.76 -0.87 47.28
C VAL C 31 -38.62 0.16 47.07
N LEU C 32 -37.56 -0.27 46.41
CA LEU C 32 -36.45 0.64 46.04
C LEU C 32 -36.92 1.78 45.17
N PHE C 33 -37.71 1.47 44.15
CA PHE C 33 -38.25 2.53 43.31
C PHE C 33 -39.01 3.60 44.08
N GLN C 34 -39.95 3.21 44.95
CA GLN C 34 -40.75 4.21 45.66
C GLN C 34 -39.85 5.08 46.58
N SER C 35 -38.85 4.45 47.16
CA SER C 35 -37.87 5.14 47.97
C SER C 35 -37.02 6.14 47.16
N VAL C 36 -36.47 5.69 46.05
CA VAL C 36 -35.64 6.58 45.21
C VAL C 36 -36.49 7.72 44.66
N ALA C 37 -37.70 7.39 44.20
CA ALA C 37 -38.64 8.42 43.73
C ALA C 37 -38.93 9.51 44.75
N ALA C 38 -39.22 9.09 45.97
CA ALA C 38 -39.51 10.02 47.05
C ALA C 38 -38.27 10.86 47.38
N SER C 39 -37.10 10.24 47.41
CA SER C 39 -35.82 10.96 47.60
C SER C 39 -35.60 11.99 46.47
N TRP C 40 -35.90 11.60 45.23
CA TRP C 40 -35.78 12.51 44.06
C TRP C 40 -36.69 13.72 44.20
N ALA C 41 -37.94 13.47 44.59
CA ALA C 41 -38.95 14.52 44.77
C ALA C 41 -38.53 15.49 45.84
N HIS C 42 -37.84 15.02 46.89
CA HIS C 42 -37.31 15.89 47.93
C HIS C 42 -36.07 16.67 47.47
N ASP C 43 -35.09 15.94 46.94
CA ASP C 43 -33.81 16.57 46.58
C ASP C 43 -33.93 17.58 45.44
N THR C 44 -34.95 17.43 44.58
CA THR C 44 -35.23 18.42 43.51
C THR C 44 -36.25 19.49 43.91
N ASN C 45 -36.68 19.47 45.19
CA ASN C 45 -37.71 20.34 45.66
C ASN C 45 -37.82 20.20 47.20
N ILE C 46 -36.91 20.83 47.91
CA ILE C 46 -36.78 20.61 49.34
C ILE C 46 -37.93 21.34 50.03
N THR C 47 -38.88 20.57 50.54
CA THR C 47 -39.99 21.10 51.32
C THR C 47 -40.23 20.18 52.49
N ALA C 48 -40.88 20.72 53.52
CA ALA C 48 -41.24 19.91 54.67
C ALA C 48 -42.16 18.75 54.26
N GLU C 49 -43.05 18.99 53.31
CA GLU C 49 -43.95 17.94 52.83
C GLU C 49 -43.21 16.83 52.07
N ASN C 50 -42.26 17.20 51.24
CA ASN C 50 -41.48 16.19 50.51
C ASN C 50 -40.55 15.41 51.46
N ALA C 51 -40.07 16.05 52.51
CA ALA C 51 -39.29 15.34 53.54
C ALA C 51 -40.16 14.29 54.24
N ARG C 52 -41.38 14.70 54.60
CA ARG C 52 -42.37 13.81 55.23
C ARG C 52 -42.62 12.61 54.31
N ARG C 53 -42.83 12.86 53.02
CA ARG C 53 -43.07 11.77 52.06
C ARG C 53 -41.85 10.87 51.91
N GLN C 54 -40.68 11.48 51.92
CA GLN C 54 -39.47 10.68 51.84
C GLN C 54 -39.31 9.79 53.09
N GLU C 55 -39.59 10.36 54.26
CA GLU C 55 -39.52 9.64 55.53
C GLU C 55 -40.51 8.47 55.56
N GLU C 56 -41.70 8.69 55.02
CA GLU C 56 -42.70 7.60 54.93
C GLU C 56 -42.19 6.47 54.05
N ALA C 57 -41.57 6.84 52.93
CA ALA C 57 -40.96 5.87 52.02
C ALA C 57 -39.83 5.07 52.66
N ALA C 58 -38.98 5.75 53.44
CA ALA C 58 -37.89 5.10 54.18
C ALA C 58 -38.44 4.11 55.19
N LEU C 59 -39.53 4.45 55.88
CA LEU C 59 -40.16 3.51 56.83
C LEU C 59 -40.62 2.23 56.14
N LEU C 60 -41.22 2.37 54.97
CA LEU C 60 -41.64 1.23 54.16
C LEU C 60 -40.45 0.37 53.74
N SER C 61 -39.36 1.00 53.30
CA SER C 61 -38.13 0.28 52.99
C SER C 61 -37.59 -0.46 54.21
N GLN C 62 -37.63 0.17 55.38
CA GLN C 62 -37.18 -0.48 56.60
C GLN C 62 -38.09 -1.67 57.00
N GLU C 63 -39.40 -1.53 56.81
CA GLU C 63 -40.34 -2.66 57.06
C GLU C 63 -40.00 -3.85 56.17
N PHE C 64 -39.79 -3.53 54.90
CA PHE C 64 -39.43 -4.52 53.88
C PHE C 64 -38.11 -5.22 54.23
N ALA C 65 -37.07 -4.44 54.51
CA ALA C 65 -35.77 -4.98 54.87
C ALA C 65 -35.87 -5.89 56.09
N GLU C 66 -36.64 -5.46 57.10
CA GLU C 66 -36.81 -6.29 58.30
C GLU C 66 -37.50 -7.64 57.96
N ALA C 67 -38.59 -7.59 57.19
CA ALA C 67 -39.34 -8.80 56.85
C ALA C 67 -38.46 -9.81 56.13
N TRP C 68 -37.83 -9.37 55.04
CA TRP C 68 -36.99 -10.28 54.24
C TRP C 68 -35.68 -10.67 54.92
N GLY C 69 -35.10 -9.74 55.68
CA GLY C 69 -33.93 -10.04 56.52
C GLY C 69 -34.18 -11.14 57.52
N GLN C 70 -35.24 -11.00 58.31
CA GLN C 70 -35.64 -12.02 59.28
C GLN C 70 -35.98 -13.38 58.66
N LYS C 71 -36.65 -13.38 57.50
CA LYS C 71 -36.92 -14.65 56.79
C LYS C 71 -35.64 -15.32 56.31
N ALA C 72 -34.68 -14.53 55.83
CA ALA C 72 -33.38 -15.07 55.39
C ALA C 72 -32.66 -15.71 56.54
N LYS C 73 -32.68 -15.08 57.72
CA LYS C 73 -32.07 -15.69 58.88
C LYS C 73 -32.83 -16.92 59.37
N GLU C 74 -34.16 -16.85 59.38
CA GLU C 74 -34.98 -18.00 59.78
C GLU C 74 -34.67 -19.25 58.94
N LEU C 75 -34.58 -19.09 57.64
CA LEU C 75 -34.39 -20.22 56.75
C LEU C 75 -32.93 -20.57 56.47
N TYR C 76 -32.04 -19.59 56.46
CA TYR C 76 -30.69 -19.82 55.90
C TYR C 76 -29.49 -19.52 56.78
N GLU C 77 -29.70 -19.08 58.02
CA GLU C 77 -28.58 -18.64 58.86
C GLU C 77 -27.44 -19.64 59.00
N PRO C 78 -27.72 -20.90 59.36
CA PRO C 78 -26.59 -21.84 59.52
C PRO C 78 -26.03 -22.44 58.22
N ILE C 79 -26.62 -22.15 57.06
CA ILE C 79 -26.22 -22.80 55.79
C ILE C 79 -25.84 -21.90 54.61
N TRP C 80 -26.15 -20.60 54.63
CA TRP C 80 -25.91 -19.74 53.44
C TRP C 80 -24.43 -19.61 53.07
N GLN C 81 -23.57 -19.61 54.08
CA GLN C 81 -22.13 -19.45 53.87
C GLN C 81 -21.50 -20.63 53.15
N GLN C 82 -22.12 -21.81 53.27
CA GLN C 82 -21.64 -23.01 52.60
C GLN C 82 -22.34 -23.29 51.27
N PHE C 83 -23.23 -22.39 50.80
CA PHE C 83 -23.86 -22.58 49.49
C PHE C 83 -22.81 -22.62 48.36
N THR C 84 -23.11 -23.40 47.33
CA THR C 84 -22.28 -23.57 46.15
C THR C 84 -22.18 -22.33 45.25
N ASP C 85 -23.31 -21.66 45.04
CA ASP C 85 -23.42 -20.51 44.13
C ASP C 85 -22.84 -19.26 44.81
N PRO C 86 -21.71 -18.71 44.27
CA PRO C 86 -21.08 -17.56 44.97
C PRO C 86 -21.94 -16.30 44.91
N GLN C 87 -22.70 -16.12 43.83
CA GLN C 87 -23.58 -14.97 43.68
C GLN C 87 -24.75 -15.03 44.66
N LEU C 88 -25.25 -16.24 44.91
CA LEU C 88 -26.31 -16.46 45.89
C LEU C 88 -25.83 -16.13 47.29
N ARG C 89 -24.62 -16.58 47.65
CA ARG C 89 -24.07 -16.23 48.96
C ARG C 89 -24.04 -14.72 49.15
N ARG C 90 -23.65 -13.98 48.11
CA ARG C 90 -23.61 -12.51 48.18
C ARG C 90 -25.01 -11.90 48.31
N ILE C 91 -25.99 -12.46 47.61
CA ILE C 91 -27.35 -11.96 47.68
C ILE C 91 -27.91 -12.16 49.08
N ILE C 92 -27.74 -13.37 49.63
CA ILE C 92 -28.22 -13.69 50.97
C ILE C 92 -27.49 -12.86 52.01
N GLY C 93 -26.18 -12.69 51.84
CA GLY C 93 -25.40 -11.81 52.73
C GLY C 93 -25.92 -10.38 52.80
N ALA C 94 -26.31 -9.83 51.66
CA ALA C 94 -26.87 -8.48 51.62
C ALA C 94 -28.27 -8.42 52.27
N VAL C 95 -29.12 -9.38 51.93
CA VAL C 95 -30.52 -9.40 52.45
C VAL C 95 -30.54 -9.52 53.97
N ARG C 96 -29.62 -10.29 54.53
CA ARG C 96 -29.56 -10.45 55.98
C ARG C 96 -28.95 -9.27 56.76
N THR C 97 -28.45 -8.25 56.05
CA THR C 97 -27.95 -7.01 56.66
C THR C 97 -29.12 -6.03 56.74
N LEU C 98 -29.55 -5.72 57.96
CA LEU C 98 -30.76 -4.91 58.15
C LEU C 98 -30.50 -3.41 58.29
N GLY C 99 -29.34 -3.04 58.82
CA GLY C 99 -29.00 -1.65 59.02
C GLY C 99 -30.01 -0.94 59.91
N SER C 100 -30.51 0.20 59.45
CA SER C 100 -31.45 1.00 60.24
C SER C 100 -32.76 0.26 60.51
N ALA C 101 -33.08 -0.77 59.73
CA ALA C 101 -34.21 -1.64 60.00
C ALA C 101 -34.11 -2.44 61.29
N ASN C 102 -32.90 -2.56 61.87
CA ASN C 102 -32.74 -3.09 63.20
C ASN C 102 -33.29 -2.20 64.30
N LEU C 103 -33.48 -0.91 64.03
CA LEU C 103 -33.99 0.00 65.06
C LEU C 103 -35.51 -0.22 65.24
N PRO C 104 -36.02 -0.11 66.48
CA PRO C 104 -37.47 -0.12 66.66
C PRO C 104 -38.11 1.11 65.99
N LEU C 105 -39.41 1.03 65.71
CA LEU C 105 -40.08 2.06 64.91
C LEU C 105 -39.77 3.47 65.40
N ALA C 106 -39.81 3.74 66.71
CA ALA C 106 -39.63 5.14 67.16
C ALA C 106 -38.24 5.69 66.81
N LYS C 107 -37.23 4.82 66.88
CA LYS C 107 -35.87 5.22 66.53
C LYS C 107 -35.67 5.28 65.02
N ARG C 108 -36.39 4.46 64.25
CA ARG C 108 -36.41 4.59 62.79
C ARG C 108 -36.93 5.95 62.39
N GLN C 109 -38.04 6.36 62.99
CA GLN C 109 -38.58 7.69 62.74
C GLN C 109 -37.57 8.81 63.09
N GLN C 110 -36.87 8.67 64.22
CA GLN C 110 -35.87 9.67 64.63
C GLN C 110 -34.73 9.72 63.60
N TYR C 111 -34.23 8.55 63.26
CA TYR C 111 -33.14 8.37 62.29
C TYR C 111 -33.49 9.01 60.95
N ASN C 112 -34.65 8.66 60.42
CA ASN C 112 -35.11 9.20 59.13
C ASN C 112 -35.29 10.70 59.16
N ALA C 113 -35.82 11.24 60.25
CA ALA C 113 -35.98 12.69 60.37
C ALA C 113 -34.64 13.41 60.45
N LEU C 114 -33.68 12.83 61.16
CA LEU C 114 -32.35 13.42 61.25
C LEU C 114 -31.73 13.51 59.85
N LEU C 115 -31.86 12.48 59.04
CA LEU C 115 -31.32 12.52 57.68
C LEU C 115 -31.97 13.64 56.86
N SER C 116 -33.30 13.77 56.96
CA SER C 116 -34.00 14.87 56.27
C SER C 116 -33.53 16.22 56.75
N GLN C 117 -33.47 16.40 58.06
CA GLN C 117 -33.12 17.72 58.60
C GLN C 117 -31.65 18.10 58.33
N MET C 118 -30.73 17.14 58.41
CA MET C 118 -29.32 17.43 58.07
C MET C 118 -29.19 17.79 56.58
N SER C 119 -29.91 17.08 55.73
CA SER C 119 -29.90 17.42 54.29
C SER C 119 -30.46 18.83 54.02
N ARG C 120 -31.58 19.16 54.63
CA ARG C 120 -32.14 20.51 54.47
C ARG C 120 -31.18 21.59 54.92
N ILE C 121 -30.60 21.42 56.12
CA ILE C 121 -29.72 22.44 56.66
C ILE C 121 -28.54 22.71 55.71
N TYR C 122 -27.89 21.65 55.24
CA TYR C 122 -26.73 21.80 54.34
C TYR C 122 -27.15 22.47 53.06
N SER C 123 -28.18 21.94 52.40
CA SER C 123 -28.52 22.38 51.06
C SER C 123 -29.30 23.71 50.97
N THR C 124 -29.76 24.25 52.11
CA THR C 124 -30.43 25.56 52.11
C THR C 124 -29.69 26.62 52.90
N ALA C 125 -28.50 26.29 53.41
CA ALA C 125 -27.66 27.27 54.09
C ALA C 125 -27.23 28.39 53.12
N LYS C 126 -27.16 29.60 53.66
CA LYS C 126 -26.86 30.82 52.89
C LYS C 126 -25.91 31.72 53.65
N VAL C 127 -25.16 32.53 52.91
CA VAL C 127 -24.31 33.54 53.50
C VAL C 127 -24.88 34.90 53.09
N CYS C 128 -25.24 35.72 54.05
CA CYS C 128 -25.85 37.03 53.76
C CYS C 128 -24.82 38.13 54.04
N LEU C 129 -24.96 39.26 53.36
CA LEU C 129 -23.96 40.34 53.40
C LEU C 129 -24.09 41.28 54.60
N THR C 135 -30.27 39.91 50.18
CA THR C 135 -29.01 39.75 49.45
C THR C 135 -28.14 38.63 50.07
N CYS C 136 -28.45 37.37 49.71
CA CYS C 136 -27.75 36.19 50.26
C CYS C 136 -27.21 35.23 49.19
N TRP C 137 -25.99 34.74 49.41
CA TRP C 137 -25.31 33.87 48.47
C TRP C 137 -25.55 32.41 48.79
N SER C 138 -25.86 31.63 47.77
CA SER C 138 -25.94 30.16 47.88
C SER C 138 -24.56 29.55 47.66
N LEU C 139 -24.38 28.33 48.15
CA LEU C 139 -23.11 27.61 47.94
C LEU C 139 -22.85 27.46 46.44
N ASP C 140 -23.86 26.99 45.74
CA ASP C 140 -23.80 26.74 44.30
C ASP C 140 -24.93 27.56 43.67
N PRO C 141 -24.67 28.58 42.86
CA PRO C 141 -23.37 28.85 42.21
C PRO C 141 -22.47 29.85 42.92
N ASP C 142 -23.01 30.67 43.84
CA ASP C 142 -22.36 31.92 44.27
C ASP C 142 -21.03 31.73 45.00
N LEU C 143 -21.03 30.99 46.10
CA LEU C 143 -19.81 30.79 46.89
C LEU C 143 -18.79 29.95 46.14
N THR C 144 -19.27 28.96 45.40
CA THR C 144 -18.42 28.16 44.54
C THR C 144 -17.65 29.05 43.55
N ASN C 145 -18.35 29.99 42.92
CA ASN C 145 -17.72 30.87 41.94
C ASN C 145 -16.72 31.83 42.59
N ILE C 146 -17.05 32.35 43.76
CA ILE C 146 -16.15 33.19 44.51
C ILE C 146 -14.85 32.44 44.84
N LEU C 147 -14.98 31.26 45.44
CA LEU C 147 -13.79 30.44 45.78
C LEU C 147 -12.96 30.06 44.56
N ALA C 148 -13.60 29.83 43.41
CA ALA C 148 -12.91 29.47 42.17
C ALA C 148 -12.14 30.65 41.51
N SER C 149 -12.73 31.83 41.56
CA SER C 149 -12.32 32.93 40.67
C SER C 149 -11.88 34.24 41.32
N SER C 150 -12.28 34.51 42.57
CA SER C 150 -11.81 35.68 43.28
C SER C 150 -10.34 35.50 43.70
N ARG C 151 -9.57 36.58 43.55
CA ARG C 151 -8.21 36.64 44.04
C ARG C 151 -8.14 37.78 45.05
N SER C 152 -9.26 38.06 45.70
CA SER C 152 -9.29 39.03 46.81
C SER C 152 -9.28 38.24 48.10
N TYR C 153 -8.25 38.43 48.91
CA TYR C 153 -8.10 37.72 50.16
C TYR C 153 -9.36 37.87 51.02
N ALA C 154 -9.85 39.10 51.16
CA ALA C 154 -10.98 39.40 52.06
C ALA C 154 -12.30 38.84 51.55
N MET C 155 -12.53 38.88 50.24
CA MET C 155 -13.74 38.29 49.66
C MET C 155 -13.75 36.77 49.86
N LEU C 156 -12.64 36.15 49.53
CA LEU C 156 -12.46 34.71 49.79
C LEU C 156 -12.70 34.37 51.25
N LEU C 157 -12.15 35.17 52.15
CA LEU C 157 -12.30 34.90 53.58
C LEU C 157 -13.74 34.96 54.02
N PHE C 158 -14.44 36.00 53.57
CA PHE C 158 -15.86 36.19 53.88
C PHE C 158 -16.71 35.00 53.45
N ALA C 159 -16.48 34.52 52.23
CA ALA C 159 -17.19 33.35 51.71
C ALA C 159 -16.86 32.10 52.53
N TRP C 160 -15.57 31.90 52.85
CA TRP C 160 -15.11 30.69 53.59
C TRP C 160 -15.68 30.66 54.99
N GLU C 161 -15.52 31.75 55.72
CA GLU C 161 -16.03 31.86 57.08
C GLU C 161 -17.55 31.78 57.13
N GLY C 162 -18.19 32.52 56.24
CA GLY C 162 -19.66 32.58 56.18
C GLY C 162 -20.27 31.21 55.96
N TRP C 163 -19.71 30.47 55.00
CA TRP C 163 -20.19 29.15 54.68
C TRP C 163 -19.99 28.18 55.84
N HIS C 164 -18.78 28.15 56.41
CA HIS C 164 -18.49 27.20 57.48
C HIS C 164 -19.37 27.45 58.71
N ASN C 165 -19.55 28.72 59.07
CA ASN C 165 -20.45 29.08 60.16
C ASN C 165 -21.93 28.74 59.85
N ALA C 166 -22.40 29.03 58.65
CA ALA C 166 -23.83 28.84 58.33
C ALA C 166 -24.21 27.38 58.23
N ALA C 167 -23.38 26.57 57.58
CA ALA C 167 -23.67 25.16 57.41
C ALA C 167 -23.32 24.32 58.63
N GLY C 168 -22.12 24.50 59.18
CA GLY C 168 -21.64 23.61 60.23
C GLY C 168 -22.31 23.75 61.58
N ILE C 169 -22.44 24.98 62.07
CA ILE C 169 -22.90 25.20 63.46
C ILE C 169 -24.26 24.53 63.75
N PRO C 170 -25.27 24.76 62.90
CA PRO C 170 -26.56 24.11 63.20
C PRO C 170 -26.60 22.58 62.99
N LEU C 171 -25.65 22.03 62.25
CA LEU C 171 -25.60 20.59 62.07
C LEU C 171 -25.11 19.81 63.30
N LYS C 172 -24.34 20.45 64.18
CA LYS C 172 -23.59 19.70 65.19
C LYS C 172 -24.48 18.81 66.08
N PRO C 173 -25.51 19.37 66.75
CA PRO C 173 -26.32 18.50 67.62
C PRO C 173 -27.03 17.37 66.86
N LEU C 174 -27.43 17.60 65.62
CA LEU C 174 -28.10 16.57 64.84
C LEU C 174 -27.12 15.42 64.48
N TYR C 175 -25.90 15.80 64.09
CA TYR C 175 -24.88 14.81 63.73
C TYR C 175 -24.53 13.91 64.91
N GLU C 176 -24.46 14.49 66.11
CA GLU C 176 -24.23 13.69 67.32
C GLU C 176 -25.33 12.63 67.51
N ASP C 177 -26.59 13.04 67.33
CA ASP C 177 -27.71 12.12 67.46
C ASP C 177 -27.73 11.05 66.37
N PHE C 178 -27.43 11.46 65.14
CA PHE C 178 -27.34 10.55 63.99
C PHE C 178 -26.28 9.47 64.28
N THR C 179 -25.10 9.88 64.73
CA THR C 179 -24.01 8.95 64.99
C THR C 179 -24.43 7.86 65.95
N ALA C 180 -25.09 8.24 67.03
CA ALA C 180 -25.51 7.28 68.05
C ALA C 180 -26.50 6.28 67.47
N LEU C 181 -27.52 6.75 66.74
CA LEU C 181 -28.51 5.85 66.16
C LEU C 181 -27.93 4.91 65.09
N SER C 182 -27.07 5.46 64.26
CA SER C 182 -26.44 4.70 63.18
C SER C 182 -25.66 3.54 63.79
N ASN C 183 -24.86 3.83 64.83
CA ASN C 183 -24.09 2.79 65.54
C ASN C 183 -24.99 1.76 66.20
N GLU C 184 -26.05 2.22 66.84
CA GLU C 184 -27.01 1.29 67.47
C GLU C 184 -27.58 0.35 66.42
N ALA C 185 -27.90 0.85 65.24
CA ALA C 185 -28.43 0.03 64.17
C ALA C 185 -27.43 -1.04 63.67
N TYR C 186 -26.19 -0.65 63.38
CA TYR C 186 -25.24 -1.60 62.78
C TYR C 186 -24.61 -2.57 63.75
N LYS C 187 -24.57 -2.20 65.03
CA LYS C 187 -24.21 -3.10 66.11
C LYS C 187 -25.03 -4.40 66.09
N GLN C 188 -26.30 -4.28 65.78
CA GLN C 188 -27.20 -5.44 65.66
C GLN C 188 -26.97 -6.28 64.39
N ASP C 189 -26.21 -5.78 63.43
CA ASP C 189 -25.70 -6.62 62.34
C ASP C 189 -24.34 -7.26 62.67
N GLY C 190 -23.82 -7.02 63.87
CA GLY C 190 -22.53 -7.59 64.31
C GLY C 190 -21.30 -6.71 64.14
N PHE C 191 -21.47 -5.46 63.75
CA PHE C 191 -20.33 -4.55 63.58
C PHE C 191 -20.08 -3.73 64.83
N THR C 192 -18.82 -3.56 65.24
CA THR C 192 -18.50 -2.72 66.42
C THR C 192 -18.97 -1.26 66.29
N ASP C 193 -18.95 -0.72 65.07
CA ASP C 193 -19.52 0.60 64.81
C ASP C 193 -19.84 0.76 63.32
N THR C 194 -20.45 1.88 62.97
CA THR C 194 -20.85 2.12 61.60
C THR C 194 -19.64 2.11 60.64
N GLY C 195 -18.54 2.70 61.08
CA GLY C 195 -17.31 2.78 60.29
C GLY C 195 -16.81 1.40 59.92
N ALA C 196 -16.90 0.44 60.85
CA ALA C 196 -16.53 -0.96 60.54
C ALA C 196 -17.43 -1.57 59.47
N TYR C 197 -18.70 -1.22 59.48
CA TYR C 197 -19.61 -1.65 58.41
C TYR C 197 -19.19 -1.02 57.08
N TRP C 198 -18.98 0.29 57.04
CA TRP C 198 -18.55 0.93 55.77
C TRP C 198 -17.24 0.30 55.22
N ARG C 199 -16.29 0.03 56.09
CA ARG C 199 -15.00 -0.54 55.65
C ARG C 199 -15.15 -1.97 55.13
N SER C 200 -16.14 -2.71 55.65
CA SER C 200 -16.33 -4.13 55.28
C SER C 200 -16.68 -4.31 53.79
N TRP C 201 -17.16 -3.24 53.16
CA TRP C 201 -17.44 -3.24 51.72
C TRP C 201 -16.23 -3.56 50.84
N TYR C 202 -15.03 -3.36 51.37
CA TYR C 202 -13.80 -3.58 50.62
C TYR C 202 -13.26 -5.01 50.79
N ASN C 203 -13.91 -5.81 51.66
CA ASN C 203 -13.57 -7.22 51.92
C ASN C 203 -12.05 -7.47 51.94
N SER C 204 -11.36 -6.71 52.78
CA SER C 204 -9.93 -6.85 52.93
C SER C 204 -9.60 -6.71 54.41
N PRO C 205 -9.02 -7.76 55.02
CA PRO C 205 -8.64 -7.65 56.42
C PRO C 205 -7.55 -6.60 56.69
N THR C 206 -6.77 -6.25 55.69
CA THR C 206 -5.69 -5.29 55.82
C THR C 206 -6.00 -3.88 55.20
N PHE C 207 -7.28 -3.57 55.00
CA PHE C 207 -7.71 -2.35 54.32
C PHE C 207 -7.00 -1.09 54.82
N GLU C 208 -7.06 -0.85 56.12
CA GLU C 208 -6.50 0.39 56.68
C GLU C 208 -4.99 0.46 56.52
N ASP C 209 -4.29 -0.66 56.69
CA ASP C 209 -2.83 -0.73 56.41
C ASP C 209 -2.50 -0.54 54.93
N ASP C 210 -3.32 -1.10 54.05
CA ASP C 210 -3.10 -0.96 52.62
C ASP C 210 -3.23 0.51 52.17
N LEU C 211 -4.25 1.20 52.68
CA LEU C 211 -4.45 2.62 52.41
C LEU C 211 -3.29 3.43 52.93
N GLU C 212 -2.83 3.13 54.14
CA GLU C 212 -1.72 3.86 54.71
C GLU C 212 -0.45 3.69 53.86
N HIS C 213 -0.20 2.48 53.38
CA HIS C 213 1.01 2.21 52.58
C HIS C 213 0.95 2.95 51.24
N LEU C 214 -0.24 2.99 50.62
CA LEU C 214 -0.46 3.83 49.42
C LEU C 214 -0.16 5.27 49.73
N TYR C 215 -0.72 5.78 50.83
CA TYR C 215 -0.54 7.20 51.12
C TYR C 215 0.96 7.56 51.32
N GLN C 216 1.71 6.68 51.98
CA GLN C 216 3.16 6.84 52.12
C GLN C 216 3.88 6.98 50.78
N GLN C 217 3.46 6.25 49.76
CA GLN C 217 4.05 6.41 48.43
C GLN C 217 3.69 7.74 47.77
N LEU C 218 2.48 8.23 48.06
CA LEU C 218 1.93 9.41 47.40
C LEU C 218 2.32 10.71 48.09
N GLU C 219 2.59 10.67 49.40
CA GLU C 219 2.82 11.90 50.16
C GLU C 219 3.93 12.83 49.59
N PRO C 220 5.07 12.28 49.14
CA PRO C 220 6.10 13.16 48.56
C PRO C 220 5.61 14.01 47.37
N LEU C 221 4.74 13.44 46.53
CA LEU C 221 4.18 14.20 45.41
C LEU C 221 3.35 15.36 45.94
N TYR C 222 2.53 15.10 46.98
CA TYR C 222 1.72 16.15 47.56
C TYR C 222 2.57 17.22 48.22
N LEU C 223 3.55 16.80 49.01
CA LEU C 223 4.45 17.76 49.68
C LEU C 223 5.10 18.73 48.68
N ASN C 224 5.55 18.20 47.54
CA ASN C 224 6.20 19.05 46.54
C ASN C 224 5.23 19.99 45.82
N LEU C 225 4.00 19.53 45.55
CA LEU C 225 2.98 20.35 44.96
C LEU C 225 2.61 21.47 45.92
N HIS C 226 2.41 21.10 47.19
CA HIS C 226 2.05 22.03 48.25
C HIS C 226 3.07 23.18 48.35
N ALA C 227 4.34 22.81 48.45
CA ALA C 227 5.44 23.81 48.56
C ALA C 227 5.50 24.77 47.36
N PHE C 228 5.32 24.21 46.17
CA PHE C 228 5.32 25.00 44.96
C PHE C 228 4.15 26.00 44.96
N VAL C 229 2.96 25.54 45.30
CA VAL C 229 1.77 26.39 45.36
C VAL C 229 1.90 27.46 46.44
N ARG C 230 2.37 27.06 47.62
CA ARG C 230 2.58 27.98 48.73
C ARG C 230 3.52 29.15 48.33
N ARG C 231 4.58 28.82 47.60
CA ARG C 231 5.50 29.87 47.08
C ARG C 231 4.77 30.87 46.21
N ALA C 232 3.91 30.39 45.32
CA ALA C 232 3.16 31.24 44.44
C ALA C 232 2.17 32.14 45.22
N LEU C 233 1.48 31.55 46.20
CA LEU C 233 0.58 32.30 47.08
C LEU C 233 1.33 33.34 47.90
N HIS C 234 2.53 33.00 48.35
CA HIS C 234 3.37 33.95 49.06
C HIS C 234 3.66 35.19 48.22
N ARG C 235 4.04 34.98 46.96
CA ARG C 235 4.34 36.08 46.04
C ARG C 235 3.12 36.97 45.77
N ARG C 236 1.94 36.38 45.81
CA ARG C 236 0.70 37.10 45.61
C ARG C 236 0.13 37.81 46.82
N TYR C 237 0.07 37.12 47.95
CA TYR C 237 -0.64 37.62 49.11
C TYR C 237 0.27 38.21 50.18
N GLY C 238 1.56 37.91 50.12
CA GLY C 238 2.56 38.51 50.98
C GLY C 238 2.85 37.71 52.22
N ASP C 239 3.91 38.11 52.90
CA ASP C 239 4.42 37.43 54.10
C ASP C 239 3.48 37.47 55.30
N ARG C 240 2.61 38.47 55.36
CA ARG C 240 1.63 38.59 56.42
C ARG C 240 0.58 37.45 56.38
N TYR C 241 0.15 37.04 55.20
CA TYR C 241 -0.90 36.01 55.07
C TYR C 241 -0.41 34.64 54.63
N ILE C 242 0.85 34.52 54.24
CA ILE C 242 1.43 33.24 53.86
C ILE C 242 2.73 33.05 54.62
N ASN C 243 2.84 31.88 55.26
CA ASN C 243 4.02 31.46 55.95
C ASN C 243 4.70 30.34 55.13
N LEU C 244 5.90 30.62 54.63
CA LEU C 244 6.62 29.66 53.79
C LEU C 244 7.03 28.38 54.50
N ARG C 245 6.92 28.35 55.83
CA ARG C 245 7.18 27.13 56.61
C ARG C 245 5.95 26.64 57.40
N GLY C 246 4.78 27.17 57.07
CA GLY C 246 3.54 26.87 57.78
C GLY C 246 2.46 26.35 56.83
N PRO C 247 1.30 25.95 57.40
CA PRO C 247 0.18 25.54 56.57
C PRO C 247 -0.39 26.68 55.77
N ILE C 248 -0.98 26.34 54.62
CA ILE C 248 -1.59 27.31 53.73
C ILE C 248 -2.99 27.65 54.27
N PRO C 249 -3.36 28.96 54.33
CA PRO C 249 -4.73 29.30 54.72
C PRO C 249 -5.77 28.63 53.81
N ALA C 250 -6.79 28.02 54.43
CA ALA C 250 -7.65 27.02 53.77
C ALA C 250 -8.61 27.58 52.72
N HIS C 251 -8.71 28.90 52.61
CA HIS C 251 -9.59 29.58 51.66
C HIS C 251 -8.92 30.05 50.34
N LEU C 252 -7.64 29.75 50.14
CA LEU C 252 -6.89 30.31 49.00
C LEU C 252 -6.60 29.36 47.87
N LEU C 253 -7.24 28.19 47.87
CA LEU C 253 -6.81 27.12 46.99
C LEU C 253 -7.83 26.79 45.91
N GLY C 254 -8.85 27.64 45.73
CA GLY C 254 -9.75 27.54 44.58
C GLY C 254 -11.08 26.84 44.81
N ASP C 255 -11.28 26.38 46.04
CA ASP C 255 -12.31 25.43 46.38
C ASP C 255 -12.65 25.59 47.87
N MET C 256 -13.94 25.48 48.20
CA MET C 256 -14.42 25.73 49.58
C MET C 256 -13.73 24.84 50.62
N TRP C 257 -13.34 23.62 50.22
CA TRP C 257 -12.69 22.64 51.09
C TRP C 257 -11.20 22.44 50.78
N ALA C 258 -10.64 23.29 49.91
CA ALA C 258 -9.26 23.14 49.44
C ALA C 258 -8.97 21.71 48.98
N GLN C 259 -9.97 21.06 48.40
CA GLN C 259 -9.86 19.63 48.12
C GLN C 259 -9.29 19.36 46.75
N SER C 260 -9.43 20.32 45.84
CA SER C 260 -8.66 20.28 44.61
C SER C 260 -8.42 21.70 44.15
N TRP C 261 -7.31 21.88 43.47
CA TRP C 261 -6.74 23.21 43.34
C TRP C 261 -6.70 23.69 41.89
N GLU C 262 -7.41 23.00 41.00
CA GLU C 262 -7.36 23.35 39.58
C GLU C 262 -7.83 24.79 39.30
N ASN C 263 -8.72 25.33 40.14
CA ASN C 263 -9.17 26.70 39.93
C ASN C 263 -8.14 27.81 40.14
N ILE C 264 -7.00 27.51 40.78
CA ILE C 264 -5.93 28.47 40.90
C ILE C 264 -4.79 28.16 39.91
N TYR C 265 -5.06 27.35 38.90
CA TYR C 265 -4.06 27.07 37.85
C TYR C 265 -3.47 28.37 37.27
N ASP C 266 -4.33 29.35 37.00
CA ASP C 266 -3.87 30.59 36.38
C ASP C 266 -2.98 31.47 37.26
N MET C 267 -2.91 31.16 38.53
CA MET C 267 -1.95 31.77 39.45
C MET C 267 -0.64 31.01 39.57
N VAL C 268 -0.59 29.77 39.11
CA VAL C 268 0.63 28.95 39.31
C VAL C 268 1.23 28.36 38.03
N VAL C 269 0.62 28.64 36.87
CA VAL C 269 1.02 28.03 35.60
C VAL C 269 2.53 28.20 35.42
N PRO C 270 3.27 27.07 35.28
CA PRO C 270 4.72 27.10 35.15
C PRO C 270 5.21 27.91 33.94
N PHE C 271 4.55 27.76 32.80
CA PHE C 271 5.02 28.36 31.54
C PHE C 271 3.89 29.13 30.87
N PRO C 272 3.68 30.38 31.33
CA PRO C 272 2.55 31.18 30.82
C PRO C 272 2.50 31.45 29.29
N ASP C 273 3.61 31.32 28.56
CA ASP C 273 3.61 31.50 27.09
C ASP C 273 3.05 30.35 26.24
N LYS C 274 2.84 29.18 26.83
CA LYS C 274 2.35 28.01 26.09
C LYS C 274 0.81 28.06 26.05
N PRO C 275 0.16 27.09 25.36
CA PRO C 275 -1.31 27.19 25.25
C PRO C 275 -2.04 27.33 26.59
N ASN C 276 -3.10 28.14 26.64
CA ASN C 276 -3.92 28.26 27.82
C ASN C 276 -4.82 27.01 27.96
N LEU C 277 -4.55 26.21 28.99
CA LEU C 277 -5.22 24.92 29.17
C LEU C 277 -6.58 24.99 29.84
N ASP C 278 -6.94 26.15 30.36
CA ASP C 278 -8.30 26.36 30.88
C ASP C 278 -9.17 26.81 29.72
N VAL C 279 -9.99 25.88 29.26
CA VAL C 279 -10.87 26.07 28.13
C VAL C 279 -12.23 26.68 28.51
N THR C 280 -12.42 27.05 29.79
CA THR C 280 -13.71 27.61 30.22
C THR C 280 -14.13 28.81 29.35
N SER C 281 -13.20 29.72 29.07
CA SER C 281 -13.48 30.88 28.21
C SER C 281 -13.98 30.52 26.83
N THR C 282 -13.38 29.49 26.24
CA THR C 282 -13.78 29.01 24.94
C THR C 282 -15.18 28.39 25.00
N MET C 283 -15.46 27.64 26.06
CA MET C 283 -16.81 27.07 26.24
C MET C 283 -17.88 28.17 26.24
N LEU C 284 -17.64 29.24 27.00
CA LEU C 284 -18.58 30.35 27.08
C LEU C 284 -18.69 31.12 25.75
N GLN C 285 -17.55 31.39 25.12
CA GLN C 285 -17.55 32.05 23.83
C GLN C 285 -18.30 31.23 22.77
N GLN C 286 -18.16 29.91 22.79
CA GLN C 286 -18.87 29.06 21.85
C GLN C 286 -20.36 28.82 22.14
N GLY C 287 -20.86 29.28 23.28
CA GLY C 287 -22.26 29.06 23.64
C GLY C 287 -22.61 27.67 24.16
N TRP C 288 -21.65 26.99 24.80
CA TRP C 288 -21.94 25.70 25.44
C TRP C 288 -22.94 25.94 26.61
N GLN C 289 -23.77 24.96 26.84
CA GLN C 289 -24.81 24.97 27.86
C GLN C 289 -24.72 23.60 28.50
N ALA C 290 -25.43 23.40 29.60
CA ALA C 290 -25.40 22.10 30.28
C ALA C 290 -25.71 20.93 29.36
N THR C 291 -26.78 21.01 28.56
CA THR C 291 -27.14 19.87 27.74
C THR C 291 -26.05 19.52 26.72
N HIS C 292 -25.33 20.52 26.21
CA HIS C 292 -24.22 20.25 25.29
C HIS C 292 -23.13 19.45 25.98
N MET C 293 -22.84 19.83 27.22
CA MET C 293 -21.82 19.16 28.02
C MET C 293 -22.16 17.69 28.23
N PHE C 294 -23.45 17.42 28.52
CA PHE C 294 -23.94 16.06 28.70
C PHE C 294 -23.90 15.27 27.41
N ARG C 295 -24.25 15.90 26.29
CA ARG C 295 -24.23 15.23 24.99
C ARG C 295 -22.80 14.90 24.53
N VAL C 296 -21.85 15.79 24.82
CA VAL C 296 -20.45 15.54 24.49
C VAL C 296 -19.89 14.39 25.33
N ALA C 297 -20.25 14.33 26.62
CA ALA C 297 -19.88 13.18 27.48
C ALA C 297 -20.47 11.88 26.97
N GLU C 298 -21.77 11.91 26.65
CA GLU C 298 -22.46 10.73 26.08
C GLU C 298 -21.76 10.21 24.84
N GLU C 299 -21.36 11.12 23.96
CA GLU C 299 -20.73 10.69 22.69
C GLU C 299 -19.39 10.01 22.95
N PHE C 300 -18.67 10.40 24.00
CA PHE C 300 -17.44 9.65 24.37
C PHE C 300 -17.79 8.22 24.72
N PHE C 301 -18.85 8.04 25.52
CA PHE C 301 -19.28 6.69 25.89
C PHE C 301 -19.66 5.85 24.67
N THR C 302 -20.43 6.42 23.75
CA THR C 302 -20.85 5.71 22.54
C THR C 302 -19.69 5.42 21.58
N SER C 303 -18.67 6.27 21.59
CA SER C 303 -17.46 6.02 20.81
C SER C 303 -16.74 4.75 21.24
N LEU C 304 -16.87 4.41 22.53
CA LEU C 304 -16.37 3.17 23.07
C LEU C 304 -17.34 1.99 22.89
N GLU C 305 -18.42 2.17 22.15
CA GLU C 305 -19.51 1.17 22.06
C GLU C 305 -20.13 0.80 23.42
N LEU C 306 -20.16 1.78 24.32
CA LEU C 306 -20.94 1.69 25.54
C LEU C 306 -22.30 2.31 25.23
N SER C 307 -23.23 2.26 26.18
CA SER C 307 -24.60 2.70 25.90
C SER C 307 -24.81 4.20 25.92
N PRO C 308 -25.68 4.70 25.02
CA PRO C 308 -26.13 6.09 25.14
C PRO C 308 -27.05 6.26 26.35
N MET C 309 -27.35 7.49 26.72
CA MET C 309 -28.30 7.74 27.79
C MET C 309 -29.72 7.51 27.24
N PRO C 310 -30.59 6.82 28.00
CA PRO C 310 -31.93 6.54 27.47
C PRO C 310 -32.83 7.79 27.52
N PRO C 311 -33.97 7.78 26.79
CA PRO C 311 -34.91 8.92 26.80
C PRO C 311 -35.37 9.32 28.19
N GLU C 312 -35.54 8.33 29.06
CA GLU C 312 -35.91 8.57 30.46
C GLU C 312 -34.88 9.41 31.19
N PHE C 313 -33.60 9.20 30.89
CA PHE C 313 -32.54 10.08 31.44
C PHE C 313 -32.72 11.54 31.04
N TRP C 314 -32.91 11.82 29.75
CA TRP C 314 -33.01 13.21 29.30
C TRP C 314 -34.30 13.87 29.78
N GLU C 315 -35.38 13.10 29.83
CA GLU C 315 -36.68 13.63 30.28
C GLU C 315 -36.74 13.88 31.76
N GLY C 316 -36.13 12.99 32.54
CA GLY C 316 -36.27 13.05 33.99
C GLY C 316 -35.19 13.82 34.73
N SER C 317 -34.02 14.00 34.12
CA SER C 317 -32.88 14.58 34.81
C SER C 317 -33.05 16.06 35.13
N MET C 318 -32.37 16.50 36.18
CA MET C 318 -32.26 17.91 36.56
C MET C 318 -30.83 18.35 36.24
N LEU C 319 -30.63 18.97 35.07
CA LEU C 319 -29.27 19.26 34.57
C LEU C 319 -28.83 20.69 34.77
N GLU C 320 -29.73 21.55 35.27
CA GLU C 320 -29.42 22.91 35.67
C GLU C 320 -30.16 23.26 36.96
N LYS C 321 -29.61 24.21 37.71
CA LYS C 321 -30.29 24.73 38.88
C LYS C 321 -31.65 25.34 38.45
N PRO C 322 -32.76 24.98 39.13
CA PRO C 322 -34.05 25.54 38.69
C PRO C 322 -34.18 27.04 38.95
N ALA C 323 -34.69 27.75 37.94
CA ALA C 323 -34.83 29.22 37.97
C ALA C 323 -36.14 29.69 38.59
N ASP C 324 -37.05 28.78 38.93
CA ASP C 324 -38.22 29.14 39.77
C ASP C 324 -37.80 29.45 41.23
N GLY C 325 -36.49 29.39 41.52
CA GLY C 325 -35.95 29.75 42.82
C GLY C 325 -36.21 28.75 43.94
N ARG C 326 -36.85 27.61 43.65
CA ARG C 326 -37.14 26.59 44.67
C ARG C 326 -35.85 25.94 45.14
N GLU C 327 -35.86 25.41 46.36
CA GLU C 327 -34.64 24.90 46.99
C GLU C 327 -34.37 23.49 46.46
N VAL C 328 -33.10 23.20 46.15
CA VAL C 328 -32.69 21.89 45.68
C VAL C 328 -31.37 21.49 46.34
N VAL C 329 -31.06 20.20 46.29
CA VAL C 329 -29.73 19.71 46.63
C VAL C 329 -28.91 19.88 45.35
N CYS C 330 -28.03 20.86 45.33
CA CYS C 330 -27.23 21.11 44.11
C CYS C 330 -26.06 20.15 43.93
N HIS C 331 -25.56 19.56 45.02
CA HIS C 331 -24.41 18.66 44.91
C HIS C 331 -24.66 17.59 43.85
N ALA C 332 -23.74 17.44 42.91
CA ALA C 332 -23.89 16.51 41.77
C ALA C 332 -24.10 15.06 42.21
N SER C 333 -25.12 14.39 41.65
CA SER C 333 -25.34 12.99 41.96
C SER C 333 -26.04 12.24 40.81
N ALA C 334 -25.85 10.93 40.80
CA ALA C 334 -26.38 10.03 39.79
C ALA C 334 -27.27 9.00 40.48
N TRP C 335 -28.39 8.69 39.82
CA TRP C 335 -29.53 7.99 40.43
C TRP C 335 -29.94 6.77 39.61
N ASP C 336 -29.98 5.62 40.29
CA ASP C 336 -30.56 4.38 39.80
C ASP C 336 -31.91 4.18 40.53
N PHE C 337 -32.99 4.08 39.77
CA PHE C 337 -34.33 3.92 40.33
C PHE C 337 -34.70 2.46 40.57
N TYR C 338 -33.81 1.52 40.20
CA TYR C 338 -33.97 0.08 40.40
C TYR C 338 -35.15 -0.56 39.64
N ASN C 339 -35.68 0.13 38.64
CA ASN C 339 -36.72 -0.44 37.76
C ASN C 339 -36.19 -0.73 36.36
N ARG C 340 -34.86 -0.69 36.17
CA ARG C 340 -34.21 -0.96 34.89
C ARG C 340 -34.56 0.01 33.75
N LYS C 341 -35.25 1.12 34.04
CA LYS C 341 -35.67 2.09 33.01
C LYS C 341 -35.23 3.50 33.34
N ASP C 342 -35.39 3.92 34.60
CA ASP C 342 -35.19 5.29 35.01
C ASP C 342 -33.83 5.44 35.66
N PHE C 343 -33.04 6.33 35.06
CA PHE C 343 -31.69 6.64 35.52
C PHE C 343 -31.56 8.13 35.27
N ARG C 344 -31.00 8.85 36.23
CA ARG C 344 -31.03 10.31 36.22
C ARG C 344 -29.78 10.90 36.87
N ILE C 345 -29.39 12.06 36.36
CA ILE C 345 -28.43 12.95 37.03
C ILE C 345 -29.14 14.18 37.58
N LYS C 346 -28.71 14.60 38.76
CA LYS C 346 -29.16 15.83 39.40
C LYS C 346 -27.90 16.66 39.64
N GLN C 347 -27.69 17.66 38.80
CA GLN C 347 -26.52 18.54 38.84
C GLN C 347 -26.94 19.98 38.51
N CYS C 348 -26.53 20.92 39.36
CA CYS C 348 -26.69 22.34 39.08
C CYS C 348 -25.56 22.81 38.19
N THR C 349 -25.61 22.34 36.94
CA THR C 349 -24.45 22.37 36.03
C THR C 349 -24.07 23.80 35.69
N ARG C 350 -22.80 24.15 35.84
CA ARG C 350 -22.28 25.44 35.37
C ARG C 350 -21.39 25.18 34.16
N VAL C 351 -21.26 26.17 33.28
CA VAL C 351 -20.42 26.02 32.08
C VAL C 351 -18.96 26.32 32.42
N THR C 352 -18.24 25.30 32.87
CA THR C 352 -16.82 25.38 33.15
C THR C 352 -16.13 24.08 32.77
N MET C 353 -14.82 24.16 32.61
CA MET C 353 -14.01 22.97 32.36
C MET C 353 -14.11 21.94 33.50
N ASP C 354 -13.99 22.37 34.76
CA ASP C 354 -14.08 21.38 35.85
C ASP C 354 -15.48 20.77 35.93
N GLN C 355 -16.51 21.53 35.58
CA GLN C 355 -17.87 20.98 35.49
C GLN C 355 -18.03 19.96 34.38
N LEU C 356 -17.34 20.12 33.25
CA LEU C 356 -17.33 19.12 32.21
C LEU C 356 -16.77 17.80 32.72
N SER C 357 -15.72 17.85 33.54
CA SER C 357 -15.20 16.63 34.19
C SER C 357 -16.22 16.01 35.14
N THR C 358 -16.89 16.82 35.95
CA THR C 358 -17.97 16.36 36.83
C THR C 358 -19.10 15.68 36.03
N VAL C 359 -19.47 16.24 34.87
CA VAL C 359 -20.46 15.62 33.99
C VAL C 359 -20.02 14.20 33.60
N HIS C 360 -18.74 14.05 33.24
CA HIS C 360 -18.23 12.73 32.89
C HIS C 360 -18.25 11.79 34.13
N HIS C 361 -17.87 12.35 35.29
CA HIS C 361 -17.91 11.60 36.55
C HIS C 361 -19.31 11.02 36.82
N GLU C 362 -20.33 11.85 36.72
CA GLU C 362 -21.69 11.45 37.00
C GLU C 362 -22.23 10.49 35.93
N MET C 363 -21.90 10.74 34.67
CA MET C 363 -22.32 9.85 33.60
C MET C 363 -21.65 8.46 33.70
N GLY C 364 -20.47 8.39 34.33
CA GLY C 364 -19.83 7.10 34.57
C GLY C 364 -20.65 6.21 35.50
N HIS C 365 -21.20 6.83 36.54
CA HIS C 365 -22.17 6.15 37.40
C HIS C 365 -23.37 5.63 36.60
N ILE C 366 -23.95 6.51 35.77
CA ILE C 366 -25.09 6.13 34.95
C ILE C 366 -24.72 4.97 34.03
N GLN C 367 -23.57 5.02 33.38
CA GLN C 367 -23.14 3.91 32.53
C GLN C 367 -23.02 2.58 33.30
N TYR C 368 -22.49 2.63 34.51
CA TYR C 368 -22.44 1.45 35.38
C TYR C 368 -23.87 0.88 35.59
N TYR C 369 -24.82 1.76 35.92
CA TYR C 369 -26.21 1.35 36.18
C TYR C 369 -26.80 0.68 34.94
N LEU C 370 -26.54 1.28 33.76
CA LEU C 370 -27.03 0.73 32.48
C LEU C 370 -26.49 -0.65 32.17
N GLN C 371 -25.22 -0.88 32.50
CA GLN C 371 -24.56 -2.13 32.18
C GLN C 371 -24.89 -3.28 33.12
N TYR C 372 -25.20 -2.97 34.38
CA TYR C 372 -25.57 -4.03 35.33
C TYR C 372 -27.07 -4.11 35.69
N LYS C 373 -27.92 -3.40 34.93
CA LYS C 373 -29.35 -3.28 35.26
C LYS C 373 -30.12 -4.63 35.27
N ASP C 374 -29.61 -5.65 34.57
CA ASP C 374 -30.24 -6.99 34.57
C ASP C 374 -29.67 -7.98 35.59
N LEU C 375 -28.68 -7.56 36.38
CA LEU C 375 -28.26 -8.37 37.52
C LEU C 375 -29.36 -8.37 38.59
N PRO C 376 -29.37 -9.40 39.47
CA PRO C 376 -30.12 -9.32 40.72
C PRO C 376 -29.89 -7.99 41.43
N VAL C 377 -30.95 -7.43 41.98
CA VAL C 377 -30.91 -6.13 42.60
C VAL C 377 -29.75 -5.95 43.63
N SER C 378 -29.47 -6.98 44.44
CA SER C 378 -28.41 -6.91 45.46
C SER C 378 -27.00 -6.80 44.87
N LEU C 379 -26.83 -7.20 43.61
CA LEU C 379 -25.56 -7.10 42.87
C LEU C 379 -25.45 -5.83 41.98
N ARG C 380 -26.41 -4.92 42.05
CA ARG C 380 -26.34 -3.68 41.27
C ARG C 380 -25.57 -2.62 42.07
N ARG C 381 -24.27 -2.84 42.17
CA ARG C 381 -23.32 -1.97 42.88
C ARG C 381 -21.99 -2.11 42.16
N GLY C 382 -21.04 -1.25 42.51
CA GLY C 382 -19.71 -1.36 41.91
C GLY C 382 -19.00 -2.56 42.52
N ALA C 383 -17.96 -3.05 41.87
CA ALA C 383 -17.20 -4.17 42.46
C ALA C 383 -16.73 -3.80 43.90
N ASN C 384 -16.36 -2.53 44.06
CA ASN C 384 -16.39 -1.86 45.36
C ASN C 384 -16.79 -0.39 45.09
N PRO C 385 -17.04 0.40 46.16
CA PRO C 385 -17.52 1.76 45.85
C PRO C 385 -16.51 2.66 45.10
N GLY C 386 -15.21 2.42 45.30
CA GLY C 386 -14.13 3.02 44.50
C GLY C 386 -14.25 2.85 42.99
N PHE C 387 -14.65 1.65 42.55
CA PHE C 387 -14.85 1.37 41.13
C PHE C 387 -15.91 2.29 40.56
N HIS C 388 -17.02 2.46 41.30
CA HIS C 388 -18.12 3.31 40.83
C HIS C 388 -17.65 4.73 40.64
N GLU C 389 -16.86 5.22 41.59
CA GLU C 389 -16.35 6.59 41.51
C GLU C 389 -15.29 6.79 40.40
N ALA C 390 -14.64 5.73 39.96
CA ALA C 390 -13.53 5.83 39.01
C ALA C 390 -13.97 5.88 37.53
N ILE C 391 -15.16 5.39 37.20
CA ILE C 391 -15.48 5.08 35.79
C ILE C 391 -15.44 6.35 34.94
N GLY C 392 -16.21 7.34 35.34
CA GLY C 392 -16.27 8.58 34.60
C GLY C 392 -14.98 9.35 34.58
N ASP C 393 -14.22 9.28 35.69
CA ASP C 393 -12.95 9.97 35.85
C ASP C 393 -11.96 9.44 34.83
N VAL C 394 -11.94 8.12 34.61
CA VAL C 394 -11.06 7.52 33.59
C VAL C 394 -11.32 8.16 32.23
N LEU C 395 -12.59 8.25 31.83
CA LEU C 395 -12.89 8.91 30.55
C LEU C 395 -12.46 10.36 30.57
N ALA C 396 -12.71 11.06 31.67
CA ALA C 396 -12.32 12.47 31.78
C ALA C 396 -10.79 12.65 31.60
N LEU C 397 -9.99 11.68 32.03
CA LEU C 397 -8.52 11.76 31.84
C LEU C 397 -8.18 11.85 30.35
N SER C 398 -8.86 11.06 29.52
CA SER C 398 -8.69 11.15 28.05
C SER C 398 -9.19 12.50 27.52
N VAL C 399 -10.37 12.92 27.98
CA VAL C 399 -10.99 14.17 27.50
C VAL C 399 -10.10 15.41 27.77
N SER C 400 -9.45 15.43 28.92
CA SER C 400 -8.69 16.56 29.37
C SER C 400 -7.35 16.76 28.60
N THR C 401 -6.89 15.72 27.90
CA THR C 401 -5.65 15.86 27.13
C THR C 401 -5.76 16.99 26.11
N PRO C 402 -4.68 17.78 25.95
CA PRO C 402 -4.76 18.85 24.96
C PRO C 402 -5.11 18.34 23.55
N GLU C 403 -4.67 17.15 23.20
CA GLU C 403 -5.04 16.54 21.92
C GLU C 403 -6.54 16.29 21.84
N HIS C 404 -7.16 15.78 22.91
CA HIS C 404 -8.59 15.55 22.85
C HIS C 404 -9.38 16.87 22.80
N LEU C 405 -8.95 17.83 23.60
CA LEU C 405 -9.58 19.14 23.63
C LEU C 405 -9.50 19.80 22.25
N HIS C 406 -8.39 19.58 21.55
CA HIS C 406 -8.26 20.05 20.17
C HIS C 406 -9.33 19.39 19.29
N LYS C 407 -9.49 18.07 19.40
CA LYS C 407 -10.51 17.34 18.60
C LYS C 407 -11.96 17.83 18.78
N ILE C 408 -12.31 18.31 19.97
CA ILE C 408 -13.67 18.79 20.24
C ILE C 408 -13.82 20.31 20.17
N GLY C 409 -12.83 20.98 19.58
CA GLY C 409 -12.92 22.39 19.25
C GLY C 409 -12.70 23.36 20.40
N LEU C 410 -12.09 22.90 21.49
CA LEU C 410 -11.89 23.70 22.69
C LEU C 410 -10.46 24.19 22.93
N LEU C 411 -9.51 23.78 22.08
CA LEU C 411 -8.12 24.25 22.21
C LEU C 411 -7.48 24.30 20.83
N ASP C 412 -7.31 25.50 20.29
CA ASP C 412 -6.85 25.64 18.89
C ASP C 412 -5.37 25.33 18.74
N ARG C 413 -4.52 25.98 19.54
CA ARG C 413 -3.06 25.73 19.51
C ARG C 413 -2.77 24.29 19.91
N VAL C 414 -1.88 23.65 19.19
CA VAL C 414 -1.41 22.32 19.55
C VAL C 414 0.12 22.43 19.64
N THR C 415 0.70 21.88 20.70
CA THR C 415 2.15 21.92 20.95
C THR C 415 2.55 20.57 21.57
N ASN C 416 3.78 20.09 21.35
CA ASN C 416 4.27 18.86 22.04
C ASN C 416 5.70 19.03 22.53
N ASP C 417 5.90 19.97 23.43
CA ASP C 417 7.22 20.32 23.93
C ASP C 417 7.20 20.11 25.42
N THR C 418 8.38 20.19 26.05
CA THR C 418 8.50 19.83 27.46
C THR C 418 7.78 20.82 28.41
N GLU C 419 7.71 22.09 28.01
CA GLU C 419 7.07 23.11 28.83
C GLU C 419 5.54 22.90 28.84
N SER C 420 4.98 22.58 27.65
CA SER C 420 3.55 22.30 27.52
C SER C 420 3.14 21.08 28.31
N ASP C 421 3.99 20.06 28.30
CA ASP C 421 3.81 18.88 29.14
C ASP C 421 3.76 19.22 30.64
N ILE C 422 4.73 20.02 31.11
CA ILE C 422 4.77 20.39 32.52
C ILE C 422 3.48 21.17 32.86
N ASN C 423 3.06 22.11 32.01
CA ASN C 423 1.83 22.85 32.28
C ASN C 423 0.64 21.92 32.48
N TYR C 424 0.46 21.00 31.53
CA TYR C 424 -0.64 20.04 31.60
C TYR C 424 -0.58 19.18 32.85
N LEU C 425 0.58 18.55 33.09
CA LEU C 425 0.74 17.70 34.27
C LEU C 425 0.59 18.49 35.58
N LEU C 426 1.03 19.74 35.60
CA LEU C 426 0.79 20.57 36.77
C LEU C 426 -0.72 20.81 36.96
N LYS C 427 -1.41 21.16 35.90
CA LYS C 427 -2.86 21.34 35.97
C LYS C 427 -3.56 20.08 36.49
N MET C 428 -3.15 18.92 35.98
CA MET C 428 -3.71 17.63 36.43
C MET C 428 -3.34 17.33 37.88
N ALA C 429 -2.13 17.69 38.29
CA ALA C 429 -1.70 17.51 39.68
C ALA C 429 -2.55 18.33 40.64
N LEU C 430 -2.87 19.56 40.25
CA LEU C 430 -3.74 20.39 41.05
C LEU C 430 -5.10 19.71 41.30
N GLU C 431 -5.60 19.00 40.29
CA GLU C 431 -6.90 18.32 40.34
C GLU C 431 -6.82 17.00 41.12
N LYS C 432 -5.77 16.19 40.87
CA LYS C 432 -5.69 14.81 41.35
C LYS C 432 -4.78 14.64 42.58
N ILE C 433 -3.59 15.23 42.55
CA ILE C 433 -2.64 15.05 43.64
C ILE C 433 -3.08 15.83 44.86
N ALA C 434 -3.56 17.04 44.66
CA ALA C 434 -4.02 17.84 45.79
C ALA C 434 -5.18 17.20 46.57
N PHE C 435 -6.02 16.46 45.86
CA PHE C 435 -7.18 15.77 46.47
C PHE C 435 -6.77 14.64 47.40
N LEU C 436 -5.66 13.96 47.09
CA LEU C 436 -5.30 12.73 47.81
C LEU C 436 -5.38 12.82 49.34
N PRO C 437 -4.75 13.83 49.95
CA PRO C 437 -4.84 13.94 51.43
C PRO C 437 -6.26 14.14 51.95
N PHE C 438 -7.08 14.90 51.22
CA PHE C 438 -8.46 15.13 51.62
C PHE C 438 -9.29 13.88 51.46
N GLY C 439 -9.15 13.18 50.33
CA GLY C 439 -9.80 11.88 50.13
C GLY C 439 -9.49 10.86 51.20
N TYR C 440 -8.26 10.93 51.73
CA TYR C 440 -7.84 10.03 52.77
C TYR C 440 -8.33 10.44 54.15
N LEU C 441 -8.36 11.73 54.46
CA LEU C 441 -8.61 12.17 55.85
C LEU C 441 -10.09 12.20 56.28
N VAL C 442 -11.01 12.45 55.35
CA VAL C 442 -12.41 12.65 55.72
C VAL C 442 -12.96 11.46 56.49
N ASP C 443 -12.74 10.24 55.99
CA ASP C 443 -13.26 9.09 56.71
C ASP C 443 -12.35 8.66 57.85
N GLN C 444 -11.09 9.10 57.88
CA GLN C 444 -10.34 8.99 59.14
C GLN C 444 -11.04 9.74 60.26
N TRP C 445 -11.52 10.94 59.97
CA TRP C 445 -12.29 11.71 60.94
C TRP C 445 -13.58 10.98 61.34
N ARG C 446 -14.35 10.55 60.34
CA ARG C 446 -15.63 9.88 60.63
C ARG C 446 -15.47 8.53 61.31
N TRP C 447 -14.49 7.73 60.89
CA TRP C 447 -14.21 6.48 61.58
C TRP C 447 -13.95 6.71 63.06
N GLY C 448 -13.20 7.74 63.41
CA GLY C 448 -12.97 8.10 64.81
C GLY C 448 -14.20 8.58 65.55
N VAL C 449 -15.08 9.31 64.88
CA VAL C 449 -16.37 9.70 65.46
C VAL C 449 -17.23 8.45 65.70
N PHE C 450 -17.35 7.58 64.70
CA PHE C 450 -18.16 6.36 64.89
C PHE C 450 -17.62 5.45 65.99
N SER C 451 -16.29 5.34 66.12
CA SER C 451 -15.70 4.46 67.11
C SER C 451 -15.73 5.05 68.52
N GLY C 452 -16.02 6.35 68.67
CA GLY C 452 -15.98 7.01 69.99
C GLY C 452 -14.64 7.65 70.34
N ARG C 453 -13.61 7.44 69.52
CA ARG C 453 -12.31 8.10 69.74
C ARG C 453 -12.41 9.61 69.65
N THR C 454 -13.36 10.12 68.84
CA THR C 454 -13.61 11.56 68.71
C THR C 454 -15.04 11.83 69.16
N PRO C 455 -15.20 12.25 70.43
CA PRO C 455 -16.51 12.65 70.90
C PRO C 455 -16.88 14.03 70.40
N PRO C 456 -18.14 14.46 70.60
CA PRO C 456 -18.56 15.81 70.21
C PRO C 456 -17.68 16.93 70.76
N SER C 457 -17.15 16.77 71.97
CA SER C 457 -16.25 17.78 72.54
C SER C 457 -14.96 17.97 71.75
N ARG C 458 -14.62 17.04 70.86
CA ARG C 458 -13.47 17.17 69.98
C ARG C 458 -13.74 17.09 68.46
N TYR C 459 -15.00 17.24 68.02
CA TYR C 459 -15.28 17.23 66.58
C TYR C 459 -14.36 18.15 65.76
N ASN C 460 -14.27 19.42 66.16
CA ASN C 460 -13.52 20.39 65.42
C ASN C 460 -12.00 20.32 65.63
N PHE C 461 -11.59 20.09 66.88
CA PHE C 461 -10.18 19.86 67.25
C PHE C 461 -9.57 18.71 66.43
N ASP C 462 -10.26 17.58 66.37
CA ASP C 462 -9.77 16.44 65.57
C ASP C 462 -9.89 16.63 64.05
N TRP C 463 -10.91 17.35 63.60
CA TRP C 463 -11.03 17.68 62.17
C TRP C 463 -9.83 18.49 61.73
N TRP C 464 -9.51 19.56 62.47
CA TRP C 464 -8.40 20.44 62.11
C TRP C 464 -7.06 19.78 62.34
N TYR C 465 -6.96 18.88 63.34
CA TYR C 465 -5.75 18.06 63.48
C TYR C 465 -5.48 17.32 62.17
N LEU C 466 -6.50 16.64 61.63
CA LEU C 466 -6.37 15.88 60.41
C LEU C 466 -6.15 16.74 59.17
N ARG C 467 -6.85 17.87 59.09
CA ARG C 467 -6.70 18.79 57.97
C ARG C 467 -5.28 19.34 57.89
N THR C 468 -4.71 19.69 59.04
CA THR C 468 -3.33 20.12 59.10
C THR C 468 -2.38 18.96 58.81
N LYS C 469 -2.61 17.80 59.44
CA LYS C 469 -1.74 16.63 59.31
C LYS C 469 -1.53 16.23 57.84
N TYR C 470 -2.63 16.11 57.10
CA TYR C 470 -2.61 15.60 55.71
C TYR C 470 -2.52 16.71 54.68
N GLN C 471 -3.41 17.70 54.77
CA GLN C 471 -3.42 18.76 53.76
C GLN C 471 -2.43 19.91 53.97
N GLY C 472 -1.95 20.10 55.20
CA GLY C 472 -1.08 21.22 55.50
C GLY C 472 -1.78 22.54 55.24
N ILE C 473 -3.02 22.62 55.71
CA ILE C 473 -3.80 23.85 55.68
C ILE C 473 -4.20 24.20 57.11
N CYS C 474 -4.61 25.44 57.28
CA CYS C 474 -5.06 25.99 58.56
C CYS C 474 -6.27 26.88 58.31
N PRO C 475 -7.21 26.98 59.30
CA PRO C 475 -8.37 27.84 59.09
C PRO C 475 -7.96 29.31 59.08
N PRO C 476 -8.56 30.12 58.20
CA PRO C 476 -8.11 31.52 58.06
C PRO C 476 -8.75 32.50 59.07
N VAL C 477 -9.72 32.00 59.84
CA VAL C 477 -10.15 32.65 61.07
C VAL C 477 -10.11 31.62 62.17
N THR C 478 -10.08 32.12 63.39
CA THR C 478 -10.05 31.29 64.57
C THR C 478 -11.32 30.40 64.65
N ARG C 479 -11.13 29.13 65.02
CA ARG C 479 -12.25 28.20 65.25
C ARG C 479 -12.18 27.68 66.68
N ASN C 480 -13.31 27.26 67.21
CA ASN C 480 -13.42 26.60 68.50
C ASN C 480 -14.49 25.49 68.39
N GLU C 481 -14.84 24.84 69.49
CA GLU C 481 -15.80 23.71 69.43
C GLU C 481 -17.27 24.05 69.22
N THR C 482 -17.62 25.33 69.18
CA THR C 482 -18.94 25.72 68.71
C THR C 482 -19.04 25.48 67.22
N HIS C 483 -17.93 25.60 66.51
CA HIS C 483 -17.89 25.31 65.07
C HIS C 483 -17.84 23.82 64.79
N PHE C 484 -18.40 23.44 63.65
CA PHE C 484 -18.48 22.04 63.22
C PHE C 484 -18.14 22.04 61.74
N ASP C 485 -16.86 22.23 61.47
CA ASP C 485 -16.40 22.47 60.11
C ASP C 485 -16.48 21.23 59.20
N ALA C 486 -16.43 20.04 59.80
CA ALA C 486 -16.71 18.80 59.05
C ALA C 486 -18.13 18.80 58.48
N GLY C 487 -19.07 19.43 59.19
CA GLY C 487 -20.45 19.51 58.79
C GLY C 487 -20.67 20.36 57.57
N ALA C 488 -19.73 21.26 57.26
CA ALA C 488 -19.83 22.11 56.08
C ALA C 488 -19.36 21.45 54.78
N LYS C 489 -19.07 20.15 54.84
CA LYS C 489 -18.73 19.35 53.66
C LYS C 489 -19.92 18.43 53.38
N PHE C 490 -20.47 18.49 52.17
CA PHE C 490 -21.68 17.74 51.77
C PHE C 490 -21.84 16.35 52.34
N HIS C 491 -20.81 15.54 52.14
CA HIS C 491 -20.83 14.13 52.43
C HIS C 491 -21.06 13.81 53.90
N VAL C 492 -20.73 14.75 54.79
CA VAL C 492 -20.94 14.52 56.23
C VAL C 492 -22.45 14.50 56.63
N PRO C 493 -23.16 15.64 56.54
CA PRO C 493 -24.60 15.67 56.81
C PRO C 493 -25.43 14.80 55.86
N ASN C 494 -24.92 14.55 54.65
CA ASN C 494 -25.61 13.68 53.73
C ASN C 494 -25.18 12.20 53.83
N VAL C 495 -24.38 11.86 54.83
CA VAL C 495 -24.08 10.47 55.15
C VAL C 495 -23.62 9.64 53.93
N THR C 496 -22.68 10.18 53.16
CA THR C 496 -22.11 9.51 52.01
C THR C 496 -20.66 9.23 52.36
N PRO C 497 -20.26 7.95 52.38
CA PRO C 497 -18.87 7.63 52.69
C PRO C 497 -17.88 8.27 51.69
N TYR C 498 -16.64 8.47 52.15
CA TYR C 498 -15.64 9.23 51.41
C TYR C 498 -14.43 8.43 50.93
N ILE C 499 -14.06 7.34 51.61
CA ILE C 499 -12.82 6.64 51.26
C ILE C 499 -12.84 6.16 49.81
N ARG C 500 -14.03 5.83 49.30
CA ARG C 500 -14.28 5.60 47.88
C ARG C 500 -13.54 6.54 46.93
N TYR C 501 -13.48 7.83 47.27
CA TYR C 501 -12.84 8.80 46.39
C TYR C 501 -11.30 8.69 46.43
N PHE C 502 -10.71 8.46 47.60
CA PHE C 502 -9.29 8.12 47.67
C PHE C 502 -8.96 6.87 46.85
N VAL C 503 -9.77 5.83 47.02
CA VAL C 503 -9.56 4.59 46.32
C VAL C 503 -9.69 4.83 44.81
N SER C 504 -10.70 5.61 44.45
CA SER C 504 -10.93 6.01 43.06
C SER C 504 -9.77 6.73 42.38
N PHE C 505 -9.16 7.67 43.09
CA PHE C 505 -8.07 8.49 42.55
C PHE C 505 -6.80 7.66 42.28
N VAL C 506 -6.60 6.58 43.02
CA VAL C 506 -5.52 5.63 42.71
C VAL C 506 -5.96 4.68 41.60
N LEU C 507 -7.13 4.10 41.77
CA LEU C 507 -7.66 3.13 40.85
C LEU C 507 -7.81 3.65 39.41
N GLN C 508 -8.18 4.92 39.24
CA GLN C 508 -8.44 5.44 37.90
C GLN C 508 -7.20 5.46 36.99
N PHE C 509 -6.03 5.65 37.58
CA PHE C 509 -4.77 5.56 36.85
C PHE C 509 -4.44 4.12 36.49
N GLN C 510 -4.79 3.17 37.35
CA GLN C 510 -4.61 1.74 37.00
C GLN C 510 -5.50 1.38 35.83
N PHE C 511 -6.77 1.79 35.92
CA PHE C 511 -7.69 1.67 34.81
C PHE C 511 -7.19 2.35 33.53
N HIS C 512 -6.74 3.58 33.65
CA HIS C 512 -6.28 4.36 32.50
C HIS C 512 -5.14 3.62 31.78
N GLU C 513 -4.18 3.19 32.56
CA GLU C 513 -3.06 2.43 32.02
C GLU C 513 -3.50 1.16 31.27
N ALA C 514 -4.42 0.41 31.86
CA ALA C 514 -4.91 -0.81 31.23
C ALA C 514 -5.68 -0.56 29.96
N LEU C 515 -6.56 0.44 29.95
CA LEU C 515 -7.33 0.76 28.77
C LEU C 515 -6.47 1.32 27.66
N CYS C 516 -5.47 2.11 28.02
CA CYS C 516 -4.54 2.68 27.05
C CYS C 516 -3.73 1.57 26.33
N LYS C 517 -3.23 0.62 27.10
CA LYS C 517 -2.56 -0.57 26.56
C LYS C 517 -3.49 -1.36 25.64
N GLU C 518 -4.74 -1.56 26.08
CA GLU C 518 -5.70 -2.32 25.28
C GLU C 518 -6.07 -1.59 23.98
N ALA C 519 -6.09 -0.26 24.02
CA ALA C 519 -6.32 0.55 22.83
C ALA C 519 -5.16 0.50 21.81
N GLY C 520 -4.02 -0.07 22.19
CA GLY C 520 -2.85 -0.14 21.32
C GLY C 520 -2.03 1.15 21.36
N TYR C 521 -2.26 1.99 22.36
CA TYR C 521 -1.53 3.24 22.49
C TYR C 521 -0.14 2.97 23.09
N GLU C 522 0.89 3.59 22.53
CA GLU C 522 2.27 3.30 22.96
C GLU C 522 3.10 4.51 23.46
N GLY C 523 2.50 5.69 23.44
CA GLY C 523 3.13 6.89 23.91
C GLY C 523 3.10 7.07 25.41
N PRO C 524 3.51 8.24 25.88
CA PRO C 524 3.47 8.56 27.29
C PRO C 524 2.04 8.47 27.83
N LEU C 525 1.90 7.95 29.04
CA LEU C 525 0.60 7.62 29.60
C LEU C 525 -0.32 8.84 29.70
N HIS C 526 0.27 9.99 30.04
CA HIS C 526 -0.50 11.21 30.20
C HIS C 526 -0.96 11.83 28.90
N GLN C 527 -0.54 11.29 27.75
CA GLN C 527 -1.03 11.74 26.45
C GLN C 527 -1.92 10.70 25.75
N CYS C 528 -2.27 9.64 26.45
CA CYS C 528 -3.22 8.68 25.94
C CYS C 528 -4.62 9.29 25.83
N ASP C 529 -5.30 8.98 24.73
CA ASP C 529 -6.72 9.28 24.56
C ASP C 529 -7.39 8.01 24.07
N ILE C 530 -8.31 7.45 24.85
CA ILE C 530 -8.99 6.21 24.46
C ILE C 530 -10.21 6.38 23.57
N TYR C 531 -10.55 7.63 23.24
CA TYR C 531 -11.66 7.97 22.33
C TYR C 531 -11.70 7.06 21.12
N ARG C 532 -12.87 6.51 20.82
CA ARG C 532 -13.10 5.64 19.68
C ARG C 532 -12.41 4.26 19.72
N SER C 533 -11.80 3.89 20.84
CA SER C 533 -11.27 2.55 21.00
C SER C 533 -12.35 1.57 21.44
N THR C 534 -12.84 0.78 20.50
CA THR C 534 -13.84 -0.23 20.80
C THR C 534 -13.23 -1.34 21.68
N LYS C 535 -11.94 -1.63 21.53
CA LYS C 535 -11.28 -2.60 22.39
C LYS C 535 -11.16 -2.15 23.85
N ALA C 536 -10.80 -0.88 24.04
CA ALA C 536 -10.82 -0.29 25.38
C ALA C 536 -12.24 -0.36 25.95
N GLY C 537 -13.22 -0.02 25.12
CA GLY C 537 -14.64 -0.04 25.51
C GLY C 537 -15.10 -1.41 25.96
N ALA C 538 -14.69 -2.45 25.24
CA ALA C 538 -15.06 -3.82 25.58
C ALA C 538 -14.44 -4.27 26.90
N LYS C 539 -13.20 -3.84 27.15
CA LYS C 539 -12.53 -4.17 28.40
C LYS C 539 -13.20 -3.48 29.60
N LEU C 540 -13.58 -2.22 29.41
CA LEU C 540 -14.32 -1.51 30.44
C LEU C 540 -15.75 -2.09 30.66
N ARG C 541 -16.43 -2.47 29.57
CA ARG C 541 -17.77 -3.05 29.64
C ARG C 541 -17.80 -4.29 30.50
N LYS C 542 -16.75 -5.12 30.39
CA LYS C 542 -16.59 -6.30 31.21
C LYS C 542 -16.60 -5.99 32.71
N VAL C 543 -15.93 -4.90 33.11
CA VAL C 543 -15.99 -4.47 34.50
C VAL C 543 -17.40 -4.05 34.89
N LEU C 544 -18.03 -3.23 34.06
CA LEU C 544 -19.31 -2.61 34.45
C LEU C 544 -20.43 -3.66 34.55
N ARG C 545 -20.44 -4.61 33.61
CA ARG C 545 -21.42 -5.70 33.59
C ARG C 545 -21.34 -6.64 34.80
N ALA C 546 -20.18 -6.74 35.45
CA ALA C 546 -20.02 -7.62 36.61
C ALA C 546 -20.75 -7.13 37.86
N GLY C 547 -21.03 -5.83 37.97
CA GLY C 547 -21.58 -5.28 39.20
C GLY C 547 -20.76 -5.74 40.40
N SER C 548 -21.45 -6.17 41.46
CA SER C 548 -20.79 -6.80 42.61
C SER C 548 -20.95 -8.34 42.63
N SER C 549 -21.14 -8.94 41.47
CA SER C 549 -21.28 -10.40 41.36
C SER C 549 -19.99 -11.16 41.72
N ARG C 550 -18.82 -10.52 41.58
CA ARG C 550 -17.54 -11.19 41.89
C ARG C 550 -16.62 -10.32 42.79
N PRO C 551 -15.65 -10.94 43.51
CA PRO C 551 -14.77 -10.15 44.35
C PRO C 551 -14.02 -9.10 43.52
N TRP C 552 -13.97 -7.88 44.02
CA TRP C 552 -13.32 -6.79 43.28
C TRP C 552 -11.86 -7.09 42.91
N GLN C 553 -11.15 -7.83 43.76
CA GLN C 553 -9.74 -8.21 43.52
C GLN C 553 -9.58 -9.03 42.24
N GLU C 554 -10.57 -9.87 41.96
CA GLU C 554 -10.57 -10.72 40.77
C GLU C 554 -10.99 -9.94 39.53
N VAL C 555 -11.93 -9.01 39.70
CA VAL C 555 -12.37 -8.16 38.58
C VAL C 555 -11.20 -7.25 38.16
N LEU C 556 -10.51 -6.72 39.16
CA LEU C 556 -9.35 -5.86 38.93
C LEU C 556 -8.25 -6.63 38.21
N LYS C 557 -7.95 -7.82 38.71
CA LYS C 557 -6.96 -8.74 38.08
C LYS C 557 -7.27 -8.98 36.59
N ASP C 558 -8.53 -9.28 36.28
CA ASP C 558 -8.91 -9.47 34.87
C ASP C 558 -8.69 -8.21 34.06
N MET C 559 -8.93 -7.04 34.65
CA MET C 559 -8.80 -5.78 33.90
C MET C 559 -7.35 -5.31 33.74
N VAL C 560 -6.60 -5.28 34.84
CA VAL C 560 -5.29 -4.64 34.86
C VAL C 560 -4.10 -5.57 35.10
N GLY C 561 -4.34 -6.84 35.40
CA GLY C 561 -3.28 -7.82 35.60
C GLY C 561 -2.71 -7.86 37.01
N LEU C 562 -3.32 -7.13 37.94
CA LEU C 562 -2.94 -7.12 39.34
C LEU C 562 -4.21 -7.17 40.20
N ASP C 563 -4.13 -7.83 41.36
CA ASP C 563 -5.30 -8.02 42.23
C ASP C 563 -5.38 -7.04 43.41
N ALA C 564 -4.72 -5.90 43.29
CA ALA C 564 -4.63 -4.94 44.39
C ALA C 564 -4.56 -3.51 43.86
N LEU C 565 -4.89 -2.58 44.74
CA LEU C 565 -4.66 -1.17 44.52
C LEU C 565 -3.16 -0.98 44.46
N ASP C 566 -2.72 -0.14 43.53
CA ASP C 566 -1.29 0.06 43.26
C ASP C 566 -1.11 1.51 42.78
N ALA C 567 -0.19 2.22 43.45
CA ALA C 567 0.10 3.62 43.13
C ALA C 567 1.01 3.82 41.91
N GLN C 568 1.64 2.76 41.42
CA GLN C 568 2.62 2.90 40.33
C GLN C 568 2.08 3.55 39.02
N PRO C 569 0.86 3.17 38.57
CA PRO C 569 0.34 3.86 37.39
C PRO C 569 0.17 5.38 37.58
N LEU C 570 -0.31 5.80 38.75
CA LEU C 570 -0.38 7.22 39.07
C LEU C 570 1.02 7.88 39.08
N LEU C 571 1.99 7.21 39.70
CA LEU C 571 3.36 7.75 39.74
C LEU C 571 3.95 7.90 38.30
N LYS C 572 3.67 6.90 37.47
CA LYS C 572 4.15 6.88 36.09
C LYS C 572 3.53 8.03 35.28
N TYR C 573 2.21 8.21 35.43
CA TYR C 573 1.51 9.32 34.78
C TYR C 573 2.15 10.69 35.08
N PHE C 574 2.45 10.94 36.35
CA PHE C 574 2.94 12.23 36.83
C PHE C 574 4.46 12.38 36.84
N GLN C 575 5.19 11.33 36.50
CA GLN C 575 6.65 11.27 36.68
C GLN C 575 7.39 12.58 36.30
N LEU C 576 7.07 13.13 35.13
CA LEU C 576 7.78 14.33 34.63
C LEU C 576 7.57 15.52 35.54
N VAL C 577 6.33 15.73 36.03
CA VAL C 577 6.07 16.90 36.84
C VAL C 577 6.52 16.67 38.27
N THR C 578 6.50 15.41 38.73
CA THR C 578 7.03 15.04 40.03
C THR C 578 8.54 15.43 40.10
N GLN C 579 9.28 15.06 39.06
CA GLN C 579 10.70 15.44 38.95
C GLN C 579 10.88 16.95 38.85
N TRP C 580 10.07 17.59 38.03
CA TRP C 580 10.17 19.03 37.80
C TRP C 580 9.90 19.81 39.10
N LEU C 581 8.84 19.45 39.82
CA LEU C 581 8.53 20.12 41.10
C LEU C 581 9.61 19.92 42.15
N GLN C 582 10.12 18.69 42.24
CA GLN C 582 11.22 18.39 43.14
C GLN C 582 12.41 19.34 42.86
N GLU C 583 12.78 19.47 41.58
CA GLU C 583 13.87 20.37 41.15
C GLU C 583 13.59 21.81 41.45
N GLN C 584 12.41 22.28 41.05
CA GLN C 584 11.99 23.65 41.38
C GLN C 584 12.06 23.99 42.87
N ASN C 585 11.48 23.16 43.73
CA ASN C 585 11.50 23.44 45.18
C ASN C 585 12.91 23.42 45.79
N GLN C 586 13.76 22.49 45.33
CA GLN C 586 15.18 22.51 45.73
C GLN C 586 15.88 23.81 45.33
N GLN C 587 15.74 24.20 44.06
CA GLN C 587 16.34 25.45 43.58
C GLN C 587 15.88 26.66 44.36
N ASN C 588 14.61 26.66 44.78
CA ASN C 588 14.03 27.76 45.56
C ASN C 588 14.31 27.69 47.04
N GLY C 589 14.99 26.64 47.51
CA GLY C 589 15.28 26.49 48.94
C GLY C 589 14.05 26.24 49.80
N GLU C 590 13.04 25.58 49.25
CA GLU C 590 11.79 25.41 49.98
C GLU C 590 11.99 24.44 51.14
N VAL C 591 11.21 24.64 52.17
CA VAL C 591 10.97 23.63 53.17
C VAL C 591 9.80 22.78 52.69
N LEU C 592 9.99 21.46 52.61
CA LEU C 592 8.92 20.54 52.30
C LEU C 592 8.14 20.21 53.58
N GLY C 593 6.87 20.55 53.62
CA GLY C 593 6.06 20.36 54.81
C GLY C 593 5.74 21.71 55.45
N TRP C 594 5.19 21.63 56.66
CA TRP C 594 4.70 22.80 57.38
C TRP C 594 5.11 22.59 58.83
N PRO C 595 6.42 22.66 59.09
CA PRO C 595 6.91 22.48 60.48
C PRO C 595 6.42 23.55 61.47
N GLU C 596 6.00 24.73 61.00
CA GLU C 596 5.33 25.70 61.87
C GLU C 596 3.84 25.37 61.90
N TYR C 597 3.53 24.25 62.55
CA TYR C 597 2.20 23.63 62.53
C TYR C 597 1.15 24.48 63.25
N GLN C 598 1.59 25.35 64.15
CA GLN C 598 0.71 26.19 64.97
C GLN C 598 0.25 27.45 64.24
N TRP C 599 0.86 27.76 63.10
CA TRP C 599 0.65 29.05 62.48
C TRP C 599 -0.74 29.22 61.83
N HIS C 600 -1.31 30.41 62.00
CA HIS C 600 -2.57 30.82 61.40
C HIS C 600 -2.40 32.27 60.93
N PRO C 601 -3.04 32.66 59.82
CA PRO C 601 -2.90 34.04 59.35
C PRO C 601 -3.72 35.00 60.22
N PRO C 602 -3.32 36.30 60.28
CA PRO C 602 -4.15 37.29 60.97
C PRO C 602 -5.35 37.68 60.12
N LEU C 603 -6.31 38.37 60.72
CA LEU C 603 -7.41 38.96 59.97
C LEU C 603 -6.92 40.12 59.13
N PRO C 604 -7.52 40.35 57.95
CA PRO C 604 -7.23 41.62 57.27
C PRO C 604 -7.76 42.82 58.03
N ASP C 605 -7.15 43.99 57.80
CA ASP C 605 -7.59 45.24 58.41
C ASP C 605 -8.98 45.60 57.90
N ASN C 606 -9.81 46.14 58.78
CA ASN C 606 -11.20 46.46 58.45
C ASN C 606 -11.98 45.28 57.84
N TYR C 607 -11.69 44.06 58.32
CA TYR C 607 -12.50 42.90 58.00
C TYR C 607 -13.48 42.71 59.17
N PRO C 608 -14.79 42.61 58.94
CA PRO C 608 -15.41 42.41 57.62
C PRO C 608 -16.10 43.63 56.93
N GLU C 609 -15.53 44.83 56.98
CA GLU C 609 -16.03 45.97 56.14
C GLU C 609 -15.80 45.75 54.61
N GLY C 610 -16.56 44.81 54.02
CA GLY C 610 -16.39 44.36 52.62
C GLY C 610 -17.51 44.71 51.65
N ILE C 611 -18.32 45.72 52.01
CA ILE C 611 -19.27 46.36 51.07
C ILE C 611 -18.57 47.01 49.87
N ASP C 612 -17.34 47.51 50.07
CA ASP C 612 -16.52 48.09 48.99
C ASP C 612 -16.04 47.07 47.94
N LEU C 613 -15.95 45.79 48.32
CA LEU C 613 -15.55 44.69 47.40
C LEU C 613 -16.74 43.87 46.85
N VAL C 614 -17.97 44.30 47.13
CA VAL C 614 -19.20 43.64 46.70
C VAL C 614 -19.94 44.56 45.74
N LEU D 1 -16.97 -26.97 -30.75
CA LEU D 1 -16.32 -27.39 -32.02
C LEU D 1 -17.33 -28.10 -32.91
N ASP D 2 -17.45 -27.65 -34.16
CA ASP D 2 -18.43 -28.19 -35.09
C ASP D 2 -18.27 -29.73 -35.20
N PRO D 3 -19.38 -30.50 -35.24
CA PRO D 3 -19.29 -31.96 -35.36
C PRO D 3 -18.38 -32.45 -36.50
N GLY D 4 -18.49 -31.81 -37.67
CA GLY D 4 -17.61 -32.12 -38.81
C GLY D 4 -16.12 -32.01 -38.55
N LEU D 5 -15.71 -31.24 -37.53
CA LEU D 5 -14.29 -31.01 -37.21
C LEU D 5 -13.73 -31.83 -36.04
N GLN D 6 -14.59 -32.60 -35.36
CA GLN D 6 -14.14 -33.38 -34.18
C GLN D 6 -13.51 -34.69 -34.60
N PRO D 7 -12.50 -35.18 -33.87
CA PRO D 7 -11.89 -36.49 -34.18
C PRO D 7 -12.79 -37.72 -33.88
N GLY D 8 -12.76 -38.71 -34.77
CA GLY D 8 -13.51 -39.96 -34.63
C GLY D 8 -12.73 -41.05 -33.94
N GLN D 9 -12.89 -42.30 -34.39
CA GLN D 9 -12.23 -43.45 -33.76
C GLN D 9 -11.07 -44.01 -34.61
N PHE D 10 -10.06 -44.57 -33.94
CA PHE D 10 -8.86 -45.16 -34.58
C PHE D 10 -8.22 -46.22 -33.70
N SER D 11 -7.48 -47.14 -34.33
CA SER D 11 -6.75 -48.20 -33.64
C SER D 11 -5.60 -47.68 -32.77
N ALA D 12 -5.43 -48.20 -31.55
CA ALA D 12 -4.33 -47.78 -30.65
C ALA D 12 -2.99 -48.48 -31.01
N ASP D 13 -2.66 -48.44 -32.28
CA ASP D 13 -1.48 -49.12 -32.80
C ASP D 13 -0.92 -48.20 -33.87
N GLU D 14 0.19 -48.62 -34.49
CA GLU D 14 0.82 -47.85 -35.57
C GLU D 14 -0.11 -47.66 -36.80
N ALA D 15 -0.94 -48.66 -37.07
CA ALA D 15 -1.86 -48.61 -38.21
C ALA D 15 -2.97 -47.53 -38.11
N GLY D 16 -3.31 -47.11 -36.89
CA GLY D 16 -4.48 -46.19 -36.70
C GLY D 16 -4.23 -44.71 -36.92
N ALA D 17 -3.60 -44.33 -38.05
CA ALA D 17 -2.96 -43.00 -38.15
C ALA D 17 -2.94 -42.31 -39.52
N GLN D 18 -2.78 -43.06 -40.59
CA GLN D 18 -2.85 -42.48 -41.94
C GLN D 18 -4.25 -41.93 -42.27
N LEU D 19 -5.28 -42.71 -41.93
CA LEU D 19 -6.68 -42.25 -42.05
C LEU D 19 -6.95 -41.14 -41.06
N PHE D 20 -6.30 -41.20 -39.89
CA PHE D 20 -6.35 -40.10 -38.91
C PHE D 20 -5.85 -38.78 -39.55
N ALA D 21 -4.61 -38.78 -40.07
CA ALA D 21 -4.03 -37.58 -40.65
C ALA D 21 -4.89 -37.05 -41.85
N GLN D 22 -5.43 -37.95 -42.68
CA GLN D 22 -6.27 -37.51 -43.81
C GLN D 22 -7.53 -36.77 -43.34
N SER D 23 -8.16 -37.30 -42.28
CA SER D 23 -9.32 -36.66 -41.65
C SER D 23 -8.93 -35.34 -40.97
N TYR D 24 -7.85 -35.37 -40.18
CA TYR D 24 -7.28 -34.13 -39.64
C TYR D 24 -7.13 -33.06 -40.72
N GLN D 25 -6.40 -33.41 -41.79
CA GLN D 25 -6.10 -32.49 -42.87
C GLN D 25 -7.39 -31.88 -43.46
N SER D 26 -8.42 -32.71 -43.66
CA SER D 26 -9.68 -32.23 -44.21
C SER D 26 -10.29 -31.13 -43.35
N SER D 27 -10.18 -31.31 -42.03
CA SER D 27 -10.72 -30.34 -41.08
C SER D 27 -9.72 -29.22 -40.77
N ALA D 28 -8.46 -29.58 -40.50
CA ALA D 28 -7.37 -28.60 -40.28
C ALA D 28 -7.30 -27.48 -41.33
N GLU D 29 -7.45 -27.83 -42.61
CA GLU D 29 -7.49 -26.82 -43.68
C GLU D 29 -8.61 -25.82 -43.50
N GLN D 30 -9.77 -26.31 -43.03
CA GLN D 30 -10.91 -25.42 -42.80
C GLN D 30 -10.66 -24.50 -41.61
N VAL D 31 -10.00 -25.04 -40.59
CA VAL D 31 -9.74 -24.32 -39.33
C VAL D 31 -8.61 -23.29 -39.53
N LEU D 32 -7.49 -23.75 -40.08
CA LEU D 32 -6.39 -22.88 -40.55
C LEU D 32 -6.91 -21.76 -41.45
N PHE D 33 -7.71 -22.10 -42.46
CA PHE D 33 -8.27 -21.08 -43.33
C PHE D 33 -9.03 -20.03 -42.55
N GLN D 34 -9.95 -20.44 -41.66
CA GLN D 34 -10.78 -19.44 -40.97
C GLN D 34 -9.90 -18.57 -40.05
N SER D 35 -8.89 -19.16 -39.45
CA SER D 35 -7.90 -18.41 -38.66
C SER D 35 -7.11 -17.39 -39.51
N VAL D 36 -6.54 -17.84 -40.61
CA VAL D 36 -5.80 -16.94 -41.50
C VAL D 36 -6.68 -15.82 -42.03
N ALA D 37 -7.91 -16.14 -42.44
CA ALA D 37 -8.83 -15.14 -42.95
C ALA D 37 -9.19 -14.06 -41.94
N ALA D 38 -9.44 -14.45 -40.69
CA ALA D 38 -9.76 -13.48 -39.63
C ALA D 38 -8.54 -12.63 -39.28
N SER D 39 -7.37 -13.25 -39.25
CA SER D 39 -6.08 -12.51 -39.10
C SER D 39 -5.85 -11.50 -40.22
N TRP D 40 -6.09 -11.92 -41.45
CA TRP D 40 -6.00 -11.01 -42.61
C TRP D 40 -6.94 -9.83 -42.44
N ALA D 41 -8.17 -10.09 -42.02
CA ALA D 41 -9.18 -9.01 -41.91
C ALA D 41 -8.82 -7.99 -40.85
N HIS D 42 -8.12 -8.44 -39.81
CA HIS D 42 -7.65 -7.56 -38.77
C HIS D 42 -6.42 -6.79 -39.21
N ASP D 43 -5.41 -7.50 -39.69
CA ASP D 43 -4.12 -6.90 -40.09
C ASP D 43 -4.23 -5.88 -41.24
N THR D 44 -5.26 -6.00 -42.09
CA THR D 44 -5.51 -5.03 -43.14
C THR D 44 -6.57 -3.99 -42.75
N ASN D 45 -6.98 -3.98 -41.47
CA ASN D 45 -8.07 -3.13 -41.02
C ASN D 45 -8.21 -3.29 -39.49
N ILE D 46 -7.31 -2.63 -38.76
CA ILE D 46 -7.21 -2.80 -37.32
C ILE D 46 -8.37 -2.06 -36.65
N THR D 47 -9.28 -2.82 -36.04
CA THR D 47 -10.44 -2.26 -35.31
C THR D 47 -10.69 -3.19 -34.13
N ALA D 48 -11.38 -2.67 -33.12
CA ALA D 48 -11.74 -3.49 -31.97
C ALA D 48 -12.59 -4.68 -32.41
N GLU D 49 -13.50 -4.46 -33.38
CA GLU D 49 -14.37 -5.51 -33.87
C GLU D 49 -13.62 -6.60 -34.65
N ASN D 50 -12.66 -6.21 -35.47
CA ASN D 50 -11.87 -7.22 -36.17
C ASN D 50 -10.93 -7.98 -35.24
N ALA D 51 -10.47 -7.34 -34.16
CA ALA D 51 -9.71 -8.03 -33.10
C ALA D 51 -10.59 -9.12 -32.43
N ARG D 52 -11.80 -8.73 -32.07
CA ARG D 52 -12.77 -9.67 -31.46
C ARG D 52 -12.98 -10.88 -32.38
N ARG D 53 -13.24 -10.64 -33.66
CA ARG D 53 -13.41 -11.73 -34.64
C ARG D 53 -12.18 -12.63 -34.78
N GLN D 54 -11.01 -12.02 -34.79
CA GLN D 54 -9.77 -12.78 -34.86
C GLN D 54 -9.61 -13.60 -33.58
N GLU D 55 -9.94 -13.02 -32.44
CA GLU D 55 -9.85 -13.75 -31.17
C GLU D 55 -10.80 -14.94 -31.11
N GLU D 56 -12.00 -14.81 -31.69
CA GLU D 56 -12.94 -15.93 -31.76
C GLU D 56 -12.38 -17.04 -32.65
N ALA D 57 -11.75 -16.66 -33.77
CA ALA D 57 -11.14 -17.66 -34.66
C ALA D 57 -9.98 -18.39 -33.98
N ALA D 58 -9.18 -17.65 -33.21
CA ALA D 58 -8.10 -18.24 -32.42
C ALA D 58 -8.59 -19.24 -31.37
N LEU D 59 -9.70 -18.92 -30.67
CA LEU D 59 -10.29 -19.85 -29.71
C LEU D 59 -10.74 -21.15 -30.36
N LEU D 60 -11.35 -21.03 -31.53
CA LEU D 60 -11.76 -22.20 -32.31
C LEU D 60 -10.55 -23.07 -32.68
N SER D 61 -9.46 -22.44 -33.16
CA SER D 61 -8.23 -23.17 -33.47
C SER D 61 -7.68 -23.88 -32.26
N GLN D 62 -7.75 -23.23 -31.10
CA GLN D 62 -7.35 -23.88 -29.85
C GLN D 62 -8.27 -25.04 -29.44
N GLU D 63 -9.57 -24.87 -29.61
CA GLU D 63 -10.53 -25.98 -29.42
C GLU D 63 -10.17 -27.18 -30.29
N PHE D 64 -9.99 -26.89 -31.58
CA PHE D 64 -9.57 -27.89 -32.56
C PHE D 64 -8.27 -28.57 -32.16
N ALA D 65 -7.23 -27.81 -31.81
CA ALA D 65 -5.94 -28.41 -31.40
C ALA D 65 -6.04 -29.26 -30.13
N GLU D 66 -6.81 -28.78 -29.15
CA GLU D 66 -7.06 -29.57 -27.95
C GLU D 66 -7.71 -30.92 -28.27
N ALA D 67 -8.75 -30.91 -29.11
CA ALA D 67 -9.51 -32.14 -29.39
C ALA D 67 -8.62 -33.18 -30.09
N TRP D 68 -7.96 -32.75 -31.16
CA TRP D 68 -7.10 -33.63 -31.93
C TRP D 68 -5.84 -34.06 -31.18
N GLY D 69 -5.30 -33.18 -30.33
CA GLY D 69 -4.19 -33.51 -29.44
C GLY D 69 -4.44 -34.41 -28.24
N GLN D 70 -5.60 -34.28 -27.58
CA GLN D 70 -5.93 -35.18 -26.47
C GLN D 70 -6.14 -36.62 -26.96
N LYS D 71 -6.60 -36.74 -28.19
CA LYS D 71 -6.85 -38.02 -28.83
C LYS D 71 -5.50 -38.76 -29.04
N ALA D 72 -4.50 -38.06 -29.60
CA ALA D 72 -3.16 -38.62 -29.76
C ALA D 72 -2.64 -39.25 -28.48
N LYS D 73 -2.74 -38.51 -27.39
CA LYS D 73 -2.23 -38.99 -26.11
C LYS D 73 -3.08 -40.13 -25.48
N GLU D 74 -4.40 -40.08 -25.69
CA GLU D 74 -5.29 -41.19 -25.34
C GLU D 74 -4.85 -42.50 -26.04
N LEU D 75 -4.58 -42.39 -27.33
CA LEU D 75 -4.25 -43.51 -28.16
C LEU D 75 -2.74 -43.91 -28.13
N TYR D 76 -1.82 -42.93 -28.16
CA TYR D 76 -0.40 -43.15 -28.58
C TYR D 76 0.76 -42.60 -27.71
N GLU D 77 0.48 -41.78 -26.71
CA GLU D 77 1.55 -41.17 -25.90
C GLU D 77 2.64 -42.14 -25.40
N PRO D 78 2.26 -43.33 -24.89
CA PRO D 78 3.32 -44.31 -24.56
C PRO D 78 4.00 -44.99 -25.78
N ILE D 79 3.29 -45.17 -26.89
CA ILE D 79 3.77 -46.04 -28.00
C ILE D 79 4.19 -45.36 -29.28
N TRP D 80 3.77 -44.11 -29.52
CA TRP D 80 4.08 -43.41 -30.79
C TRP D 80 5.57 -43.10 -30.93
N GLN D 81 5.97 -42.78 -32.17
CA GLN D 81 7.34 -42.45 -32.62
C GLN D 81 7.95 -43.56 -33.49
N GLN D 82 7.34 -44.75 -33.50
CA GLN D 82 7.94 -45.95 -34.08
C GLN D 82 7.51 -46.16 -35.54
N PHE D 83 8.19 -47.08 -36.21
CA PHE D 83 8.73 -46.91 -37.58
C PHE D 83 7.89 -46.30 -38.74
N THR D 84 7.44 -47.19 -39.62
CA THR D 84 7.44 -47.04 -41.10
C THR D 84 7.53 -45.63 -41.73
N ASP D 85 6.43 -44.87 -41.68
CA ASP D 85 6.24 -43.73 -42.59
C ASP D 85 6.88 -42.49 -42.01
N PRO D 86 7.92 -41.94 -42.67
CA PRO D 86 8.60 -40.75 -42.12
C PRO D 86 7.70 -39.49 -42.06
N GLN D 87 7.05 -39.16 -43.17
CA GLN D 87 6.17 -37.99 -43.22
C GLN D 87 5.00 -38.08 -42.21
N LEU D 88 4.56 -39.31 -41.95
CA LEU D 88 3.47 -39.60 -41.01
C LEU D 88 3.85 -39.28 -39.55
N ARG D 89 5.04 -39.66 -39.08
CA ARG D 89 5.38 -39.33 -37.68
C ARG D 89 5.63 -37.80 -37.54
N ARG D 90 6.02 -37.15 -38.63
CA ARG D 90 6.10 -35.67 -38.62
C ARG D 90 4.69 -35.04 -38.48
N ILE D 91 3.72 -35.57 -39.23
CA ILE D 91 2.36 -35.09 -39.16
C ILE D 91 1.80 -35.32 -37.76
N ILE D 92 1.98 -36.53 -37.25
CA ILE D 92 1.55 -36.84 -35.86
C ILE D 92 2.22 -35.92 -34.88
N GLY D 93 3.54 -35.83 -34.91
CA GLY D 93 4.29 -34.98 -33.95
C GLY D 93 3.80 -33.55 -33.82
N ALA D 94 3.38 -32.97 -34.96
CA ALA D 94 2.81 -31.62 -35.02
C ALA D 94 1.39 -31.55 -34.43
N VAL D 95 0.61 -32.61 -34.64
CA VAL D 95 -0.78 -32.65 -34.13
C VAL D 95 -0.82 -32.72 -32.60
N ARG D 96 0.15 -33.40 -31.98
CA ARG D 96 0.16 -33.57 -30.52
C ARG D 96 0.92 -32.50 -29.67
N THR D 97 1.32 -31.39 -30.32
CA THR D 97 1.86 -30.21 -29.61
C THR D 97 0.70 -29.27 -29.48
N LEU D 98 0.22 -29.08 -28.24
CA LEU D 98 -1.02 -28.29 -28.02
C LEU D 98 -0.73 -26.79 -27.96
N GLY D 99 0.40 -26.43 -27.35
CA GLY D 99 0.79 -25.02 -27.23
C GLY D 99 -0.22 -24.30 -26.37
N SER D 100 -0.69 -23.15 -26.86
CA SER D 100 -1.66 -22.33 -26.12
C SER D 100 -3.00 -23.05 -25.83
N ALA D 101 -3.34 -24.08 -26.62
CA ALA D 101 -4.46 -24.98 -26.29
C ALA D 101 -4.32 -25.73 -24.96
N ASN D 102 -3.11 -25.82 -24.42
CA ASN D 102 -2.95 -26.28 -23.03
C ASN D 102 -3.52 -25.36 -21.96
N LEU D 103 -3.70 -24.07 -22.25
CA LEU D 103 -4.19 -23.17 -21.22
C LEU D 103 -5.67 -23.44 -20.97
N PRO D 104 -6.14 -23.29 -19.71
CA PRO D 104 -7.59 -23.27 -19.51
C PRO D 104 -8.23 -22.09 -20.25
N LEU D 105 -9.53 -22.22 -20.52
CA LEU D 105 -10.28 -21.26 -21.35
C LEU D 105 -10.04 -19.80 -20.99
N ALA D 106 -10.09 -19.45 -19.70
CA ALA D 106 -9.95 -18.01 -19.33
C ALA D 106 -8.55 -17.48 -19.74
N LYS D 107 -7.55 -18.34 -19.62
CA LYS D 107 -6.18 -17.98 -19.98
C LYS D 107 -5.96 -18.01 -21.49
N ARG D 108 -6.64 -18.91 -22.21
CA ARG D 108 -6.68 -18.82 -23.67
C ARG D 108 -7.18 -17.47 -24.14
N GLN D 109 -8.28 -17.04 -23.54
CA GLN D 109 -8.86 -15.77 -23.89
C GLN D 109 -7.93 -14.61 -23.56
N GLN D 110 -7.26 -14.68 -22.42
CA GLN D 110 -6.28 -13.64 -22.02
C GLN D 110 -5.11 -13.59 -23.02
N TYR D 111 -4.61 -14.77 -23.35
CA TYR D 111 -3.49 -14.92 -24.30
C TYR D 111 -3.85 -14.32 -25.67
N ASN D 112 -5.00 -14.73 -26.21
CA ASN D 112 -5.45 -14.21 -27.51
C ASN D 112 -5.63 -12.72 -27.49
N ALA D 113 -6.20 -12.19 -26.40
CA ALA D 113 -6.40 -10.76 -26.27
C ALA D 113 -5.07 -10.01 -26.17
N LEU D 114 -4.09 -10.58 -25.48
CA LEU D 114 -2.76 -9.97 -25.39
C LEU D 114 -2.13 -9.82 -26.77
N LEU D 115 -2.20 -10.88 -27.58
CA LEU D 115 -1.65 -10.85 -28.95
C LEU D 115 -2.31 -9.74 -29.76
N SER D 116 -3.62 -9.66 -29.66
CA SER D 116 -4.35 -8.62 -30.36
C SER D 116 -3.97 -7.20 -29.89
N GLN D 117 -3.90 -6.97 -28.58
CA GLN D 117 -3.52 -5.64 -28.07
C GLN D 117 -2.05 -5.27 -28.34
N MET D 118 -1.13 -6.24 -28.28
CA MET D 118 0.27 -5.94 -28.60
C MET D 118 0.40 -5.54 -30.06
N SER D 119 -0.30 -6.26 -30.92
CA SER D 119 -0.31 -5.96 -32.37
C SER D 119 -0.87 -4.56 -32.64
N ARG D 120 -1.97 -4.20 -31.99
CA ARG D 120 -2.56 -2.89 -32.16
C ARG D 120 -1.60 -1.79 -31.72
N ILE D 121 -0.99 -1.96 -30.56
CA ILE D 121 -0.13 -0.95 -30.00
C ILE D 121 1.03 -0.68 -30.97
N TYR D 122 1.65 -1.74 -31.47
CA TYR D 122 2.80 -1.57 -32.37
C TYR D 122 2.40 -0.93 -33.67
N SER D 123 1.32 -1.44 -34.30
CA SER D 123 1.01 -1.02 -35.66
C SER D 123 0.21 0.30 -35.72
N THR D 124 -0.27 0.82 -34.58
CA THR D 124 -0.98 2.13 -34.54
C THR D 124 -0.24 3.24 -33.78
N ALA D 125 0.92 2.93 -33.20
CA ALA D 125 1.71 3.94 -32.51
C ALA D 125 2.10 5.03 -33.48
N LYS D 126 2.12 6.27 -32.99
CA LYS D 126 2.45 7.44 -33.81
C LYS D 126 3.42 8.33 -33.04
N VAL D 127 4.14 9.18 -33.77
CA VAL D 127 4.95 10.21 -33.16
C VAL D 127 4.33 11.55 -33.54
N CYS D 128 3.86 12.27 -32.53
CA CYS D 128 3.17 13.56 -32.73
C CYS D 128 4.15 14.72 -32.58
N LEU D 129 3.79 15.86 -33.17
CA LEU D 129 4.71 17.00 -33.36
C LEU D 129 4.43 18.15 -32.39
N THR D 135 -0.91 16.76 -36.23
CA THR D 135 -0.85 15.71 -37.25
C THR D 135 0.38 14.81 -36.97
N CYS D 136 0.17 13.49 -36.94
CA CYS D 136 1.19 12.58 -36.37
C CYS D 136 1.84 11.63 -37.39
N TRP D 137 3.11 11.29 -37.15
CA TRP D 137 3.87 10.45 -38.06
C TRP D 137 3.76 8.97 -37.71
N SER D 138 3.53 8.13 -38.72
CA SER D 138 3.54 6.68 -38.58
C SER D 138 4.94 6.15 -38.82
N LEU D 139 5.19 4.91 -38.38
CA LEU D 139 6.48 4.26 -38.60
C LEU D 139 6.76 4.14 -40.09
N ASP D 140 5.77 3.63 -40.81
CA ASP D 140 5.87 3.39 -42.24
C ASP D 140 4.71 4.15 -42.92
N PRO D 141 4.97 5.18 -43.75
CA PRO D 141 6.28 5.56 -44.30
C PRO D 141 7.10 6.63 -43.58
N ASP D 142 6.51 7.38 -42.66
CA ASP D 142 7.09 8.68 -42.26
C ASP D 142 8.42 8.54 -41.51
N LEU D 143 8.41 7.82 -40.39
CA LEU D 143 9.63 7.63 -39.61
C LEU D 143 10.71 6.84 -40.38
N THR D 144 10.29 5.83 -41.14
CA THR D 144 11.16 5.04 -41.99
C THR D 144 11.88 5.93 -43.00
N ASN D 145 11.15 6.84 -43.64
CA ASN D 145 11.76 7.79 -44.58
C ASN D 145 12.75 8.72 -43.89
N ILE D 146 12.41 9.22 -42.70
CA ILE D 146 13.32 10.09 -41.94
C ILE D 146 14.62 9.35 -41.63
N LEU D 147 14.52 8.17 -41.02
CA LEU D 147 15.71 7.38 -40.69
C LEU D 147 16.57 7.05 -41.91
N ALA D 148 15.95 6.84 -43.07
CA ALA D 148 16.65 6.47 -44.31
C ALA D 148 17.37 7.67 -44.96
N SER D 149 16.74 8.84 -44.93
CA SER D 149 17.20 9.98 -45.75
C SER D 149 17.74 11.20 -45.00
N SER D 150 17.22 11.50 -43.81
CA SER D 150 17.62 12.72 -43.11
C SER D 150 19.06 12.60 -42.59
N ARG D 151 19.81 13.70 -42.72
CA ARG D 151 21.14 13.80 -42.13
C ARG D 151 21.16 14.87 -41.06
N SER D 152 20.01 15.15 -40.49
CA SER D 152 19.88 16.06 -39.38
C SER D 152 19.90 15.22 -38.11
N TYR D 153 20.96 15.37 -37.32
CA TYR D 153 21.10 14.62 -36.07
C TYR D 153 19.85 14.73 -35.21
N ALA D 154 19.37 15.95 -35.03
CA ALA D 154 18.20 16.25 -34.20
C ALA D 154 16.92 15.65 -34.75
N MET D 155 16.72 15.68 -36.06
CA MET D 155 15.51 15.08 -36.66
C MET D 155 15.49 13.55 -36.51
N LEU D 156 16.64 12.96 -36.75
CA LEU D 156 16.81 11.53 -36.57
C LEU D 156 16.52 11.11 -35.11
N LEU D 157 17.05 11.89 -34.18
CA LEU D 157 16.84 11.66 -32.76
C LEU D 157 15.40 11.76 -32.37
N PHE D 158 14.72 12.81 -32.85
CA PHE D 158 13.28 12.97 -32.62
C PHE D 158 12.51 11.73 -33.12
N ALA D 159 12.84 11.27 -34.31
CA ALA D 159 12.15 10.10 -34.89
C ALA D 159 12.46 8.81 -34.07
N TRP D 160 13.73 8.60 -33.74
CA TRP D 160 14.19 7.41 -32.96
C TRP D 160 13.61 7.38 -31.56
N GLU D 161 13.76 8.47 -30.84
CA GLU D 161 13.24 8.56 -29.48
C GLU D 161 11.73 8.47 -29.48
N GLY D 162 11.09 9.24 -30.36
CA GLY D 162 9.64 9.25 -30.45
C GLY D 162 9.09 7.84 -30.68
N TRP D 163 9.71 7.10 -31.60
CA TRP D 163 9.23 5.77 -31.94
C TRP D 163 9.41 4.80 -30.76
N HIS D 164 10.61 4.80 -30.17
CA HIS D 164 10.91 3.84 -29.10
C HIS D 164 10.04 4.10 -27.86
N ASN D 165 9.84 5.38 -27.54
CA ASN D 165 8.93 5.74 -26.46
C ASN D 165 7.46 5.39 -26.75
N ALA D 166 6.97 5.73 -27.93
CA ALA D 166 5.56 5.50 -28.26
C ALA D 166 5.21 4.02 -28.34
N ALA D 167 6.06 3.21 -28.93
CA ALA D 167 5.74 1.79 -29.10
C ALA D 167 6.12 0.95 -27.87
N GLY D 168 7.32 1.15 -27.35
CA GLY D 168 7.85 0.28 -26.30
C GLY D 168 7.20 0.44 -24.93
N ILE D 169 6.99 1.68 -24.49
CA ILE D 169 6.56 1.91 -23.10
C ILE D 169 5.23 1.20 -22.78
N PRO D 170 4.17 1.43 -23.58
CA PRO D 170 2.91 0.73 -23.28
C PRO D 170 2.91 -0.78 -23.51
N LEU D 171 3.84 -1.31 -24.32
CA LEU D 171 3.93 -2.76 -24.51
C LEU D 171 4.43 -3.54 -23.31
N LYS D 172 5.24 -2.92 -22.46
CA LYS D 172 5.97 -3.71 -21.45
C LYS D 172 5.08 -4.57 -20.54
N PRO D 173 4.04 -3.97 -19.93
CA PRO D 173 3.22 -4.82 -19.05
C PRO D 173 2.50 -5.96 -19.79
N LEU D 174 2.08 -5.74 -21.03
CA LEU D 174 1.47 -6.78 -21.83
C LEU D 174 2.47 -7.89 -22.17
N TYR D 175 3.71 -7.50 -22.51
CA TYR D 175 4.72 -8.44 -22.88
C TYR D 175 5.07 -9.37 -21.72
N GLU D 176 5.04 -8.83 -20.51
CA GLU D 176 5.31 -9.61 -19.31
C GLU D 176 4.26 -10.69 -19.15
N ASP D 177 3.00 -10.29 -19.30
CA ASP D 177 1.89 -11.23 -19.11
C ASP D 177 1.89 -12.26 -20.21
N PHE D 178 2.23 -11.83 -21.43
CA PHE D 178 2.32 -12.74 -22.56
C PHE D 178 3.36 -13.81 -22.29
N THR D 179 4.55 -13.40 -21.86
CA THR D 179 5.68 -14.31 -21.62
C THR D 179 5.30 -15.41 -20.62
N ALA D 180 4.67 -15.00 -19.52
CA ALA D 180 4.25 -15.95 -18.50
C ALA D 180 3.23 -16.98 -19.03
N LEU D 181 2.21 -16.51 -19.77
CA LEU D 181 1.20 -17.42 -20.34
C LEU D 181 1.79 -18.38 -21.38
N SER D 182 2.68 -17.85 -22.23
CA SER D 182 3.30 -18.64 -23.27
C SER D 182 4.11 -19.77 -22.64
N ASN D 183 4.92 -19.44 -21.63
CA ASN D 183 5.68 -20.46 -20.90
C ASN D 183 4.79 -21.48 -20.24
N GLU D 184 3.72 -21.03 -19.59
CA GLU D 184 2.76 -21.93 -18.96
C GLU D 184 2.20 -22.92 -19.99
N ALA D 185 1.84 -22.43 -21.17
CA ALA D 185 1.35 -23.28 -22.24
C ALA D 185 2.37 -24.34 -22.71
N TYR D 186 3.58 -23.92 -23.07
CA TYR D 186 4.58 -24.85 -23.63
C TYR D 186 5.22 -25.79 -22.61
N LYS D 187 5.23 -25.37 -21.34
CA LYS D 187 5.67 -26.25 -20.25
C LYS D 187 4.82 -27.52 -20.15
N GLN D 188 3.52 -27.42 -20.42
CA GLN D 188 2.66 -28.59 -20.42
CA GLN D 188 2.62 -28.58 -20.47
C GLN D 188 2.89 -29.53 -21.62
N ASP D 189 3.66 -29.10 -22.62
CA ASP D 189 4.12 -29.98 -23.71
C ASP D 189 5.49 -30.59 -23.40
N GLY D 190 6.03 -30.32 -22.22
CA GLY D 190 7.34 -30.83 -21.81
C GLY D 190 8.55 -29.98 -22.11
N PHE D 191 8.36 -28.76 -22.64
CA PHE D 191 9.49 -27.86 -22.88
C PHE D 191 9.77 -27.03 -21.64
N THR D 192 11.05 -26.78 -21.33
CA THR D 192 11.40 -25.95 -20.15
C THR D 192 10.89 -24.51 -20.25
N ASP D 193 10.77 -23.97 -21.47
CA ASP D 193 10.18 -22.66 -21.73
C ASP D 193 9.88 -22.52 -23.23
N THR D 194 9.19 -21.46 -23.60
CA THR D 194 8.81 -21.25 -25.00
C THR D 194 10.02 -21.20 -25.97
N GLY D 195 11.12 -20.63 -25.51
CA GLY D 195 12.35 -20.52 -26.30
C GLY D 195 12.87 -21.89 -26.68
N ALA D 196 12.82 -22.84 -25.76
CA ALA D 196 13.22 -24.23 -26.08
C ALA D 196 12.33 -24.86 -27.16
N TYR D 197 11.04 -24.53 -27.11
CA TYR D 197 10.14 -24.95 -28.17
C TYR D 197 10.54 -24.35 -29.52
N TRP D 198 10.71 -23.05 -29.55
CA TRP D 198 11.15 -22.37 -30.79
C TRP D 198 12.48 -22.93 -31.35
N ARG D 199 13.45 -23.21 -30.49
CA ARG D 199 14.71 -23.80 -30.94
C ARG D 199 14.55 -25.24 -31.47
N SER D 200 13.56 -25.98 -30.94
CA SER D 200 13.35 -27.38 -31.31
C SER D 200 13.05 -27.55 -32.80
N TRP D 201 12.56 -26.50 -33.45
CA TRP D 201 12.29 -26.50 -34.89
C TRP D 201 13.50 -26.74 -35.80
N TYR D 202 14.71 -26.59 -35.27
CA TYR D 202 15.94 -26.80 -36.05
C TYR D 202 16.51 -28.21 -35.86
N ASN D 203 15.83 -29.01 -35.04
CA ASN D 203 16.20 -30.40 -34.79
C ASN D 203 17.72 -30.61 -34.77
N SER D 204 18.36 -29.89 -33.87
CA SER D 204 19.79 -29.99 -33.70
C SER D 204 20.12 -29.91 -32.22
N PRO D 205 20.74 -30.97 -31.66
CA PRO D 205 21.08 -30.86 -30.22
C PRO D 205 22.16 -29.83 -29.90
N THR D 206 22.89 -29.38 -30.92
CA THR D 206 23.97 -28.42 -30.74
C THR D 206 23.68 -27.04 -31.39
N PHE D 207 22.39 -26.72 -31.62
CA PHE D 207 21.97 -25.48 -32.28
C PHE D 207 22.69 -24.24 -31.74
N GLU D 208 22.58 -23.98 -30.44
CA GLU D 208 23.13 -22.73 -29.88
C GLU D 208 24.65 -22.65 -30.02
N ASP D 209 25.36 -23.77 -29.78
CA ASP D 209 26.81 -23.85 -30.04
C ASP D 209 27.15 -23.64 -31.52
N ASP D 210 26.39 -24.26 -32.41
CA ASP D 210 26.64 -24.11 -33.84
C ASP D 210 26.48 -22.64 -34.28
N LEU D 211 25.45 -21.98 -33.77
CA LEU D 211 25.22 -20.55 -34.07
C LEU D 211 26.40 -19.70 -33.57
N GLU D 212 26.84 -19.97 -32.34
CA GLU D 212 27.93 -19.22 -31.73
C GLU D 212 29.24 -19.38 -32.52
N HIS D 213 29.51 -20.60 -32.98
CA HIS D 213 30.68 -20.87 -33.81
C HIS D 213 30.64 -20.17 -35.15
N LEU D 214 29.46 -20.12 -35.78
CA LEU D 214 29.24 -19.33 -37.00
C LEU D 214 29.51 -17.87 -36.72
N TYR D 215 28.95 -17.34 -35.63
CA TYR D 215 29.15 -15.92 -35.34
C TYR D 215 30.64 -15.56 -35.12
N GLN D 216 31.40 -16.44 -34.48
CA GLN D 216 32.84 -16.23 -34.30
C GLN D 216 33.56 -16.04 -35.65
N GLN D 217 33.18 -16.80 -36.68
CA GLN D 217 33.78 -16.61 -38.01
C GLN D 217 33.38 -15.32 -38.71
N LEU D 218 32.18 -14.82 -38.39
CA LEU D 218 31.63 -13.67 -39.07
C LEU D 218 31.99 -12.36 -38.37
N GLU D 219 32.24 -12.44 -37.08
CA GLU D 219 32.46 -11.23 -36.28
C GLU D 219 33.58 -10.32 -36.79
N PRO D 220 34.73 -10.87 -37.22
CA PRO D 220 35.75 -9.92 -37.71
C PRO D 220 35.28 -9.08 -38.91
N LEU D 221 34.44 -9.65 -39.75
CA LEU D 221 33.92 -8.93 -40.90
C LEU D 221 33.06 -7.76 -40.45
N TYR D 222 32.20 -8.01 -39.46
CA TYR D 222 31.38 -6.95 -38.89
C TYR D 222 32.21 -5.86 -38.22
N LEU D 223 33.19 -6.26 -37.42
CA LEU D 223 34.03 -5.27 -36.69
C LEU D 223 34.73 -4.32 -37.65
N ASN D 224 35.23 -4.85 -38.76
CA ASN D 224 35.87 -4.03 -39.79
C ASN D 224 34.89 -3.12 -40.56
N LEU D 225 33.71 -3.63 -40.88
CA LEU D 225 32.67 -2.82 -41.50
C LEU D 225 32.28 -1.69 -40.54
N HIS D 226 32.07 -2.04 -39.27
CA HIS D 226 31.70 -1.09 -38.20
C HIS D 226 32.71 0.06 -38.11
N ALA D 227 33.99 -0.30 -38.00
CA ALA D 227 35.07 0.72 -37.86
C ALA D 227 35.14 1.70 -39.04
N PHE D 228 34.98 1.17 -40.24
CA PHE D 228 35.00 1.97 -41.48
C PHE D 228 33.80 2.91 -41.52
N VAL D 229 32.62 2.37 -41.20
CA VAL D 229 31.37 3.16 -41.22
C VAL D 229 31.40 4.23 -40.11
N ARG D 230 31.87 3.87 -38.93
CA ARG D 230 32.07 4.84 -37.84
C ARG D 230 32.96 6.03 -38.25
N ARG D 231 34.07 5.76 -38.94
CA ARG D 231 34.92 6.80 -39.50
C ARG D 231 34.19 7.68 -40.54
N ALA D 232 33.42 7.07 -41.44
CA ALA D 232 32.63 7.81 -42.41
C ALA D 232 31.62 8.73 -41.73
N LEU D 233 30.96 8.22 -40.69
CA LEU D 233 30.06 9.03 -39.89
C LEU D 233 30.80 10.14 -39.13
N HIS D 234 31.98 9.84 -38.59
CA HIS D 234 32.77 10.88 -37.89
C HIS D 234 33.06 12.10 -38.80
N ARG D 235 33.34 11.81 -40.08
CA ARG D 235 33.66 12.85 -41.04
C ARG D 235 32.48 13.75 -41.40
N ARG D 236 31.26 13.30 -41.10
CA ARG D 236 30.03 14.03 -41.39
C ARG D 236 29.42 14.65 -40.16
N TYR D 237 29.34 13.90 -39.07
CA TYR D 237 28.73 14.37 -37.84
C TYR D 237 29.70 15.03 -36.88
N GLY D 238 30.96 14.66 -36.95
CA GLY D 238 32.01 15.29 -36.17
C GLY D 238 32.18 14.67 -34.81
N ASP D 239 33.17 15.19 -34.09
CA ASP D 239 33.66 14.63 -32.84
C ASP D 239 32.67 14.72 -31.65
N ARG D 240 31.72 15.65 -31.73
CA ARG D 240 30.69 15.79 -30.71
C ARG D 240 29.75 14.56 -30.68
N TYR D 241 29.37 14.08 -31.85
CA TYR D 241 28.38 13.01 -31.98
C TYR D 241 28.93 11.62 -32.33
N ILE D 242 30.19 11.53 -32.74
CA ILE D 242 30.82 10.26 -33.05
C ILE D 242 32.12 10.13 -32.27
N ASN D 243 32.22 9.04 -31.52
CA ASN D 243 33.42 8.67 -30.79
C ASN D 243 34.10 7.55 -31.55
N LEU D 244 35.27 7.81 -32.08
CA LEU D 244 36.03 6.82 -32.87
C LEU D 244 36.47 5.58 -32.11
N ARG D 245 36.33 5.57 -30.79
CA ARG D 245 36.60 4.38 -29.97
C ARG D 245 35.39 3.97 -29.12
N GLY D 246 34.20 4.42 -29.49
CA GLY D 246 32.98 4.12 -28.76
C GLY D 246 31.91 3.58 -29.69
N PRO D 247 30.77 3.13 -29.13
CA PRO D 247 29.67 2.63 -29.95
C PRO D 247 29.05 3.75 -30.80
N ILE D 248 28.44 3.38 -31.93
CA ILE D 248 27.85 4.36 -32.86
C ILE D 248 26.47 4.68 -32.33
N PRO D 249 26.08 5.97 -32.21
CA PRO D 249 24.68 6.25 -31.84
C PRO D 249 23.66 5.54 -32.73
N ALA D 250 22.67 4.90 -32.11
CA ALA D 250 21.82 3.90 -32.77
C ALA D 250 20.84 4.43 -33.86
N HIS D 251 20.71 5.74 -33.99
CA HIS D 251 19.84 6.39 -34.94
C HIS D 251 20.51 6.92 -36.25
N LEU D 252 21.80 6.70 -36.44
CA LEU D 252 22.56 7.29 -37.54
C LEU D 252 22.87 6.33 -38.71
N LEU D 253 22.33 5.12 -38.67
CA LEU D 253 22.77 4.08 -39.58
C LEU D 253 21.75 3.80 -40.66
N GLY D 254 20.71 4.64 -40.78
CA GLY D 254 19.77 4.53 -41.92
C GLY D 254 18.47 3.77 -41.67
N ASP D 255 18.30 3.25 -40.46
CA ASP D 255 17.29 2.26 -40.16
C ASP D 255 16.92 2.43 -38.71
N MET D 256 15.64 2.29 -38.40
CA MET D 256 15.16 2.50 -37.02
C MET D 256 15.85 1.60 -35.98
N TRP D 257 16.29 0.40 -36.40
CA TRP D 257 16.89 -0.59 -35.50
C TRP D 257 18.38 -0.76 -35.74
N ALA D 258 18.94 0.08 -36.62
CA ALA D 258 20.33 -0.02 -37.07
C ALA D 258 20.63 -1.42 -37.59
N GLN D 259 19.64 -2.05 -38.20
CA GLN D 259 19.75 -3.47 -38.50
C GLN D 259 20.33 -3.73 -39.86
N SER D 260 20.21 -2.75 -40.74
CA SER D 260 20.93 -2.75 -42.00
C SER D 260 21.20 -1.32 -42.38
N TRP D 261 22.34 -1.12 -43.04
CA TRP D 261 22.90 0.18 -43.19
C TRP D 261 22.94 0.68 -44.63
N GLU D 262 22.21 0.01 -45.53
CA GLU D 262 22.25 0.39 -46.94
C GLU D 262 21.83 1.83 -47.21
N ASN D 263 20.94 2.40 -46.38
CA ASN D 263 20.52 3.79 -46.58
C ASN D 263 21.57 4.87 -46.34
N ILE D 264 22.69 4.53 -45.73
CA ILE D 264 23.82 5.47 -45.57
C ILE D 264 24.95 5.17 -46.57
N TYR D 265 24.66 4.37 -47.60
CA TYR D 265 25.63 4.03 -48.63
C TYR D 265 26.31 5.26 -49.23
N ASP D 266 25.55 6.31 -49.47
CA ASP D 266 26.11 7.52 -50.09
C ASP D 266 27.20 8.16 -49.20
N MET D 267 27.14 7.93 -47.89
CA MET D 267 28.15 8.45 -46.96
C MET D 267 29.39 7.54 -46.84
N VAL D 268 29.27 6.30 -47.26
CA VAL D 268 30.34 5.34 -47.08
C VAL D 268 30.98 4.86 -48.38
N VAL D 269 30.29 5.06 -49.53
CA VAL D 269 30.76 4.59 -50.84
C VAL D 269 32.23 4.97 -51.07
N PRO D 270 33.12 3.97 -51.23
CA PRO D 270 34.55 4.23 -51.32
C PRO D 270 34.96 5.01 -52.56
N PHE D 271 34.32 4.73 -53.70
CA PHE D 271 34.71 5.30 -54.98
C PHE D 271 33.53 5.96 -55.65
N PRO D 272 33.14 7.18 -55.16
CA PRO D 272 31.91 7.83 -55.64
C PRO D 272 31.85 8.21 -57.13
N ASP D 273 32.98 8.15 -57.83
CA ASP D 273 33.07 8.50 -59.25
C ASP D 273 32.70 7.33 -60.20
N LYS D 274 32.50 6.12 -59.64
CA LYS D 274 32.06 4.95 -60.41
C LYS D 274 30.53 4.99 -60.49
N PRO D 275 29.90 4.03 -61.20
CA PRO D 275 28.43 4.12 -61.35
C PRO D 275 27.68 4.09 -60.01
N ASN D 276 26.61 4.85 -59.90
CA ASN D 276 25.85 4.95 -58.67
C ASN D 276 24.94 3.72 -58.48
N LEU D 277 25.26 2.89 -57.48
CA LEU D 277 24.60 1.60 -57.31
C LEU D 277 23.28 1.64 -56.56
N ASP D 278 22.96 2.78 -55.95
CA ASP D 278 21.65 2.93 -55.37
C ASP D 278 20.75 3.47 -56.49
N VAL D 279 19.94 2.58 -57.04
CA VAL D 279 19.05 2.91 -58.16
C VAL D 279 17.70 3.50 -57.75
N THR D 280 17.52 3.85 -56.47
CA THR D 280 16.25 4.42 -56.03
C THR D 280 15.83 5.66 -56.84
N SER D 281 16.78 6.58 -57.04
CA SER D 281 16.47 7.81 -57.77
C SER D 281 16.06 7.51 -59.23
N THR D 282 16.64 6.47 -59.83
CA THR D 282 16.24 6.06 -61.19
C THR D 282 14.86 5.41 -61.20
N MET D 283 14.55 4.63 -60.15
CA MET D 283 13.20 4.07 -60.02
C MET D 283 12.17 5.19 -59.95
N LEU D 284 12.45 6.23 -59.17
CA LEU D 284 11.51 7.35 -59.02
C LEU D 284 11.41 8.16 -60.32
N GLN D 285 12.55 8.43 -60.94
CA GLN D 285 12.57 9.15 -62.23
C GLN D 285 11.78 8.40 -63.32
N GLN D 286 11.90 7.08 -63.37
CA GLN D 286 11.18 6.30 -64.36
C GLN D 286 9.71 6.05 -63.99
N GLY D 287 9.30 6.39 -62.77
CA GLY D 287 7.90 6.27 -62.34
C GLY D 287 7.49 4.87 -61.94
N TRP D 288 8.42 4.10 -61.37
CA TRP D 288 8.06 2.78 -60.86
C TRP D 288 7.04 2.95 -59.75
N GLN D 289 6.12 2.00 -59.67
CA GLN D 289 5.11 1.91 -58.62
C GLN D 289 5.14 0.50 -58.07
N ALA D 290 4.38 0.25 -56.99
CA ALA D 290 4.37 -1.09 -56.36
C ALA D 290 4.07 -2.20 -57.36
N THR D 291 3.04 -1.98 -58.17
CA THR D 291 2.69 -2.96 -59.21
C THR D 291 3.87 -3.37 -60.08
N HIS D 292 4.66 -2.42 -60.53
CA HIS D 292 5.79 -2.71 -61.39
C HIS D 292 6.80 -3.56 -60.64
N MET D 293 6.99 -3.25 -59.36
CA MET D 293 7.99 -3.94 -58.54
C MET D 293 7.63 -5.42 -58.40
N PHE D 294 6.35 -5.69 -58.09
CA PHE D 294 5.84 -7.04 -57.99
C PHE D 294 5.86 -7.81 -59.30
N ARG D 295 5.54 -7.15 -60.42
CA ARG D 295 5.59 -7.83 -61.72
C ARG D 295 7.02 -8.16 -62.15
N VAL D 296 7.95 -7.25 -61.84
CA VAL D 296 9.34 -7.48 -62.14
C VAL D 296 9.91 -8.66 -61.33
N ALA D 297 9.59 -8.71 -60.04
CA ALA D 297 9.96 -9.88 -59.19
C ALA D 297 9.35 -11.16 -59.73
N GLU D 298 8.04 -11.13 -60.00
CA GLU D 298 7.39 -12.30 -60.59
C GLU D 298 8.15 -12.82 -61.81
N GLU D 299 8.55 -11.90 -62.70
CA GLU D 299 9.17 -12.30 -63.96
C GLU D 299 10.54 -12.96 -63.75
N PHE D 300 11.25 -12.57 -62.68
CA PHE D 300 12.46 -13.34 -62.30
C PHE D 300 12.10 -14.79 -61.95
N PHE D 301 11.06 -14.99 -61.13
CA PHE D 301 10.64 -16.35 -60.80
C PHE D 301 10.24 -17.16 -62.05
N THR D 302 9.46 -16.56 -62.95
CA THR D 302 9.07 -17.27 -64.17
C THR D 302 10.23 -17.49 -65.13
N SER D 303 11.25 -16.64 -65.10
CA SER D 303 12.47 -16.87 -65.88
C SER D 303 13.15 -18.20 -65.52
N LEU D 304 13.03 -18.59 -64.25
CA LEU D 304 13.60 -19.83 -63.76
C LEU D 304 12.65 -21.02 -63.94
N GLU D 305 11.51 -20.80 -64.62
CA GLU D 305 10.42 -21.78 -64.73
C GLU D 305 9.83 -22.19 -63.38
N LEU D 306 9.82 -21.27 -62.43
CA LEU D 306 9.00 -21.40 -61.24
C LEU D 306 7.66 -20.73 -61.53
N SER D 307 6.72 -20.80 -60.59
CA SER D 307 5.35 -20.41 -60.89
C SER D 307 5.13 -18.91 -60.86
N PRO D 308 4.27 -18.41 -61.78
CA PRO D 308 3.75 -17.06 -61.61
C PRO D 308 2.83 -16.95 -60.40
N MET D 309 2.54 -15.71 -60.01
CA MET D 309 1.58 -15.47 -58.96
C MET D 309 0.18 -15.70 -59.54
N PRO D 310 -0.67 -16.44 -58.81
CA PRO D 310 -1.98 -16.75 -59.37
C PRO D 310 -2.93 -15.55 -59.29
N PRO D 311 -4.06 -15.57 -60.03
CA PRO D 311 -4.99 -14.44 -59.96
C PRO D 311 -5.44 -14.05 -58.56
N GLU D 312 -5.65 -15.05 -57.70
CA GLU D 312 -6.08 -14.82 -56.32
C GLU D 312 -5.06 -13.97 -55.54
N PHE D 313 -3.78 -14.12 -55.87
CA PHE D 313 -2.72 -13.27 -55.30
C PHE D 313 -2.94 -11.81 -55.69
N TRP D 314 -3.15 -11.54 -56.98
CA TRP D 314 -3.29 -10.16 -57.44
C TRP D 314 -4.58 -9.51 -56.94
N GLU D 315 -5.66 -10.28 -56.92
CA GLU D 315 -6.96 -9.76 -56.49
C GLU D 315 -7.01 -9.48 -54.98
N GLY D 316 -6.36 -10.32 -54.18
CA GLY D 316 -6.51 -10.24 -52.72
C GLY D 316 -5.39 -9.54 -51.95
N SER D 317 -4.22 -9.41 -52.56
CA SER D 317 -3.06 -8.85 -51.87
C SER D 317 -3.24 -7.37 -51.55
N MET D 318 -2.54 -6.89 -50.51
CA MET D 318 -2.49 -5.48 -50.18
C MET D 318 -1.07 -5.03 -50.50
N LEU D 319 -0.89 -4.35 -51.64
CA LEU D 319 0.47 -3.98 -52.13
C LEU D 319 0.90 -2.53 -51.89
N GLU D 320 0.01 -1.70 -51.37
CA GLU D 320 0.30 -0.34 -50.94
C GLU D 320 -0.47 -0.08 -49.65
N LYS D 321 0.02 0.87 -48.85
CA LYS D 321 -0.73 1.34 -47.69
C LYS D 321 -2.05 1.96 -48.14
N PRO D 322 -3.20 1.55 -47.55
CA PRO D 322 -4.49 2.16 -47.90
C PRO D 322 -4.50 3.67 -47.68
N ALA D 323 -5.13 4.39 -48.60
CA ALA D 323 -5.26 5.85 -48.52
C ALA D 323 -6.56 6.33 -47.86
N ASP D 324 -7.33 5.43 -47.24
CA ASP D 324 -8.64 5.76 -46.65
C ASP D 324 -8.61 5.97 -45.12
N GLY D 325 -7.42 6.09 -44.53
CA GLY D 325 -7.30 6.19 -43.06
C GLY D 325 -7.57 4.93 -42.23
N ARG D 326 -7.80 3.77 -42.87
CA ARG D 326 -7.70 2.46 -42.19
C ARG D 326 -6.34 2.35 -41.54
N GLU D 327 -6.30 1.86 -40.30
CA GLU D 327 -5.05 1.42 -39.67
C GLU D 327 -4.71 0.00 -40.17
N VAL D 328 -3.44 -0.26 -40.47
CA VAL D 328 -3.01 -1.56 -40.96
C VAL D 328 -1.69 -1.96 -40.30
N VAL D 329 -1.41 -3.26 -40.31
CA VAL D 329 -0.07 -3.76 -40.00
C VAL D 329 0.75 -3.60 -41.27
N CYS D 330 1.60 -2.58 -41.29
CA CYS D 330 2.39 -2.30 -42.48
C CYS D 330 3.55 -3.24 -42.68
N HIS D 331 4.07 -3.82 -41.60
CA HIS D 331 5.23 -4.68 -41.70
C HIS D 331 5.02 -5.76 -42.77
N ALA D 332 5.97 -5.88 -43.68
CA ALA D 332 5.81 -6.78 -44.83
C ALA D 332 5.67 -8.22 -44.42
N SER D 333 4.70 -8.92 -45.02
CA SER D 333 4.45 -10.33 -44.70
C SER D 333 3.76 -11.07 -45.85
N ALA D 334 3.98 -12.37 -45.89
CA ALA D 334 3.46 -13.29 -46.91
C ALA D 334 2.54 -14.29 -46.23
N TRP D 335 1.44 -14.65 -46.91
CA TRP D 335 0.30 -15.33 -46.29
C TRP D 335 -0.15 -16.56 -47.09
N ASP D 336 -0.11 -17.73 -46.46
CA ASP D 336 -0.71 -18.97 -46.95
C ASP D 336 -2.05 -19.17 -46.22
N PHE D 337 -3.14 -19.27 -47.00
CA PHE D 337 -4.47 -19.44 -46.41
C PHE D 337 -4.84 -20.93 -46.18
N TYR D 338 -3.94 -21.84 -46.55
CA TYR D 338 -4.09 -23.28 -46.35
C TYR D 338 -5.31 -23.90 -47.09
N ASN D 339 -5.74 -23.26 -48.17
CA ASN D 339 -6.82 -23.80 -49.00
C ASN D 339 -6.33 -24.07 -50.43
N ARG D 340 -5.02 -24.02 -50.61
CA ARG D 340 -4.34 -24.29 -51.88
C ARG D 340 -4.67 -23.34 -53.02
N LYS D 341 -5.32 -22.22 -52.70
CA LYS D 341 -5.81 -21.28 -53.69
C LYS D 341 -5.44 -19.83 -53.34
N ASP D 342 -5.61 -19.44 -52.08
CA ASP D 342 -5.39 -18.08 -51.67
C ASP D 342 -4.01 -17.93 -51.04
N PHE D 343 -3.24 -17.00 -51.60
CA PHE D 343 -1.87 -16.69 -51.23
C PHE D 343 -1.72 -15.20 -51.48
N ARG D 344 -1.24 -14.47 -50.48
CA ARG D 344 -1.21 -13.01 -50.51
C ARG D 344 0.01 -12.42 -49.82
N ILE D 345 0.42 -11.25 -50.31
CA ILE D 345 1.38 -10.41 -49.63
C ILE D 345 0.64 -9.19 -49.09
N LYS D 346 1.06 -8.75 -47.90
CA LYS D 346 0.57 -7.54 -47.29
C LYS D 346 1.81 -6.70 -47.01
N GLN D 347 2.00 -5.65 -47.81
CA GLN D 347 3.20 -4.78 -47.72
C GLN D 347 2.80 -3.36 -48.07
N CYS D 348 3.23 -2.41 -47.25
CA CYS D 348 3.03 -1.00 -47.52
C CYS D 348 4.19 -0.52 -48.37
N THR D 349 4.20 -0.97 -49.61
CA THR D 349 5.34 -0.84 -50.51
C THR D 349 5.68 0.60 -50.80
N ARG D 350 6.96 0.93 -50.68
CA ARG D 350 7.47 2.22 -51.09
C ARG D 350 8.41 1.97 -52.26
N VAL D 351 8.55 2.98 -53.12
CA VAL D 351 9.42 2.85 -54.31
C VAL D 351 10.87 3.16 -53.97
N THR D 352 11.61 2.12 -53.60
CA THR D 352 13.01 2.17 -53.30
C THR D 352 13.68 0.86 -53.69
N MET D 353 15.00 0.90 -53.86
CA MET D 353 15.77 -0.31 -54.14
C MET D 353 15.62 -1.37 -53.05
N ASP D 354 15.72 -0.95 -51.80
CA ASP D 354 15.61 -1.86 -50.65
C ASP D 354 14.22 -2.52 -50.62
N GLN D 355 13.18 -1.74 -50.97
CA GLN D 355 11.81 -2.30 -51.09
C GLN D 355 11.65 -3.30 -52.22
N LEU D 356 12.35 -3.10 -53.34
CA LEU D 356 12.37 -4.09 -54.41
C LEU D 356 12.96 -5.40 -53.88
N SER D 357 14.03 -5.33 -53.08
CA SER D 357 14.57 -6.55 -52.45
C SER D 357 13.55 -7.19 -51.50
N THR D 358 12.86 -6.37 -50.70
CA THR D 358 11.77 -6.86 -49.85
C THR D 358 10.64 -7.55 -50.64
N VAL D 359 10.26 -6.98 -51.79
CA VAL D 359 9.27 -7.60 -52.64
C VAL D 359 9.73 -9.00 -53.01
N HIS D 360 11.00 -9.15 -53.39
CA HIS D 360 11.55 -10.47 -53.75
C HIS D 360 11.51 -11.43 -52.53
N HIS D 361 11.90 -10.91 -51.36
CA HIS D 361 11.85 -11.68 -50.11
C HIS D 361 10.46 -12.26 -49.84
N GLU D 362 9.45 -11.39 -49.91
CA GLU D 362 8.08 -11.81 -49.67
C GLU D 362 7.57 -12.75 -50.74
N MET D 363 7.91 -12.47 -52.00
CA MET D 363 7.51 -13.34 -53.08
C MET D 363 8.17 -14.71 -52.99
N GLY D 364 9.36 -14.82 -52.41
CA GLY D 364 9.99 -16.11 -52.14
C GLY D 364 9.18 -17.02 -51.21
N HIS D 365 8.61 -16.43 -50.16
CA HIS D 365 7.64 -17.14 -49.31
C HIS D 365 6.46 -17.66 -50.13
N ILE D 366 5.88 -16.78 -50.96
CA ILE D 366 4.72 -17.19 -51.76
C ILE D 366 5.12 -18.35 -52.68
N GLN D 367 6.30 -18.27 -53.31
CA GLN D 367 6.73 -19.33 -54.23
C GLN D 367 6.85 -20.66 -53.50
N TYR D 368 7.34 -20.62 -52.26
CA TYR D 368 7.42 -21.83 -51.42
C TYR D 368 5.99 -22.41 -51.22
N TYR D 369 5.04 -21.55 -50.89
CA TYR D 369 3.66 -21.96 -50.63
C TYR D 369 3.05 -22.58 -51.89
N LEU D 370 3.34 -21.98 -53.07
CA LEU D 370 2.84 -22.52 -54.34
C LEU D 370 3.40 -23.90 -54.68
N GLN D 371 4.64 -24.16 -54.32
CA GLN D 371 5.31 -25.42 -54.67
C GLN D 371 4.96 -26.58 -53.73
N TYR D 372 4.65 -26.28 -52.48
CA TYR D 372 4.23 -27.33 -51.54
C TYR D 372 2.72 -27.37 -51.20
N LYS D 373 1.90 -26.65 -51.97
CA LYS D 373 0.47 -26.56 -51.64
C LYS D 373 -0.27 -27.89 -51.65
N ASP D 374 0.26 -28.89 -52.33
CA ASP D 374 -0.40 -30.20 -52.38
C ASP D 374 0.12 -31.24 -51.39
N LEU D 375 1.03 -30.85 -50.53
CA LEU D 375 1.46 -31.69 -49.43
C LEU D 375 0.39 -31.67 -48.34
N PRO D 376 0.36 -32.72 -47.50
CA PRO D 376 -0.38 -32.67 -46.24
C PRO D 376 -0.11 -31.39 -45.48
N VAL D 377 -1.14 -30.82 -44.89
CA VAL D 377 -1.07 -29.48 -44.32
C VAL D 377 0.03 -29.27 -43.25
N SER D 378 0.33 -30.32 -42.47
CA SER D 378 1.40 -30.26 -41.46
C SER D 378 2.80 -30.14 -42.09
N LEU D 379 2.95 -30.59 -43.34
CA LEU D 379 4.21 -30.48 -44.08
C LEU D 379 4.39 -29.21 -44.93
N ARG D 380 3.44 -28.27 -44.87
CA ARG D 380 3.48 -27.01 -45.60
C ARG D 380 4.20 -25.95 -44.77
N ARG D 381 5.50 -26.19 -44.59
CA ARG D 381 6.42 -25.35 -43.82
C ARG D 381 7.75 -25.41 -44.55
N GLY D 382 8.69 -24.54 -44.17
CA GLY D 382 10.06 -24.62 -44.72
C GLY D 382 10.75 -25.84 -44.14
N ALA D 383 11.79 -26.35 -44.80
CA ALA D 383 12.58 -27.44 -44.21
C ALA D 383 13.06 -27.05 -42.78
N ASN D 384 13.44 -25.80 -42.61
CA ASN D 384 13.35 -25.10 -41.30
C ASN D 384 12.94 -23.67 -41.59
N PRO D 385 12.64 -22.86 -40.56
CA PRO D 385 12.18 -21.49 -40.87
C PRO D 385 13.20 -20.61 -41.59
N GLY D 386 14.48 -20.87 -41.37
CA GLY D 386 15.57 -20.22 -42.11
C GLY D 386 15.51 -20.41 -43.61
N PHE D 387 15.09 -21.62 -44.05
CA PHE D 387 14.92 -21.89 -45.49
C PHE D 387 13.87 -20.94 -46.07
N HIS D 388 12.74 -20.79 -45.37
CA HIS D 388 11.66 -19.94 -45.85
C HIS D 388 12.11 -18.50 -46.06
N GLU D 389 12.91 -18.00 -45.11
CA GLU D 389 13.44 -16.65 -45.20
C GLU D 389 14.51 -16.46 -46.27
N ALA D 390 15.19 -17.51 -46.68
CA ALA D 390 16.31 -17.41 -47.62
C ALA D 390 15.87 -17.35 -49.09
N ILE D 391 14.71 -17.90 -49.43
CA ILE D 391 14.35 -18.12 -50.84
C ILE D 391 14.35 -16.82 -51.66
N GLY D 392 13.58 -15.84 -51.23
CA GLY D 392 13.48 -14.59 -51.97
C GLY D 392 14.81 -13.83 -51.98
N ASP D 393 15.52 -13.88 -50.86
CA ASP D 393 16.80 -13.19 -50.73
C ASP D 393 17.84 -13.71 -51.75
N VAL D 394 17.86 -15.02 -51.97
CA VAL D 394 18.75 -15.62 -52.99
C VAL D 394 18.50 -15.03 -54.37
N LEU D 395 17.23 -14.91 -54.78
CA LEU D 395 16.96 -14.25 -56.07
C LEU D 395 17.39 -12.78 -56.04
N ALA D 396 17.12 -12.09 -54.93
CA ALA D 396 17.51 -10.69 -54.82
C ALA D 396 19.03 -10.48 -54.93
N LEU D 397 19.83 -11.46 -54.49
CA LEU D 397 21.29 -11.41 -54.70
C LEU D 397 21.65 -11.31 -56.19
N SER D 398 20.96 -12.06 -57.04
CA SER D 398 21.14 -11.92 -58.50
C SER D 398 20.64 -10.56 -59.01
N VAL D 399 19.45 -10.17 -58.55
CA VAL D 399 18.81 -8.93 -59.03
C VAL D 399 19.67 -7.68 -58.75
N SER D 400 20.35 -7.69 -57.60
CA SER D 400 21.10 -6.52 -57.14
C SER D 400 22.45 -6.32 -57.86
N THR D 401 22.91 -7.30 -58.63
CA THR D 401 24.18 -7.15 -59.34
C THR D 401 24.07 -6.01 -60.37
N PRO D 402 25.16 -5.22 -60.55
CA PRO D 402 25.19 -4.19 -61.60
C PRO D 402 24.76 -4.68 -62.99
N GLU D 403 25.18 -5.89 -63.35
CA GLU D 403 24.82 -6.50 -64.64
C GLU D 403 23.30 -6.77 -64.75
N HIS D 404 22.70 -7.26 -63.67
CA HIS D 404 21.25 -7.42 -63.72
C HIS D 404 20.48 -6.10 -63.73
N LEU D 405 20.90 -5.16 -62.90
CA LEU D 405 20.26 -3.85 -62.86
C LEU D 405 20.30 -3.20 -64.26
N HIS D 406 21.41 -3.37 -64.96
CA HIS D 406 21.52 -2.91 -66.34
C HIS D 406 20.50 -3.57 -67.25
N LYS D 407 20.32 -4.89 -67.13
CA LYS D 407 19.34 -5.64 -67.93
C LYS D 407 17.90 -5.17 -67.75
N ILE D 408 17.56 -4.64 -66.57
CA ILE D 408 16.20 -4.17 -66.32
C ILE D 408 16.06 -2.64 -66.35
N GLY D 409 17.07 -1.96 -66.88
CA GLY D 409 16.95 -0.53 -67.24
C GLY D 409 17.19 0.38 -66.07
N LEU D 410 17.79 -0.14 -65.00
CA LEU D 410 17.99 0.63 -63.77
C LEU D 410 19.41 1.14 -63.53
N LEU D 411 20.37 0.73 -64.35
CA LEU D 411 21.75 1.19 -64.21
C LEU D 411 22.37 1.28 -65.60
N ASP D 412 22.53 2.50 -66.09
CA ASP D 412 22.98 2.73 -67.47
C ASP D 412 24.45 2.33 -67.67
N ARG D 413 25.33 2.87 -66.85
CA ARG D 413 26.78 2.58 -66.95
C ARG D 413 27.04 1.11 -66.60
N VAL D 414 27.96 0.50 -67.35
CA VAL D 414 28.49 -0.83 -67.07
C VAL D 414 29.99 -0.63 -66.82
N THR D 415 30.52 -1.25 -65.76
CA THR D 415 31.97 -1.23 -65.48
C THR D 415 32.36 -2.57 -64.86
N ASN D 416 33.58 -3.05 -65.10
CA ASN D 416 34.10 -4.23 -64.44
C ASN D 416 35.55 -4.01 -64.01
N ASP D 417 35.71 -3.30 -62.90
CA ASP D 417 37.02 -2.93 -62.38
C ASP D 417 37.02 -3.09 -60.88
N THR D 418 38.21 -3.07 -60.28
CA THR D 418 38.35 -3.38 -58.87
C THR D 418 37.60 -2.38 -57.98
N GLU D 419 37.59 -1.11 -58.36
CA GLU D 419 36.89 -0.08 -57.58
C GLU D 419 35.38 -0.31 -57.57
N SER D 420 34.84 -0.62 -58.75
CA SER D 420 33.41 -0.89 -58.88
C SER D 420 32.99 -2.12 -58.05
N ASP D 421 33.87 -3.13 -58.01
CA ASP D 421 33.64 -4.33 -57.21
C ASP D 421 33.59 -4.04 -55.72
N ILE D 422 34.53 -3.22 -55.26
CA ILE D 422 34.56 -2.80 -53.87
C ILE D 422 33.29 -2.02 -53.52
N ASN D 423 32.86 -1.12 -54.40
CA ASN D 423 31.65 -0.36 -54.16
C ASN D 423 30.45 -1.30 -53.98
N TYR D 424 30.33 -2.25 -54.91
CA TYR D 424 29.23 -3.20 -54.87
C TYR D 424 29.28 -4.06 -53.61
N LEU D 425 30.43 -4.63 -53.29
CA LEU D 425 30.58 -5.48 -52.13
C LEU D 425 30.42 -4.70 -50.82
N LEU D 426 30.80 -3.43 -50.81
CA LEU D 426 30.55 -2.61 -49.64
C LEU D 426 29.04 -2.37 -49.49
N LYS D 427 28.36 -2.05 -50.58
CA LYS D 427 26.92 -1.86 -50.53
C LYS D 427 26.22 -3.12 -50.02
N MET D 428 26.62 -4.28 -50.54
CA MET D 428 26.07 -5.56 -50.07
C MET D 428 26.41 -5.84 -48.61
N ALA D 429 27.62 -5.48 -48.16
CA ALA D 429 28.00 -5.62 -46.76
C ALA D 429 27.11 -4.81 -45.82
N LEU D 430 26.76 -3.59 -46.22
CA LEU D 430 25.86 -2.75 -45.44
C LEU D 430 24.51 -3.40 -45.22
N GLU D 431 24.08 -4.17 -46.22
CA GLU D 431 22.80 -4.88 -46.16
C GLU D 431 22.91 -6.21 -45.39
N LYS D 432 23.96 -6.99 -45.63
CA LYS D 432 24.04 -8.37 -45.17
C LYS D 432 24.94 -8.58 -43.95
N ILE D 433 26.15 -8.03 -43.98
CA ILE D 433 27.07 -8.15 -42.84
C ILE D 433 26.60 -7.33 -41.63
N ALA D 434 26.11 -6.10 -41.87
CA ALA D 434 25.62 -5.26 -40.79
C ALA D 434 24.46 -5.89 -40.00
N PHE D 435 23.63 -6.67 -40.69
CA PHE D 435 22.53 -7.39 -40.06
C PHE D 435 22.92 -8.51 -39.12
N LEU D 436 24.04 -9.17 -39.40
CA LEU D 436 24.40 -10.40 -38.66
C LEU D 436 24.33 -10.27 -37.13
N PRO D 437 24.97 -9.25 -36.54
CA PRO D 437 24.84 -9.13 -35.06
C PRO D 437 23.40 -8.95 -34.58
N PHE D 438 22.61 -8.19 -35.32
CA PHE D 438 21.21 -7.99 -34.91
C PHE D 438 20.39 -9.26 -35.04
N GLY D 439 20.55 -9.93 -36.17
CA GLY D 439 19.91 -11.24 -36.44
C GLY D 439 20.20 -12.26 -35.35
N TYR D 440 21.41 -12.20 -34.81
CA TYR D 440 21.83 -13.11 -33.75
C TYR D 440 21.33 -12.71 -32.38
N LEU D 441 21.31 -11.41 -32.07
CA LEU D 441 21.09 -10.96 -30.70
C LEU D 441 19.62 -10.93 -30.25
N VAL D 442 18.69 -10.74 -31.17
CA VAL D 442 17.27 -10.56 -30.83
C VAL D 442 16.75 -11.77 -30.05
N ASP D 443 16.98 -12.97 -30.56
CA ASP D 443 16.51 -14.16 -29.85
C ASP D 443 17.41 -14.58 -28.70
N GLN D 444 18.66 -14.13 -28.68
CA GLN D 444 19.42 -14.23 -27.40
C GLN D 444 18.68 -13.48 -26.31
N TRP D 445 18.21 -12.26 -26.62
CA TRP D 445 17.42 -11.51 -25.66
C TRP D 445 16.15 -12.26 -25.28
N ARG D 446 15.39 -12.66 -26.29
CA ARG D 446 14.09 -13.30 -26.05
C ARG D 446 14.21 -14.65 -25.37
N TRP D 447 15.23 -15.46 -25.72
CA TRP D 447 15.46 -16.73 -25.06
C TRP D 447 15.74 -16.55 -23.56
N GLY D 448 16.49 -15.51 -23.21
CA GLY D 448 16.74 -15.16 -21.83
C GLY D 448 15.51 -14.70 -21.12
N VAL D 449 14.62 -14.00 -21.82
CA VAL D 449 13.35 -13.59 -21.22
C VAL D 449 12.48 -14.82 -20.97
N PHE D 450 12.33 -15.71 -21.96
CA PHE D 450 11.56 -16.94 -21.76
C PHE D 450 12.09 -17.84 -20.65
N SER D 451 13.41 -17.94 -20.55
CA SER D 451 14.04 -18.78 -19.53
C SER D 451 13.95 -18.17 -18.13
N GLY D 452 13.61 -16.89 -18.01
CA GLY D 452 13.64 -16.20 -16.71
C GLY D 452 15.00 -15.60 -16.32
N ARG D 453 16.04 -15.86 -17.10
CA ARG D 453 17.35 -15.20 -16.89
C ARG D 453 17.24 -13.68 -16.99
N THR D 454 16.34 -13.19 -17.84
CA THR D 454 16.05 -11.78 -17.97
C THR D 454 14.61 -11.53 -17.51
N PRO D 455 14.44 -11.14 -16.23
CA PRO D 455 13.11 -10.79 -15.73
C PRO D 455 12.75 -9.38 -16.19
N PRO D 456 11.50 -8.97 -15.98
CA PRO D 456 11.05 -7.62 -16.36
C PRO D 456 11.92 -6.49 -15.84
N SER D 457 12.46 -6.67 -14.64
CA SER D 457 13.37 -5.70 -14.05
C SER D 457 14.65 -5.45 -14.86
N ARG D 458 14.99 -6.32 -15.82
CA ARG D 458 16.16 -6.15 -16.66
C ARG D 458 15.86 -6.24 -18.17
N TYR D 459 14.61 -6.06 -18.60
CA TYR D 459 14.31 -6.12 -20.05
C TYR D 459 15.22 -5.20 -20.85
N ASN D 460 15.32 -3.93 -20.42
CA ASN D 460 16.07 -2.93 -21.17
C ASN D 460 17.55 -2.96 -20.96
N PHE D 461 17.97 -3.21 -19.72
CA PHE D 461 19.37 -3.41 -19.37
C PHE D 461 20.02 -4.53 -20.21
N ASP D 462 19.34 -5.67 -20.28
CA ASP D 462 19.85 -6.81 -21.07
C ASP D 462 19.73 -6.59 -22.59
N TRP D 463 18.69 -5.90 -23.04
CA TRP D 463 18.58 -5.52 -24.45
C TRP D 463 19.79 -4.66 -24.86
N TRP D 464 20.07 -3.61 -24.10
CA TRP D 464 21.15 -2.72 -24.46
C TRP D 464 22.52 -3.35 -24.21
N TYR D 465 22.64 -4.24 -23.23
CA TYR D 465 23.86 -5.03 -23.09
C TYR D 465 24.15 -5.75 -24.42
N LEU D 466 23.16 -6.47 -24.94
CA LEU D 466 23.31 -7.23 -26.19
C LEU D 466 23.54 -6.33 -27.42
N ARG D 467 22.82 -5.22 -27.49
CA ARG D 467 22.94 -4.30 -28.62
C ARG D 467 24.36 -3.74 -28.68
N THR D 468 24.89 -3.33 -27.52
CA THR D 468 26.26 -2.81 -27.48
C THR D 468 27.27 -3.95 -27.73
N LYS D 469 27.10 -5.07 -27.02
CA LYS D 469 28.00 -6.25 -27.19
C LYS D 469 28.17 -6.66 -28.67
N TYR D 470 27.05 -6.80 -29.38
CA TYR D 470 27.09 -7.34 -30.75
C TYR D 470 27.16 -6.29 -31.84
N GLN D 471 26.27 -5.30 -31.80
CA GLN D 471 26.26 -4.25 -32.81
C GLN D 471 27.24 -3.09 -32.59
N GLY D 472 27.70 -2.86 -31.36
CA GLY D 472 28.54 -1.71 -31.08
C GLY D 472 27.80 -0.40 -31.34
N ILE D 473 26.57 -0.33 -30.84
CA ILE D 473 25.76 0.88 -30.87
C ILE D 473 25.32 1.24 -29.45
N CYS D 474 24.90 2.49 -29.27
CA CYS D 474 24.38 2.99 -28.01
C CYS D 474 23.12 3.83 -28.26
N PRO D 475 22.22 3.86 -27.28
CA PRO D 475 21.05 4.71 -27.43
C PRO D 475 21.44 6.18 -27.38
N PRO D 476 20.84 7.01 -28.25
CA PRO D 476 21.27 8.40 -28.29
C PRO D 476 20.61 9.31 -27.24
N VAL D 477 19.68 8.77 -26.45
CA VAL D 477 19.16 9.40 -25.25
C VAL D 477 19.23 8.35 -24.16
N THR D 478 19.28 8.80 -22.91
CA THR D 478 19.28 7.92 -21.76
C THR D 478 18.04 7.03 -21.73
N ARG D 479 18.21 5.76 -21.40
CA ARG D 479 17.09 4.84 -21.22
C ARG D 479 17.10 4.27 -19.79
N ASN D 480 15.95 3.81 -19.31
CA ASN D 480 15.81 3.14 -18.04
C ASN D 480 14.77 2.04 -18.20
N GLU D 481 14.41 1.35 -17.12
CA GLU D 481 13.49 0.21 -17.25
C GLU D 481 12.02 0.52 -17.51
N THR D 482 11.64 1.79 -17.46
CA THR D 482 10.32 2.19 -17.96
C THR D 482 10.28 2.05 -19.49
N HIS D 483 11.43 2.23 -20.12
CA HIS D 483 11.58 1.95 -21.56
C HIS D 483 11.66 0.47 -21.82
N PHE D 484 11.10 0.08 -22.97
CA PHE D 484 11.08 -1.31 -23.40
C PHE D 484 11.41 -1.33 -24.90
N ASP D 485 12.68 -1.07 -25.18
CA ASP D 485 13.13 -0.81 -26.53
C ASP D 485 13.05 -2.06 -27.43
N ALA D 486 13.13 -3.24 -26.83
CA ALA D 486 12.90 -4.47 -27.59
C ALA D 486 11.48 -4.50 -28.17
N GLY D 487 10.51 -3.98 -27.42
CA GLY D 487 9.15 -3.91 -27.92
C GLY D 487 8.91 -2.98 -29.10
N ALA D 488 9.85 -2.09 -29.40
CA ALA D 488 9.70 -1.21 -30.54
C ALA D 488 10.21 -1.85 -31.85
N LYS D 489 10.54 -3.14 -31.81
CA LYS D 489 10.87 -3.94 -32.99
C LYS D 489 9.71 -4.89 -33.29
N PHE D 490 9.12 -4.80 -34.51
CA PHE D 490 7.92 -5.58 -34.89
C PHE D 490 7.80 -6.98 -34.31
N HIS D 491 8.85 -7.77 -34.45
CA HIS D 491 8.81 -9.19 -34.19
C HIS D 491 8.59 -9.52 -32.72
N VAL D 492 8.90 -8.58 -31.83
CA VAL D 492 8.73 -8.79 -30.40
C VAL D 492 7.23 -8.76 -29.98
N PRO D 493 6.52 -7.62 -30.10
CA PRO D 493 5.08 -7.65 -29.80
C PRO D 493 4.24 -8.54 -30.75
N ASN D 494 4.73 -8.78 -31.97
CA ASN D 494 4.02 -9.68 -32.89
C ASN D 494 4.44 -11.13 -32.82
N VAL D 495 5.24 -11.48 -31.81
CA VAL D 495 5.57 -12.86 -31.46
C VAL D 495 6.06 -13.68 -32.65
N THR D 496 6.98 -13.11 -33.40
CA THR D 496 7.58 -13.80 -34.54
C THR D 496 9.03 -14.07 -34.19
N PRO D 497 9.44 -15.35 -34.20
CA PRO D 497 10.84 -15.69 -33.90
C PRO D 497 11.82 -15.04 -34.88
N TYR D 498 13.04 -14.82 -34.41
CA TYR D 498 14.05 -14.04 -35.13
C TYR D 498 15.27 -14.82 -35.63
N ILE D 499 15.63 -15.90 -34.97
CA ILE D 499 16.88 -16.59 -35.33
C ILE D 499 16.88 -17.09 -36.80
N ARG D 500 15.69 -17.36 -37.33
CA ARG D 500 15.47 -17.63 -38.74
C ARG D 500 16.18 -16.67 -39.71
N TYR D 501 16.29 -15.41 -39.34
CA TYR D 501 16.91 -14.42 -40.20
C TYR D 501 18.43 -14.53 -40.17
N PHE D 502 19.01 -14.76 -39.01
CA PHE D 502 20.44 -15.06 -38.93
C PHE D 502 20.78 -16.30 -39.75
N VAL D 503 19.99 -17.36 -39.55
CA VAL D 503 20.18 -18.61 -40.29
C VAL D 503 20.07 -18.35 -41.79
N SER D 504 19.04 -17.59 -42.17
CA SER D 504 18.81 -17.21 -43.55
C SER D 504 19.99 -16.48 -44.21
N PHE D 505 20.58 -15.55 -43.46
CA PHE D 505 21.66 -14.71 -44.00
C PHE D 505 22.93 -15.52 -44.28
N VAL D 506 23.15 -16.62 -43.57
CA VAL D 506 24.25 -17.57 -43.86
C VAL D 506 23.81 -18.50 -44.99
N LEU D 507 22.62 -19.06 -44.84
CA LEU D 507 22.08 -20.03 -45.78
C LEU D 507 21.99 -19.49 -47.21
N GLN D 508 21.58 -18.24 -47.36
CA GLN D 508 21.33 -17.69 -48.70
C GLN D 508 22.58 -17.68 -49.60
N PHE D 509 23.76 -17.50 -48.98
CA PHE D 509 25.01 -17.56 -49.72
C PHE D 509 25.37 -19.01 -50.08
N GLN D 510 25.02 -19.96 -49.22
CA GLN D 510 25.17 -21.39 -49.56
C GLN D 510 24.29 -21.76 -50.75
N PHE D 511 23.05 -21.28 -50.73
CA PHE D 511 22.12 -21.48 -51.83
C PHE D 511 22.62 -20.80 -53.09
N HIS D 512 23.06 -19.55 -52.96
CA HIS D 512 23.54 -18.76 -54.11
C HIS D 512 24.70 -19.46 -54.80
N GLU D 513 25.68 -19.91 -54.01
CA GLU D 513 26.83 -20.67 -54.58
C GLU D 513 26.39 -21.91 -55.36
N ALA D 514 25.49 -22.70 -54.77
CA ALA D 514 25.02 -23.94 -55.39
C ALA D 514 24.23 -23.67 -56.67
N LEU D 515 23.38 -22.65 -56.64
CA LEU D 515 22.56 -22.29 -57.79
C LEU D 515 23.41 -21.71 -58.92
N CYS D 516 24.39 -20.88 -58.58
CA CYS D 516 25.32 -20.35 -59.56
C CYS D 516 26.15 -21.45 -60.25
N LYS D 517 26.59 -22.46 -59.48
CA LYS D 517 27.29 -23.59 -60.04
C LYS D 517 26.38 -24.37 -60.99
N GLU D 518 25.15 -24.63 -60.54
CA GLU D 518 24.21 -25.39 -61.33
C GLU D 518 23.86 -24.66 -62.63
N ALA D 519 23.84 -23.34 -62.58
CA ALA D 519 23.57 -22.51 -63.73
C ALA D 519 24.70 -22.51 -64.80
N GLY D 520 25.88 -23.05 -64.46
CA GLY D 520 27.02 -23.06 -65.36
C GLY D 520 27.88 -21.83 -65.24
N TYR D 521 27.61 -20.99 -64.25
CA TYR D 521 28.36 -19.76 -64.08
C TYR D 521 29.74 -20.04 -63.50
N GLU D 522 30.76 -19.41 -64.07
CA GLU D 522 32.14 -19.65 -63.68
C GLU D 522 32.94 -18.41 -63.24
N GLY D 523 32.32 -17.23 -63.24
CA GLY D 523 32.95 -16.01 -62.72
C GLY D 523 32.96 -15.90 -61.19
N PRO D 524 33.39 -14.73 -60.66
CA PRO D 524 33.35 -14.44 -59.24
C PRO D 524 31.93 -14.61 -58.70
N LEU D 525 31.80 -15.21 -57.52
CA LEU D 525 30.46 -15.53 -56.95
C LEU D 525 29.56 -14.31 -56.83
N HIS D 526 30.13 -13.17 -56.47
CA HIS D 526 29.37 -11.93 -56.32
C HIS D 526 28.94 -11.24 -57.62
N GLN D 527 29.37 -11.75 -58.77
CA GLN D 527 28.88 -11.27 -60.05
C GLN D 527 27.97 -12.27 -60.74
N CYS D 528 27.60 -13.36 -60.06
CA CYS D 528 26.65 -14.32 -60.63
C CYS D 528 25.24 -13.73 -60.72
N ASP D 529 24.58 -13.99 -61.85
CA ASP D 529 23.16 -13.72 -62.01
C ASP D 529 22.52 -15.00 -62.54
N ILE D 530 21.60 -15.58 -61.78
CA ILE D 530 20.92 -16.83 -62.20
C ILE D 530 19.69 -16.59 -63.08
N TYR D 531 19.36 -15.34 -63.38
CA TYR D 531 18.24 -14.98 -64.25
C TYR D 531 18.22 -15.86 -65.48
N ARG D 532 17.05 -16.39 -65.79
CA ARG D 532 16.84 -17.25 -66.95
C ARG D 532 17.55 -18.63 -66.93
N SER D 533 18.14 -19.03 -65.81
CA SER D 533 18.67 -20.40 -65.66
C SER D 533 17.55 -21.36 -65.23
N THR D 534 17.06 -22.14 -66.19
CA THR D 534 16.06 -23.17 -65.91
C THR D 534 16.68 -24.30 -65.07
N LYS D 535 17.97 -24.58 -65.27
CA LYS D 535 18.66 -25.54 -64.40
C LYS D 535 18.77 -25.12 -62.93
N ALA D 536 19.11 -23.86 -62.67
CA ALA D 536 19.07 -23.34 -61.29
C ALA D 536 17.65 -23.39 -60.74
N GLY D 537 16.67 -23.06 -61.59
CA GLY D 537 15.27 -23.13 -61.22
C GLY D 537 14.80 -24.51 -60.78
N ALA D 538 15.21 -25.53 -61.53
CA ALA D 538 14.88 -26.92 -61.18
C ALA D 538 15.50 -27.36 -59.84
N LYS D 539 16.75 -26.98 -59.60
CA LYS D 539 17.38 -27.28 -58.30
C LYS D 539 16.67 -26.59 -57.14
N LEU D 540 16.34 -25.31 -57.30
CA LEU D 540 15.58 -24.63 -56.27
C LEU D 540 14.19 -25.28 -56.06
N ARG D 541 13.52 -25.63 -57.16
CA ARG D 541 12.18 -26.22 -57.11
C ARG D 541 12.13 -27.48 -56.24
N LYS D 542 13.15 -28.33 -56.37
CA LYS D 542 13.29 -29.53 -55.54
C LYS D 542 13.29 -29.21 -54.05
N VAL D 543 13.98 -28.16 -53.64
CA VAL D 543 13.90 -27.72 -52.24
C VAL D 543 12.48 -27.30 -51.91
N LEU D 544 11.88 -26.44 -52.72
CA LEU D 544 10.58 -25.86 -52.37
C LEU D 544 9.46 -26.91 -52.29
N ARG D 545 9.50 -27.91 -53.17
CA ARG D 545 8.46 -28.93 -53.23
C ARG D 545 8.54 -29.88 -52.04
N ALA D 546 9.70 -29.95 -51.37
CA ALA D 546 9.91 -30.82 -50.20
C ALA D 546 9.15 -30.38 -48.96
N GLY D 547 8.90 -29.08 -48.81
CA GLY D 547 8.29 -28.59 -47.60
C GLY D 547 9.12 -29.04 -46.41
N SER D 548 8.45 -29.54 -45.36
CA SER D 548 9.11 -30.11 -44.20
C SER D 548 8.98 -31.63 -44.21
N SER D 549 8.81 -32.22 -45.38
CA SER D 549 8.66 -33.66 -45.49
C SER D 549 9.89 -34.43 -45.04
N ARG D 550 11.07 -33.81 -45.15
CA ARG D 550 12.36 -34.44 -44.85
C ARG D 550 13.23 -33.54 -43.98
N PRO D 551 14.15 -34.13 -43.17
CA PRO D 551 15.06 -33.33 -42.31
C PRO D 551 15.78 -32.26 -43.13
N TRP D 552 15.88 -31.02 -42.60
CA TRP D 552 16.56 -29.94 -43.32
C TRP D 552 18.00 -30.27 -43.66
N GLN D 553 18.68 -31.00 -42.80
CA GLN D 553 20.08 -31.38 -43.04
C GLN D 553 20.26 -32.18 -44.34
N GLU D 554 19.27 -33.03 -44.63
CA GLU D 554 19.26 -33.84 -45.85
C GLU D 554 18.91 -33.04 -47.07
N VAL D 555 17.91 -32.17 -46.93
CA VAL D 555 17.49 -31.30 -48.03
C VAL D 555 18.66 -30.39 -48.45
N LEU D 556 19.35 -29.87 -47.45
CA LEU D 556 20.51 -29.00 -47.66
C LEU D 556 21.64 -29.76 -48.36
N LYS D 557 21.91 -30.97 -47.89
CA LYS D 557 22.93 -31.82 -48.51
C LYS D 557 22.64 -32.07 -50.01
N ASP D 558 21.41 -32.43 -50.34
CA ASP D 558 21.03 -32.58 -51.74
C ASP D 558 21.24 -31.30 -52.57
N MET D 559 20.98 -30.15 -51.97
CA MET D 559 21.03 -28.90 -52.70
C MET D 559 22.46 -28.41 -52.88
N VAL D 560 23.25 -28.39 -51.80
CA VAL D 560 24.56 -27.76 -51.81
C VAL D 560 25.75 -28.66 -51.52
N GLY D 561 25.51 -29.92 -51.16
CA GLY D 561 26.60 -30.86 -50.93
C GLY D 561 27.10 -30.97 -49.50
N LEU D 562 26.52 -30.22 -48.57
CA LEU D 562 26.89 -30.26 -47.16
C LEU D 562 25.61 -30.34 -46.32
N ASP D 563 25.65 -31.04 -45.18
CA ASP D 563 24.48 -31.22 -44.32
C ASP D 563 24.40 -30.22 -43.16
N ALA D 564 25.06 -29.07 -43.27
CA ALA D 564 25.19 -28.14 -42.15
C ALA D 564 25.23 -26.70 -42.66
N LEU D 565 24.81 -25.78 -41.79
CA LEU D 565 25.06 -24.36 -42.00
C LEU D 565 26.56 -24.13 -42.07
N ASP D 566 26.99 -23.29 -43.00
CA ASP D 566 28.43 -23.11 -43.27
C ASP D 566 28.66 -21.67 -43.72
N ALA D 567 29.55 -20.96 -43.03
CA ALA D 567 29.87 -19.57 -43.34
C ALA D 567 30.75 -19.36 -44.57
N GLN D 568 31.41 -20.42 -45.07
CA GLN D 568 32.42 -20.25 -46.12
C GLN D 568 31.90 -19.59 -47.41
N PRO D 569 30.68 -19.92 -47.87
CA PRO D 569 30.20 -19.25 -49.06
C PRO D 569 29.98 -17.75 -48.86
N LEU D 570 29.47 -17.33 -47.71
CA LEU D 570 29.37 -15.90 -47.39
C LEU D 570 30.77 -15.27 -47.39
N LEU D 571 31.73 -15.90 -46.74
CA LEU D 571 33.09 -15.37 -46.69
C LEU D 571 33.70 -15.26 -48.11
N LYS D 572 33.42 -16.27 -48.95
CA LYS D 572 33.92 -16.28 -50.33
C LYS D 572 33.33 -15.12 -51.16
N TYR D 573 32.03 -14.94 -51.03
CA TYR D 573 31.34 -13.84 -51.67
C TYR D 573 31.96 -12.48 -51.33
N PHE D 574 32.27 -12.25 -50.07
CA PHE D 574 32.74 -10.95 -49.58
C PHE D 574 34.27 -10.79 -49.52
N GLN D 575 35.01 -11.83 -49.90
CA GLN D 575 36.47 -11.88 -49.71
C GLN D 575 37.23 -10.60 -50.08
N LEU D 576 36.92 -10.05 -51.24
CA LEU D 576 37.61 -8.85 -51.73
C LEU D 576 37.41 -7.64 -50.79
N VAL D 577 36.16 -7.39 -50.39
CA VAL D 577 35.90 -6.26 -49.51
C VAL D 577 36.32 -6.53 -48.07
N THR D 578 36.26 -7.79 -47.64
CA THR D 578 36.78 -8.15 -46.34
C THR D 578 38.28 -7.79 -46.21
N GLN D 579 39.05 -8.16 -47.23
CA GLN D 579 40.46 -7.80 -47.32
C GLN D 579 40.65 -6.29 -47.42
N TRP D 580 39.89 -5.65 -48.30
CA TRP D 580 40.02 -4.21 -48.48
C TRP D 580 39.73 -3.42 -47.19
N LEU D 581 38.65 -3.75 -46.50
CA LEU D 581 38.29 -3.04 -45.25
C LEU D 581 39.36 -3.19 -44.17
N GLN D 582 39.88 -4.40 -44.03
CA GLN D 582 40.95 -4.70 -43.09
C GLN D 582 42.18 -3.82 -43.37
N GLU D 583 42.54 -3.68 -44.65
CA GLU D 583 43.66 -2.81 -45.08
C GLU D 583 43.38 -1.34 -44.82
N GLN D 584 42.20 -0.88 -45.22
CA GLN D 584 41.85 0.52 -45.00
C GLN D 584 41.81 0.91 -43.52
N ASN D 585 41.24 0.07 -42.66
CA ASN D 585 41.20 0.38 -41.23
C ASN D 585 42.60 0.41 -40.60
N GLN D 586 43.47 -0.48 -41.05
CA GLN D 586 44.87 -0.47 -40.60
C GLN D 586 45.56 0.83 -41.00
N GLN D 587 45.46 1.18 -42.28
CA GLN D 587 46.05 2.41 -42.80
C GLN D 587 45.47 3.68 -42.17
N ASN D 588 44.17 3.65 -41.87
CA ASN D 588 43.51 4.80 -41.23
C ASN D 588 43.73 4.87 -39.70
N GLY D 589 44.42 3.89 -39.13
CA GLY D 589 44.70 3.86 -37.70
C GLY D 589 43.49 3.57 -36.81
N GLU D 590 42.52 2.80 -37.30
CA GLU D 590 41.28 2.60 -36.54
C GLU D 590 41.53 1.66 -35.38
N VAL D 591 40.74 1.80 -34.31
CA VAL D 591 40.64 0.73 -33.35
C VAL D 591 39.41 -0.07 -33.73
N LEU D 592 39.57 -1.38 -33.82
CA LEU D 592 38.46 -2.27 -34.02
C LEU D 592 37.75 -2.46 -32.68
N GLY D 593 36.42 -2.38 -32.70
CA GLY D 593 35.65 -2.49 -31.48
C GLY D 593 35.33 -1.13 -30.89
N TRP D 594 34.86 -1.15 -29.65
CA TRP D 594 34.34 0.05 -28.97
C TRP D 594 34.72 -0.01 -27.48
N PRO D 595 36.02 0.15 -27.21
CA PRO D 595 36.53 0.05 -25.83
C PRO D 595 35.94 1.08 -24.87
N GLU D 596 35.49 2.22 -25.40
CA GLU D 596 34.76 3.22 -24.59
C GLU D 596 33.28 2.87 -24.58
N TYR D 597 33.01 1.74 -23.93
CA TYR D 597 31.70 1.11 -23.93
C TYR D 597 30.66 1.93 -23.14
N GLN D 598 31.08 2.85 -22.28
CA GLN D 598 30.12 3.70 -21.53
C GLN D 598 29.61 4.90 -22.31
N TRP D 599 30.23 5.19 -23.44
CA TRP D 599 30.03 6.46 -24.11
C TRP D 599 28.65 6.53 -24.75
N HIS D 600 27.99 7.65 -24.51
CA HIS D 600 26.76 8.02 -25.20
C HIS D 600 26.94 9.46 -25.71
N PRO D 601 26.29 9.83 -26.82
CA PRO D 601 26.46 11.18 -27.36
C PRO D 601 25.71 12.22 -26.55
N PRO D 602 26.10 13.49 -26.66
CA PRO D 602 25.31 14.53 -26.02
C PRO D 602 24.02 14.80 -26.78
N LEU D 603 23.10 15.52 -26.13
CA LEU D 603 21.90 16.02 -26.81
C LEU D 603 22.22 17.20 -27.72
N PRO D 604 21.47 17.38 -28.82
CA PRO D 604 21.59 18.60 -29.61
C PRO D 604 21.17 19.82 -28.82
N ASP D 605 21.72 20.99 -29.14
CA ASP D 605 21.30 22.25 -28.50
C ASP D 605 19.80 22.49 -28.72
N ASN D 606 19.13 22.91 -27.67
CA ASN D 606 17.69 23.24 -27.70
C ASN D 606 16.77 22.04 -27.99
N TYR D 607 17.27 20.81 -27.88
CA TYR D 607 16.49 19.63 -28.26
C TYR D 607 15.33 19.46 -27.26
N PRO D 608 14.09 19.18 -27.71
CA PRO D 608 13.67 19.05 -29.13
C PRO D 608 13.21 20.31 -29.86
N GLU D 609 13.29 21.49 -29.22
CA GLU D 609 12.62 22.68 -29.76
C GLU D 609 13.22 23.26 -31.05
N GLY D 610 14.50 22.99 -31.35
CA GLY D 610 15.18 23.63 -32.49
C GLY D 610 15.02 22.97 -33.87
N ILE D 611 13.97 22.19 -34.06
CA ILE D 611 13.77 21.40 -35.27
C ILE D 611 12.55 21.93 -36.01
N ASP D 612 12.68 22.15 -37.33
CA ASP D 612 11.52 22.42 -38.19
C ASP D 612 10.92 21.11 -38.71
C1 NAG E . -6.28 19.05 -4.73
C2 NAG E . -5.40 18.69 -3.55
C3 NAG E . -3.93 18.84 -3.93
C4 NAG E . -3.59 17.98 -5.15
C5 NAG E . -4.55 18.37 -6.28
C6 NAG E . -4.39 17.55 -7.58
C7 NAG E . -6.31 19.10 -1.30
C8 NAG E . -6.51 20.13 -0.24
N2 NAG E . -5.70 19.53 -2.39
O3 NAG E . -3.17 18.42 -2.82
O4 NAG E . -2.21 18.18 -5.54
O5 NAG E . -5.89 18.22 -5.82
O6 NAG E . -5.00 18.23 -8.68
O7 NAG E . -6.71 17.95 -1.15
C1 NAG E . -1.26 17.19 -5.06
C2 NAG E . -0.01 17.22 -5.96
C3 NAG E . 1.21 16.48 -5.36
C4 NAG E . 1.40 16.78 -3.89
C5 NAG E . 0.08 16.50 -3.18
C6 NAG E . 0.20 16.67 -1.67
C7 NAG E . -0.46 17.38 -8.38
C8 NAG E . -0.66 16.56 -9.63
N2 NAG E . -0.25 16.65 -7.27
O3 NAG E . 2.40 16.85 -6.07
O4 NAG E . 2.47 15.98 -3.37
O5 NAG E . -0.91 17.42 -3.68
O6 NAG E . 0.70 17.99 -1.38
O7 NAG E . -0.50 18.61 -8.40
C1 NAG F . -54.17 21.45 19.04
C2 NAG F . -53.73 20.13 19.66
C3 NAG F . -54.47 19.00 18.96
C4 NAG F . -55.98 19.25 18.92
C5 NAG F . -56.32 20.66 18.43
C6 NAG F . -57.81 21.02 18.58
C7 NAG F . -51.44 19.62 20.45
C8 NAG F . -50.01 19.56 20.05
N2 NAG F . -52.30 20.01 19.49
O3 NAG F . -54.18 17.76 19.62
O4 NAG F . -56.53 18.32 17.99
O5 NAG F . -55.57 21.61 19.17
O6 NAG F . -58.18 22.01 17.61
O7 NAG F . -51.80 19.31 21.58
C1 NAG F . -57.34 17.29 18.59
C2 NAG F . -58.11 16.58 17.46
C3 NAG F . -58.79 15.30 17.98
C4 NAG F . -57.82 14.44 18.79
C5 NAG F . -57.24 15.29 19.92
C6 NAG F . -56.29 14.49 20.83
C7 NAG F . -58.92 18.44 15.99
C8 NAG F . -60.14 19.19 15.52
N2 NAG F . -59.15 17.45 16.88
O3 NAG F . -59.28 14.54 16.87
O4 NAG F . -58.52 13.29 19.28
O5 NAG F . -56.53 16.40 19.36
O6 NAG F . -55.25 13.89 20.06
O7 NAG F . -57.82 18.73 15.58
C1 NAG G . 39.92 5.49 -20.91
C2 NAG G . 40.40 5.99 -22.25
C3 NAG G . 41.58 6.97 -22.12
C4 NAG G . 41.36 8.00 -21.00
C5 NAG G . 40.89 7.32 -19.71
C6 NAG G . 40.59 8.20 -18.48
C7 NAG G . 40.62 4.71 -24.27
C8 NAG G . 41.07 3.49 -25.01
N2 NAG G . 40.85 4.81 -23.01
O3 NAG G . 41.77 7.59 -23.40
O4 NAG G . 42.61 8.71 -20.86
O5 NAG G . 39.71 6.54 -19.99
O6 NAG G . 39.56 9.22 -18.60
O7 NAG G . 40.05 5.62 -24.81
C1 FUC G . 38.19 8.77 -18.78
C2 FUC G . 37.17 9.77 -18.22
C3 FUC G . 37.27 11.12 -18.94
C4 FUC G . 37.04 10.95 -20.44
C5 FUC G . 37.95 9.83 -20.97
C6 FUC G . 37.68 9.53 -22.45
O2 FUC G . 37.33 9.97 -16.82
O3 FUC G . 36.27 12.00 -18.41
O4 FUC G . 35.64 10.67 -20.67
O5 FUC G . 37.82 8.62 -20.15
C1 NAG H . 64.31 -10.29 1.99
C2 NAG H . 65.10 -10.69 3.24
C3 NAG H . 66.61 -10.51 3.01
C4 NAG H . 67.07 -11.14 1.70
C5 NAG H . 66.17 -10.72 0.53
C6 NAG H . 66.43 -11.45 -0.80
C7 NAG H . 63.99 -10.44 5.42
C8 NAG H . 63.67 -9.50 6.55
N2 NAG H . 64.70 -9.92 4.41
O3 NAG H . 67.26 -11.10 4.13
O4 NAG H . 68.43 -10.76 1.41
O5 NAG H . 64.81 -11.01 0.87
O6 NAG H . 65.79 -10.76 -1.89
O7 NAG H . 63.60 -11.60 5.43
C1 NAG H . 69.45 -11.62 1.97
C2 NAG H . 70.73 -11.59 1.13
C3 NAG H . 71.69 -12.66 1.68
C4 NAG H . 71.92 -12.52 3.19
C5 NAG H . 70.64 -12.19 3.99
C6 NAG H . 70.99 -11.67 5.40
C7 NAG H . 70.19 -10.76 -1.15
C8 NAG H . 69.99 -11.15 -2.59
N2 NAG H . 70.50 -11.77 -0.30
O3 NAG H . 72.96 -12.59 1.03
O4 NAG H . 72.49 -13.74 3.69
O5 NAG H . 69.81 -11.24 3.30
O6 NAG H . 71.16 -10.24 5.43
O7 NAG H . 70.06 -9.59 -0.81
C1 NAG I . 15.79 -12.86 24.44
C2 NAG I . 16.39 -14.13 25.01
C3 NAG I . 15.84 -15.32 24.23
C4 NAG I . 14.32 -15.31 24.18
C5 NAG I . 13.79 -13.95 23.71
C6 NAG I . 12.27 -13.79 23.80
C7 NAG I . 18.72 -13.83 25.79
C8 NAG I . 20.14 -13.89 25.34
N2 NAG I . 17.83 -14.13 24.84
O3 NAG I . 16.36 -16.52 24.79
O4 NAG I . 13.98 -16.33 23.23
O5 NAG I . 14.37 -12.90 24.48
O6 NAG I . 11.82 -12.78 22.89
O7 NAG I . 18.42 -13.53 26.93
C1 NAG I . 13.23 -17.43 23.78
C2 NAG I . 12.50 -18.11 22.63
C3 NAG I . 11.81 -19.40 23.07
C4 NAG I . 12.75 -20.29 23.87
C5 NAG I . 13.36 -19.48 25.02
C6 NAG I . 14.33 -20.29 25.88
C7 NAG I . 11.51 -16.79 20.79
C8 NAG I . 10.38 -15.88 20.39
N2 NAG I . 11.49 -17.22 22.05
O3 NAG I . 11.33 -20.08 21.90
O4 NAG I . 11.97 -21.39 24.38
O5 NAG I . 14.07 -18.35 24.49
O6 NAG I . 15.49 -20.65 25.12
O7 NAG I . 12.38 -17.10 19.99
C1 BMA I . 12.47 -22.72 24.12
C2 BMA I . 12.06 -23.55 25.34
C3 BMA I . 12.53 -24.99 25.16
C4 BMA I . 12.00 -25.56 23.85
C5 BMA I . 12.38 -24.66 22.66
C6 BMA I . 11.78 -25.23 21.37
O2 BMA I . 10.63 -23.50 25.46
O3 BMA I . 12.16 -25.83 26.27
O4 BMA I . 12.54 -26.87 23.66
O5 BMA I . 11.97 -23.29 22.91
O6 BMA I . 11.09 -24.23 20.61
C1 NAG J . -16.33 30.41 69.82
C2 NAG J . -16.70 30.86 71.25
C3 NAG J . -17.72 32.01 71.31
C4 NAG J . -17.74 32.96 70.12
C5 NAG J . -17.45 32.25 68.79
C6 NAG J . -17.37 33.24 67.61
C7 NAG J . -17.00 29.15 73.02
C8 NAG J . -17.87 28.00 73.44
N2 NAG J . -17.36 29.72 71.89
O3 NAG J . -17.55 32.82 72.49
O4 NAG J . -19.04 33.59 70.13
O5 NAG J . -16.24 31.49 68.89
O6 NAG J . -16.04 33.34 67.03
O7 NAG J . -16.05 29.50 73.70
C1 FUC J . -15.29 34.34 67.75
C2 FUC J . -13.78 34.00 67.82
C3 FUC J . -12.83 34.84 66.94
C4 FUC J . -13.42 36.22 66.63
C5 FUC J . -14.86 36.07 66.15
C6 FUC J . -15.47 37.33 65.54
O2 FUC J . -13.60 32.60 67.52
O3 FUC J . -11.57 35.03 67.60
O4 FUC J . -13.36 37.02 67.82
O5 FUC J . -15.63 35.65 67.27
C1 NAG K . -42.58 21.16 45.07
C2 NAG K . -43.47 21.00 43.83
C3 NAG K . -44.87 21.52 44.14
C4 NAG K . -45.43 20.78 45.37
C5 NAG K . -44.46 20.86 46.55
C6 NAG K . -44.85 19.99 47.76
C7 NAG K . -42.42 21.10 41.62
C8 NAG K . -41.88 21.99 40.53
N2 NAG K . -42.92 21.71 42.69
O3 NAG K . -45.68 21.29 42.97
O4 NAG K . -46.70 21.36 45.73
O5 NAG K . -43.18 20.41 46.14
O6 NAG K . -44.13 20.41 48.94
O7 NAG K . -42.38 19.89 41.52
C1 NAG K . -47.80 20.63 45.14
C2 NAG K . -49.05 20.87 45.96
C3 NAG K . -50.32 20.34 45.27
C4 NAG K . -50.40 20.88 43.84
C5 NAG K . -49.12 20.46 43.12
C6 NAG K . -49.08 20.84 41.65
C7 NAG K . -48.76 20.95 48.41
C8 NAG K . -48.66 20.11 49.66
N2 NAG K . -48.93 20.25 47.27
O3 NAG K . -51.44 20.73 46.03
O4 NAG K . -51.57 20.42 43.16
O5 NAG K . -48.02 21.08 43.79
O6 NAG K . -49.26 22.25 41.55
O7 NAG K . -48.68 22.16 48.45
C1 NAG L . 5.08 13.99 21.98
C2 NAG L . 4.21 12.87 21.41
C3 NAG L . 4.57 11.54 22.09
C4 NAG L . 6.06 11.29 22.07
C5 NAG L . 6.82 12.50 22.58
C6 NAG L . 8.34 12.34 22.43
C7 NAG L . 1.98 13.64 20.77
C8 NAG L . 0.60 14.00 21.23
N2 NAG L . 2.83 13.22 21.68
O3 NAG L . 3.94 10.45 21.46
O4 NAG L . 6.39 10.24 22.97
O5 NAG L . 6.44 13.65 21.86
O6 NAG L . 8.56 12.04 21.04
O7 NAG L . 2.30 13.74 19.60
C1 NAG L . 7.03 9.12 22.36
C2 NAG L . 7.67 8.28 23.47
C3 NAG L . 8.23 6.98 22.91
C4 NAG L . 7.21 6.33 21.98
C5 NAG L . 6.72 7.30 20.91
C6 NAG L . 5.74 6.71 19.90
C7 NAG L . 8.80 9.44 25.32
C8 NAG L . 10.00 10.28 25.67
N2 NAG L . 8.72 9.06 24.06
O3 NAG L . 8.58 6.10 23.98
O4 NAG L . 7.79 5.23 21.31
O5 NAG L . 6.10 8.40 21.58
O6 NAG L . 4.63 6.11 20.58
O7 NAG L . 7.99 9.16 26.17
C1 BMA L . 7.32 3.97 21.80
C2 BMA L . 7.63 2.88 20.78
C3 BMA L . 7.18 1.52 21.31
C4 BMA L . 7.77 1.29 22.71
C5 BMA L . 7.45 2.45 23.66
C6 BMA L . 8.05 2.35 25.08
O2 BMA L . 9.03 2.88 20.57
O3 BMA L . 7.59 0.48 20.41
O4 BMA L . 7.21 0.08 23.23
O5 BMA L . 7.92 3.67 23.07
O6 BMA L . 8.94 1.24 25.24
C1 FUL L . 9.89 11.57 20.77
C2 FUL L . 10.51 12.64 19.89
O2 FUL L . 11.22 13.57 20.70
C3 FUL L . 11.44 11.96 18.89
O3 FUL L . 12.20 12.94 18.22
C4 FUL L . 10.61 11.05 17.96
O4 FUL L . 9.90 11.88 17.02
C5 FUL L . 9.67 10.14 18.76
C6 FUL L . 8.17 10.33 18.48
O5 FUL L . 9.90 10.24 20.17
C1 NAG M . 12.98 7.03 -17.14
C2 NAG M . 12.54 7.43 -15.74
C3 NAG M . 11.48 8.54 -15.67
C4 NAG M . 11.67 9.63 -16.70
C5 NAG M . 12.07 9.05 -18.07
C6 NAG M . 12.29 10.16 -19.11
C7 NAG M . 12.24 6.01 -13.86
C8 NAG M . 11.65 4.83 -13.17
N2 NAG M . 11.93 6.27 -15.10
O3 NAG M . 11.47 9.17 -14.37
O4 NAG M . 10.41 10.33 -16.75
O5 NAG M . 13.23 8.19 -17.93
O6 NAG M . 13.65 10.28 -19.54
O7 NAG M . 13.02 6.75 -13.32
C1 FUC M . 14.44 11.02 -18.56
C2 FUC M . 15.63 10.16 -18.15
C3 FUC M . 16.93 10.96 -18.10
C4 FUC M . 17.16 11.71 -19.42
C5 FUC M . 15.90 12.45 -19.92
C6 FUC M . 16.14 13.92 -20.22
O2 FUC M . 15.77 9.04 -19.04
O3 FUC M . 16.92 11.90 -17.01
O4 FUC M . 18.31 12.56 -19.24
O5 FUC M . 14.82 12.35 -18.98
C1 NAG N . 34.83 -9.14 -64.66
C2 NAG N . 33.97 -10.24 -65.28
C3 NAG N . 34.32 -11.58 -64.67
C4 NAG N . 35.81 -11.82 -64.71
C5 NAG N . 36.58 -10.66 -64.10
C6 NAG N . 38.08 -10.88 -64.20
C7 NAG N . 31.73 -9.38 -65.82
C8 NAG N . 30.34 -9.18 -65.29
N2 NAG N . 32.58 -9.96 -64.99
O3 NAG N . 33.67 -12.61 -65.40
O4 NAG N . 36.11 -13.00 -63.95
O5 NAG N . 36.21 -9.46 -64.79
O6 NAG N . 38.40 -11.10 -65.57
O7 NAG N . 32.06 -9.05 -66.94
C1 NAG N . 36.64 -14.05 -64.77
C2 NAG N . 37.19 -15.09 -63.82
C3 NAG N . 37.82 -16.23 -64.59
C4 NAG N . 36.84 -16.79 -65.63
C5 NAG N . 36.19 -15.65 -66.46
C6 NAG N . 35.10 -16.12 -67.43
C7 NAG N . 37.99 -14.45 -61.61
C8 NAG N . 39.06 -13.75 -60.82
N2 NAG N . 38.14 -14.46 -62.94
O3 NAG N . 38.20 -17.19 -63.62
O4 NAG N . 37.53 -17.61 -66.58
O5 NAG N . 35.65 -14.63 -65.61
O6 NAG N . 34.01 -16.72 -66.70
O7 NAG N . 37.04 -14.99 -61.06
C1 MAN N . 37.82 -18.99 -66.23
C2 MAN N . 36.99 -19.83 -67.19
C3 MAN N . 36.76 -21.27 -66.69
C4 MAN N . 37.78 -21.73 -65.63
C5 MAN N . 38.08 -20.71 -64.53
C6 MAN N . 39.59 -20.71 -64.20
O2 MAN N . 37.63 -19.80 -68.47
O3 MAN N . 36.76 -22.19 -67.79
O4 MAN N . 37.25 -22.89 -64.99
O5 MAN N . 37.60 -19.40 -64.86
O6 MAN N . 39.85 -20.11 -62.92
C1 FUC N . 39.74 -11.63 -65.77
C2 FUC N . 39.88 -12.00 -67.23
C3 FUC N . 39.55 -10.75 -68.05
C4 FUC N . 40.52 -9.64 -67.67
C5 FUC N . 40.66 -9.46 -66.14
C6 FUC N . 41.86 -8.59 -65.75
O2 FUC N . 39.02 -13.10 -67.57
O3 FUC N . 39.64 -11.03 -69.45
O4 FUC N . 41.79 -9.97 -68.23
O5 FUC N . 40.78 -10.72 -65.45
N ASP O . -29.35 16.76 -2.83
CA ASP O . -30.53 17.59 -2.59
C ASP O . -31.27 17.88 -3.91
O ASP O . -30.64 17.87 -4.97
CB ASP O . -30.06 18.89 -1.99
CG ASP O . -31.10 19.57 -1.18
OD1 ASP O . -32.03 18.87 -0.72
OD2 ASP O . -30.96 20.78 -0.98
N SER P . -32.57 18.19 -3.85
CA SER P . -33.33 18.65 -5.03
C SER P . -32.85 20.02 -5.48
O SER P . -33.13 20.41 -6.61
CB SER P . -34.84 18.67 -4.79
OG SER P . -35.19 19.57 -3.74
OXT SER P . -32.20 20.76 -4.72
ZN ZN Q . -31.40 13.40 -2.15
CL CL R . -35.31 8.81 -10.80
C1 NAG S . -30.22 36.43 -27.28
C2 NAG S . -29.64 36.90 -28.62
C3 NAG S . -28.49 37.88 -28.41
C4 NAG S . -28.85 38.98 -27.41
C5 NAG S . -29.31 38.31 -26.11
C6 NAG S . -29.57 39.29 -24.95
C7 NAG S . -29.53 35.48 -30.62
C8 NAG S . -28.99 34.26 -31.29
N2 NAG S . -29.16 35.74 -29.37
O3 NAG S . -28.16 38.45 -29.68
O4 NAG S . -27.73 39.83 -27.17
O5 NAG S . -30.48 37.56 -26.44
O6 NAG S . -30.69 40.15 -25.23
O7 NAG S . -30.31 36.21 -31.21
C1 PEG T . -36.22 -3.71 -22.89
O1 PEG T . -36.99 -2.56 -23.27
C2 PEG T . -35.31 -3.33 -21.73
O2 PEG T . -34.19 -4.21 -21.67
C3 PEG T . -34.13 -5.07 -20.54
C4 PEG T . -35.02 -6.29 -20.79
O4 PEG T . -34.64 -7.38 -19.94
C1 PEG U . -29.21 16.56 20.20
O1 PEG U . -27.79 16.36 20.28
C2 PEG U . -29.51 17.99 20.63
O2 PEG U . -30.90 18.15 20.87
C3 PEG U . -31.35 19.51 20.79
C4 PEG U . -30.86 20.35 21.97
O4 PEG U . -29.97 21.37 21.52
O1 P6G V . -20.68 15.52 20.36
C2 P6G V . -19.62 15.20 19.47
C3 P6G V . -18.35 16.01 19.77
O4 P6G V . -18.59 17.36 19.39
C5 P6G V . -17.55 18.28 19.70
C6 P6G V . -18.08 19.70 19.47
O7 P6G V . -18.96 19.98 20.55
C8 P6G V . -19.96 20.96 20.28
C9 P6G V . -20.79 21.22 21.52
O10 P6G V . -21.59 22.38 21.29
C11 P6G V . -21.13 23.57 21.89
C12 P6G V . -21.82 24.81 21.36
O13 P6G V . -23.07 24.52 20.74
C14 P6G V . -23.79 25.72 20.38
C15 P6G V . -25.26 25.44 20.10
O16 P6G V . -25.45 24.13 19.57
C17 P6G V . -26.80 23.84 19.26
C18 P6G V . -27.06 22.34 19.37
O19 P6G V . -28.33 22.13 20.03
C1 PEG W . -28.36 9.95 -3.38
O1 PEG W . -27.19 10.37 -4.10
C2 PEG W . -29.07 8.85 -4.15
O2 PEG W . -28.86 7.62 -3.46
C3 PEG W . -27.95 6.71 -4.06
C4 PEG W . -28.67 5.94 -5.16
O4 PEG W . -27.92 4.80 -5.59
N ASP X . 41.35 -14.78 3.37
CA ASP X . 40.16 -13.93 3.53
C ASP X . 39.41 -13.74 2.20
O ASP X . 40.04 -13.71 1.14
CB ASP X . 40.59 -12.55 4.05
CG ASP X . 39.56 -11.90 4.90
OD1 ASP X . 38.65 -12.62 5.38
OD2 ASP X . 39.66 -10.67 5.12
N SER Y . 38.09 -13.54 2.27
CA SER Y . 37.30 -13.11 1.10
C SER Y . 37.70 -11.71 0.66
O SER Y . 37.43 -11.28 -0.45
CB SER Y . 35.80 -13.14 1.39
OG SER Y . 35.42 -12.13 2.32
OXT SER Y . 38.35 -10.99 1.41
ZN ZN Z . 39.73 -18.29 3.77
CL CL AA . 36.40 -22.82 -5.18
C1 PEG BA . 36.41 -33.83 -17.57
O1 PEG BA . 35.15 -34.33 -18.01
C2 PEG BA . 37.43 -34.97 -17.65
O2 PEG BA . 38.44 -34.76 -16.66
C3 PEG BA . 39.28 -35.88 -16.40
C4 PEG BA . 39.24 -36.23 -14.92
O4 PEG BA . 38.83 -37.60 -14.76
C1 PEG CA . 21.67 -11.38 -20.95
O1 PEG CA . 21.43 -12.16 -22.12
C2 PEG CA . 23.07 -10.75 -20.93
O2 PEG CA . 23.91 -11.46 -20.02
C3 PEG CA . 25.30 -11.12 -20.05
C4 PEG CA . 26.10 -12.03 -19.12
O4 PEG CA . 27.41 -11.48 -18.95
C1 PEG DA . 53.16 -13.65 26.26
O1 PEG DA . 52.76 -12.27 26.18
C2 PEG DA . 52.30 -14.50 25.35
O2 PEG DA . 52.14 -15.82 25.91
C3 PEG DA . 50.83 -16.39 25.73
C4 PEG DA . 49.86 -15.98 26.81
O4 PEG DA . 48.49 -16.00 26.34
O1 P6G EA . 49.94 -9.50 26.95
C2 P6G EA . 49.46 -8.48 27.84
C3 P6G EA . 49.58 -7.07 27.26
O4 P6G EA . 48.52 -6.26 27.80
C5 P6G EA . 47.70 -5.47 26.94
C6 P6G EA . 46.28 -5.91 27.17
O7 P6G EA . 45.29 -5.35 26.31
C8 P6G EA . 44.33 -6.30 25.79
C9 P6G EA . 43.14 -6.60 26.71
O10 P6G EA . 42.92 -8.01 26.98
C11 P6G EA . 42.54 -8.83 25.88
C12 P6G EA . 42.55 -10.33 26.26
O13 P6G EA . 43.87 -10.90 26.24
C14 P6G EA . 44.01 -12.31 25.96
C15 P6G EA . 43.05 -13.26 26.72
O16 P6G EA . 43.33 -14.67 26.44
C17 P6G EA . 42.22 -15.41 25.89
C18 P6G EA . 41.07 -15.62 26.85
O19 P6G EA . 39.98 -14.71 26.61
O1 P6G FA . 48.57 -17.62 -5.30
C2 P6G FA . 49.09 -18.84 -4.73
C3 P6G FA . 48.60 -19.02 -3.30
O4 P6G FA . 48.70 -17.78 -2.58
C5 P6G FA . 47.65 -17.49 -1.63
C6 P6G FA . 47.99 -17.97 -0.22
O7 P6G FA . 48.81 -19.14 -0.24
C8 P6G FA . 48.60 -20.09 0.81
C9 P6G FA . 47.79 -21.27 0.30
O10 P6G FA . 46.57 -20.78 -0.24
C11 P6G FA . 45.38 -21.48 0.17
C12 P6G FA . 45.00 -21.11 1.59
O13 P6G FA . 43.61 -20.80 1.65
C14 P6G FA . 42.84 -21.57 2.59
C15 P6G FA . 42.27 -22.80 1.91
O16 P6G FA . 43.06 -23.96 2.14
C17 P6G FA . 42.71 -24.98 1.19
C18 P6G FA . 43.45 -26.30 1.36
O19 P6G FA . 43.99 -26.74 0.11
N ASP GA . -20.66 13.91 43.05
CA ASP GA . -19.20 13.78 42.92
C ASP GA . -18.49 14.03 44.28
O ASP GA . -19.15 14.16 45.29
CB ASP GA . -18.65 14.70 41.83
CG ASP GA . -18.76 16.16 42.17
OD1 ASP GA . -19.68 16.55 42.93
OD2 ASP GA . -17.91 16.90 41.66
N SER HA . -17.15 14.07 44.29
CA SER HA . -16.41 14.25 45.53
C SER HA . -16.59 15.67 46.08
O SER HA . -16.22 15.93 47.22
CB SER HA . -14.93 13.90 45.35
OG SER HA . -14.35 14.77 44.41
OXT SER HA . -17.14 16.56 45.41
ZN ZN IA . -19.41 9.82 42.22
CL CL JA . -16.87 3.78 50.45
C1 PEG KA . -21.46 -11.67 59.27
O1 PEG KA . -21.09 -12.44 58.12
C2 PEG KA . -21.43 -10.18 58.95
O2 PEG KA . -21.04 -9.44 60.12
C3 PEG KA . -19.65 -9.17 60.14
C4 PEG KA . -19.23 -8.67 61.52
O4 PEG KA . -17.91 -9.16 61.80
C1 PEG LA . -6.30 12.42 66.27
O1 PEG LA . -7.06 12.00 65.14
C2 PEG LA . -5.06 11.54 66.42
O2 PEG LA . -4.06 12.29 67.11
C3 PEG LA . -2.76 11.69 67.16
C4 PEG LA . -2.55 10.93 68.46
O4 PEG LA . -1.16 10.55 68.60
O1 P6G MA . -23.38 3.41 43.98
C2 P6G MA . -23.77 4.38 43.01
C3 P6G MA . -22.76 5.50 43.02
O4 P6G MA . -23.01 6.37 44.11
C5 P6G MA . -23.83 7.52 43.83
C6 P6G MA . -25.22 7.34 44.41
O7 P6G MA . -25.83 8.63 44.52
C8 P6G MA . -26.76 8.83 45.61
C9 P6G MA . -28.13 9.13 45.03
O10 P6G MA . -29.11 9.07 46.07
C11 P6G MA . -30.02 7.97 45.94
C12 P6G MA . -31.05 7.99 47.05
O13 P6G MA . -31.58 6.67 47.21
C14 P6G MA . -32.65 6.55 48.16
C15 P6G MA . -32.50 5.28 49.01
O16 P6G MA . -32.18 4.15 48.19
C17 P6G MA . -31.33 3.16 48.79
C18 P6G MA . -30.56 2.40 47.71
O19 P6G MA . -29.70 1.42 48.32
N ASP NA . 9.10 -9.72 -43.53
CA ASP NA . 10.49 -9.25 -43.67
C ASP NA . 11.21 -9.23 -42.30
O ASP NA . 10.54 -9.18 -41.28
CB ASP NA . 10.46 -7.83 -44.26
CG ASP NA . 11.70 -7.48 -45.00
OD1 ASP NA . 12.37 -8.40 -45.55
OD2 ASP NA . 12.03 -6.28 -45.04
N SER OA . 12.54 -9.23 -42.30
CA SER OA . 13.29 -9.06 -41.06
C SER OA . 13.11 -7.64 -40.54
O SER OA . 13.42 -7.37 -39.38
CB SER OA . 14.78 -9.41 -41.24
OG SER OA . 15.45 -8.52 -42.10
OXT SER OA . 12.61 -6.76 -41.27
ZN ZN PA . 10.28 -13.43 -44.48
CL CL QA . 12.83 -19.45 -36.16
C1 NAG RA . -12.97 -2.42 -41.53
C2 NAG RA . -13.86 -2.45 -42.76
C3 NAG RA . -15.23 -1.88 -42.40
C4 NAG RA . -15.86 -2.61 -41.19
C5 NAG RA . -14.85 -2.64 -40.03
C6 NAG RA . -15.26 -3.52 -38.86
C7 NAG RA . -12.80 -2.19 -44.98
C8 NAG RA . -12.31 -1.17 -45.98
N2 NAG RA . -13.32 -1.67 -43.87
O3 NAG RA . -16.05 -2.02 -43.57
O4 NAG RA . -17.12 -2.00 -40.82
O5 NAG RA . -13.61 -3.18 -40.49
O6 NAG RA . -14.47 -3.15 -37.70
O7 NAG RA . -12.69 -3.38 -45.21
C1 PEG SA . 8.46 -33.63 -26.27
O1 PEG SA . 8.23 -34.14 -27.58
C2 PEG SA . 8.92 -32.18 -26.37
O2 PEG SA . 9.69 -31.84 -25.22
C3 PEG SA . 11.10 -32.01 -25.44
C4 PEG SA . 11.82 -31.86 -24.11
O4 PEG SA . 12.96 -32.73 -24.09
O1 P6G TA . 34.78 14.93 -45.40
C2 P6G TA . 33.64 14.36 -46.04
C3 P6G TA . 33.72 14.62 -47.53
O4 P6G TA . 33.59 13.41 -48.28
C5 P6G TA . 34.51 13.30 -49.39
C6 P6G TA . 34.04 12.18 -50.31
O7 P6G TA . 35.13 11.32 -50.68
C8 P6G TA . 35.48 10.31 -49.73
C9 P6G TA . 35.69 8.92 -50.34
O10 P6G TA . 34.83 7.92 -49.77
C11 P6G TA . 34.92 7.80 -48.34
C12 P6G TA . 34.24 6.57 -47.76
O13 P6G TA . 34.28 6.54 -46.31
C14 P6G TA . 35.60 6.28 -45.81
C15 P6G TA . 35.80 6.22 -44.30
O16 P6G TA . 37.23 6.33 -43.98
C17 P6G TA . 37.77 7.62 -44.19
C18 P6G TA . 39.24 7.91 -43.90
O19 P6G TA . 39.39 9.27 -44.38
C1 PEG UA . 39.51 10.02 -50.86
O1 PEG UA . 39.77 8.64 -51.11
C2 PEG UA . 40.56 10.59 -49.91
O2 PEG UA . 40.16 11.89 -49.46
C3 PEG UA . 39.39 11.91 -48.24
C4 PEG UA . 40.29 11.87 -47.01
O4 PEG UA . 39.53 11.45 -45.87
O1 P6G VA . 6.26 -20.14 -43.07
C2 P6G VA . 6.11 -18.91 -43.76
C3 P6G VA . 7.24 -18.00 -43.32
O4 P6G VA . 6.70 -16.94 -42.53
C5 P6G VA . 6.20 -15.85 -43.28
C6 P6G VA . 5.02 -15.25 -42.53
O7 P6G VA . 3.98 -16.22 -42.33
C8 P6G VA . 2.99 -15.83 -41.37
C9 P6G VA . 2.08 -14.71 -41.89
O10 P6G VA . 1.14 -14.34 -40.88
C11 P6G VA . -0.05 -15.14 -40.91
C12 P6G VA . -0.83 -15.07 -39.59
O13 P6G VA . -1.56 -16.29 -39.44
C14 P6G VA . -2.62 -16.26 -38.47
C15 P6G VA . -2.64 -17.55 -37.65
O16 P6G VA . -2.53 -18.69 -38.50
C17 P6G VA . -1.76 -19.79 -37.98
C18 P6G VA . -1.23 -20.64 -39.13
O19 P6G VA . -0.45 -21.73 -38.62
C1 PEG WA . 41.98 -0.18 -54.14
O1 PEG WA . 41.30 -0.46 -55.38
C2 PEG WA . 42.10 1.32 -53.89
O2 PEG WA . 41.83 1.66 -52.53
C3 PEG WA . 42.03 3.06 -52.27
C4 PEG WA . 41.42 3.43 -50.92
O4 PEG WA . 40.52 4.53 -51.02
#